data_7W1E
#
_entry.id   7W1E
#
_cell.length_a   90.626
_cell.length_b   100.991
_cell.length_c   125.380
_cell.angle_alpha   80.400
_cell.angle_beta   70.480
_cell.angle_gamma   83.990
#
_symmetry.space_group_name_H-M   'P 1'
#
loop_
_entity.id
_entity.type
_entity.pdbx_description
1 polymer 'K1 LYASE'
2 branched 3-O-acetyl-6-deoxy-alpha-L-galactopyranose-(1-3)-beta-D-glucopyranose
3 non-polymer IMIDAZOLE
4 non-polymer GLYCEROL
5 non-polymer '2,6-anhydro-4,5-O-[(1R)-1-carboxyethylidene]-3-deoxy-L-threo-hex-2-enonic acid'
6 water water
#
_entity_poly.entity_id   1
_entity_poly.type   'polypeptide(L)'
_entity_poly.pdbx_seq_one_letter_code
;MGSSHHHHHHSSGLVPRGSHMALIRLVAPERVFSDLASMVAYPNFQVQDKITLLGSAGGDFTFTTTASVVDNGTVFAVPG
GYLLRKFVGPAYSSWFSNWTGIVTFMSAPNRHLVVDTVLQATSVLNIKSNSTLEFTDTGRILPDAAVARQVLNITGSAPS
VFVPLAADAAAGSKVITVAAGALSAVKGTYLYLRSNKLCDGGPNTYGVKISQIRKVVGVSTSGGVTSIRLDKTLHYNYYL
SDAAEVGIPTMVENVTLVSPYINEFGYDDLNRFFTIGISANFAADLHIQDGVIIGNKRPGASDIEGRSAIKFNNCVDSTV
KGTCFYNIGWYGVEVLGCSEDTEVHDIHAMDVRHAISLNWQSTADGDKWGEPIEFLGVNCEAYSTTQAGFDTHDIGKRVK
FVRCVSYDSAAAGFQARTNGVEYLNCRAYRAAMDGFASNTGVAFPIYRECLAYDNVRSGFNCSYGGGYVYDCEAHGSQNG
VRINGGRVKGGRYTRNSSSHIFVTKDVAETAQTSLEIDGVSMRYDGTGRAVYFHGTVGIDPTLVSMSNNDMTGHGLFWAL
LSGYTVQPTPPRMSRNLLDDTGIRGVATLVAGEATVNARVRGNFGSVANSFKWVSEVKLTRLTFPSSAGALTVTSVAQNQ
DVPTPNPDLNSFVIRSSNAADVSQVAWEVYL
;
_entity_poly.pdbx_strand_id   A,B,C,D,E,F
#
# COMPACT_ATOMS: atom_id res chain seq x y z
N GLU A 30 -10.49 81.11 39.00
CA GLU A 30 -9.05 81.54 38.90
C GLU A 30 -8.29 81.35 40.24
N ARG A 31 -7.75 80.15 40.45
CA ARG A 31 -6.99 79.79 41.67
C ARG A 31 -5.59 79.29 41.34
N VAL A 32 -4.58 80.11 41.66
CA VAL A 32 -3.21 79.80 41.30
C VAL A 32 -2.45 79.60 42.60
N PHE A 33 -1.61 78.57 42.61
CA PHE A 33 -0.83 78.21 43.80
C PHE A 33 0.63 78.00 43.44
N SER A 34 1.50 78.51 44.31
CA SER A 34 2.93 78.49 44.09
C SER A 34 3.56 77.18 44.52
N ASP A 35 2.84 76.43 45.36
CA ASP A 35 3.32 75.14 45.82
C ASP A 35 2.17 74.20 46.15
N LEU A 36 2.53 72.94 46.27
CA LEU A 36 1.55 71.88 46.42
C LEU A 36 0.75 71.98 47.74
N ALA A 37 1.47 72.21 48.84
CA ALA A 37 0.84 72.31 50.17
C ALA A 37 -0.27 73.36 50.24
N SER A 38 -0.05 74.51 49.62
CA SER A 38 -1.06 75.59 49.59
C SER A 38 -2.25 75.20 48.72
N MET A 39 -2.01 74.56 47.56
CA MET A 39 -3.12 74.08 46.74
C MET A 39 -4.03 73.10 47.50
N VAL A 40 -3.45 72.12 48.17
CA VAL A 40 -4.27 71.04 48.73
C VAL A 40 -4.95 71.39 50.05
N ALA A 41 -4.52 72.48 50.67
CA ALA A 41 -5.14 73.02 51.87
C ALA A 41 -6.37 73.92 51.61
N TYR A 42 -6.50 74.44 50.39
CA TYR A 42 -7.61 75.34 50.03
C TYR A 42 -9.03 74.70 50.18
N PRO A 43 -9.89 75.32 51.01
CA PRO A 43 -11.17 74.64 51.31
C PRO A 43 -12.35 74.92 50.41
N ASN A 44 -12.23 75.97 49.60
CA ASN A 44 -13.35 76.51 48.86
C ASN A 44 -13.44 76.06 47.42
N PHE A 45 -12.72 75.00 47.03
CA PHE A 45 -12.76 74.62 45.63
C PHE A 45 -14.20 74.32 45.18
N GLN A 46 -14.50 74.76 43.96
CA GLN A 46 -15.79 74.56 43.32
C GLN A 46 -15.49 73.87 41.99
N VAL A 47 -16.45 73.09 41.48
CA VAL A 47 -16.30 72.35 40.21
C VAL A 47 -15.98 73.24 38.99
N GLN A 48 -16.50 74.46 38.99
CA GLN A 48 -16.24 75.45 37.93
C GLN A 48 -14.91 76.23 38.04
N ASP A 49 -14.13 76.02 39.11
CA ASP A 49 -12.87 76.77 39.29
C ASP A 49 -11.82 76.33 38.27
N LYS A 50 -11.08 77.31 37.75
CA LYS A 50 -9.84 77.06 37.03
C LYS A 50 -8.70 77.05 38.05
N ILE A 51 -7.98 75.93 38.13
CA ILE A 51 -7.01 75.69 39.19
C ILE A 51 -5.64 75.38 38.58
N THR A 52 -4.60 76.09 39.03
CA THR A 52 -3.26 75.97 38.50
C THR A 52 -2.23 75.86 39.62
N LEU A 53 -1.31 74.91 39.46
CA LEU A 53 -0.16 74.73 40.33
C LEU A 53 1.11 75.11 39.58
N LEU A 54 1.98 75.89 40.24
CA LEU A 54 3.31 76.24 39.73
C LEU A 54 4.39 75.34 40.34
N GLY A 55 5.55 75.27 39.69
CA GLY A 55 6.68 74.46 40.19
C GLY A 55 6.87 73.16 39.42
N SER A 56 7.72 72.28 39.97
CA SER A 56 8.30 71.13 39.23
C SER A 56 7.29 70.05 38.77
N ALA A 57 6.17 69.95 39.51
CA ALA A 57 5.02 69.07 39.24
C ALA A 57 3.77 69.86 38.78
N GLY A 58 3.99 71.06 38.24
CA GLY A 58 2.90 71.99 37.96
C GLY A 58 1.95 71.56 36.87
N GLY A 59 0.78 72.19 36.86
CA GLY A 59 -0.24 71.89 35.89
C GLY A 59 -1.57 72.46 36.27
N ASP A 60 -2.58 72.07 35.50
CA ASP A 60 -3.96 72.53 35.69
C ASP A 60 -4.81 71.39 36.24
N PHE A 61 -5.80 71.75 37.07
CA PHE A 61 -6.59 70.77 37.82
C PHE A 61 -8.09 71.05 37.79
N THR A 62 -8.85 69.97 37.97
CA THR A 62 -10.31 70.01 38.08
C THR A 62 -10.67 69.54 39.49
N PHE A 63 -11.55 70.27 40.17
CA PHE A 63 -12.09 69.83 41.45
C PHE A 63 -13.32 68.96 41.24
N THR A 64 -13.41 67.87 42.01
CA THR A 64 -14.58 67.01 41.99
C THR A 64 -14.86 66.53 43.41
N THR A 65 -16.13 66.26 43.68
CA THR A 65 -16.56 65.56 44.88
C THR A 65 -16.59 64.03 44.74
N THR A 66 -16.47 63.52 43.52
CA THR A 66 -16.49 62.08 43.25
C THR A 66 -15.23 61.42 43.81
N ALA A 67 -15.41 60.33 44.54
CA ALA A 67 -14.32 59.58 45.13
C ALA A 67 -13.33 59.22 44.03
N SER A 68 -12.06 59.56 44.24
CA SER A 68 -11.02 59.40 43.24
C SER A 68 -9.82 58.76 43.91
N VAL A 69 -9.02 58.02 43.13
CA VAL A 69 -7.91 57.26 43.70
C VAL A 69 -6.67 58.16 43.83
N VAL A 70 -6.37 58.55 45.06
CA VAL A 70 -5.29 59.48 45.34
C VAL A 70 -3.94 58.83 45.03
N ASP A 71 -3.13 59.50 44.22
CA ASP A 71 -1.75 59.06 43.96
C ASP A 71 -0.71 60.17 44.10
N ASN A 72 -1.14 61.37 44.53
CA ASN A 72 -0.26 62.53 44.64
C ASN A 72 0.57 62.86 43.41
N GLY A 73 -0.08 62.66 42.26
CA GLY A 73 0.49 62.97 40.95
C GLY A 73 -0.57 63.39 39.96
N THR A 74 -1.58 62.55 39.79
CA THR A 74 -2.76 62.85 38.98
C THR A 74 -4.03 63.13 39.79
N VAL A 75 -4.06 62.66 41.04
CA VAL A 75 -5.20 62.84 41.94
C VAL A 75 -4.68 63.21 43.31
N PHE A 76 -5.20 64.33 43.85
CA PHE A 76 -4.84 64.80 45.19
C PHE A 76 -6.10 64.97 46.02
N ALA A 77 -6.00 64.64 47.30
CA ALA A 77 -7.08 64.89 48.23
C ALA A 77 -7.05 66.37 48.67
N VAL A 78 -8.23 66.99 48.74
CA VAL A 78 -8.38 68.36 49.23
C VAL A 78 -9.68 68.43 50.08
N PRO A 79 -9.89 69.52 50.82
CA PRO A 79 -11.14 69.60 51.59
C PRO A 79 -12.38 69.60 50.70
N GLY A 80 -13.29 68.67 50.98
CA GLY A 80 -14.51 68.52 50.23
C GLY A 80 -14.42 67.69 48.98
N GLY A 81 -13.23 67.16 48.66
CA GLY A 81 -13.11 66.40 47.43
C GLY A 81 -11.69 66.10 47.01
N TYR A 82 -11.49 66.19 45.70
CA TYR A 82 -10.27 65.74 45.04
C TYR A 82 -9.94 66.71 43.93
N LEU A 83 -8.63 66.87 43.66
CA LEU A 83 -8.19 67.55 42.46
C LEU A 83 -7.66 66.53 41.47
N LEU A 84 -8.14 66.64 40.24
CA LEU A 84 -7.74 65.76 39.16
C LEU A 84 -6.90 66.56 38.18
N ARG A 85 -5.70 66.11 37.89
CA ARG A 85 -4.90 66.78 36.88
C ARG A 85 -5.55 66.66 35.50
N LYS A 86 -5.55 67.76 34.75
CA LYS A 86 -6.15 67.83 33.43
C LYS A 86 -5.06 67.50 32.43
N PHE A 87 -5.24 66.43 31.66
CA PHE A 87 -4.28 66.07 30.63
C PHE A 87 -4.82 65.08 29.62
N VAL A 88 -4.21 65.12 28.44
CA VAL A 88 -4.38 64.08 27.42
C VAL A 88 -3.01 63.55 27.12
N GLY A 89 -2.96 62.35 26.58
CA GLY A 89 -1.68 61.70 26.35
C GLY A 89 -1.14 61.13 27.66
N PRO A 90 0.16 60.87 27.73
CA PRO A 90 0.75 60.21 28.87
C PRO A 90 0.80 61.02 30.15
N ALA A 91 0.87 60.31 31.26
CA ALA A 91 1.29 60.91 32.52
C ALA A 91 2.82 60.92 32.60
N TYR A 92 3.36 61.77 33.48
CA TYR A 92 4.80 61.92 33.65
C TYR A 92 5.17 61.70 35.09
N SER A 93 6.29 61.02 35.34
CA SER A 93 6.75 60.78 36.71
C SER A 93 7.05 62.07 37.46
N SER A 94 7.43 63.11 36.74
CA SER A 94 7.69 64.42 37.34
C SER A 94 6.47 65.05 37.99
N TRP A 95 5.27 64.54 37.68
CA TRP A 95 4.04 65.01 38.35
C TRP A 95 3.86 64.47 39.77
N PHE A 96 4.58 63.40 40.13
CA PHE A 96 4.31 62.65 41.36
C PHE A 96 5.22 63.07 42.51
N SER A 97 4.64 63.08 43.71
CA SER A 97 5.36 63.40 44.92
C SER A 97 6.36 62.33 45.33
N ASN A 98 6.06 61.07 45.03
CA ASN A 98 6.90 59.98 45.49
C ASN A 98 6.65 58.68 44.74
N TRP A 99 7.58 57.77 44.94
CA TRP A 99 7.50 56.43 44.39
C TRP A 99 6.18 55.73 44.72
N THR A 100 5.70 55.87 45.95
CA THR A 100 4.44 55.24 46.38
C THR A 100 3.31 55.62 45.44
N GLY A 101 3.26 56.88 45.02
CA GLY A 101 2.22 57.33 44.10
C GLY A 101 2.30 56.75 42.71
N ILE A 102 3.53 56.58 42.24
CA ILE A 102 3.79 55.93 40.95
C ILE A 102 3.22 54.50 41.00
N VAL A 103 3.52 53.79 42.10
CA VAL A 103 3.01 52.44 42.31
C VAL A 103 1.49 52.44 42.30
N THR A 104 0.89 53.37 43.03
CA THR A 104 -0.59 53.46 43.05
C THR A 104 -1.18 53.70 41.64
N PHE A 105 -0.58 54.64 40.92
CA PHE A 105 -1.03 54.95 39.57
C PHE A 105 -0.99 53.70 38.67
N MET A 106 0.13 52.98 38.70
CA MET A 106 0.30 51.83 37.80
C MET A 106 -0.44 50.57 38.29
N SER A 107 -1.02 50.62 39.50
CA SER A 107 -1.83 49.51 40.00
C SER A 107 -3.15 49.32 39.23
N ALA A 108 -3.56 50.34 38.48
CA ALA A 108 -4.72 50.26 37.58
C ALA A 108 -4.30 49.87 36.17
N PRO A 109 -5.23 49.29 35.38
CA PRO A 109 -4.91 49.03 33.99
C PRO A 109 -4.98 50.32 33.16
N ASN A 110 -4.64 50.23 31.88
CA ASN A 110 -4.90 51.29 30.91
C ASN A 110 -4.06 52.53 31.16
N ARG A 111 -2.86 52.35 31.73
CA ARG A 111 -1.99 53.48 32.09
C ARG A 111 -0.89 53.69 31.08
N HIS A 112 -0.58 54.95 30.80
CA HIS A 112 0.61 55.33 30.01
C HIS A 112 1.39 56.31 30.86
N LEU A 113 2.54 55.87 31.35
CA LEU A 113 3.42 56.68 32.19
C LEU A 113 4.78 56.84 31.54
N VAL A 114 5.22 58.09 31.43
CA VAL A 114 6.55 58.43 30.98
C VAL A 114 7.41 58.72 32.20
N VAL A 115 8.52 58.01 32.31
CA VAL A 115 9.46 58.21 33.38
C VAL A 115 10.45 59.24 32.87
N ASP A 116 10.25 60.49 33.32
CA ASP A 116 11.10 61.63 32.94
C ASP A 116 12.00 62.12 34.08
N THR A 117 12.06 61.35 35.16
CA THR A 117 12.88 61.66 36.32
C THR A 117 13.62 60.41 36.78
N VAL A 118 14.55 60.61 37.71
CA VAL A 118 15.27 59.51 38.35
C VAL A 118 14.48 59.09 39.57
N LEU A 119 13.83 57.94 39.47
CA LEU A 119 13.00 57.41 40.53
C LEU A 119 13.80 56.51 41.45
N GLN A 120 13.50 56.58 42.75
CA GLN A 120 14.14 55.76 43.74
C GLN A 120 13.13 54.74 44.23
N ALA A 121 13.29 53.49 43.81
CA ALA A 121 12.33 52.45 44.21
C ALA A 121 12.54 52.01 45.63
N THR A 122 11.43 51.82 46.34
CA THR A 122 11.41 51.20 47.67
C THR A 122 10.44 50.00 47.74
N SER A 123 9.96 49.55 46.57
CA SER A 123 9.04 48.45 46.44
C SER A 123 9.01 48.04 44.97
N VAL A 124 8.37 46.91 44.71
CA VAL A 124 8.18 46.44 43.33
C VAL A 124 7.13 47.32 42.66
N LEU A 125 7.34 47.62 41.38
CA LEU A 125 6.35 48.31 40.57
C LEU A 125 5.60 47.26 39.75
N ASN A 126 4.31 47.09 40.04
CA ASN A 126 3.46 46.21 39.25
C ASN A 126 2.81 46.95 38.09
N ILE A 127 2.84 46.32 36.91
CA ILE A 127 2.24 46.86 35.71
C ILE A 127 1.08 45.96 35.33
N LYS A 128 -0.05 46.56 34.96
CA LYS A 128 -1.28 45.86 34.66
C LYS A 128 -1.59 45.94 33.17
N SER A 129 -2.68 45.31 32.75
CA SER A 129 -2.97 45.18 31.33
C SER A 129 -3.13 46.51 30.61
N ASN A 130 -2.84 46.51 29.31
CA ASN A 130 -3.06 47.64 28.42
C ASN A 130 -2.36 48.88 28.93
N SER A 131 -1.12 48.68 29.36
CA SER A 131 -0.32 49.73 29.95
C SER A 131 1.03 49.85 29.29
N THR A 132 1.54 51.09 29.28
CA THR A 132 2.83 51.41 28.71
C THR A 132 3.65 52.16 29.74
N LEU A 133 4.88 51.71 29.97
CA LEU A 133 5.84 52.44 30.80
C LEU A 133 6.99 52.82 29.86
N GLU A 134 7.18 54.12 29.68
CA GLU A 134 8.13 54.64 28.72
C GLU A 134 9.14 55.51 29.47
N PHE A 135 10.41 55.43 29.09
CA PHE A 135 11.44 56.22 29.73
C PHE A 135 12.01 57.24 28.75
N THR A 136 12.23 58.46 29.24
CA THR A 136 13.00 59.45 28.47
C THR A 136 14.47 59.08 28.62
N ASP A 137 15.37 59.76 27.91
CA ASP A 137 16.80 59.36 28.04
C ASP A 137 17.42 59.51 29.41
N THR A 138 16.86 60.39 30.20
CA THR A 138 17.37 60.61 31.54
C THR A 138 16.53 59.94 32.63
N GLY A 139 15.36 59.42 32.28
CA GLY A 139 14.52 58.69 33.23
C GLY A 139 15.19 57.40 33.70
N ARG A 140 15.04 57.05 34.98
CA ARG A 140 15.64 55.85 35.58
C ARG A 140 14.75 55.31 36.65
N ILE A 141 14.82 54.01 36.86
CA ILE A 141 14.45 53.46 38.16
C ILE A 141 15.71 52.93 38.82
N LEU A 142 16.05 53.55 39.94
CA LEU A 142 17.13 53.06 40.77
C LEU A 142 16.55 52.13 41.82
N PRO A 143 17.06 50.90 41.88
CA PRO A 143 16.56 50.01 42.92
C PRO A 143 17.01 50.41 44.33
N ASP A 144 16.34 49.83 45.30
CA ASP A 144 16.62 50.07 46.71
C ASP A 144 17.95 49.42 47.13
N ALA A 145 18.86 50.24 47.67
CA ALA A 145 20.12 49.71 48.21
C ALA A 145 19.93 48.90 49.50
N ALA A 146 18.84 49.16 50.23
CA ALA A 146 18.62 48.50 51.52
C ALA A 146 18.22 47.03 51.41
N VAL A 147 17.49 46.71 50.35
CA VAL A 147 16.89 45.39 50.17
C VAL A 147 16.95 45.05 48.68
N ALA A 148 17.58 43.93 48.33
CA ALA A 148 17.54 43.39 46.97
C ALA A 148 16.15 42.82 46.70
N ARG A 149 15.46 43.40 45.73
CA ARG A 149 14.14 42.90 45.36
C ARG A 149 13.92 43.04 43.85
N GLN A 150 12.74 42.63 43.39
CA GLN A 150 12.41 42.76 41.96
C GLN A 150 12.05 44.20 41.66
N VAL A 151 12.26 44.63 40.42
CA VAL A 151 11.98 46.03 40.05
C VAL A 151 10.63 46.20 39.37
N LEU A 152 10.44 45.57 38.20
CA LEU A 152 9.16 45.59 37.48
C LEU A 152 8.56 44.18 37.53
N ASN A 153 7.28 44.10 37.83
CA ASN A 153 6.55 42.82 37.78
C ASN A 153 5.32 42.96 36.90
N ILE A 154 5.12 41.95 36.05
CA ILE A 154 3.94 41.82 35.19
C ILE A 154 3.39 40.44 35.53
N THR A 155 2.37 40.37 36.37
CA THR A 155 2.08 39.13 37.11
C THR A 155 0.64 38.68 36.95
N GLY A 156 0.44 37.67 36.10
CA GLY A 156 -0.80 36.90 36.06
C GLY A 156 -0.69 35.72 37.02
N SER A 157 -1.53 34.71 36.82
CA SER A 157 -1.47 33.51 37.63
C SER A 157 -2.13 32.34 36.95
N ALA A 158 -1.67 31.15 37.34
CA ALA A 158 -2.21 29.90 36.83
C ALA A 158 -3.64 29.72 37.34
N PRO A 159 -4.46 28.92 36.64
CA PRO A 159 -5.80 28.63 37.15
C PRO A 159 -5.73 27.95 38.51
N SER A 160 -6.74 28.21 39.34
CA SER A 160 -6.90 27.54 40.62
C SER A 160 -7.70 26.25 40.50
N VAL A 161 -8.38 26.06 39.37
CA VAL A 161 -9.23 24.91 39.17
C VAL A 161 -9.23 24.56 37.68
N PHE A 162 -9.28 23.25 37.44
CA PHE A 162 -9.25 22.68 36.11
C PHE A 162 -10.47 21.81 35.90
N VAL A 163 -10.86 21.68 34.63
CA VAL A 163 -11.90 20.75 34.24
C VAL A 163 -11.32 19.81 33.19
N PRO A 164 -11.76 18.54 33.19
CA PRO A 164 -11.26 17.63 32.15
C PRO A 164 -11.72 18.00 30.76
N LEU A 165 -10.89 17.73 29.76
CA LEU A 165 -11.40 17.74 28.39
C LEU A 165 -12.49 16.67 28.27
N ALA A 166 -13.48 16.94 27.44
CA ALA A 166 -14.57 15.99 27.16
C ALA A 166 -14.14 14.86 26.24
N ALA A 167 -13.07 15.08 25.48
CA ALA A 167 -12.56 14.11 24.52
C ALA A 167 -11.10 14.40 24.27
N ASP A 168 -10.38 13.39 23.80
CA ASP A 168 -9.00 13.58 23.34
C ASP A 168 -8.92 14.69 22.29
N ALA A 169 -7.83 15.45 22.35
CA ALA A 169 -7.52 16.48 21.37
C ALA A 169 -6.09 16.26 20.90
N ALA A 170 -5.95 15.73 19.69
CA ALA A 170 -4.62 15.45 19.12
C ALA A 170 -3.83 16.72 18.81
N ALA A 171 -2.51 16.56 18.71
CA ALA A 171 -1.69 17.61 18.15
C ALA A 171 -2.28 18.06 16.82
N GLY A 172 -2.28 19.39 16.63
CA GLY A 172 -2.91 20.03 15.50
C GLY A 172 -4.38 20.42 15.69
N SER A 173 -4.99 20.03 16.82
CA SER A 173 -6.37 20.39 17.09
C SER A 173 -6.58 21.90 17.10
N LYS A 174 -7.64 22.33 16.41
CA LYS A 174 -8.09 23.72 16.38
C LYS A 174 -9.11 24.01 17.45
N VAL A 175 -9.73 22.96 17.99
CA VAL A 175 -10.84 23.07 18.93
C VAL A 175 -10.58 22.09 20.06
N ILE A 176 -10.95 22.49 21.28
CA ILE A 176 -11.03 21.57 22.42
C ILE A 176 -12.46 21.54 22.90
N THR A 177 -12.80 20.48 23.61
CA THR A 177 -14.16 20.30 24.08
C THR A 177 -14.20 20.08 25.58
N VAL A 178 -15.24 20.62 26.21
CA VAL A 178 -15.51 20.41 27.64
C VAL A 178 -17.01 20.21 27.80
N ALA A 179 -17.43 19.66 28.92
CA ALA A 179 -18.85 19.54 29.21
C ALA A 179 -19.48 20.94 29.26
N ALA A 180 -20.68 21.07 28.71
CA ALA A 180 -21.40 22.34 28.73
C ALA A 180 -21.55 22.83 30.14
N GLY A 181 -21.23 24.11 30.36
CA GLY A 181 -21.32 24.73 31.67
C GLY A 181 -20.19 24.45 32.65
N ALA A 182 -19.19 23.68 32.24
CA ALA A 182 -18.06 23.35 33.12
C ALA A 182 -17.07 24.49 33.31
N LEU A 183 -16.93 25.33 32.27
CA LEU A 183 -15.85 26.30 32.17
C LEU A 183 -16.44 27.55 31.51
N SER A 184 -16.18 28.73 32.05
CA SER A 184 -16.64 29.97 31.42
C SER A 184 -15.56 30.48 30.47
N ALA A 185 -15.60 29.95 29.26
CA ALA A 185 -14.72 30.36 28.18
C ALA A 185 -15.28 31.62 27.49
N VAL A 186 -14.45 32.65 27.46
CA VAL A 186 -14.84 33.95 26.96
C VAL A 186 -13.90 34.31 25.81
N LYS A 187 -14.51 34.69 24.69
CA LYS A 187 -13.77 35.06 23.48
C LYS A 187 -12.82 36.24 23.77
N GLY A 188 -11.57 36.08 23.34
CA GLY A 188 -10.53 37.08 23.54
C GLY A 188 -9.73 36.89 24.82
N THR A 189 -10.14 35.94 25.66
CA THR A 189 -9.41 35.64 26.89
C THR A 189 -8.73 34.28 26.71
N TYR A 190 -8.04 33.82 27.74
CA TYR A 190 -7.11 32.72 27.60
C TYR A 190 -7.51 31.48 28.37
N LEU A 191 -6.95 30.38 27.92
CA LEU A 191 -7.04 29.09 28.56
C LEU A 191 -5.65 28.55 28.79
N TYR A 192 -5.53 27.69 29.79
CA TYR A 192 -4.27 27.03 30.14
C TYR A 192 -4.58 25.54 30.19
N LEU A 193 -3.99 24.79 29.24
CA LEU A 193 -4.20 23.37 29.08
C LEU A 193 -2.99 22.65 29.67
N ARG A 194 -3.22 21.47 30.27
CA ARG A 194 -2.13 20.66 30.77
C ARG A 194 -2.50 19.19 30.77
N SER A 195 -1.49 18.34 30.88
CA SER A 195 -1.71 16.92 31.13
C SER A 195 -0.48 16.33 31.78
N ASN A 196 -0.57 15.04 32.12
CA ASN A 196 0.54 14.32 32.70
C ASN A 196 1.58 13.88 31.68
N LYS A 197 1.29 14.06 30.39
CA LYS A 197 2.31 13.79 29.36
C LYS A 197 3.55 14.62 29.65
N LEU A 198 4.73 13.99 29.48
CA LEU A 198 6.00 14.69 29.67
C LEU A 198 6.36 15.59 28.50
N CYS A 199 6.93 16.74 28.83
CA CYS A 199 7.53 17.62 27.82
C CYS A 199 8.50 16.79 27.00
N ASP A 200 8.48 17.04 25.68
CA ASP A 200 9.12 16.16 24.72
C ASP A 200 10.16 16.85 23.84
N GLY A 201 10.50 18.11 24.14
CA GLY A 201 11.50 18.81 23.32
C GLY A 201 12.92 18.30 23.49
N GLY A 202 13.23 17.81 24.69
CA GLY A 202 14.56 17.33 25.01
C GLY A 202 14.52 16.27 26.08
N PRO A 203 15.71 15.90 26.61
CA PRO A 203 15.82 14.83 27.61
C PRO A 203 14.91 14.97 28.82
N ASN A 204 14.60 16.20 29.22
CA ASN A 204 13.61 16.45 30.29
C ASN A 204 13.86 15.63 31.58
N THR A 205 15.06 15.76 32.14
CA THR A 205 15.46 14.99 33.31
C THR A 205 14.63 15.26 34.58
N TYR A 206 14.02 16.45 34.67
CA TYR A 206 13.14 16.73 35.81
C TYR A 206 11.71 16.18 35.62
N GLY A 207 11.37 15.72 34.41
CA GLY A 207 10.01 15.21 34.14
C GLY A 207 8.95 16.30 34.22
N VAL A 208 9.28 17.46 33.65
CA VAL A 208 8.31 18.54 33.50
C VAL A 208 7.20 18.06 32.59
N LYS A 209 5.97 18.39 32.94
CA LYS A 209 4.76 17.95 32.22
C LYS A 209 4.31 19.04 31.25
N ILE A 210 3.48 18.65 30.28
CA ILE A 210 3.06 19.57 29.24
C ILE A 210 2.02 20.59 29.67
N SER A 211 2.18 21.81 29.16
CA SER A 211 1.15 22.83 29.24
C SER A 211 1.26 23.78 28.05
N GLN A 212 0.16 24.44 27.74
CA GLN A 212 0.12 25.52 26.77
C GLN A 212 -0.91 26.55 27.16
N ILE A 213 -0.69 27.78 26.71
CA ILE A 213 -1.63 28.88 26.85
C ILE A 213 -2.20 29.16 25.47
N ARG A 214 -3.52 29.34 25.40
CA ARG A 214 -4.21 29.57 24.15
C ARG A 214 -5.31 30.60 24.36
N LYS A 215 -5.63 31.34 23.29
CA LYS A 215 -6.67 32.35 23.32
C LYS A 215 -7.93 31.77 22.71
N VAL A 216 -9.06 32.05 23.35
CA VAL A 216 -10.36 31.65 22.87
C VAL A 216 -10.79 32.58 21.75
N VAL A 217 -11.10 32.03 20.58
CA VAL A 217 -11.59 32.83 19.46
C VAL A 217 -12.96 32.42 18.94
N GLY A 218 -13.52 31.32 19.45
CA GLY A 218 -14.82 30.86 19.00
C GLY A 218 -15.41 29.90 20.00
N VAL A 219 -16.73 29.92 20.15
CA VAL A 219 -17.41 29.01 21.06
C VAL A 219 -18.72 28.56 20.44
N SER A 220 -19.01 27.27 20.55
CA SER A 220 -20.31 26.74 20.21
C SER A 220 -20.62 25.57 21.14
N THR A 221 -21.91 25.36 21.38
CA THR A 221 -22.35 24.26 22.25
C THR A 221 -23.42 23.45 21.52
N SER A 222 -23.27 22.12 21.58
CA SER A 222 -24.24 21.20 20.99
C SER A 222 -24.16 19.89 21.75
N GLY A 223 -25.32 19.28 22.00
CA GLY A 223 -25.40 17.97 22.63
C GLY A 223 -24.66 17.88 23.96
N GLY A 224 -24.72 18.96 24.75
CA GLY A 224 -24.13 18.98 26.06
C GLY A 224 -22.63 19.16 26.10
N VAL A 225 -22.03 19.51 24.96
CA VAL A 225 -20.58 19.72 24.87
C VAL A 225 -20.29 21.09 24.30
N THR A 226 -19.40 21.82 24.95
CA THR A 226 -18.92 23.12 24.47
C THR A 226 -17.61 22.93 23.70
N SER A 227 -17.62 23.39 22.45
CA SER A 227 -16.44 23.34 21.57
C SER A 227 -15.82 24.75 21.57
N ILE A 228 -14.55 24.80 21.95
CA ILE A 228 -13.82 26.05 22.13
C ILE A 228 -12.75 26.12 21.06
N ARG A 229 -12.91 27.07 20.15
CA ARG A 229 -11.96 27.28 19.06
C ARG A 229 -10.81 28.14 19.55
N LEU A 230 -9.60 27.73 19.21
CA LEU A 230 -8.39 28.38 19.72
C LEU A 230 -7.74 29.21 18.64
N ASP A 231 -6.93 30.18 19.08
CA ASP A 231 -6.15 31.01 18.16
C ASP A 231 -5.12 30.19 17.41
N LYS A 232 -4.43 29.33 18.15
CA LYS A 232 -3.32 28.52 17.65
C LYS A 232 -3.63 27.06 17.98
N THR A 233 -3.11 26.15 17.17
CA THR A 233 -3.39 24.74 17.37
C THR A 233 -2.53 24.14 18.48
N LEU A 234 -2.93 22.96 18.94
CA LEU A 234 -2.21 22.26 20.01
C LEU A 234 -0.95 21.60 19.48
N HIS A 235 0.11 21.61 20.28
CA HIS A 235 1.42 21.06 19.85
C HIS A 235 1.82 19.78 20.53
N TYR A 236 0.87 19.19 21.26
CA TYR A 236 0.98 17.83 21.76
C TYR A 236 -0.40 17.19 21.66
N ASN A 237 -0.45 15.87 21.78
CA ASN A 237 -1.72 15.21 22.06
C ASN A 237 -2.11 15.49 23.51
N TYR A 238 -3.33 16.00 23.69
CA TYR A 238 -3.91 16.20 25.03
C TYR A 238 -4.99 15.14 25.21
N TYR A 239 -4.61 14.04 25.85
CA TYR A 239 -5.45 12.86 25.92
C TYR A 239 -5.99 12.58 27.32
N LEU A 240 -7.19 12.00 27.37
CA LEU A 240 -7.81 11.70 28.66
C LEU A 240 -6.99 10.69 29.47
N SER A 241 -6.27 9.79 28.78
CA SER A 241 -5.40 8.85 29.46
C SER A 241 -4.24 9.52 30.22
N ASP A 242 -3.93 10.77 29.85
CA ASP A 242 -2.96 11.61 30.57
C ASP A 242 -3.61 12.64 31.48
N ALA A 243 -4.91 12.49 31.76
CA ALA A 243 -5.69 13.43 32.56
C ALA A 243 -5.66 14.85 31.98
N ALA A 244 -5.79 14.96 30.66
CA ALA A 244 -5.81 16.27 30.00
C ALA A 244 -6.93 17.13 30.55
N GLU A 245 -6.59 18.37 30.87
CA GLU A 245 -7.53 19.29 31.53
C GLU A 245 -7.20 20.73 31.17
N VAL A 246 -8.15 21.61 31.47
CA VAL A 246 -8.04 23.00 31.09
C VAL A 246 -8.61 23.89 32.19
N GLY A 247 -7.99 25.04 32.37
CA GLY A 247 -8.47 26.03 33.31
C GLY A 247 -8.26 27.43 32.77
N ILE A 248 -8.81 28.40 33.49
CA ILE A 248 -8.74 29.81 33.10
C ILE A 248 -7.66 30.52 33.90
N PRO A 249 -6.55 30.89 33.24
CA PRO A 249 -5.52 31.64 33.95
C PRO A 249 -5.90 33.11 34.04
N THR A 250 -5.22 33.82 34.94
CA THR A 250 -5.30 35.27 34.96
C THR A 250 -4.10 35.76 34.17
N MET A 251 -4.34 36.43 33.04
CA MET A 251 -3.27 36.97 32.22
C MET A 251 -3.18 38.49 32.39
N VAL A 252 -1.96 39.01 32.27
CA VAL A 252 -1.73 40.46 32.09
C VAL A 252 -1.33 40.62 30.64
N GLU A 253 -2.15 41.35 29.88
CA GLU A 253 -1.94 41.47 28.45
C GLU A 253 -1.65 42.87 27.98
N ASN A 254 -0.89 42.95 26.90
CA ASN A 254 -0.63 44.22 26.18
C ASN A 254 0.11 45.22 27.04
N VAL A 255 1.29 44.84 27.50
CA VAL A 255 2.17 45.72 28.28
C VAL A 255 3.36 46.05 27.40
N THR A 256 3.68 47.33 27.29
CA THR A 256 4.80 47.80 26.49
C THR A 256 5.75 48.53 27.42
N LEU A 257 7.02 48.11 27.41
CA LEU A 257 8.06 48.77 28.18
C LEU A 257 9.04 49.37 27.18
N VAL A 258 9.03 50.71 27.10
CA VAL A 258 9.79 51.45 26.12
C VAL A 258 11.01 52.04 26.82
N SER A 259 12.18 51.52 26.44
CA SER A 259 13.48 51.97 26.95
C SER A 259 13.65 51.89 28.47
N PRO A 260 13.32 50.74 29.08
CA PRO A 260 13.51 50.66 30.54
C PRO A 260 14.96 50.82 30.95
N TYR A 261 15.23 51.77 31.85
CA TYR A 261 16.56 52.00 32.39
C TYR A 261 16.51 51.66 33.88
N ILE A 262 17.04 50.49 34.22
CA ILE A 262 17.04 49.96 35.57
C ILE A 262 18.47 49.97 36.10
N ASN A 263 18.63 50.68 37.20
CA ASN A 263 19.92 50.93 37.84
C ASN A 263 20.81 51.83 36.97
N GLU A 264 22.05 52.04 37.43
CA GLU A 264 22.97 52.93 36.73
C GLU A 264 24.38 52.54 37.10
N PHE A 265 25.32 52.82 36.21
CA PHE A 265 26.73 52.63 36.52
C PHE A 265 27.11 53.38 37.79
N GLY A 266 27.98 52.75 38.58
CA GLY A 266 28.31 53.25 39.92
C GLY A 266 27.51 52.60 41.02
N TYR A 267 26.50 51.80 40.63
CA TYR A 267 25.64 51.06 41.58
C TYR A 267 26.44 50.28 42.62
N ASP A 268 27.58 49.71 42.21
CA ASP A 268 28.33 48.81 43.08
C ASP A 268 29.03 49.54 44.23
N ASP A 269 29.35 50.81 44.01
CA ASP A 269 29.91 51.65 45.08
C ASP A 269 28.86 52.08 46.10
N LEU A 270 27.58 51.96 45.75
CA LEU A 270 26.46 52.22 46.67
C LEU A 270 25.77 50.97 47.18
N ASN A 271 26.36 49.79 46.89
CA ASN A 271 25.78 48.50 47.24
C ASN A 271 24.30 48.40 46.80
N ARG A 272 24.01 48.91 45.61
CA ARG A 272 22.65 49.02 45.13
C ARG A 272 22.39 47.99 44.04
N PHE A 273 21.70 46.92 44.42
CA PHE A 273 21.40 45.79 43.56
C PHE A 273 19.89 45.56 43.47
N PHE A 274 19.53 44.44 42.87
CA PHE A 274 18.15 43.98 42.80
C PHE A 274 18.22 42.47 42.56
N THR A 275 17.08 41.80 42.48
CA THR A 275 17.07 40.37 42.18
C THR A 275 16.78 40.18 40.70
N ILE A 276 15.51 40.27 40.32
CA ILE A 276 15.09 40.18 38.93
C ILE A 276 14.64 41.57 38.50
N GLY A 277 15.15 42.03 37.36
CA GLY A 277 14.82 43.37 36.85
C GLY A 277 13.38 43.49 36.40
N ILE A 278 12.99 42.62 35.46
CA ILE A 278 11.65 42.62 34.90
C ILE A 278 11.20 41.15 34.94
N SER A 279 10.22 40.86 35.79
CA SER A 279 9.73 39.49 35.94
C SER A 279 8.30 39.42 35.47
N ALA A 280 8.04 38.56 34.49
CA ALA A 280 6.72 38.37 33.93
C ALA A 280 6.28 36.93 34.11
N ASN A 281 5.03 36.75 34.52
CA ASN A 281 4.38 35.46 34.71
CA ASN A 281 4.42 35.43 34.64
C ASN A 281 2.99 35.54 34.12
N PHE A 282 2.63 34.65 33.19
CA PHE A 282 1.30 34.68 32.61
C PHE A 282 1.00 36.04 31.99
N ALA A 283 1.92 36.48 31.14
CA ALA A 283 1.75 37.70 30.38
C ALA A 283 1.55 37.33 28.92
N ALA A 284 0.76 38.14 28.23
CA ALA A 284 0.58 38.02 26.78
C ALA A 284 0.88 39.35 26.14
N ASP A 285 1.61 39.34 25.02
CA ASP A 285 1.94 40.57 24.31
C ASP A 285 2.65 41.57 25.21
N LEU A 286 3.65 41.08 25.93
CA LEU A 286 4.60 41.92 26.65
C LEU A 286 5.73 42.19 25.68
N HIS A 287 5.92 43.47 25.34
CA HIS A 287 6.96 43.88 24.40
C HIS A 287 7.87 44.88 25.06
N ILE A 288 9.14 44.53 25.14
CA ILE A 288 10.18 45.32 25.77
C ILE A 288 11.13 45.80 24.67
N GLN A 289 11.32 47.12 24.60
CA GLN A 289 12.10 47.74 23.52
C GLN A 289 13.25 48.53 24.11
N ASP A 290 14.46 48.21 23.67
CA ASP A 290 15.65 48.94 24.06
C ASP A 290 15.83 48.97 25.57
N GLY A 291 16.41 50.05 26.10
CA GLY A 291 16.71 50.12 27.51
C GLY A 291 18.03 49.49 27.91
N VAL A 292 18.37 49.65 29.17
CA VAL A 292 19.61 49.18 29.75
C VAL A 292 19.31 48.70 31.15
N ILE A 293 19.70 47.47 31.44
CA ILE A 293 19.54 46.88 32.77
C ILE A 293 20.94 46.52 33.25
N ILE A 294 21.30 47.07 34.41
CA ILE A 294 22.66 46.97 34.93
C ILE A 294 22.67 46.60 36.40
N GLY A 295 23.54 45.65 36.75
CA GLY A 295 24.03 45.62 38.12
C GLY A 295 23.20 44.97 39.19
N ASN A 296 22.92 43.68 39.05
CA ASN A 296 22.41 42.89 40.18
C ASN A 296 23.46 41.97 40.77
N LYS A 297 24.71 42.10 40.29
CA LYS A 297 25.91 41.56 40.93
C LYS A 297 27.00 42.64 40.75
N ARG A 298 28.11 42.52 41.48
CA ARG A 298 29.24 43.41 41.25
C ARG A 298 29.92 43.05 39.94
N PRO A 299 30.58 44.04 39.29
CA PRO A 299 31.21 43.76 38.00
C PRO A 299 32.22 42.64 38.06
N GLY A 300 32.07 41.67 37.16
CA GLY A 300 32.97 40.51 37.10
C GLY A 300 32.83 39.50 38.24
N ALA A 301 31.84 39.69 39.11
CA ALA A 301 31.71 38.86 40.31
C ALA A 301 31.05 37.53 40.00
N SER A 302 30.99 36.66 41.02
CA SER A 302 30.36 35.34 40.89
C SER A 302 28.89 35.44 40.51
N ASP A 303 28.40 34.42 39.83
CA ASP A 303 26.99 34.33 39.48
C ASP A 303 26.13 34.25 40.74
N ILE A 304 24.90 34.73 40.63
CA ILE A 304 23.92 34.69 41.73
C ILE A 304 22.65 34.03 41.20
N GLU A 305 22.36 32.83 41.70
CA GLU A 305 21.25 32.02 41.22
C GLU A 305 19.93 32.77 41.24
N GLY A 306 19.24 32.75 40.11
CA GLY A 306 17.95 33.35 39.96
C GLY A 306 17.91 34.81 39.57
N ARG A 307 19.03 35.52 39.69
CA ARG A 307 19.06 36.96 39.45
C ARG A 307 19.17 37.32 37.95
N SER A 308 18.11 37.01 37.21
CA SER A 308 18.08 37.31 35.78
C SER A 308 17.59 38.76 35.58
N ALA A 309 18.04 39.35 34.48
CA ALA A 309 17.61 40.71 34.16
C ALA A 309 16.14 40.77 33.75
N ILE A 310 15.76 39.89 32.82
CA ILE A 310 14.40 39.77 32.33
C ILE A 310 14.03 38.31 32.39
N LYS A 311 12.85 38.03 32.93
CA LYS A 311 12.37 36.64 33.07
C LYS A 311 10.96 36.54 32.54
N PHE A 312 10.79 35.68 31.53
CA PHE A 312 9.47 35.38 30.95
C PHE A 312 9.09 33.96 31.37
N ASN A 313 8.10 33.85 32.24
CA ASN A 313 7.59 32.56 32.71
C ASN A 313 6.15 32.46 32.23
N ASN A 314 5.84 31.43 31.43
CA ASN A 314 4.48 31.25 30.92
C ASN A 314 3.96 32.51 30.21
N CYS A 315 4.78 33.06 29.31
CA CYS A 315 4.41 34.24 28.54
C CYS A 315 4.20 33.88 27.09
N VAL A 316 3.21 34.49 26.45
CA VAL A 316 2.97 34.24 25.05
C VAL A 316 3.11 35.51 24.21
N ASP A 317 3.57 35.36 22.98
CA ASP A 317 3.67 36.46 22.02
C ASP A 317 4.39 37.66 22.64
N SER A 318 5.48 37.39 23.34
CA SER A 318 6.22 38.40 24.06
C SER A 318 7.66 38.49 23.55
N THR A 319 8.21 39.70 23.57
CA THR A 319 9.48 39.96 22.92
C THR A 319 10.36 40.93 23.70
N VAL A 320 11.66 40.80 23.48
CA VAL A 320 12.69 41.72 23.94
C VAL A 320 13.49 42.11 22.71
N LYS A 321 13.57 43.40 22.40
CA LYS A 321 14.28 43.85 21.21
C LYS A 321 15.15 45.04 21.55
N GLY A 322 16.46 44.88 21.42
CA GLY A 322 17.43 45.98 21.53
C GLY A 322 18.02 46.26 22.90
N THR A 323 17.49 45.62 23.94
CA THR A 323 17.91 45.88 25.31
C THR A 323 19.39 45.53 25.53
N CYS A 324 20.09 46.33 26.35
CA CYS A 324 21.46 46.08 26.73
C CYS A 324 21.50 45.67 28.20
N PHE A 325 22.42 44.76 28.49
CA PHE A 325 22.56 44.15 29.81
C PHE A 325 24.01 44.21 30.26
N TYR A 326 24.24 44.67 31.48
CA TYR A 326 25.60 44.72 32.06
C TYR A 326 25.59 44.16 33.47
N ASN A 327 26.55 43.29 33.79
CA ASN A 327 26.85 42.93 35.18
C ASN A 327 25.61 42.28 35.84
N ILE A 328 25.19 41.17 35.25
CA ILE A 328 23.99 40.46 35.66
C ILE A 328 24.38 39.13 36.29
N GLY A 329 23.78 38.82 37.44
CA GLY A 329 24.15 37.65 38.20
C GLY A 329 23.74 36.34 37.57
N TRP A 330 22.66 36.35 36.81
CA TRP A 330 22.15 35.14 36.19
C TRP A 330 21.96 35.40 34.69
N TYR A 331 20.76 35.25 34.14
CA TYR A 331 20.60 35.32 32.70
C TYR A 331 20.13 36.68 32.24
N GLY A 332 20.53 37.09 31.04
CA GLY A 332 20.00 38.33 30.49
C GLY A 332 18.51 38.24 30.26
N VAL A 333 18.12 37.30 29.39
CA VAL A 333 16.73 36.96 29.17
C VAL A 333 16.56 35.48 29.46
N GLU A 334 15.71 35.20 30.46
CA GLU A 334 15.38 33.86 30.90
C GLU A 334 13.96 33.57 30.40
N VAL A 335 13.79 32.42 29.74
CA VAL A 335 12.51 32.02 29.18
C VAL A 335 12.15 30.64 29.70
N LEU A 336 11.00 30.52 30.38
CA LEU A 336 10.60 29.23 30.94
C LEU A 336 9.10 29.06 31.03
N GLY A 337 8.68 27.91 31.56
CA GLY A 337 7.30 27.51 31.49
C GLY A 337 6.89 27.33 30.04
N CYS A 338 5.59 27.41 29.76
CA CYS A 338 5.10 27.21 28.38
C CYS A 338 5.11 28.50 27.58
N SER A 339 6.21 29.25 27.71
CA SER A 339 6.37 30.47 26.96
C SER A 339 6.43 30.15 25.49
N GLU A 340 5.56 30.77 24.72
CA GLU A 340 5.35 30.36 23.33
C GLU A 340 5.34 31.59 22.43
N ASP A 341 6.03 31.49 21.30
CA ASP A 341 6.21 32.59 20.35
C ASP A 341 6.90 33.76 21.06
N THR A 342 8.07 33.46 21.62
CA THR A 342 8.93 34.41 22.26
C THR A 342 10.07 34.74 21.31
N GLU A 343 10.45 36.01 21.25
CA GLU A 343 11.56 36.45 20.40
C GLU A 343 12.45 37.42 21.15
N VAL A 344 13.75 37.29 20.93
CA VAL A 344 14.75 38.18 21.46
C VAL A 344 15.60 38.64 20.28
N HIS A 345 15.57 39.94 20.00
CA HIS A 345 16.28 40.52 18.87
C HIS A 345 17.27 41.55 19.37
N ASP A 346 18.44 41.61 18.75
CA ASP A 346 19.31 42.79 18.80
C ASP A 346 19.83 43.14 20.19
N ILE A 347 19.85 42.19 21.12
CA ILE A 347 20.35 42.50 22.46
C ILE A 347 21.85 42.46 22.51
N HIS A 348 22.41 43.20 23.47
CA HIS A 348 23.84 43.19 23.76
C HIS A 348 23.93 42.85 25.24
N ALA A 349 24.63 41.77 25.59
CA ALA A 349 24.77 41.34 26.96
C ALA A 349 26.23 41.16 27.31
N MET A 350 26.68 41.85 28.37
CA MET A 350 28.07 41.91 28.75
C MET A 350 28.22 41.60 30.23
N ASP A 351 29.02 40.56 30.57
CA ASP A 351 29.24 40.12 31.97
C ASP A 351 27.93 39.64 32.62
N VAL A 352 27.45 38.51 32.11
CA VAL A 352 26.24 37.84 32.54
C VAL A 352 26.53 36.33 32.54
N ARG A 353 25.62 35.52 33.08
CA ARG A 353 25.87 34.06 33.09
C ARG A 353 25.59 33.46 31.72
N HIS A 354 24.38 33.71 31.21
CA HIS A 354 24.01 33.44 29.82
C HIS A 354 23.32 34.70 29.29
N ALA A 355 23.56 35.08 28.05
CA ALA A 355 22.82 36.19 27.45
C ALA A 355 21.32 35.85 27.34
N ILE A 356 21.05 34.66 26.80
CA ILE A 356 19.71 34.10 26.72
C ILE A 356 19.78 32.69 27.26
N SER A 357 18.80 32.29 28.07
CA SER A 357 18.69 30.89 28.49
C SER A 357 17.22 30.49 28.54
N LEU A 358 16.88 29.47 27.76
CA LEU A 358 15.62 28.78 27.93
C LEU A 358 15.82 27.80 29.08
N ASN A 359 14.89 27.77 30.01
CA ASN A 359 15.10 27.05 31.27
C ASN A 359 14.18 25.85 31.46
N TRP A 360 14.66 24.93 32.29
CA TRP A 360 13.84 23.88 32.85
C TRP A 360 13.18 24.39 34.14
N GLN A 361 12.50 23.50 34.85
CA GLN A 361 11.92 23.80 36.17
C GLN A 361 12.15 22.61 37.06
N SER A 362 12.76 22.84 38.22
CA SER A 362 13.04 21.77 39.16
C SER A 362 11.74 21.23 39.73
N THR A 363 11.62 19.91 39.68
CA THR A 363 10.49 19.20 40.23
C THR A 363 10.83 18.57 41.60
N ALA A 364 11.92 19.02 42.23
CA ALA A 364 12.36 18.48 43.53
C ALA A 364 11.27 18.54 44.59
N ASP A 365 10.45 19.58 44.55
CA ASP A 365 9.38 19.79 45.54
C ASP A 365 7.97 19.56 45.02
N GLY A 366 7.85 19.10 43.77
CA GLY A 366 6.55 18.80 43.21
C GLY A 366 6.51 18.96 41.71
N ASP A 367 5.38 18.61 41.11
CA ASP A 367 5.24 18.67 39.67
C ASP A 367 5.37 20.10 39.14
N LYS A 368 5.88 20.20 37.92
CA LYS A 368 5.97 21.45 37.18
C LYS A 368 5.48 21.19 35.76
N TRP A 369 4.96 22.24 35.13
CA TRP A 369 4.44 22.16 33.78
C TRP A 369 5.04 23.25 32.90
N GLY A 370 5.32 22.89 31.65
CA GLY A 370 5.61 23.83 30.59
C GLY A 370 7.03 23.88 30.12
N GLU A 371 7.20 23.74 28.80
CA GLU A 371 8.47 24.01 28.13
C GLU A 371 8.27 25.10 27.09
N PRO A 372 9.33 25.90 26.81
CA PRO A 372 9.16 26.89 25.78
C PRO A 372 8.92 26.27 24.39
N ILE A 373 8.08 26.90 23.59
CA ILE A 373 7.72 26.44 22.26
C ILE A 373 7.80 27.64 21.32
N GLU A 374 8.57 27.50 20.22
CA GLU A 374 8.74 28.55 19.23
C GLU A 374 9.49 29.74 19.87
N PHE A 375 10.81 29.66 19.80
CA PHE A 375 11.71 30.67 20.31
C PHE A 375 12.65 31.10 19.19
N LEU A 376 12.81 32.42 19.04
CA LEU A 376 13.75 33.02 18.09
C LEU A 376 14.68 33.98 18.83
N GLY A 377 15.97 33.78 18.68
CA GLY A 377 17.01 34.73 19.06
C GLY A 377 17.68 35.18 17.78
N VAL A 378 17.69 36.47 17.48
CA VAL A 378 18.22 36.97 16.23
C VAL A 378 19.08 38.21 16.45
N ASN A 379 20.26 38.21 15.83
CA ASN A 379 21.14 39.36 15.83
C ASN A 379 21.51 39.81 17.26
N CYS A 380 21.71 38.85 18.15
CA CYS A 380 22.11 39.12 19.54
C CYS A 380 23.61 38.95 19.72
N GLU A 381 24.19 39.69 20.66
CA GLU A 381 25.61 39.69 20.93
C GLU A 381 25.86 39.46 22.42
N ALA A 382 26.77 38.54 22.72
CA ALA A 382 27.20 38.24 24.09
C ALA A 382 28.69 38.41 24.22
N TYR A 383 29.12 39.06 25.29
CA TYR A 383 30.54 39.19 25.63
C TYR A 383 30.78 38.73 27.06
N SER A 384 31.83 37.93 27.24
CA SER A 384 32.34 37.65 28.56
C SER A 384 31.27 37.06 29.48
N THR A 385 30.54 36.10 28.92
CA THR A 385 29.60 35.33 29.72
C THR A 385 30.37 34.36 30.61
N THR A 386 29.88 34.16 31.83
CA THR A 386 30.55 33.28 32.79
C THR A 386 30.23 31.80 32.51
N GLN A 387 29.11 31.58 31.83
CA GLN A 387 28.74 30.28 31.28
C GLN A 387 28.40 30.47 29.79
N ALA A 388 27.67 29.55 29.19
CA ALA A 388 27.41 29.63 27.75
C ALA A 388 26.84 30.97 27.33
N GLY A 389 27.29 31.48 26.19
CA GLY A 389 26.73 32.71 25.66
C GLY A 389 25.23 32.65 25.47
N PHE A 390 24.79 31.60 24.78
CA PHE A 390 23.38 31.37 24.45
C PHE A 390 23.08 29.94 24.82
N ASP A 391 21.98 29.73 25.53
CA ASP A 391 21.76 28.48 26.23
C ASP A 391 20.32 28.00 26.14
N THR A 392 20.17 26.68 26.12
CA THR A 392 18.95 26.04 26.56
C THR A 392 19.28 25.00 27.62
N HIS A 393 18.29 24.72 28.45
CA HIS A 393 18.28 23.55 29.33
C HIS A 393 17.60 22.40 28.56
N ASP A 394 17.16 21.34 29.26
CA ASP A 394 16.84 20.09 28.57
C ASP A 394 15.39 19.90 28.15
N ILE A 395 14.64 20.99 28.08
CA ILE A 395 13.32 21.02 27.47
C ILE A 395 13.23 22.23 26.54
N GLY A 396 12.16 22.28 25.77
CA GLY A 396 11.93 23.35 24.80
C GLY A 396 11.87 22.82 23.39
N LYS A 397 10.98 23.40 22.58
CA LYS A 397 10.68 22.95 21.21
C LYS A 397 10.83 24.12 20.24
N ARG A 398 11.37 23.86 19.06
CA ARG A 398 11.39 24.83 17.96
C ARG A 398 12.16 26.08 18.35
N VAL A 399 13.38 25.81 18.79
CA VAL A 399 14.33 26.84 19.24
C VAL A 399 15.30 27.15 18.09
N LYS A 400 15.41 28.43 17.74
CA LYS A 400 16.28 28.90 16.65
C LYS A 400 17.08 30.11 17.06
N PHE A 401 18.39 30.07 16.77
CA PHE A 401 19.29 31.22 16.90
C PHE A 401 19.78 31.61 15.52
N VAL A 402 19.66 32.89 15.17
CA VAL A 402 19.94 33.39 13.82
C VAL A 402 20.89 34.57 13.94
N ARG A 403 22.06 34.47 13.33
CA ARG A 403 23.02 35.57 13.31
C ARG A 403 23.33 36.14 14.71
N CYS A 404 23.42 35.25 15.69
CA CYS A 404 23.91 35.64 17.01
C CYS A 404 25.41 35.43 17.10
N VAL A 405 26.06 36.15 18.00
CA VAL A 405 27.50 36.05 18.18
C VAL A 405 27.85 36.02 19.64
N SER A 406 28.72 35.10 20.01
CA SER A 406 29.29 35.02 21.36
C SER A 406 30.79 35.24 21.31
N TYR A 407 31.26 36.17 22.15
CA TYR A 407 32.67 36.45 22.33
C TYR A 407 33.15 36.08 23.72
N ASP A 408 34.27 35.37 23.81
CA ASP A 408 35.02 35.23 25.06
C ASP A 408 34.23 34.65 26.22
N SER A 409 33.39 33.66 25.90
CA SER A 409 32.70 32.90 26.91
C SER A 409 33.67 32.11 27.77
N ALA A 410 33.39 32.02 29.07
CA ALA A 410 34.15 31.16 29.96
C ALA A 410 33.75 29.69 29.84
N ALA A 411 32.72 29.41 29.06
CA ALA A 411 32.32 28.05 28.77
C ALA A 411 32.15 27.88 27.26
N ALA A 412 30.98 27.50 26.77
CA ALA A 412 30.71 27.43 25.35
C ALA A 412 30.22 28.76 24.83
N GLY A 413 30.33 28.98 23.53
CA GLY A 413 29.63 30.12 22.91
C GLY A 413 28.13 29.89 22.93
N PHE A 414 27.75 28.70 22.44
CA PHE A 414 26.36 28.27 22.35
C PHE A 414 26.24 26.87 22.94
N GLN A 415 25.25 26.67 23.80
CA GLN A 415 24.96 25.37 24.43
C GLN A 415 23.52 24.98 24.14
N ALA A 416 23.37 23.81 23.52
CA ALA A 416 22.07 23.19 23.32
C ALA A 416 21.94 22.04 24.30
N ARG A 417 20.90 22.08 25.13
CA ARG A 417 20.56 20.91 25.95
C ARG A 417 19.19 20.33 25.65
N THR A 418 18.49 20.88 24.66
CA THR A 418 17.25 20.31 24.18
C THR A 418 17.50 19.84 22.76
N ASN A 419 16.62 19.00 22.23
CA ASN A 419 16.93 18.30 20.98
C ASN A 419 16.65 19.16 19.74
N GLY A 420 17.52 19.02 18.72
CA GLY A 420 17.29 19.67 17.45
C GLY A 420 17.23 21.19 17.49
N VAL A 421 18.08 21.81 18.29
CA VAL A 421 18.21 23.27 18.27
C VAL A 421 18.89 23.64 16.95
N GLU A 422 18.39 24.66 16.27
CA GLU A 422 18.89 25.09 14.96
C GLU A 422 19.58 26.44 15.07
N TYR A 423 20.75 26.54 14.47
CA TYR A 423 21.59 27.72 14.45
C TYR A 423 21.86 28.11 13.01
N LEU A 424 21.52 29.33 12.65
CA LEU A 424 21.68 29.85 11.30
C LEU A 424 22.68 31.00 11.35
N ASN A 425 23.82 30.82 10.72
CA ASN A 425 24.79 31.91 10.54
C ASN A 425 25.25 32.54 11.84
N CYS A 426 25.35 31.72 12.90
CA CYS A 426 25.86 32.18 14.20
C CYS A 426 27.37 32.09 14.24
N ARG A 427 27.97 32.85 15.15
CA ARG A 427 29.42 32.91 15.27
C ARG A 427 29.86 32.83 16.70
N ALA A 428 30.93 32.09 16.96
CA ALA A 428 31.50 31.98 18.30
C ALA A 428 33.00 32.25 18.23
N TYR A 429 33.48 33.18 19.06
CA TYR A 429 34.87 33.56 19.13
C TYR A 429 35.40 33.30 20.54
N ARG A 430 36.55 32.63 20.62
CA ARG A 430 37.36 32.57 21.83
C ARG A 430 36.62 32.02 23.06
N ALA A 431 35.70 31.08 22.83
CA ALA A 431 35.13 30.36 23.98
C ALA A 431 36.25 29.57 24.65
N ALA A 432 36.20 29.50 25.97
CA ALA A 432 37.20 28.75 26.71
C ALA A 432 37.12 27.25 26.46
N MET A 433 35.93 26.78 26.04
CA MET A 433 35.74 25.37 25.71
C MET A 433 35.35 25.26 24.23
N ASP A 434 34.06 25.06 23.94
CA ASP A 434 33.62 24.83 22.56
C ASP A 434 32.88 26.04 22.02
N GLY A 435 33.07 26.38 20.76
CA GLY A 435 32.25 27.44 20.16
C GLY A 435 30.77 27.15 20.27
N PHE A 436 30.41 25.96 19.79
CA PHE A 436 29.06 25.45 19.81
C PHE A 436 29.11 24.05 20.41
N ALA A 437 28.19 23.74 21.31
CA ALA A 437 28.16 22.41 21.87
C ALA A 437 26.76 21.97 22.23
N SER A 438 26.56 20.66 22.17
CA SER A 438 25.41 20.04 22.82
C SER A 438 25.87 19.60 24.22
N ASN A 439 25.25 18.58 24.82
CA ASN A 439 25.71 18.09 26.13
C ASN A 439 25.08 16.72 26.35
N THR A 440 25.32 16.15 27.53
CA THR A 440 24.98 14.76 27.83
C THR A 440 23.55 14.45 27.44
N GLY A 441 23.39 13.43 26.60
CA GLY A 441 22.06 12.95 26.22
C GLY A 441 21.29 13.74 25.19
N VAL A 442 21.91 14.78 24.62
CA VAL A 442 21.22 15.72 23.74
C VAL A 442 21.41 15.31 22.29
N ALA A 443 20.32 15.31 21.54
CA ALA A 443 20.30 14.84 20.17
C ALA A 443 20.45 15.97 19.14
N PHE A 444 21.35 15.73 18.17
CA PHE A 444 21.35 16.39 16.86
C PHE A 444 20.98 17.87 16.79
N PRO A 445 21.82 18.73 17.39
CA PRO A 445 21.76 20.13 16.99
C PRO A 445 22.07 20.27 15.50
N ILE A 446 21.57 21.35 14.88
CA ILE A 446 21.75 21.62 13.48
C ILE A 446 22.46 22.96 13.35
N TYR A 447 23.62 22.95 12.70
CA TYR A 447 24.41 24.16 12.51
C TYR A 447 24.49 24.42 11.02
N ARG A 448 24.00 25.58 10.59
CA ARG A 448 24.03 25.95 9.18
C ARG A 448 24.84 27.23 9.00
N GLU A 449 25.96 27.12 8.27
CA GLU A 449 26.79 28.28 7.93
CA GLU A 449 26.83 28.24 7.94
C GLU A 449 27.26 28.99 9.21
N CYS A 450 27.49 28.23 10.27
CA CYS A 450 28.01 28.78 11.51
C CYS A 450 29.52 28.81 11.48
N LEU A 451 30.10 29.80 12.16
CA LEU A 451 31.53 30.08 12.06
C LEU A 451 32.13 30.15 13.46
N ALA A 452 33.24 29.47 13.67
CA ALA A 452 33.86 29.36 14.98
C ALA A 452 35.32 29.72 14.90
N TYR A 453 35.74 30.70 15.68
CA TYR A 453 37.12 31.23 15.62
C TYR A 453 37.79 31.20 16.97
N ASP A 454 38.91 30.50 17.06
CA ASP A 454 39.80 30.57 18.21
C ASP A 454 39.18 30.07 19.51
N ASN A 455 38.20 29.19 19.42
CA ASN A 455 37.64 28.56 20.61
C ASN A 455 38.66 27.51 21.04
N VAL A 456 38.92 27.41 22.35
CA VAL A 456 40.09 26.65 22.78
C VAL A 456 39.98 25.18 22.42
N ARG A 457 38.87 24.55 22.78
CA ARG A 457 38.77 23.09 22.63
C ARG A 457 38.31 22.70 21.23
N SER A 458 37.15 23.16 20.84
CA SER A 458 36.62 22.84 19.52
C SER A 458 35.72 23.93 18.98
N GLY A 459 35.51 23.92 17.68
CA GLY A 459 34.53 24.82 17.08
C GLY A 459 33.14 24.33 17.38
N PHE A 460 32.90 23.04 17.09
CA PHE A 460 31.60 22.40 17.26
C PHE A 460 31.81 21.10 17.99
N ASN A 461 31.10 20.93 19.11
CA ASN A 461 31.18 19.69 19.89
C ASN A 461 29.80 19.10 20.00
N CYS A 462 29.49 18.20 19.08
CA CYS A 462 28.23 17.45 19.11
C CYS A 462 28.55 15.97 19.20
N SER A 463 29.47 15.65 20.12
CA SER A 463 29.93 14.27 20.35
C SER A 463 29.08 13.52 21.39
N TYR A 464 28.05 14.18 21.89
CA TYR A 464 27.17 13.66 22.94
C TYR A 464 26.02 12.81 22.42
N GLY A 465 25.60 13.11 21.19
CA GLY A 465 24.38 12.55 20.63
C GLY A 465 24.12 12.95 19.18
N GLY A 466 25.21 13.10 18.42
CA GLY A 466 25.14 13.36 17.01
C GLY A 466 25.02 14.84 16.69
N GLY A 467 25.32 15.18 15.47
CA GLY A 467 25.11 16.54 14.99
C GLY A 467 25.01 16.63 13.51
N TYR A 468 24.45 17.75 13.04
CA TYR A 468 24.40 18.06 11.62
C TYR A 468 25.14 19.38 11.44
N VAL A 469 26.29 19.32 10.78
CA VAL A 469 27.25 20.43 10.69
C VAL A 469 27.36 20.76 9.21
N TYR A 470 26.56 21.73 8.77
CA TYR A 470 26.36 22.02 7.36
C TYR A 470 27.01 23.34 6.97
N ASP A 471 28.03 23.28 6.12
CA ASP A 471 28.72 24.44 5.57
C ASP A 471 29.29 25.33 6.67
N CYS A 472 29.69 24.72 7.76
CA CYS A 472 30.27 25.44 8.87
C CYS A 472 31.78 25.58 8.75
N GLU A 473 32.33 26.47 9.56
CA GLU A 473 33.77 26.67 9.59
C GLU A 473 34.25 26.72 11.01
N ALA A 474 35.40 26.11 11.24
CA ALA A 474 36.06 26.18 12.54
C ALA A 474 37.54 26.34 12.31
N HIS A 475 38.07 27.37 12.96
CA HIS A 475 39.45 27.78 12.83
C HIS A 475 40.01 28.07 14.21
N GLY A 476 41.24 27.64 14.46
CA GLY A 476 41.95 28.02 15.69
C GLY A 476 41.64 27.24 16.95
N SER A 477 41.27 25.97 16.81
CA SER A 477 40.91 25.14 17.96
C SER A 477 41.84 23.93 18.06
N GLN A 478 41.69 23.12 19.11
CA GLN A 478 42.34 21.82 19.17
C GLN A 478 41.77 20.92 18.08
N ASN A 479 40.45 20.85 17.97
CA ASN A 479 39.79 20.16 16.86
C ASN A 479 38.64 21.00 16.33
N GLY A 480 38.47 21.03 15.01
CA GLY A 480 37.39 21.83 14.43
C GLY A 480 36.02 21.36 14.87
N VAL A 481 35.77 20.06 14.71
CA VAL A 481 34.49 19.45 15.06
C VAL A 481 34.76 18.17 15.86
N ARG A 482 34.06 18.02 16.98
CA ARG A 482 33.98 16.77 17.74
C ARG A 482 32.63 16.20 17.47
N ILE A 483 32.56 14.96 17.01
CA ILE A 483 31.30 14.40 16.56
C ILE A 483 31.34 12.86 16.61
N ASN A 484 30.27 12.26 17.10
CA ASN A 484 30.14 10.79 17.21
C ASN A 484 29.30 10.15 16.11
N GLY A 485 28.56 10.96 15.39
CA GLY A 485 27.67 10.53 14.35
C GLY A 485 26.92 11.72 13.77
N GLY A 486 26.36 11.53 12.57
CA GLY A 486 25.59 12.56 11.87
C GLY A 486 26.24 12.91 10.56
N ARG A 487 26.40 14.22 10.31
CA ARG A 487 26.92 14.68 9.04
C ARG A 487 27.78 15.92 9.21
N VAL A 488 28.91 15.94 8.52
CA VAL A 488 29.69 17.15 8.28
C VAL A 488 29.72 17.32 6.79
N LYS A 489 28.96 18.28 6.28
CA LYS A 489 28.80 18.47 4.84
C LYS A 489 29.18 19.88 4.48
N GLY A 490 30.12 20.01 3.57
CA GLY A 490 30.65 21.31 3.20
C GLY A 490 31.46 21.94 4.33
N GLY A 491 31.78 23.21 4.13
CA GLY A 491 32.48 23.97 5.13
C GLY A 491 33.97 23.94 4.95
N ARG A 492 34.67 24.55 5.90
CA ARG A 492 36.07 24.81 5.76
C ARG A 492 36.72 24.91 7.14
N TYR A 493 37.85 24.22 7.30
CA TYR A 493 38.49 24.03 8.58
C TYR A 493 39.99 24.29 8.44
N THR A 494 40.54 25.12 9.33
CA THR A 494 41.95 25.47 9.33
C THR A 494 42.47 25.64 10.76
N ARG A 495 43.78 25.63 10.91
CA ARG A 495 44.43 25.99 12.16
C ARG A 495 43.83 25.23 13.34
N ASN A 496 43.72 23.91 13.19
CA ASN A 496 43.26 23.05 14.26
C ASN A 496 44.41 22.14 14.61
N SER A 497 44.89 22.24 15.84
CA SER A 497 46.19 21.69 16.22
C SER A 497 46.23 20.17 16.23
N SER A 498 45.12 19.54 16.60
CA SER A 498 45.05 18.07 16.62
C SER A 498 44.50 17.57 15.30
N SER A 499 43.27 17.95 14.97
CA SER A 499 42.69 17.58 13.67
C SER A 499 41.51 18.45 13.33
N HIS A 500 41.14 18.49 12.07
CA HIS A 500 39.96 19.26 11.66
C HIS A 500 38.66 18.62 12.16
N ILE A 501 38.53 17.31 11.95
N ILE A 501 38.53 17.31 11.97
CA ILE A 501 37.39 16.54 12.44
CA ILE A 501 37.40 16.55 12.48
C ILE A 501 37.89 15.49 13.44
C ILE A 501 37.89 15.50 13.45
N PHE A 502 37.21 15.37 14.58
CA PHE A 502 37.56 14.43 15.64
C PHE A 502 36.32 13.56 15.85
N VAL A 503 36.42 12.31 15.39
CA VAL A 503 35.35 11.35 15.53
C VAL A 503 35.55 10.69 16.90
N THR A 504 34.66 11.04 17.82
CA THR A 504 34.82 10.72 19.23
C THR A 504 33.44 10.78 19.90
N LYS A 505 33.45 10.57 21.21
CA LYS A 505 32.26 10.59 22.05
C LYS A 505 32.56 11.39 23.29
N ASP A 506 31.49 11.86 23.94
CA ASP A 506 31.63 12.44 25.28
C ASP A 506 32.12 11.41 26.29
N VAL A 507 31.51 10.24 26.26
CA VAL A 507 31.90 9.10 27.08
C VAL A 507 31.75 7.85 26.22
N ALA A 508 32.53 6.82 26.51
CA ALA A 508 32.54 5.61 25.70
C ALA A 508 31.16 4.92 25.60
N GLU A 509 30.33 5.06 26.63
CA GLU A 509 29.01 4.42 26.64
C GLU A 509 28.03 4.98 25.59
N THR A 510 28.29 6.20 25.12
CA THR A 510 27.46 6.82 24.07
C THR A 510 27.62 6.03 22.76
N ALA A 511 26.51 5.85 22.05
CA ALA A 511 26.51 5.10 20.79
C ALA A 511 27.13 5.93 19.68
N GLN A 512 28.12 5.35 18.99
CA GLN A 512 28.53 5.86 17.70
C GLN A 512 27.45 5.56 16.69
N THR A 513 27.14 6.53 15.84
CA THR A 513 26.27 6.29 14.68
C THR A 513 27.00 6.66 13.40
N SER A 514 26.39 6.36 12.27
CA SER A 514 27.07 6.64 11.00
C SER A 514 27.40 8.13 10.89
N LEU A 515 28.55 8.40 10.29
CA LEU A 515 29.01 9.76 10.04
C LEU A 515 29.37 9.91 8.59
N GLU A 516 28.76 10.91 7.93
CA GLU A 516 29.10 11.29 6.56
C GLU A 516 29.96 12.54 6.64
N ILE A 517 31.13 12.52 6.03
CA ILE A 517 31.97 13.70 5.87
C ILE A 517 32.11 13.90 4.38
N ASP A 518 31.42 14.90 3.83
CA ASP A 518 31.33 15.07 2.39
C ASP A 518 31.48 16.53 1.99
N GLY A 519 32.37 16.80 1.03
CA GLY A 519 32.52 18.15 0.48
C GLY A 519 33.19 19.14 1.40
N VAL A 520 33.94 18.64 2.37
CA VAL A 520 34.56 19.46 3.40
C VAL A 520 35.97 19.88 2.97
N SER A 521 36.27 21.16 3.11
CA SER A 521 37.64 21.61 2.95
C SER A 521 38.37 21.48 4.27
N MET A 522 39.34 20.57 4.33
CA MET A 522 40.09 20.31 5.55
C MET A 522 41.54 20.02 5.17
N ARG A 523 42.12 21.03 4.54
CA ARG A 523 43.44 20.97 3.98
C ARG A 523 44.52 21.04 5.05
N TYR A 524 45.72 20.62 4.68
CA TYR A 524 46.87 20.77 5.56
C TYR A 524 47.40 22.20 5.45
N ASP A 525 47.55 22.84 6.60
CA ASP A 525 48.04 24.22 6.67
C ASP A 525 49.18 24.34 7.70
N GLY A 526 49.88 23.24 7.94
CA GLY A 526 50.97 23.22 8.92
C GLY A 526 50.55 22.87 10.32
N THR A 527 49.26 22.54 10.53
CA THR A 527 48.71 22.26 11.85
C THR A 527 48.31 20.77 11.93
N GLY A 528 47.06 20.48 12.27
CA GLY A 528 46.64 19.10 12.57
C GLY A 528 46.34 18.29 11.33
N ARG A 529 45.91 17.07 11.60
CA ARG A 529 45.53 16.13 10.55
C ARG A 529 44.09 16.39 10.13
N ALA A 530 43.63 15.69 9.11
CA ALA A 530 42.27 15.91 8.61
C ALA A 530 41.24 15.31 9.56
N VAL A 531 41.40 14.02 9.89
CA VAL A 531 40.41 13.33 10.70
C VAL A 531 41.11 12.46 11.75
N TYR A 532 40.63 12.55 12.98
CA TYR A 532 41.15 11.79 14.13
C TYR A 532 40.07 10.79 14.53
N PHE A 533 40.41 9.50 14.49
CA PHE A 533 39.51 8.42 14.90
C PHE A 533 39.89 7.95 16.30
N HIS A 534 38.94 8.05 17.23
CA HIS A 534 39.22 7.83 18.66
C HIS A 534 38.93 6.39 19.06
N GLY A 535 39.91 5.52 18.83
CA GLY A 535 39.79 4.11 19.22
C GLY A 535 39.54 3.88 20.70
N THR A 536 40.10 4.77 21.52
CA THR A 536 39.96 4.69 22.97
C THR A 536 38.51 4.57 23.45
N VAL A 537 37.60 5.27 22.78
CA VAL A 537 36.18 5.24 23.17
C VAL A 537 35.31 4.37 22.26
N GLY A 538 35.95 3.53 21.45
CA GLY A 538 35.25 2.53 20.65
C GLY A 538 34.79 2.98 19.28
N ILE A 539 35.42 4.00 18.72
CA ILE A 539 35.09 4.44 17.37
C ILE A 539 35.54 3.42 16.34
N ASP A 540 34.58 2.99 15.52
CA ASP A 540 34.78 2.12 14.38
C ASP A 540 34.86 3.02 13.15
N PRO A 541 36.05 3.11 12.52
CA PRO A 541 36.15 3.99 11.34
C PRO A 541 35.26 3.62 10.16
N THR A 542 34.81 2.36 10.08
CA THR A 542 33.99 1.96 8.95
C THR A 542 32.57 2.55 9.00
N LEU A 543 32.15 3.09 10.16
CA LEU A 543 30.89 3.85 10.25
C LEU A 543 31.02 5.27 9.72
N VAL A 544 32.22 5.67 9.32
CA VAL A 544 32.47 6.96 8.71
C VAL A 544 32.63 6.75 7.21
N SER A 545 32.07 7.67 6.42
CA SER A 545 32.26 7.69 4.96
CA SER A 545 32.29 7.69 4.97
C SER A 545 32.77 9.08 4.59
N MET A 546 33.76 9.13 3.69
CA MET A 546 34.43 10.37 3.32
C MET A 546 34.44 10.53 1.83
N SER A 547 33.65 11.46 1.31
CA SER A 547 33.52 11.64 -0.13
C SER A 547 33.77 13.09 -0.53
N ASN A 548 34.55 13.27 -1.60
CA ASN A 548 34.71 14.57 -2.24
C ASN A 548 35.19 15.66 -1.28
N ASN A 549 36.08 15.30 -0.37
CA ASN A 549 36.69 16.27 0.54
C ASN A 549 38.03 16.76 -0.01
N ASP A 550 38.39 17.99 0.35
CA ASP A 550 39.70 18.52 0.02
C ASP A 550 40.59 18.34 1.21
N MET A 551 41.50 17.38 1.08
CA MET A 551 42.45 17.02 2.12
C MET A 551 43.88 17.28 1.64
N THR A 552 44.02 18.24 0.73
CA THR A 552 45.30 18.56 0.10
C THR A 552 46.38 18.86 1.13
N GLY A 553 47.53 18.21 0.96
CA GLY A 553 48.73 18.53 1.71
C GLY A 553 49.01 17.63 2.90
N HIS A 554 48.05 16.80 3.29
CA HIS A 554 48.25 15.94 4.45
C HIS A 554 49.19 14.76 4.20
N GLY A 555 49.42 14.41 2.94
CA GLY A 555 50.28 13.27 2.58
C GLY A 555 49.83 11.98 3.27
N LEU A 556 50.80 11.28 3.85
CA LEU A 556 50.51 10.06 4.59
C LEU A 556 49.87 10.29 5.95
N PHE A 557 49.69 11.56 6.34
CA PHE A 557 49.23 11.91 7.69
C PHE A 557 47.87 12.58 7.67
N TRP A 558 46.99 12.12 6.77
CA TRP A 558 45.62 12.64 6.75
C TRP A 558 44.80 12.17 7.94
N ALA A 559 45.13 11.01 8.49
CA ALA A 559 44.41 10.48 9.65
C ALA A 559 45.28 10.40 10.88
N LEU A 560 44.67 10.67 12.02
CA LEU A 560 45.23 10.38 13.34
C LEU A 560 44.36 9.29 13.96
N LEU A 561 45.02 8.33 14.59
CA LEU A 561 44.33 7.26 15.32
C LEU A 561 45.00 7.06 16.68
N SER A 562 44.19 6.83 17.71
CA SER A 562 44.71 6.50 19.04
C SER A 562 43.81 5.46 19.71
N GLY A 563 44.41 4.66 20.59
CA GLY A 563 43.66 3.68 21.37
C GLY A 563 43.13 2.43 20.67
N TYR A 564 43.63 2.12 19.46
CA TYR A 564 43.26 0.86 18.78
C TYR A 564 44.16 -0.28 19.25
N THR A 565 43.55 -1.43 19.53
CA THR A 565 44.26 -2.64 19.96
C THR A 565 44.74 -3.44 18.74
N VAL A 566 43.96 -3.36 17.66
CA VAL A 566 44.31 -3.98 16.38
C VAL A 566 43.98 -2.97 15.26
N GLN A 567 44.73 -3.06 14.15
CA GLN A 567 44.56 -2.16 13.02
C GLN A 567 43.11 -2.16 12.56
N PRO A 568 42.41 -1.00 12.66
CA PRO A 568 41.02 -0.97 12.23
C PRO A 568 40.91 -0.87 10.70
N THR A 569 39.73 -1.20 10.19
CA THR A 569 39.39 -1.04 8.79
C THR A 569 39.07 0.44 8.56
N PRO A 570 39.50 1.02 7.42
CA PRO A 570 39.28 2.46 7.18
C PRO A 570 37.83 2.81 6.86
N PRO A 571 37.50 4.11 6.86
CA PRO A 571 36.23 4.54 6.28
C PRO A 571 36.17 4.22 4.81
N ARG A 572 34.96 4.14 4.27
CA ARG A 572 34.80 4.23 2.83
C ARG A 572 35.28 5.61 2.39
N MET A 573 36.05 5.67 1.32
CA MET A 573 36.61 6.91 0.81
C MET A 573 36.36 7.02 -0.69
N SER A 574 35.77 8.13 -1.12
CA SER A 574 35.44 8.32 -2.54
C SER A 574 35.84 9.68 -3.06
N ARG A 575 36.86 9.69 -3.91
CA ARG A 575 37.22 10.82 -4.77
C ARG A 575 37.57 12.07 -3.98
N ASN A 576 38.28 11.86 -2.87
CA ASN A 576 38.87 12.96 -2.12
C ASN A 576 40.16 13.43 -2.79
N LEU A 577 40.57 14.67 -2.47
CA LEU A 577 41.80 15.23 -2.98
C LEU A 577 42.84 15.19 -1.89
N LEU A 578 44.00 14.57 -2.17
CA LEU A 578 45.10 14.53 -1.20
C LEU A 578 46.34 15.31 -1.63
N ASP A 579 46.56 15.43 -2.93
CA ASP A 579 47.70 16.16 -3.46
C ASP A 579 47.25 17.05 -4.59
N ASP A 580 48.06 18.08 -4.86
CA ASP A 580 47.78 19.05 -5.90
C ASP A 580 48.77 19.06 -7.05
N THR A 581 49.80 18.22 -6.97
CA THR A 581 50.84 18.12 -7.99
C THR A 581 51.09 16.64 -8.23
N GLY A 582 51.44 16.28 -9.45
CA GLY A 582 51.68 14.89 -9.78
C GLY A 582 50.40 14.06 -9.67
N ILE A 583 49.28 14.64 -10.06
CA ILE A 583 47.96 14.02 -9.86
C ILE A 583 47.11 13.77 -11.11
N ARG A 584 47.59 14.19 -12.28
CA ARG A 584 46.95 13.85 -13.55
C ARG A 584 47.99 13.85 -14.65
N GLY A 585 47.84 12.93 -15.59
CA GLY A 585 48.74 12.86 -16.74
C GLY A 585 48.28 11.80 -17.72
N VAL A 586 49.17 11.51 -18.67
CA VAL A 586 48.94 10.50 -19.69
C VAL A 586 50.21 9.68 -19.79
N ALA A 587 50.03 8.36 -19.80
CA ALA A 587 51.13 7.41 -19.97
C ALA A 587 50.86 6.58 -21.22
N THR A 588 51.91 6.09 -21.86
CA THR A 588 51.78 5.23 -23.03
C THR A 588 52.34 3.88 -22.69
N LEU A 589 51.50 2.84 -22.79
CA LEU A 589 51.92 1.49 -22.50
C LEU A 589 52.90 1.00 -23.58
N VAL A 590 53.89 0.24 -23.14
CA VAL A 590 54.79 -0.52 -24.02
C VAL A 590 54.73 -1.96 -23.52
N ALA A 591 54.43 -2.90 -24.40
CA ALA A 591 54.28 -4.30 -24.00
C ALA A 591 53.40 -4.44 -22.73
N GLY A 592 52.27 -3.74 -22.75
CA GLY A 592 51.27 -3.83 -21.69
C GLY A 592 51.58 -3.13 -20.37
N GLU A 593 52.64 -2.31 -20.30
CA GLU A 593 53.00 -1.67 -19.04
C GLU A 593 53.61 -0.28 -19.21
N ALA A 594 53.43 0.53 -18.17
CA ALA A 594 54.11 1.82 -18.03
C ALA A 594 54.32 2.12 -16.57
N THR A 595 55.47 2.71 -16.26
CA THR A 595 55.75 3.23 -14.94
C THR A 595 55.51 4.74 -14.95
N VAL A 596 54.72 5.22 -13.99
CA VAL A 596 54.28 6.62 -13.93
C VAL A 596 54.80 7.24 -12.63
N ASN A 597 55.60 8.30 -12.71
CA ASN A 597 55.92 9.08 -11.52
C ASN A 597 54.74 9.99 -11.21
N ALA A 598 54.26 9.93 -9.97
CA ALA A 598 53.05 10.64 -9.56
C ALA A 598 52.97 10.61 -8.06
N ARG A 599 52.20 11.52 -7.47
CA ARG A 599 51.96 11.51 -6.03
C ARG A 599 50.86 10.53 -5.65
N VAL A 600 51.06 9.29 -6.07
CA VAL A 600 50.33 8.16 -5.55
C VAL A 600 50.84 7.93 -4.13
N ARG A 601 49.95 7.46 -3.25
CA ARG A 601 50.22 7.37 -1.83
C ARG A 601 49.60 6.10 -1.25
N GLY A 602 50.13 5.65 -0.13
CA GLY A 602 49.45 4.61 0.65
C GLY A 602 50.22 4.18 1.87
N ASN A 603 49.55 3.42 2.72
CA ASN A 603 50.19 2.73 3.82
C ASN A 603 49.86 1.27 3.75
N PHE A 604 50.89 0.44 3.77
CA PHE A 604 50.77 -1.02 3.66
C PHE A 604 51.21 -1.75 4.92
N GLY A 605 51.57 -0.99 5.95
CA GLY A 605 51.91 -1.54 7.26
C GLY A 605 50.73 -2.03 8.07
N SER A 606 51.05 -2.58 9.24
CA SER A 606 50.08 -3.22 10.12
C SER A 606 50.02 -2.58 11.52
N VAL A 607 50.61 -1.39 11.68
CA VAL A 607 50.63 -0.70 12.98
C VAL A 607 49.18 -0.48 13.43
N ALA A 608 48.91 -0.77 14.70
CA ALA A 608 47.55 -0.73 15.24
C ALA A 608 46.88 0.63 15.02
N ASN A 609 47.56 1.72 15.35
CA ASN A 609 47.01 3.07 15.14
C ASN A 609 47.34 3.62 13.77
N SER A 610 46.87 2.90 12.74
CA SER A 610 47.05 3.29 11.35
C SER A 610 46.00 2.58 10.51
N PHE A 611 45.80 3.06 9.29
CA PHE A 611 44.98 2.39 8.29
C PHE A 611 45.88 1.85 7.21
N LYS A 612 45.46 0.74 6.61
CA LYS A 612 46.03 0.29 5.36
C LYS A 612 45.16 0.86 4.26
N TRP A 613 45.78 1.55 3.30
CA TRP A 613 45.03 2.24 2.24
C TRP A 613 45.96 2.58 1.11
N VAL A 614 45.36 2.90 -0.03
CA VAL A 614 46.11 3.39 -1.17
C VAL A 614 45.23 4.34 -1.99
N SER A 615 45.86 5.23 -2.76
CA SER A 615 45.17 6.11 -3.68
C SER A 615 44.22 5.37 -4.61
N GLU A 616 43.08 5.99 -4.95
CA GLU A 616 42.24 5.57 -6.07
C GLU A 616 42.79 6.25 -7.30
N VAL A 617 43.36 5.46 -8.21
CA VAL A 617 43.85 5.96 -9.47
C VAL A 617 42.82 5.61 -10.56
N LYS A 618 42.18 6.64 -11.07
CA LYS A 618 41.20 6.52 -12.13
C LYS A 618 41.93 6.48 -13.46
N LEU A 619 41.70 5.42 -14.23
CA LEU A 619 42.32 5.24 -15.53
C LEU A 619 41.28 5.30 -16.65
N THR A 620 41.59 6.03 -17.71
CA THR A 620 40.76 6.12 -18.91
C THR A 620 41.66 6.01 -20.14
N ARG A 621 41.23 5.21 -21.10
CA ARG A 621 41.98 4.95 -22.30
C ARG A 621 41.74 6.04 -23.35
N LEU A 622 42.84 6.56 -23.93
CA LEU A 622 42.80 7.66 -24.90
C LEU A 622 43.20 7.28 -26.34
N THR A 623 43.84 6.12 -26.54
CA THR A 623 44.01 5.52 -27.87
C THR A 623 43.56 4.08 -27.81
N PHE A 624 43.23 3.53 -28.98
CA PHE A 624 42.41 2.32 -29.08
C PHE A 624 43.04 1.27 -29.99
N PRO A 625 44.25 0.83 -29.63
CA PRO A 625 44.89 -0.22 -30.43
C PRO A 625 44.15 -1.56 -30.29
N SER A 626 44.35 -2.46 -31.27
CA SER A 626 43.71 -3.79 -31.22
C SER A 626 44.13 -4.61 -29.99
N SER A 627 45.28 -4.25 -29.40
CA SER A 627 45.84 -4.88 -28.21
C SER A 627 45.33 -4.32 -26.88
N ALA A 628 44.28 -3.51 -26.91
CA ALA A 628 43.70 -2.95 -25.70
C ALA A 628 43.22 -4.09 -24.79
N GLY A 629 43.71 -4.09 -23.55
CA GLY A 629 43.26 -4.99 -22.51
C GLY A 629 42.73 -4.27 -21.29
N ALA A 630 42.37 -5.05 -20.28
CA ALA A 630 41.89 -4.49 -19.02
C ALA A 630 43.07 -3.95 -18.21
N LEU A 631 42.86 -2.79 -17.59
CA LEU A 631 43.94 -2.03 -16.97
C LEU A 631 43.86 -2.10 -15.46
N THR A 632 45.03 -2.10 -14.83
CA THR A 632 45.10 -2.11 -13.37
C THR A 632 46.29 -1.33 -12.90
N VAL A 633 46.27 -0.93 -11.63
CA VAL A 633 47.39 -0.32 -10.97
C VAL A 633 48.09 -1.33 -10.10
N THR A 634 49.41 -1.38 -10.22
CA THR A 634 50.23 -2.19 -9.34
C THR A 634 51.56 -1.46 -9.07
N SER A 635 52.44 -2.14 -8.33
CA SER A 635 53.80 -1.68 -8.05
C SER A 635 53.83 -0.22 -7.55
N VAL A 636 52.99 0.09 -6.57
CA VAL A 636 53.04 1.42 -5.96
C VAL A 636 54.34 1.50 -5.17
N ALA A 637 55.16 2.50 -5.49
CA ALA A 637 56.42 2.74 -4.82
C ALA A 637 56.40 4.16 -4.28
N GLN A 638 56.90 4.31 -3.06
CA GLN A 638 56.98 5.60 -2.44
C GLN A 638 58.42 5.89 -2.08
N ASN A 639 58.92 7.02 -2.58
CA ASN A 639 60.27 7.42 -2.32
C ASN A 639 60.45 7.61 -0.80
N GLN A 640 61.51 7.04 -0.26
CA GLN A 640 61.84 7.20 1.15
C GLN A 640 63.26 7.69 1.30
N ASP A 641 63.67 8.62 0.43
CA ASP A 641 64.94 9.32 0.61
C ASP A 641 64.99 9.95 2.00
N VAL A 642 66.19 9.96 2.57
CA VAL A 642 66.45 10.49 3.91
C VAL A 642 67.46 11.63 3.76
N PRO A 643 67.31 12.75 4.49
CA PRO A 643 66.34 12.97 5.59
C PRO A 643 64.84 13.01 5.25
N THR A 644 64.46 13.76 4.21
CA THR A 644 63.02 13.97 3.89
C THR A 644 62.61 13.32 2.55
N PRO A 645 61.48 12.55 2.53
CA PRO A 645 61.05 11.92 1.26
C PRO A 645 60.69 12.92 0.17
N ASN A 646 60.87 12.54 -1.09
CA ASN A 646 60.43 13.32 -2.24
C ASN A 646 59.25 12.60 -2.92
N PRO A 647 58.01 13.06 -2.65
CA PRO A 647 56.85 12.38 -3.24
C PRO A 647 56.72 12.49 -4.77
N ASP A 648 57.42 13.42 -5.42
CA ASP A 648 57.40 13.42 -6.90
C ASP A 648 58.18 12.27 -7.56
N LEU A 649 58.96 11.53 -6.77
CA LEU A 649 59.52 10.27 -7.25
C LEU A 649 58.76 9.04 -6.75
N ASN A 650 57.62 9.23 -6.11
CA ASN A 650 56.68 8.12 -5.97
C ASN A 650 56.29 7.65 -7.36
N SER A 651 55.84 6.40 -7.45
CA SER A 651 55.44 5.87 -8.75
C SER A 651 54.43 4.76 -8.64
N PHE A 652 53.75 4.51 -9.74
CA PHE A 652 52.92 3.31 -9.88
C PHE A 652 53.07 2.75 -11.29
N VAL A 653 52.67 1.49 -11.46
CA VAL A 653 52.65 0.85 -12.77
C VAL A 653 51.23 0.67 -13.23
N ILE A 654 50.96 1.06 -14.47
CA ILE A 654 49.74 0.68 -15.16
C ILE A 654 50.06 -0.60 -15.92
N ARG A 655 49.30 -1.66 -15.65
CA ARG A 655 49.48 -2.92 -16.35
C ARG A 655 48.19 -3.32 -17.02
N SER A 656 48.33 -3.83 -18.25
CA SER A 656 47.22 -4.35 -19.05
C SER A 656 47.18 -5.87 -18.98
N SER A 657 45.97 -6.41 -19.09
CA SER A 657 45.79 -7.86 -19.21
C SER A 657 46.33 -8.37 -20.56
N ASN A 658 46.48 -7.48 -21.54
CA ASN A 658 47.07 -7.85 -22.83
C ASN A 658 48.52 -7.41 -22.86
N ALA A 659 49.43 -8.38 -23.02
CA ALA A 659 50.86 -8.09 -22.94
C ALA A 659 51.42 -7.33 -24.14
N ALA A 660 50.60 -7.15 -25.18
CA ALA A 660 50.98 -6.32 -26.34
C ALA A 660 50.39 -4.89 -26.29
N ASP A 661 49.64 -4.57 -25.25
CA ASP A 661 48.89 -3.28 -25.19
C ASP A 661 49.84 -2.09 -25.29
N VAL A 662 49.51 -1.17 -26.20
CA VAL A 662 50.26 0.08 -26.40
C VAL A 662 49.35 1.32 -26.23
N SER A 663 48.25 1.14 -25.51
CA SER A 663 47.29 2.24 -25.28
C SER A 663 47.94 3.43 -24.56
N GLN A 664 47.54 4.63 -24.98
CA GLN A 664 47.71 5.82 -24.15
C GLN A 664 46.60 5.80 -23.09
N VAL A 665 46.99 6.05 -21.84
CA VAL A 665 46.09 5.95 -20.69
C VAL A 665 46.20 7.23 -19.85
N ALA A 666 45.08 7.92 -19.69
CA ALA A 666 44.94 9.03 -18.76
C ALA A 666 44.80 8.48 -17.35
N TRP A 667 45.50 9.11 -16.42
CA TRP A 667 45.48 8.71 -15.01
C TRP A 667 45.20 9.93 -14.16
N GLU A 668 44.48 9.72 -13.07
CA GLU A 668 44.05 10.77 -12.13
C GLU A 668 44.13 10.19 -10.74
N VAL A 669 44.78 10.92 -9.83
CA VAL A 669 45.05 10.42 -8.48
C VAL A 669 44.13 11.08 -7.44
N TYR A 670 43.29 10.24 -6.83
CA TYR A 670 42.42 10.64 -5.73
C TYR A 670 42.80 9.88 -4.47
N LEU A 671 42.16 10.25 -3.37
CA LEU A 671 42.11 9.45 -2.16
C LEU A 671 40.70 8.85 -2.10
N SER B 38 4.80 93.39 23.25
CA SER B 38 6.03 92.58 23.51
C SER B 38 6.04 92.06 24.95
N MET B 39 5.99 90.74 25.07
CA MET B 39 6.11 90.06 26.36
C MET B 39 7.47 90.33 27.00
N VAL B 40 8.53 90.31 26.18
CA VAL B 40 9.91 90.56 26.64
C VAL B 40 10.24 92.00 27.07
N ALA B 41 9.26 92.92 27.01
CA ALA B 41 9.43 94.30 27.48
C ALA B 41 8.75 94.61 28.83
N TYR B 42 7.75 93.81 29.23
CA TYR B 42 6.95 94.06 30.45
C TYR B 42 7.86 94.17 31.69
N PRO B 43 7.91 95.37 32.32
CA PRO B 43 8.95 95.64 33.33
C PRO B 43 8.73 95.05 34.73
N ASN B 44 7.48 94.70 35.07
CA ASN B 44 7.10 94.43 36.46
C ASN B 44 6.69 92.95 36.69
N PHE B 45 7.48 92.02 36.15
CA PHE B 45 7.23 90.57 36.32
C PHE B 45 7.59 90.12 37.75
N GLN B 46 6.79 89.19 38.30
CA GLN B 46 7.06 88.57 39.60
C GLN B 46 7.06 87.05 39.50
N VAL B 47 7.73 86.41 40.46
CA VAL B 47 7.88 84.94 40.51
C VAL B 47 6.51 84.25 40.69
N GLN B 48 5.60 84.94 41.39
CA GLN B 48 4.25 84.45 41.71
C GLN B 48 3.30 84.36 40.48
N ASP B 49 3.57 85.14 39.44
CA ASP B 49 2.64 85.30 38.31
C ASP B 49 2.44 84.02 37.51
N LYS B 50 1.23 83.85 36.98
CA LYS B 50 1.05 83.01 35.81
C LYS B 50 1.01 83.94 34.58
N ILE B 51 1.76 83.55 33.55
CA ILE B 51 2.03 84.42 32.40
C ILE B 51 1.66 83.64 31.15
N THR B 52 1.04 84.30 30.17
CA THR B 52 0.63 83.67 28.90
C THR B 52 1.05 84.49 27.68
N LEU B 53 1.75 83.82 26.73
CA LEU B 53 2.06 84.38 25.40
C LEU B 53 1.04 83.88 24.38
N LEU B 54 0.70 84.72 23.41
CA LEU B 54 -0.19 84.34 22.30
C LEU B 54 0.56 84.19 20.99
N GLY B 55 -0.12 83.62 20.00
CA GLY B 55 0.43 83.44 18.66
C GLY B 55 0.94 82.04 18.42
N SER B 56 1.68 81.88 17.33
CA SER B 56 2.15 80.55 16.87
C SER B 56 3.13 79.88 17.83
N ALA B 57 3.79 80.68 18.68
CA ALA B 57 4.72 80.18 19.69
C ALA B 57 4.17 80.34 21.11
N GLY B 58 2.85 80.49 21.24
CA GLY B 58 2.21 80.81 22.52
C GLY B 58 2.27 79.69 23.53
N GLY B 59 2.00 80.04 24.78
CA GLY B 59 2.08 79.11 25.92
C GLY B 59 2.11 79.84 27.25
N ASP B 60 2.29 79.07 28.33
CA ASP B 60 2.37 79.59 29.69
C ASP B 60 3.83 79.69 30.13
N PHE B 61 4.12 80.69 30.96
CA PHE B 61 5.49 81.02 31.35
C PHE B 61 5.64 81.32 32.84
N THR B 62 6.86 81.15 33.34
CA THR B 62 7.26 81.46 34.73
C THR B 62 8.38 82.48 34.67
N PHE B 63 8.27 83.53 35.49
CA PHE B 63 9.36 84.49 35.67
C PHE B 63 10.35 83.97 36.72
N THR B 64 11.64 84.12 36.43
CA THR B 64 12.69 83.79 37.39
C THR B 64 13.85 84.76 37.26
N THR B 65 14.60 84.88 38.36
CA THR B 65 15.84 85.64 38.43
C THR B 65 17.07 84.76 38.18
N THR B 66 16.96 83.44 38.43
CA THR B 66 18.14 82.55 38.25
C THR B 66 18.60 82.52 36.79
N ALA B 67 19.92 82.42 36.62
CA ALA B 67 20.57 82.49 35.32
C ALA B 67 20.04 81.39 34.40
N SER B 68 19.82 81.76 33.15
CA SER B 68 19.18 80.88 32.17
C SER B 68 19.73 81.18 30.78
N VAL B 69 19.73 80.16 29.92
CA VAL B 69 20.29 80.33 28.57
C VAL B 69 19.16 80.70 27.62
N VAL B 70 19.19 81.94 27.13
CA VAL B 70 18.15 82.45 26.23
C VAL B 70 18.19 81.72 24.89
N ASP B 71 17.02 81.27 24.46
CA ASP B 71 16.84 80.66 23.13
C ASP B 71 15.62 81.15 22.35
N ASN B 72 14.88 82.11 22.91
CA ASN B 72 13.65 82.63 22.32
C ASN B 72 12.68 81.55 21.83
N GLY B 73 12.55 80.51 22.65
CA GLY B 73 11.56 79.47 22.46
C GLY B 73 11.10 78.87 23.78
N THR B 74 12.06 78.46 24.60
CA THR B 74 11.79 78.01 25.99
C THR B 74 12.29 78.99 27.06
N VAL B 75 13.24 79.86 26.71
CA VAL B 75 13.80 80.85 27.64
C VAL B 75 13.86 82.19 26.90
N PHE B 76 13.23 83.22 27.47
CA PHE B 76 13.30 84.60 26.93
C PHE B 76 13.89 85.53 27.99
N ALA B 77 14.70 86.48 27.56
CA ALA B 77 15.17 87.55 28.45
C ALA B 77 14.07 88.60 28.62
N VAL B 78 13.87 89.04 29.86
CA VAL B 78 12.93 90.12 30.18
C VAL B 78 13.58 91.04 31.23
N PRO B 79 13.03 92.25 31.44
CA PRO B 79 13.58 93.14 32.46
C PRO B 79 13.72 92.47 33.82
N GLY B 80 14.96 92.37 34.28
CA GLY B 80 15.28 91.83 35.61
C GLY B 80 15.35 90.32 35.73
N GLY B 81 15.20 89.59 34.63
CA GLY B 81 15.24 88.13 34.70
C GLY B 81 14.93 87.43 33.40
N TYR B 82 14.23 86.30 33.50
CA TYR B 82 13.88 85.47 32.34
C TYR B 82 12.47 84.93 32.47
N LEU B 83 11.84 84.64 31.33
CA LEU B 83 10.60 83.88 31.26
C LEU B 83 10.93 82.48 30.74
N LEU B 84 10.51 81.48 31.51
CA LEU B 84 10.71 80.09 31.18
C LEU B 84 9.36 79.47 30.79
N ARG B 85 9.30 78.85 29.62
CA ARG B 85 8.09 78.18 29.17
C ARG B 85 7.83 76.97 30.06
N LYS B 86 6.58 76.82 30.45
CA LYS B 86 6.14 75.70 31.28
C LYS B 86 5.69 74.59 30.39
N PHE B 87 6.34 73.43 30.51
CA PHE B 87 5.97 72.26 29.73
C PHE B 87 6.55 70.99 30.28
N VAL B 88 5.94 69.89 29.87
CA VAL B 88 6.42 68.56 30.18
C VAL B 88 6.44 67.81 28.84
N GLY B 89 7.33 66.83 28.70
CA GLY B 89 7.52 66.15 27.43
C GLY B 89 8.37 66.99 26.47
N PRO B 90 8.21 66.76 25.16
CA PRO B 90 9.13 67.42 24.22
C PRO B 90 8.90 68.90 24.02
N ALA B 91 9.96 69.60 23.63
CA ALA B 91 9.83 70.94 23.07
C ALA B 91 9.45 70.81 21.60
N TYR B 92 8.92 71.90 21.03
CA TYR B 92 8.53 71.96 19.62
C TYR B 92 9.24 73.11 18.90
N SER B 93 9.64 72.86 17.67
CA SER B 93 10.32 73.91 16.92
C SER B 93 9.44 75.14 16.67
N SER B 94 8.11 74.92 16.61
CA SER B 94 7.16 76.03 16.46
C SER B 94 7.15 77.02 17.63
N TRP B 95 7.77 76.63 18.75
CA TRP B 95 7.93 77.56 19.88
C TRP B 95 9.02 78.62 19.69
N PHE B 96 9.94 78.40 18.75
CA PHE B 96 11.15 79.20 18.62
C PHE B 96 10.99 80.30 17.57
N SER B 97 11.54 81.46 17.88
N SER B 97 11.55 81.47 17.88
CA SER B 97 11.52 82.59 16.96
CA SER B 97 11.52 82.59 16.95
C SER B 97 12.43 82.41 15.74
C SER B 97 12.44 82.42 15.73
N ASN B 98 13.52 81.64 15.88
CA ASN B 98 14.54 81.50 14.83
C ASN B 98 15.32 80.22 14.97
N TRP B 99 15.89 79.80 13.85
CA TRP B 99 16.86 78.73 13.80
C TRP B 99 17.96 78.85 14.86
N THR B 100 18.49 80.06 15.06
CA THR B 100 19.58 80.23 16.02
C THR B 100 19.17 79.79 17.43
N GLY B 101 17.89 80.01 17.78
CA GLY B 101 17.34 79.54 19.04
C GLY B 101 17.27 78.03 19.15
N ILE B 102 16.88 77.38 18.06
CA ILE B 102 16.88 75.91 17.96
C ILE B 102 18.31 75.38 18.22
N VAL B 103 19.30 76.01 17.58
CA VAL B 103 20.71 75.63 17.76
C VAL B 103 21.14 75.79 19.23
N THR B 104 20.80 76.93 19.81
CA THR B 104 21.11 77.15 21.22
C THR B 104 20.46 76.08 22.13
N PHE B 105 19.19 75.78 21.89
CA PHE B 105 18.48 74.77 22.68
C PHE B 105 19.21 73.41 22.61
N MET B 106 19.56 72.98 21.40
CA MET B 106 20.18 71.67 21.22
C MET B 106 21.67 71.63 21.57
N SER B 107 22.27 72.80 21.84
CA SER B 107 23.66 72.84 22.26
C SER B 107 23.92 72.27 23.66
N ALA B 108 22.85 71.97 24.40
CA ALA B 108 22.92 71.30 25.68
C ALA B 108 22.49 69.85 25.54
N PRO B 109 22.97 68.99 26.45
CA PRO B 109 22.46 67.61 26.49
C PRO B 109 21.06 67.54 27.09
N ASN B 110 20.47 66.36 27.06
CA ASN B 110 19.20 66.08 27.73
C ASN B 110 18.02 66.80 27.08
N ARG B 111 18.05 66.93 25.76
CA ARG B 111 17.02 67.65 25.02
C ARG B 111 16.14 66.74 24.19
N HIS B 112 14.83 66.98 24.20
CA HIS B 112 13.93 66.32 23.29
C HIS B 112 13.20 67.43 22.53
N LEU B 113 13.45 67.49 21.22
CA LEU B 113 12.84 68.49 20.36
C LEU B 113 12.13 67.80 19.22
N VAL B 114 10.87 68.18 19.03
CA VAL B 114 10.08 67.78 17.89
C VAL B 114 10.10 68.92 16.86
N VAL B 115 10.57 68.61 15.66
CA VAL B 115 10.55 69.53 14.53
C VAL B 115 9.17 69.41 13.86
N ASP B 116 8.29 70.36 14.17
CA ASP B 116 6.94 70.42 13.62
C ASP B 116 6.75 71.54 12.59
N THR B 117 7.85 72.14 12.16
CA THR B 117 7.83 73.22 11.18
C THR B 117 8.97 73.04 10.18
N VAL B 118 8.91 73.81 9.10
CA VAL B 118 9.95 73.81 8.10
C VAL B 118 11.00 74.83 8.54
N LEU B 119 12.15 74.33 9.00
CA LEU B 119 13.25 75.14 9.50
C LEU B 119 14.21 75.49 8.37
N GLN B 120 14.66 76.75 8.38
CA GLN B 120 15.67 77.22 7.43
C GLN B 120 16.99 77.36 8.17
N ALA B 121 17.92 76.45 7.91
CA ALA B 121 19.22 76.48 8.57
C ALA B 121 20.09 77.64 8.06
N THR B 122 20.84 78.21 8.99
CA THR B 122 21.90 79.18 8.69
C THR B 122 23.22 78.87 9.41
N SER B 123 23.29 77.67 9.99
CA SER B 123 24.43 77.20 10.74
C SER B 123 24.24 75.70 10.97
N VAL B 124 25.29 75.06 11.46
CA VAL B 124 25.23 73.63 11.81
C VAL B 124 24.40 73.44 13.08
N LEU B 125 23.57 72.40 13.09
CA LEU B 125 22.84 72.01 14.30
C LEU B 125 23.66 70.92 15.01
N ASN B 126 24.22 71.26 16.17
CA ASN B 126 24.89 70.25 16.99
C ASN B 126 23.93 69.60 17.96
N ILE B 127 24.08 68.30 18.10
CA ILE B 127 23.27 67.51 19.00
C ILE B 127 24.18 66.92 20.05
N LYS B 128 23.76 66.99 21.31
CA LYS B 128 24.54 66.51 22.43
C LYS B 128 23.91 65.26 23.09
N SER B 129 24.57 64.75 24.13
CA SER B 129 24.18 63.46 24.72
C SER B 129 22.77 63.44 25.24
N ASN B 130 22.21 62.24 25.28
CA ASN B 130 20.88 62.00 25.88
C ASN B 130 19.83 62.90 25.27
N SER B 131 19.85 63.01 23.95
CA SER B 131 18.95 63.90 23.23
C SER B 131 18.25 63.19 22.09
N THR B 132 17.03 63.65 21.80
CA THR B 132 16.21 63.16 20.70
C THR B 132 15.76 64.32 19.84
N LEU B 133 15.95 64.19 18.54
CA LEU B 133 15.43 65.11 17.55
C LEU B 133 14.46 64.32 16.70
N GLU B 134 13.17 64.66 16.79
CA GLU B 134 12.09 63.91 16.17
C GLU B 134 11.36 64.83 15.20
N PHE B 135 11.04 64.35 14.02
CA PHE B 135 10.38 65.13 12.99
C PHE B 135 8.94 64.65 12.82
N THR B 136 8.01 65.59 12.78
CA THR B 136 6.64 65.27 12.41
C THR B 136 6.56 65.07 10.91
N ASP B 137 5.39 64.64 10.46
CA ASP B 137 5.13 64.37 9.06
C ASP B 137 5.54 65.48 8.10
N THR B 138 5.39 66.73 8.55
CA THR B 138 5.73 67.92 7.76
C THR B 138 7.02 68.68 8.16
N GLY B 139 7.60 68.37 9.33
CA GLY B 139 8.83 69.01 9.77
C GLY B 139 9.99 68.74 8.82
N ARG B 140 10.88 69.71 8.65
CA ARG B 140 12.03 69.59 7.73
C ARG B 140 13.12 70.53 8.19
N ILE B 141 14.36 70.19 7.87
CA ILE B 141 15.46 71.17 7.90
C ILE B 141 15.90 71.43 6.47
N LEU B 142 15.74 72.67 6.03
CA LEU B 142 16.26 73.11 4.72
C LEU B 142 17.64 73.67 4.93
N PRO B 143 18.64 73.16 4.17
CA PRO B 143 19.99 73.66 4.32
C PRO B 143 20.12 75.14 3.96
N ASP B 144 21.21 75.72 4.50
CA ASP B 144 21.65 77.08 4.23
C ASP B 144 21.91 77.25 2.74
N ALA B 145 21.16 78.13 2.08
CA ALA B 145 21.37 78.42 0.66
C ALA B 145 22.52 79.42 0.41
N ALA B 146 23.02 80.08 1.46
CA ALA B 146 24.15 81.04 1.31
C ALA B 146 25.51 80.40 1.46
N VAL B 147 25.56 79.28 2.18
CA VAL B 147 26.78 78.55 2.42
C VAL B 147 26.47 77.06 2.44
N ALA B 148 27.15 76.29 1.57
CA ALA B 148 27.07 74.82 1.61
C ALA B 148 27.91 74.34 2.77
N ARG B 149 27.25 73.74 3.76
CA ARG B 149 27.90 73.28 4.99
C ARG B 149 27.21 72.00 5.47
N GLN B 150 27.66 71.49 6.61
CA GLN B 150 27.03 70.33 7.24
C GLN B 150 25.72 70.71 7.89
N VAL B 151 24.79 69.76 7.99
CA VAL B 151 23.46 70.05 8.54
C VAL B 151 23.41 69.69 10.02
N LEU B 152 23.59 68.41 10.35
CA LEU B 152 23.62 67.92 11.73
C LEU B 152 25.00 67.41 12.08
N ASN B 153 25.50 67.79 13.25
CA ASN B 153 26.76 67.27 13.78
C ASN B 153 26.53 66.69 15.17
N ILE B 154 27.08 65.50 15.40
CA ILE B 154 27.05 64.82 16.68
C ILE B 154 28.52 64.46 16.95
N THR B 155 29.21 65.28 17.74
CA THR B 155 30.68 65.24 17.78
C THR B 155 31.21 65.18 19.20
N GLY B 156 31.75 64.02 19.52
CA GLY B 156 32.63 63.87 20.66
C GLY B 156 34.07 64.16 20.28
N SER B 157 34.96 64.03 21.26
CA SER B 157 36.35 64.37 21.05
C SER B 157 37.31 63.28 21.46
N ALA B 158 38.39 63.18 20.69
CA ALA B 158 39.48 62.29 21.01
C ALA B 158 40.15 62.67 22.33
N PRO B 159 40.82 61.71 22.98
CA PRO B 159 41.52 62.05 24.21
C PRO B 159 42.55 63.14 24.00
N SER B 160 42.74 63.96 25.03
N SER B 160 42.75 63.97 25.03
CA SER B 160 43.78 64.99 25.05
CA SER B 160 43.81 64.98 25.01
C SER B 160 45.11 64.48 25.63
C SER B 160 45.13 64.42 25.54
N VAL B 161 45.07 63.34 26.31
CA VAL B 161 46.28 62.68 26.79
C VAL B 161 46.07 61.15 26.80
N PHE B 162 47.15 60.44 26.50
CA PHE B 162 47.21 59.00 26.55
C PHE B 162 48.22 58.60 27.61
N VAL B 163 47.95 57.44 28.21
CA VAL B 163 48.91 56.77 29.09
C VAL B 163 49.21 55.37 28.55
N PRO B 164 50.46 54.89 28.75
CA PRO B 164 50.79 53.57 28.24
C PRO B 164 50.06 52.49 29.01
N LEU B 165 49.70 51.39 28.34
CA LEU B 165 49.31 50.19 29.08
C LEU B 165 50.50 49.73 29.94
N ALA B 166 50.18 49.24 31.14
CA ALA B 166 51.20 48.72 32.08
C ALA B 166 51.71 47.31 31.71
N ALA B 167 50.91 46.60 30.92
CA ALA B 167 51.26 45.27 30.47
C ALA B 167 50.53 44.96 29.16
N ASP B 168 51.08 44.00 28.43
CA ASP B 168 50.46 43.52 27.19
C ASP B 168 49.03 43.08 27.46
N ALA B 169 48.14 43.38 26.52
CA ALA B 169 46.76 42.91 26.58
C ALA B 169 46.44 42.20 25.27
N ALA B 170 46.37 40.87 25.32
CA ALA B 170 46.10 40.10 24.13
C ALA B 170 44.67 40.25 23.65
N ALA B 171 44.44 39.92 22.38
CA ALA B 171 43.09 39.83 21.87
C ALA B 171 42.28 38.90 22.79
N GLY B 172 41.06 39.33 23.11
CA GLY B 172 40.21 38.61 24.05
C GLY B 172 40.27 39.14 25.47
N SER B 173 41.18 40.08 25.75
CA SER B 173 41.33 40.64 27.09
C SER B 173 40.06 41.34 27.55
N LYS B 174 39.67 41.05 28.80
CA LYS B 174 38.52 41.66 29.48
C LYS B 174 38.91 42.88 30.28
N VAL B 175 40.19 42.95 30.61
CA VAL B 175 40.71 43.93 31.54
C VAL B 175 41.98 44.49 30.92
N ILE B 176 42.19 45.79 31.07
CA ILE B 176 43.49 46.39 30.76
C ILE B 176 44.07 46.98 32.03
N THR B 177 45.38 47.22 32.02
CA THR B 177 46.06 47.73 33.20
C THR B 177 46.83 49.00 32.85
N VAL B 178 46.85 49.94 33.79
CA VAL B 178 47.69 51.14 33.71
C VAL B 178 48.30 51.39 35.09
N ALA B 179 49.35 52.19 35.15
CA ALA B 179 49.94 52.54 36.45
C ALA B 179 48.87 53.24 37.31
N ALA B 180 48.87 52.95 38.60
CA ALA B 180 47.94 53.60 39.52
C ALA B 180 48.12 55.11 39.45
N GLY B 181 47.02 55.85 39.40
CA GLY B 181 47.05 57.31 39.30
C GLY B 181 47.24 57.88 37.90
N ALA B 182 47.51 57.03 36.91
CA ALA B 182 47.86 57.49 35.54
C ALA B 182 46.66 58.15 34.86
N LEU B 183 45.50 57.54 35.04
CA LEU B 183 44.25 58.19 34.71
C LEU B 183 43.13 57.74 35.64
N SER B 184 42.03 58.48 35.59
CA SER B 184 40.86 58.20 36.41
C SER B 184 39.80 57.61 35.49
N ALA B 185 39.56 56.31 35.64
CA ALA B 185 38.60 55.56 34.81
C ALA B 185 37.27 55.45 35.56
N VAL B 186 36.28 56.20 35.09
CA VAL B 186 34.97 56.27 35.76
C VAL B 186 34.01 55.26 35.13
N LYS B 187 33.39 54.42 35.96
CA LYS B 187 32.46 53.42 35.46
C LYS B 187 31.32 54.08 34.68
N GLY B 188 31.04 53.53 33.49
CA GLY B 188 30.02 54.04 32.59
C GLY B 188 30.53 55.01 31.54
N THR B 189 31.78 55.44 31.68
CA THR B 189 32.43 56.30 30.70
C THR B 189 33.33 55.46 29.77
N TYR B 190 34.04 56.13 28.88
CA TYR B 190 34.70 55.42 27.76
C TYR B 190 36.21 55.57 27.77
N LEU B 191 36.85 54.61 27.11
CA LEU B 191 38.27 54.65 26.83
C LEU B 191 38.50 54.44 25.34
N TYR B 192 39.62 54.96 24.89
CA TYR B 192 40.06 54.88 23.49
C TYR B 192 41.47 54.33 23.53
N LEU B 193 41.61 53.11 23.03
CA LEU B 193 42.87 52.39 23.01
C LEU B 193 43.49 52.46 21.62
N ARG B 194 44.81 52.56 21.54
CA ARG B 194 45.50 52.50 20.25
C ARG B 194 46.90 51.94 20.39
N SER B 195 47.48 51.53 19.27
CA SER B 195 48.90 51.17 19.23
C SER B 195 49.40 51.34 17.82
N ASN B 196 50.70 51.10 17.63
CA ASN B 196 51.32 51.19 16.32
C ASN B 196 51.11 49.97 15.44
N LYS B 197 50.49 48.92 15.99
CA LYS B 197 50.08 47.78 15.16
C LYS B 197 49.16 48.28 14.03
N LEU B 198 49.36 47.73 12.84
CA LEU B 198 48.55 48.07 11.69
C LEU B 198 47.21 47.36 11.70
N CYS B 199 46.17 48.07 11.30
CA CYS B 199 44.87 47.45 11.03
C CYS B 199 45.06 46.23 10.14
N ASP B 200 44.33 45.18 10.44
CA ASP B 200 44.56 43.86 9.84
C ASP B 200 43.36 43.26 9.11
N GLY B 201 42.30 44.03 8.90
CA GLY B 201 41.11 43.51 8.24
C GLY B 201 41.32 43.25 6.76
N GLY B 202 42.21 44.05 6.16
CA GLY B 202 42.44 44.03 4.73
C GLY B 202 43.82 44.52 4.38
N PRO B 203 44.10 44.66 3.07
CA PRO B 203 45.41 45.10 2.60
C PRO B 203 45.97 46.36 3.29
N ASN B 204 45.10 47.29 3.68
CA ASN B 204 45.53 48.46 4.46
C ASN B 204 46.72 49.20 3.82
N THR B 205 46.53 49.64 2.58
CA THR B 205 47.63 50.31 1.85
C THR B 205 48.08 51.64 2.45
N TYR B 206 47.21 52.31 3.21
CA TYR B 206 47.60 53.53 3.92
C TYR B 206 48.31 53.29 5.24
N GLY B 207 48.31 52.05 5.74
CA GLY B 207 48.97 51.75 7.01
C GLY B 207 48.28 52.41 8.20
N VAL B 208 46.95 52.40 8.17
CA VAL B 208 46.14 52.85 9.29
C VAL B 208 46.45 51.94 10.49
N LYS B 209 46.60 52.54 11.66
CA LYS B 209 46.96 51.84 12.89
C LYS B 209 45.70 51.50 13.71
N ILE B 210 45.83 50.56 14.64
CA ILE B 210 44.65 50.06 15.37
C ILE B 210 44.15 51.02 16.45
N SER B 211 42.83 51.05 16.59
CA SER B 211 42.20 51.68 17.72
C SER B 211 40.87 51.00 18.01
N GLN B 212 40.43 51.15 19.25
CA GLN B 212 39.09 50.74 19.67
C GLN B 212 38.55 51.62 20.77
N ILE B 213 37.22 51.70 20.82
CA ILE B 213 36.52 52.41 21.89
C ILE B 213 35.81 51.39 22.77
N ARG B 214 35.99 51.55 24.09
CA ARG B 214 35.41 50.62 25.06
C ARG B 214 34.79 51.40 26.21
N LYS B 215 33.84 50.78 26.88
CA LYS B 215 33.20 51.35 28.07
C LYS B 215 33.77 50.70 29.32
N VAL B 216 33.98 51.52 30.34
CA VAL B 216 34.50 51.07 31.63
C VAL B 216 33.34 50.50 32.43
N VAL B 217 33.45 49.24 32.85
CA VAL B 217 32.41 48.63 33.71
C VAL B 217 32.88 48.20 35.09
N GLY B 218 34.19 48.25 35.32
CA GLY B 218 34.74 47.90 36.63
C GLY B 218 36.14 48.44 36.76
N VAL B 219 36.51 48.80 38.00
CA VAL B 219 37.84 49.35 38.27
C VAL B 219 38.31 48.87 39.63
N SER B 220 39.58 48.45 39.68
CA SER B 220 40.22 48.15 40.96
C SER B 220 41.70 48.46 40.87
N THR B 221 42.27 48.85 42.00
CA THR B 221 43.68 49.21 42.09
C THR B 221 44.36 48.44 43.21
N SER B 222 45.50 47.84 42.88
CA SER B 222 46.27 47.00 43.81
C SER B 222 47.73 47.02 43.36
N GLY B 223 48.66 47.08 44.31
CA GLY B 223 50.10 46.99 44.02
C GLY B 223 50.62 47.97 42.97
N GLY B 224 50.13 49.19 43.01
CA GLY B 224 50.54 50.23 42.06
C GLY B 224 50.00 50.11 40.63
N VAL B 225 48.99 49.24 40.43
CA VAL B 225 48.42 48.98 39.10
C VAL B 225 46.90 49.10 39.18
N THR B 226 46.32 49.88 38.27
CA THR B 226 44.87 49.98 38.11
C THR B 226 44.42 49.01 37.01
N SER B 227 43.50 48.12 37.36
CA SER B 227 42.90 47.17 36.43
C SER B 227 41.51 47.66 36.05
N ILE B 228 41.31 47.82 34.75
CA ILE B 228 40.08 48.40 34.23
C ILE B 228 39.34 47.33 33.42
N ARG B 229 38.15 46.99 33.88
CA ARG B 229 37.30 45.99 33.23
C ARG B 229 36.45 46.66 32.18
N LEU B 230 36.42 46.07 30.98
CA LEU B 230 35.76 46.64 29.81
C LEU B 230 34.44 45.94 29.52
N ASP B 231 33.54 46.67 28.87
CA ASP B 231 32.26 46.09 28.43
C ASP B 231 32.47 44.94 27.44
N LYS B 232 33.37 45.17 26.49
CA LYS B 232 33.62 44.25 25.38
C LYS B 232 35.13 43.98 25.37
N THR B 233 35.51 42.79 24.93
CA THR B 233 36.89 42.39 24.89
C THR B 233 37.65 43.02 23.71
N LEU B 234 38.97 42.97 23.80
CA LEU B 234 39.84 43.56 22.79
C LEU B 234 39.96 42.65 21.58
N HIS B 235 40.03 43.24 20.39
CA HIS B 235 40.03 42.45 19.15
C HIS B 235 41.35 42.46 18.42
N TYR B 236 42.36 43.01 19.07
CA TYR B 236 43.73 42.90 18.63
C TYR B 236 44.60 42.67 19.84
N ASN B 237 45.83 42.23 19.61
CA ASN B 237 46.86 42.27 20.64
C ASN B 237 47.35 43.72 20.80
N TYR B 238 47.25 44.25 22.02
CA TYR B 238 47.76 45.57 22.39
C TYR B 238 49.02 45.39 23.22
N TYR B 239 50.15 45.58 22.56
CA TYR B 239 51.45 45.24 23.09
C TYR B 239 52.27 46.51 23.42
N LEU B 240 53.02 46.42 24.52
CA LEU B 240 53.98 47.46 24.91
C LEU B 240 54.98 47.74 23.80
N SER B 241 55.38 46.70 23.07
CA SER B 241 56.32 46.87 21.95
C SER B 241 55.73 47.67 20.78
N ASP B 242 54.40 47.73 20.69
CA ASP B 242 53.69 48.62 19.76
C ASP B 242 53.27 49.95 20.39
N ALA B 243 53.81 50.28 21.56
CA ALA B 243 53.45 51.51 22.28
C ALA B 243 51.95 51.61 22.56
N ALA B 244 51.34 50.49 22.94
CA ALA B 244 49.92 50.47 23.27
C ALA B 244 49.63 51.46 24.39
N GLU B 245 48.56 52.22 24.19
CA GLU B 245 48.19 53.28 25.10
C GLU B 245 46.69 53.51 25.10
N VAL B 246 46.23 54.26 26.08
CA VAL B 246 44.81 54.49 26.29
C VAL B 246 44.54 55.89 26.82
N GLY B 247 43.43 56.46 26.41
CA GLY B 247 43.01 57.77 26.87
C GLY B 247 41.51 57.86 26.97
N ILE B 248 41.04 58.95 27.56
CA ILE B 248 39.60 59.13 27.80
C ILE B 248 39.05 60.04 26.70
N PRO B 249 38.25 59.48 25.75
CA PRO B 249 37.57 60.36 24.81
C PRO B 249 36.33 60.97 25.48
N THR B 250 35.85 62.09 25.00
CA THR B 250 34.56 62.61 25.46
C THR B 250 33.54 62.24 24.39
N MET B 251 32.75 61.20 24.66
CA MET B 251 31.79 60.71 23.69
C MET B 251 30.49 61.51 23.77
N VAL B 252 29.79 61.61 22.65
CA VAL B 252 28.39 62.00 22.65
C VAL B 252 27.59 60.70 22.65
N GLU B 253 26.77 60.48 23.66
CA GLU B 253 26.12 59.20 23.80
C GLU B 253 24.60 59.32 23.87
N ASN B 254 23.90 58.31 23.34
CA ASN B 254 22.43 58.19 23.47
C ASN B 254 21.71 59.30 22.73
N VAL B 255 21.91 59.35 21.41
CA VAL B 255 21.24 60.31 20.56
C VAL B 255 20.33 59.56 19.61
N THR B 256 19.09 60.01 19.52
CA THR B 256 18.10 59.41 18.65
C THR B 256 17.57 60.44 17.67
N LEU B 257 17.67 60.13 16.38
CA LEU B 257 17.13 61.00 15.32
C LEU B 257 15.96 60.25 14.69
N VAL B 258 14.76 60.75 14.92
CA VAL B 258 13.53 60.10 14.47
C VAL B 258 13.03 60.80 13.22
N SER B 259 13.11 60.11 12.10
CA SER B 259 12.60 60.59 10.81
C SER B 259 13.22 61.92 10.35
N PRO B 260 14.56 62.02 10.36
CA PRO B 260 15.15 63.27 9.90
C PRO B 260 14.84 63.54 8.43
N TYR B 261 14.35 64.73 8.13
CA TYR B 261 14.05 65.14 6.75
C TYR B 261 14.95 66.31 6.45
N ILE B 262 16.00 66.05 5.68
CA ILE B 262 17.02 67.04 5.33
C ILE B 262 16.88 67.39 3.86
N ASN B 263 16.63 68.67 3.61
CA ASN B 263 16.33 69.18 2.27
C ASN B 263 14.97 68.67 1.76
N GLU B 264 14.65 68.98 0.50
N GLU B 264 14.64 68.98 0.51
CA GLU B 264 13.40 68.57 -0.09
CA GLU B 264 13.38 68.57 -0.08
C GLU B 264 13.53 68.59 -1.59
C GLU B 264 13.53 68.59 -1.58
N PHE B 265 12.69 67.83 -2.28
CA PHE B 265 12.63 67.87 -3.73
C PHE B 265 12.40 69.29 -4.22
N GLY B 266 13.07 69.62 -5.31
CA GLY B 266 13.09 70.99 -5.84
C GLY B 266 14.28 71.80 -5.39
N TYR B 267 15.08 71.26 -4.46
CA TYR B 267 16.28 71.92 -3.92
C TYR B 267 17.19 72.45 -5.03
N ASP B 268 17.29 71.71 -6.13
CA ASP B 268 18.23 72.04 -7.19
C ASP B 268 17.83 73.30 -7.97
N ASP B 269 16.53 73.54 -8.07
CA ASP B 269 15.98 74.77 -8.67
C ASP B 269 16.32 76.01 -7.84
N LEU B 270 16.53 75.80 -6.53
CA LEU B 270 16.91 76.86 -5.59
C LEU B 270 18.39 76.86 -5.28
N ASN B 271 19.15 76.02 -5.95
CA ASN B 271 20.60 75.94 -5.78
C ASN B 271 20.99 75.69 -4.32
N ARG B 272 20.21 74.83 -3.66
CA ARG B 272 20.29 74.64 -2.22
C ARG B 272 20.86 73.26 -1.91
N PHE B 273 22.14 73.25 -1.54
CA PHE B 273 22.85 72.00 -1.28
C PHE B 273 23.38 72.00 0.15
N PHE B 274 24.17 71.00 0.47
CA PHE B 274 24.85 70.90 1.75
C PHE B 274 26.06 70.01 1.48
N THR B 275 26.88 69.76 2.50
CA THR B 275 28.07 68.96 2.32
C THR B 275 27.80 67.56 2.90
N ILE B 276 27.94 67.38 4.21
CA ILE B 276 27.54 66.14 4.88
C ILE B 276 26.23 66.41 5.60
N GLY B 277 25.26 65.51 5.46
CA GLY B 277 23.95 65.68 6.10
C GLY B 277 23.97 65.49 7.60
N ILE B 278 24.45 64.33 8.04
CA ILE B 278 24.57 63.99 9.45
C ILE B 278 25.98 63.44 9.66
N SER B 279 26.83 64.20 10.36
CA SER B 279 28.20 63.80 10.62
C SER B 279 28.39 63.52 12.10
N ALA B 280 28.78 62.29 12.41
CA ALA B 280 29.01 61.83 13.76
C ALA B 280 30.44 61.38 13.93
N ASN B 281 31.04 61.74 15.05
CA ASN B 281 32.39 61.33 15.40
C ASN B 281 32.42 61.14 16.91
N PHE B 282 33.00 60.04 17.37
CA PHE B 282 33.06 59.74 18.83
C PHE B 282 31.65 59.78 19.43
N ALA B 283 30.74 59.04 18.78
CA ALA B 283 29.37 58.87 19.27
C ALA B 283 29.13 57.43 19.66
N ALA B 284 28.31 57.25 20.68
CA ALA B 284 27.89 55.93 21.13
C ALA B 284 26.39 55.91 21.18
N ASP B 285 25.80 54.80 20.73
CA ASP B 285 24.34 54.67 20.78
C ASP B 285 23.63 55.82 20.07
N LEU B 286 24.14 56.10 18.86
CA LEU B 286 23.47 56.99 17.94
C LEU B 286 22.57 56.14 17.06
N HIS B 287 21.28 56.39 17.12
CA HIS B 287 20.30 55.62 16.36
C HIS B 287 19.46 56.55 15.49
N ILE B 288 19.55 56.33 14.18
CA ILE B 288 18.85 57.12 13.17
C ILE B 288 17.76 56.24 12.57
N GLN B 289 16.51 56.70 12.60
CA GLN B 289 15.37 55.92 12.18
C GLN B 289 14.61 56.64 11.08
N ASP B 290 14.48 55.98 9.93
CA ASP B 290 13.67 56.47 8.83
C ASP B 290 14.19 57.83 8.36
N GLY B 291 13.30 58.70 7.88
CA GLY B 291 13.71 59.97 7.33
C GLY B 291 14.13 59.88 5.89
N VAL B 292 14.44 61.05 5.34
CA VAL B 292 14.81 61.22 3.94
C VAL B 292 15.86 62.30 3.86
N ILE B 293 16.99 61.98 3.24
CA ILE B 293 18.06 62.94 3.03
C ILE B 293 18.25 63.08 1.52
N ILE B 294 18.13 64.29 1.01
CA ILE B 294 18.08 64.55 -0.44
C ILE B 294 19.01 65.69 -0.81
N GLY B 295 19.80 65.52 -1.87
CA GLY B 295 20.24 66.69 -2.64
C GLY B 295 21.41 67.48 -2.12
N ASN B 296 22.56 66.81 -2.00
CA ASN B 296 23.82 67.56 -1.87
C ASN B 296 24.62 67.56 -3.18
N LYS B 297 24.01 67.05 -4.25
CA LYS B 297 24.42 67.29 -5.63
C LYS B 297 23.16 67.44 -6.46
N ARG B 298 23.28 67.94 -7.68
CA ARG B 298 22.13 67.98 -8.59
C ARG B 298 21.77 66.55 -9.02
N PRO B 299 20.50 66.34 -9.41
CA PRO B 299 20.13 64.96 -9.80
C PRO B 299 20.93 64.45 -11.01
N GLY B 300 21.53 63.27 -10.84
CA GLY B 300 22.35 62.65 -11.87
C GLY B 300 23.71 63.27 -12.09
N ALA B 301 24.08 64.24 -11.26
CA ALA B 301 25.29 65.03 -11.51
C ALA B 301 26.53 64.30 -11.02
N SER B 302 27.66 64.90 -11.33
CA SER B 302 28.97 64.41 -10.87
C SER B 302 29.04 64.22 -9.36
N ASP B 303 29.91 63.31 -8.96
CA ASP B 303 30.16 63.07 -7.55
C ASP B 303 30.98 64.22 -6.96
N ILE B 304 30.91 64.34 -5.64
CA ILE B 304 31.64 65.38 -4.91
C ILE B 304 32.31 64.75 -3.71
N GLU B 305 33.65 64.76 -3.70
CA GLU B 305 34.41 64.12 -2.65
C GLU B 305 33.95 64.56 -1.27
N GLY B 306 33.68 63.57 -0.41
CA GLY B 306 33.33 63.79 0.99
C GLY B 306 31.89 64.06 1.33
N ARG B 307 31.04 64.31 0.34
CA ARG B 307 29.64 64.71 0.58
C ARG B 307 28.74 63.51 0.83
N SER B 308 29.00 62.81 1.93
CA SER B 308 28.17 61.69 2.34
C SER B 308 26.91 62.18 3.04
N ALA B 309 25.83 61.43 2.92
CA ALA B 309 24.58 61.80 3.59
C ALA B 309 24.70 61.63 5.10
N ILE B 310 25.18 60.47 5.52
CA ILE B 310 25.42 60.12 6.92
C ILE B 310 26.83 59.58 7.02
N LYS B 311 27.58 60.09 7.99
CA LYS B 311 28.94 59.68 8.22
C LYS B 311 29.11 59.31 9.68
N PHE B 312 29.55 58.08 9.91
CA PHE B 312 29.84 57.53 11.25
C PHE B 312 31.35 57.33 11.34
N ASN B 313 32.02 58.16 12.11
CA ASN B 313 33.46 58.10 12.32
C ASN B 313 33.64 57.75 13.79
N ASN B 314 34.36 56.68 14.10
CA ASN B 314 34.60 56.31 15.50
C ASN B 314 33.30 56.25 16.31
N CYS B 315 32.29 55.60 15.75
CA CYS B 315 30.99 55.44 16.42
C CYS B 315 30.81 54.01 16.88
N VAL B 316 30.26 53.83 18.07
CA VAL B 316 30.03 52.48 18.58
C VAL B 316 28.56 52.26 18.84
N ASP B 317 28.11 51.02 18.64
CA ASP B 317 26.70 50.66 18.88
C ASP B 317 25.71 51.64 18.27
N SER B 318 25.94 52.00 17.01
CA SER B 318 25.15 52.99 16.32
C SER B 318 24.56 52.43 15.04
N THR B 319 23.38 52.92 14.68
CA THR B 319 22.60 52.33 13.61
C THR B 319 21.88 53.35 12.76
N VAL B 320 21.64 52.95 11.51
CA VAL B 320 20.77 53.64 10.57
C VAL B 320 19.73 52.61 10.13
N LYS B 321 18.44 52.89 10.34
CA LYS B 321 17.40 51.95 9.96
C LYS B 321 16.27 52.65 9.21
N GLY B 322 16.09 52.31 7.94
CA GLY B 322 14.93 52.74 7.18
C GLY B 322 15.06 54.03 6.37
N THR B 323 16.16 54.74 6.57
CA THR B 323 16.39 56.05 5.93
C THR B 323 16.45 55.91 4.40
N CYS B 324 15.88 56.89 3.72
CA CYS B 324 15.95 56.98 2.27
C CYS B 324 16.89 58.10 1.84
N PHE B 325 17.61 57.86 0.75
CA PHE B 325 18.65 58.78 0.26
C PHE B 325 18.42 59.03 -1.22
N TYR B 326 18.44 60.30 -1.63
CA TYR B 326 18.32 60.67 -3.03
C TYR B 326 19.37 61.70 -3.40
N ASN B 327 20.03 61.51 -4.55
CA ASN B 327 20.84 62.57 -5.15
C ASN B 327 21.96 63.01 -4.20
N ILE B 328 22.85 62.08 -3.91
CA ILE B 328 23.91 62.26 -2.94
C ILE B 328 25.26 62.23 -3.67
N GLY B 329 26.10 63.23 -3.40
CA GLY B 329 27.36 63.37 -4.09
C GLY B 329 28.42 62.33 -3.75
N TRP B 330 28.31 61.71 -2.58
CA TRP B 330 29.28 60.73 -2.13
C TRP B 330 28.49 59.54 -1.57
N TYR B 331 28.76 59.10 -0.35
CA TYR B 331 28.17 57.83 0.11
C TYR B 331 26.86 58.07 0.85
N GLY B 332 25.92 57.11 0.78
CA GLY B 332 24.71 57.21 1.60
C GLY B 332 25.03 57.12 3.07
N VAL B 333 25.64 56.01 3.48
CA VAL B 333 26.16 55.85 4.84
C VAL B 333 27.64 55.51 4.72
N GLU B 334 28.48 56.37 5.28
CA GLU B 334 29.91 56.22 5.30
C GLU B 334 30.29 55.79 6.71
N VAL B 335 31.08 54.75 6.82
CA VAL B 335 31.51 54.21 8.11
C VAL B 335 33.03 54.12 8.15
N LEU B 336 33.64 54.77 9.13
CA LEU B 336 35.09 54.84 9.20
C LEU B 336 35.61 54.98 10.64
N GLY B 337 36.93 55.04 10.76
CA GLY B 337 37.56 54.97 12.08
C GLY B 337 37.25 53.64 12.74
N CYS B 338 37.39 53.58 14.05
CA CYS B 338 37.12 52.35 14.78
C CYS B 338 35.64 52.19 15.12
N SER B 339 34.77 52.48 14.16
CA SER B 339 33.35 52.28 14.35
C SER B 339 33.09 50.80 14.55
N GLU B 340 32.39 50.46 15.62
CA GLU B 340 32.25 49.08 16.05
C GLU B 340 30.83 48.79 16.43
N ASP B 341 30.32 47.65 15.94
CA ASP B 341 28.92 47.23 16.13
C ASP B 341 28.00 48.29 15.52
N THR B 342 28.22 48.56 14.25
CA THR B 342 27.43 49.45 13.41
C THR B 342 26.50 48.61 12.58
N GLU B 343 25.27 49.05 12.40
CA GLU B 343 24.31 48.35 11.56
C GLU B 343 23.54 49.34 10.68
N VAL B 344 23.29 48.94 9.45
CA VAL B 344 22.46 49.69 8.51
C VAL B 344 21.39 48.71 8.01
N HIS B 345 20.13 49.01 8.30
CA HIS B 345 19.00 48.16 7.94
C HIS B 345 18.05 48.92 7.05
N ASP B 346 17.50 48.26 6.05
CA ASP B 346 16.28 48.72 5.40
C ASP B 346 16.40 50.06 4.67
N ILE B 347 17.60 50.47 4.30
CA ILE B 347 17.74 51.76 3.60
C ILE B 347 17.44 51.59 2.12
N HIS B 348 17.02 52.70 1.50
CA HIS B 348 16.84 52.79 0.06
C HIS B 348 17.70 53.97 -0.39
N ALA B 349 18.63 53.74 -1.31
CA ALA B 349 19.53 54.78 -1.77
C ALA B 349 19.49 54.84 -3.29
N MET B 350 19.19 56.03 -3.83
CA MET B 350 18.96 56.23 -5.26
C MET B 350 19.79 57.41 -5.74
N ASP B 351 20.65 57.19 -6.74
CA ASP B 351 21.52 58.22 -7.32
C ASP B 351 22.50 58.74 -6.26
N VAL B 352 23.39 57.83 -5.87
CA VAL B 352 24.44 58.07 -4.88
C VAL B 352 25.72 57.42 -5.39
N ARG B 353 26.87 57.72 -4.81
CA ARG B 353 28.12 57.06 -5.25
C ARG B 353 28.21 55.60 -4.77
N HIS B 354 28.08 55.39 -3.47
CA HIS B 354 27.91 54.05 -2.87
C HIS B 354 26.74 54.20 -1.90
N ALA B 355 25.85 53.24 -1.83
CA ALA B 355 24.79 53.27 -0.82
C ALA B 355 25.38 53.19 0.60
N ILE B 356 26.29 52.24 0.79
CA ILE B 356 27.06 52.06 2.02
C ILE B 356 28.52 51.94 1.61
N SER B 357 29.41 52.61 2.32
CA SER B 357 30.84 52.41 2.14
C SER B 357 31.57 52.46 3.45
N LEU B 358 32.25 51.38 3.79
CA LEU B 358 33.21 51.37 4.87
C LEU B 358 34.48 51.97 4.28
N ASN B 359 35.11 52.88 5.02
CA ASN B 359 36.19 53.68 4.47
C ASN B 359 37.52 53.46 5.15
N TRP B 360 38.56 53.79 4.39
CA TRP B 360 39.93 53.91 4.91
C TRP B 360 40.14 55.35 5.39
N GLN B 361 41.37 55.67 5.76
CA GLN B 361 41.74 57.04 6.08
C GLN B 361 43.10 57.29 5.45
N SER B 362 43.21 58.37 4.69
CA SER B 362 44.49 58.74 4.11
C SER B 362 45.48 59.14 5.20
N THR B 363 46.66 58.54 5.16
CA THR B 363 47.75 58.84 6.07
C THR B 363 48.80 59.75 5.41
N ALA B 364 48.45 60.36 4.28
CA ALA B 364 49.41 61.22 3.57
C ALA B 364 49.98 62.31 4.48
N ASP B 365 49.14 62.88 5.34
CA ASP B 365 49.57 63.97 6.21
C ASP B 365 49.94 63.56 7.64
N GLY B 366 49.94 62.26 7.91
CA GLY B 366 50.31 61.72 9.20
C GLY B 366 49.49 60.51 9.57
N ASP B 367 49.90 59.86 10.65
CA ASP B 367 49.24 58.65 11.13
C ASP B 367 47.74 58.84 11.32
N LYS B 368 47.01 57.73 11.09
CA LYS B 368 45.59 57.64 11.33
C LYS B 368 45.32 56.31 12.02
N TRP B 369 44.24 56.27 12.79
CA TRP B 369 43.86 55.08 13.55
C TRP B 369 42.43 54.70 13.31
N GLY B 370 42.18 53.39 13.23
CA GLY B 370 40.84 52.83 13.32
C GLY B 370 40.31 52.25 12.02
N GLU B 371 39.85 50.99 12.11
CA GLU B 371 39.07 50.35 11.03
C GLU B 371 37.74 49.90 11.61
N PRO B 372 36.69 49.84 10.78
CA PRO B 372 35.43 49.34 11.30
C PRO B 372 35.52 47.87 11.72
N ILE B 373 34.84 47.54 12.80
CA ILE B 373 34.80 46.17 13.34
C ILE B 373 33.36 45.83 13.61
N GLU B 374 32.88 44.71 13.06
CA GLU B 374 31.50 44.25 13.28
C GLU B 374 30.54 45.22 12.61
N PHE B 375 30.33 45.00 11.31
CA PHE B 375 29.40 45.77 10.53
C PHE B 375 28.36 44.85 9.91
N LEU B 376 27.10 45.26 9.98
CA LEU B 376 25.98 44.56 9.36
C LEU B 376 25.20 45.50 8.45
N GLY B 377 25.04 45.14 7.19
CA GLY B 377 24.07 45.78 6.29
C GLY B 377 23.01 44.76 5.95
N VAL B 378 21.75 45.05 6.22
CA VAL B 378 20.69 44.06 6.05
C VAL B 378 19.47 44.67 5.36
N ASN B 379 18.97 43.99 4.34
CA ASN B 379 17.75 44.39 3.65
C ASN B 379 17.82 45.81 3.09
N CYS B 380 18.99 46.17 2.57
CA CYS B 380 19.20 47.48 1.95
C CYS B 380 19.09 47.39 0.43
N GLU B 381 18.63 48.46 -0.20
CA GLU B 381 18.43 48.53 -1.64
C GLU B 381 19.14 49.75 -2.20
N ALA B 382 19.83 49.54 -3.31
CA ALA B 382 20.54 50.59 -4.03
C ALA B 382 20.13 50.60 -5.49
N TYR B 383 19.89 51.80 -6.03
CA TYR B 383 19.62 52.02 -7.45
C TYR B 383 20.54 53.07 -8.03
N SER B 384 21.08 52.78 -9.21
CA SER B 384 21.75 53.78 -10.04
C SER B 384 22.88 54.48 -9.28
N THR B 385 23.70 53.67 -8.64
CA THR B 385 24.89 54.12 -7.99
C THR B 385 25.97 54.42 -9.03
N THR B 386 26.73 55.50 -8.82
CA THR B 386 27.73 55.92 -9.80
C THR B 386 28.97 55.05 -9.66
N GLN B 387 29.16 54.48 -8.47
CA GLN B 387 30.20 53.47 -8.24
C GLN B 387 29.53 52.25 -7.56
N ALA B 388 30.29 51.40 -6.89
CA ALA B 388 29.72 50.18 -6.35
C ALA B 388 28.49 50.44 -5.48
N GLY B 389 27.48 49.60 -5.60
CA GLY B 389 26.30 49.73 -4.77
C GLY B 389 26.60 49.68 -3.29
N PHE B 390 27.34 48.65 -2.88
CA PHE B 390 27.71 48.40 -1.50
C PHE B 390 29.20 48.15 -1.49
N ASP B 391 29.93 48.86 -0.63
CA ASP B 391 31.38 48.99 -0.76
C ASP B 391 32.13 48.87 0.55
N THR B 392 33.34 48.34 0.49
CA THR B 392 34.37 48.60 1.50
C THR B 392 35.63 49.11 0.81
N HIS B 393 36.42 49.85 1.57
CA HIS B 393 37.80 50.12 1.21
C HIS B 393 38.68 49.02 1.84
N ASP B 394 39.98 49.23 1.97
CA ASP B 394 40.91 48.13 2.25
C ASP B 394 41.22 47.82 3.71
N ILE B 395 40.36 48.26 4.61
CA ILE B 395 40.40 47.89 6.02
C ILE B 395 38.97 47.60 6.48
N GLY B 396 38.86 47.05 7.67
CA GLY B 396 37.58 46.66 8.23
C GLY B 396 37.54 45.18 8.47
N LYS B 397 36.90 44.80 9.57
CA LYS B 397 36.86 43.42 10.10
C LYS B 397 35.40 43.05 10.34
N ARG B 398 35.06 41.80 10.04
CA ARG B 398 33.75 41.24 10.37
C ARG B 398 32.60 42.02 9.74
N VAL B 399 32.70 42.12 8.43
CA VAL B 399 31.78 42.88 7.61
C VAL B 399 30.84 41.91 6.92
N LYS B 400 29.54 42.12 7.08
CA LYS B 400 28.52 41.22 6.56
C LYS B 400 27.41 42.00 5.89
N PHE B 401 27.03 41.57 4.70
CA PHE B 401 25.86 42.08 3.98
C PHE B 401 24.85 40.94 3.85
N VAL B 402 23.61 41.20 4.23
CA VAL B 402 22.56 40.20 4.32
C VAL B 402 21.34 40.69 3.56
N ARG B 403 20.93 39.97 2.53
CA ARG B 403 19.71 40.30 1.80
C ARG B 403 19.69 41.75 1.29
N CYS B 404 20.85 42.23 0.85
CA CYS B 404 20.93 43.51 0.18
C CYS B 404 20.79 43.32 -1.32
N VAL B 405 20.34 44.37 -2.02
CA VAL B 405 20.16 44.32 -3.45
C VAL B 405 20.67 45.59 -4.10
N SER B 406 21.44 45.44 -5.19
CA SER B 406 21.91 46.55 -6.00
C SER B 406 21.35 46.43 -7.40
N TYR B 407 20.77 47.52 -7.89
CA TYR B 407 20.26 47.62 -9.26
C TYR B 407 21.04 48.67 -10.04
N ASP B 408 21.43 48.30 -11.26
CA ASP B 408 21.90 49.25 -12.28
C ASP B 408 23.05 50.15 -11.82
N SER B 409 23.97 49.53 -11.10
CA SER B 409 25.23 50.19 -10.74
C SER B 409 26.07 50.52 -11.99
N ALA B 410 26.72 51.69 -11.98
CA ALA B 410 27.67 52.02 -13.04
C ALA B 410 29.01 51.32 -12.89
N ALA B 411 29.21 50.59 -11.79
CA ALA B 411 30.39 49.80 -11.57
C ALA B 411 29.95 48.40 -11.11
N ALA B 412 30.39 47.94 -9.94
CA ALA B 412 29.94 46.67 -9.38
C ALA B 412 28.66 46.85 -8.58
N GLY B 413 27.91 45.78 -8.39
CA GLY B 413 26.83 45.82 -7.41
C GLY B 413 27.40 45.88 -5.99
N PHE B 414 28.37 45.03 -5.72
CA PHE B 414 29.02 44.89 -4.42
C PHE B 414 30.51 44.84 -4.66
N GLN B 415 31.27 45.64 -3.90
CA GLN B 415 32.71 45.67 -4.01
C GLN B 415 33.32 45.41 -2.64
N ALA B 416 34.18 44.39 -2.56
CA ALA B 416 34.95 44.10 -1.34
C ALA B 416 36.37 44.51 -1.58
N ARG B 417 36.89 45.39 -0.74
CA ARG B 417 38.31 45.71 -0.76
C ARG B 417 39.02 45.36 0.54
N THR B 418 38.29 44.82 1.52
CA THR B 418 38.91 44.26 2.70
C THR B 418 38.73 42.73 2.64
N ASN B 419 39.44 42.00 3.48
CA ASN B 419 39.51 40.54 3.31
C ASN B 419 38.34 39.84 3.97
N GLY B 420 37.87 38.77 3.35
CA GLY B 420 36.83 37.93 3.95
C GLY B 420 35.52 38.63 4.24
N VAL B 421 35.06 39.50 3.34
CA VAL B 421 33.72 40.07 3.46
C VAL B 421 32.73 38.94 3.14
N GLU B 422 31.64 38.86 3.91
CA GLU B 422 30.65 37.78 3.77
C GLU B 422 29.33 38.38 3.29
N TYR B 423 28.75 37.75 2.28
CA TYR B 423 27.50 38.13 1.68
C TYR B 423 26.52 36.98 1.75
N LEU B 424 25.35 37.23 2.35
CA LEU B 424 24.31 36.21 2.54
C LEU B 424 23.07 36.60 1.78
N ASN B 425 22.71 35.81 0.76
CA ASN B 425 21.46 36.01 0.03
C ASN B 425 21.32 37.44 -0.55
N CYS B 426 22.44 38.01 -0.99
CA CYS B 426 22.42 39.31 -1.65
C CYS B 426 22.18 39.13 -3.15
N ARG B 427 21.75 40.19 -3.81
CA ARG B 427 21.36 40.15 -5.22
C ARG B 427 21.93 41.36 -5.94
N ALA B 428 22.43 41.13 -7.15
CA ALA B 428 22.92 42.20 -8.02
C ALA B 428 22.31 42.09 -9.40
N TYR B 429 21.68 43.18 -9.86
CA TYR B 429 21.06 43.26 -11.18
C TYR B 429 21.70 44.34 -12.01
N ARG B 430 22.07 43.99 -13.25
CA ARG B 430 22.42 44.96 -14.29
C ARG B 430 23.59 45.90 -13.92
N ALA B 431 24.54 45.41 -13.13
CA ALA B 431 25.77 46.18 -12.93
C ALA B 431 26.49 46.33 -14.28
N ALA B 432 27.09 47.50 -14.49
CA ALA B 432 27.83 47.74 -15.73
C ALA B 432 29.08 46.88 -15.82
N MET B 433 29.61 46.44 -14.68
CA MET B 433 30.75 45.53 -14.66
C MET B 433 30.34 44.22 -13.98
N ASP B 434 30.71 44.01 -12.73
CA ASP B 434 30.49 42.74 -12.04
C ASP B 434 29.38 42.84 -11.02
N GLY B 435 28.55 41.81 -10.88
CA GLY B 435 27.54 41.83 -9.81
C GLY B 435 28.18 41.99 -8.44
N PHE B 436 29.17 41.15 -8.18
CA PHE B 436 29.92 41.10 -6.96
C PHE B 436 31.39 41.01 -7.36
N ALA B 437 32.26 41.80 -6.72
CA ALA B 437 33.68 41.74 -7.03
C ALA B 437 34.53 42.01 -5.82
N SER B 438 35.72 41.41 -5.80
CA SER B 438 36.76 41.88 -4.93
C SER B 438 37.60 42.90 -5.76
N ASN B 439 38.86 43.06 -5.45
CA ASN B 439 39.72 44.00 -6.18
C ASN B 439 41.18 43.67 -5.88
N THR B 440 42.09 44.43 -6.45
CA THR B 440 43.52 44.12 -6.40
C THR B 440 43.98 43.82 -4.99
N GLY B 441 44.60 42.65 -4.81
CA GLY B 441 45.18 42.31 -3.52
C GLY B 441 44.24 41.81 -2.44
N VAL B 442 42.95 41.67 -2.76
CA VAL B 442 41.93 41.37 -1.77
C VAL B 442 41.68 39.87 -1.71
N ALA B 443 41.61 39.34 -0.49
CA ALA B 443 41.50 37.89 -0.25
C ALA B 443 40.06 37.43 -0.02
N PHE B 444 39.70 36.36 -0.74
CA PHE B 444 38.59 35.48 -0.39
C PHE B 444 37.33 36.10 0.23
N PRO B 445 36.60 36.90 -0.55
CA PRO B 445 35.21 37.14 -0.18
C PRO B 445 34.44 35.81 -0.15
N ILE B 446 33.35 35.80 0.59
CA ILE B 446 32.52 34.65 0.74
C ILE B 446 31.12 35.02 0.30
N TYR B 447 30.60 34.30 -0.70
CA TYR B 447 29.27 34.52 -1.21
C TYR B 447 28.43 33.30 -0.93
N ARG B 448 27.33 33.45 -0.20
CA ARG B 448 26.44 32.35 0.15
C ARG B 448 25.04 32.63 -0.40
N GLU B 449 24.59 31.79 -1.34
CA GLU B 449 23.26 31.89 -1.92
C GLU B 449 22.99 33.29 -2.51
N CYS B 450 24.03 33.91 -3.07
CA CYS B 450 23.89 35.21 -3.73
C CYS B 450 23.51 34.98 -5.18
N LEU B 451 22.78 35.95 -5.73
CA LEU B 451 22.16 35.84 -7.05
C LEU B 451 22.52 37.06 -7.88
N ALA B 452 22.95 36.81 -9.11
CA ALA B 452 23.44 37.85 -10.01
C ALA B 452 22.74 37.74 -11.35
N TYR B 453 22.08 38.81 -11.77
CA TYR B 453 21.27 38.80 -13.00
C TYR B 453 21.66 39.94 -13.92
N ASP B 454 22.06 39.60 -15.16
CA ASP B 454 22.25 40.56 -16.25
C ASP B 454 23.35 41.59 -15.99
N ASN B 455 24.32 41.24 -15.13
CA ASN B 455 25.49 42.08 -14.92
C ASN B 455 26.38 41.93 -16.14
N VAL B 456 26.92 43.01 -16.67
CA VAL B 456 27.49 42.95 -18.01
C VAL B 456 28.68 41.98 -18.09
N ARG B 457 29.65 42.17 -17.20
CA ARG B 457 30.90 41.42 -17.29
C ARG B 457 30.79 40.06 -16.61
N SER B 458 30.51 40.04 -15.32
CA SER B 458 30.40 38.79 -14.61
C SER B 458 29.41 38.87 -13.48
N GLY B 459 28.95 37.72 -13.02
CA GLY B 459 28.19 37.67 -11.79
C GLY B 459 29.06 37.92 -10.56
N PHE B 460 30.13 37.15 -10.47
CA PHE B 460 31.07 37.18 -9.35
C PHE B 460 32.45 37.27 -9.92
N ASN B 461 33.21 38.28 -9.51
CA ASN B 461 34.58 38.43 -9.94
C ASN B 461 35.48 38.45 -8.71
N CYS B 462 35.98 37.27 -8.36
CA CYS B 462 36.95 37.11 -7.29
C CYS B 462 38.22 36.49 -7.85
N SER B 463 38.68 37.08 -8.97
CA SER B 463 39.88 36.65 -9.66
C SER B 463 41.15 37.36 -9.19
N TYR B 464 41.03 38.23 -8.20
CA TYR B 464 42.13 39.03 -7.67
C TYR B 464 42.90 38.35 -6.56
N GLY B 465 42.25 37.42 -5.87
CA GLY B 465 42.84 36.79 -4.69
C GLY B 465 41.98 35.71 -4.05
N GLY B 466 41.29 34.98 -4.91
CA GLY B 466 40.48 33.84 -4.50
C GLY B 466 39.08 34.21 -4.10
N GLY B 467 38.20 33.23 -4.11
CA GLY B 467 36.86 33.42 -3.57
C GLY B 467 36.23 32.12 -3.17
N TYR B 468 35.20 32.24 -2.35
CA TYR B 468 34.37 31.11 -1.94
C TYR B 468 32.96 31.41 -2.40
N VAL B 469 32.49 30.70 -3.44
CA VAL B 469 31.23 30.98 -4.14
C VAL B 469 30.30 29.79 -3.89
N TYR B 470 29.48 29.91 -2.87
CA TYR B 470 28.69 28.78 -2.34
C TYR B 470 27.22 28.93 -2.69
N ASP B 471 26.72 27.97 -3.48
CA ASP B 471 25.30 27.93 -3.87
C ASP B 471 24.82 29.22 -4.51
N CYS B 472 25.71 29.89 -5.23
CA CYS B 472 25.35 31.12 -5.90
C CYS B 472 24.81 30.88 -7.28
N GLU B 473 24.21 31.92 -7.86
CA GLU B 473 23.71 31.86 -9.22
C GLU B 473 24.11 33.07 -9.97
N ALA B 474 24.51 32.89 -11.23
CA ALA B 474 24.78 34.02 -12.11
C ALA B 474 24.23 33.72 -13.47
N HIS B 475 23.44 34.67 -13.95
CA HIS B 475 22.68 34.55 -15.18
C HIS B 475 22.86 35.84 -15.99
N GLY B 476 23.09 35.72 -17.29
CA GLY B 476 23.05 36.91 -18.15
C GLY B 476 24.31 37.75 -18.21
N SER B 477 25.49 37.15 -18.04
CA SER B 477 26.75 37.89 -18.09
C SER B 477 27.66 37.35 -19.19
N GLN B 478 28.83 37.95 -19.35
CA GLN B 478 29.86 37.35 -20.21
C GLN B 478 30.35 36.05 -19.58
N ASN B 479 30.66 36.08 -18.28
CA ASN B 479 31.03 34.87 -17.56
C ASN B 479 30.31 34.87 -16.22
N GLY B 480 29.83 33.73 -15.78
CA GLY B 480 29.13 33.69 -14.50
C GLY B 480 30.02 34.06 -13.32
N VAL B 481 31.16 33.38 -13.23
CA VAL B 481 32.14 33.56 -12.16
C VAL B 481 33.52 33.71 -12.80
N ARG B 482 34.27 34.73 -12.39
CA ARG B 482 35.70 34.87 -12.72
C ARG B 482 36.44 34.58 -11.43
N ILE B 483 37.37 33.62 -11.45
CA ILE B 483 37.98 33.14 -10.21
C ILE B 483 39.37 32.55 -10.49
N ASN B 484 40.33 32.85 -9.62
CA ASN B 484 41.72 32.35 -9.79
C ASN B 484 42.03 31.16 -8.91
N GLY B 485 41.19 30.94 -7.91
CA GLY B 485 41.40 29.92 -6.89
C GLY B 485 40.29 30.01 -5.86
N GLY B 486 40.10 28.94 -5.12
CA GLY B 486 39.09 28.86 -4.07
C GLY B 486 38.10 27.75 -4.36
N ARG B 487 36.81 28.07 -4.27
CA ARG B 487 35.76 27.05 -4.40
C ARG B 487 34.54 27.61 -5.06
N VAL B 488 33.99 26.90 -6.02
CA VAL B 488 32.64 27.13 -6.52
C VAL B 488 31.88 25.85 -6.22
N LYS B 489 31.00 25.89 -5.25
CA LYS B 489 30.31 24.71 -4.76
C LYS B 489 28.83 24.94 -4.85
N GLY B 490 28.12 24.03 -5.51
CA GLY B 490 26.70 24.21 -5.74
C GLY B 490 26.40 25.39 -6.64
N GLY B 491 25.14 25.76 -6.66
CA GLY B 491 24.67 26.85 -7.46
C GLY B 491 24.26 26.49 -8.87
N ARG B 492 23.93 27.52 -9.64
CA ARG B 492 23.32 27.36 -10.95
C ARG B 492 23.63 28.55 -11.84
N TYR B 493 24.08 28.28 -13.05
CA TYR B 493 24.58 29.28 -13.97
C TYR B 493 23.96 29.07 -15.33
N THR B 494 23.47 30.17 -15.93
CA THR B 494 22.83 30.13 -17.25
C THR B 494 23.09 31.41 -18.00
N ARG B 495 22.88 31.38 -19.31
CA ARG B 495 22.89 32.60 -20.12
C ARG B 495 24.16 33.42 -19.92
N ASN B 496 25.30 32.73 -19.99
CA ASN B 496 26.58 33.39 -19.91
C ASN B 496 27.27 33.17 -21.23
N SER B 497 27.59 34.26 -21.93
CA SER B 497 27.90 34.18 -23.36
C SER B 497 29.26 33.54 -23.65
N SER B 498 30.23 33.75 -22.75
CA SER B 498 31.56 33.15 -22.90
C SER B 498 31.60 31.78 -22.18
N SER B 499 31.42 31.80 -20.88
CA SER B 499 31.38 30.55 -20.10
C SER B 499 30.74 30.79 -18.76
N HIS B 500 30.29 29.71 -18.12
CA HIS B 500 29.72 29.82 -16.78
C HIS B 500 30.79 30.13 -15.76
N ILE B 501 31.90 29.42 -15.81
CA ILE B 501 33.03 29.65 -14.93
C ILE B 501 34.23 30.02 -15.78
N PHE B 502 34.94 31.07 -15.37
CA PHE B 502 36.12 31.57 -16.07
C PHE B 502 37.27 31.54 -15.06
N VAL B 503 38.19 30.60 -15.28
CA VAL B 503 39.35 30.44 -14.44
C VAL B 503 40.43 31.37 -15.01
N THR B 504 40.67 32.47 -14.30
CA THR B 504 41.50 33.54 -14.79
C THR B 504 42.00 34.36 -13.59
N LYS B 505 42.72 35.43 -13.87
CA LYS B 505 43.29 36.31 -12.86
C LYS B 505 43.03 37.75 -13.28
N ASP B 506 43.13 38.66 -12.32
CA ASP B 506 43.17 40.09 -12.66
C ASP B 506 44.38 40.45 -13.52
N VAL B 507 45.56 40.00 -13.09
CA VAL B 507 46.80 40.19 -13.83
C VAL B 507 47.59 38.91 -13.71
N ALA B 508 48.47 38.65 -14.69
CA ALA B 508 49.24 37.40 -14.71
C ALA B 508 50.10 37.16 -13.45
N GLU B 509 50.59 38.23 -12.81
CA GLU B 509 51.41 38.09 -11.57
C GLU B 509 50.68 37.57 -10.31
N THR B 510 49.35 37.63 -10.31
CA THR B 510 48.56 37.07 -9.22
C THR B 510 48.71 35.55 -9.21
N ALA B 511 48.84 34.97 -8.03
CA ALA B 511 48.98 33.53 -7.90
C ALA B 511 47.66 32.81 -8.20
N GLN B 512 47.74 31.80 -9.05
CA GLN B 512 46.69 30.80 -9.14
C GLN B 512 46.79 29.86 -7.93
N THR B 513 45.67 29.57 -7.29
CA THR B 513 45.64 28.56 -6.25
C THR B 513 44.65 27.47 -6.66
N SER B 514 44.59 26.38 -5.89
CA SER B 514 43.67 25.30 -6.23
C SER B 514 42.23 25.80 -6.29
N LEU B 515 41.47 25.27 -7.23
CA LEU B 515 40.06 25.59 -7.41
C LEU B 515 39.25 24.29 -7.44
N GLU B 516 38.27 24.20 -6.55
CA GLU B 516 37.30 23.12 -6.56
C GLU B 516 36.02 23.63 -7.19
N ILE B 517 35.51 22.93 -8.19
CA ILE B 517 34.22 23.20 -8.79
C ILE B 517 33.41 21.93 -8.58
N ASP B 518 32.47 21.93 -7.64
CA ASP B 518 31.77 20.70 -7.21
C ASP B 518 30.30 20.97 -7.09
N GLY B 519 29.49 20.11 -7.69
CA GLY B 519 28.05 20.20 -7.50
C GLY B 519 27.37 21.37 -8.19
N VAL B 520 28.02 21.93 -9.21
CA VAL B 520 27.52 23.13 -9.88
C VAL B 520 26.67 22.76 -11.08
N SER B 521 25.50 23.38 -11.19
CA SER B 521 24.72 23.30 -12.39
C SER B 521 25.20 24.34 -13.38
N MET B 522 25.81 23.87 -14.47
CA MET B 522 26.36 24.74 -15.49
C MET B 522 26.11 24.11 -16.86
N ARG B 523 24.83 23.96 -17.14
CA ARG B 523 24.35 23.24 -18.32
C ARG B 523 24.49 24.09 -19.56
N TYR B 524 24.43 23.45 -20.72
CA TYR B 524 24.35 24.18 -21.98
C TYR B 524 22.94 24.63 -22.23
N ASP B 525 22.79 25.93 -22.50
CA ASP B 525 21.48 26.51 -22.80
C ASP B 525 21.50 27.34 -24.09
N GLY B 526 22.44 27.04 -24.99
CA GLY B 526 22.56 27.79 -26.22
C GLY B 526 23.53 28.94 -26.16
N THR B 527 24.22 29.11 -25.01
CA THR B 527 25.13 30.23 -24.81
C THR B 527 26.57 29.73 -24.68
N GLY B 528 27.26 30.07 -23.59
CA GLY B 528 28.68 29.79 -23.46
C GLY B 528 28.98 28.36 -23.04
N ARG B 529 30.27 28.12 -22.85
CA ARG B 529 30.76 26.81 -22.43
C ARG B 529 30.70 26.71 -20.91
N ALA B 530 31.03 25.55 -20.37
CA ALA B 530 30.96 25.37 -18.92
C ALA B 530 32.09 26.11 -18.21
N VAL B 531 33.33 25.84 -18.62
CA VAL B 531 34.51 26.35 -17.94
C VAL B 531 35.53 26.83 -18.98
N TYR B 532 36.07 28.01 -18.73
CA TYR B 532 37.06 28.66 -19.60
C TYR B 532 38.36 28.73 -18.80
N PHE B 533 39.42 28.12 -19.33
CA PHE B 533 40.75 28.14 -18.73
C PHE B 533 41.61 29.15 -19.47
N HIS B 534 42.08 30.15 -18.74
CA HIS B 534 42.78 31.29 -19.34
C HIS B 534 44.29 31.11 -19.36
N GLY B 535 44.75 30.42 -20.40
CA GLY B 535 46.20 30.17 -20.60
C GLY B 535 47.02 31.45 -20.68
N THR B 536 46.42 32.53 -21.20
CA THR B 536 47.10 33.80 -21.41
C THR B 536 47.74 34.33 -20.14
N VAL B 537 47.06 34.13 -19.02
CA VAL B 537 47.54 34.59 -17.70
C VAL B 537 48.17 33.50 -16.83
N GLY B 538 48.45 32.33 -17.43
CA GLY B 538 49.22 31.28 -16.76
C GLY B 538 48.40 30.26 -15.97
N ILE B 539 47.15 30.07 -16.36
CA ILE B 539 46.30 29.10 -15.68
C ILE B 539 46.69 27.68 -16.04
N ASP B 540 47.01 26.90 -15.01
CA ASP B 540 47.27 25.47 -15.12
C ASP B 540 45.97 24.74 -14.78
N PRO B 541 45.33 24.09 -15.77
CA PRO B 541 44.06 23.43 -15.47
C PRO B 541 44.13 22.31 -14.44
N THR B 542 45.32 21.73 -14.22
CA THR B 542 45.45 20.65 -13.22
C THR B 542 45.28 21.11 -11.78
N LEU B 543 45.32 22.43 -11.54
CA LEU B 543 44.98 22.98 -10.23
C LEU B 543 43.48 23.09 -9.99
N VAL B 544 42.67 22.75 -11.00
CA VAL B 544 41.22 22.75 -10.90
C VAL B 544 40.78 21.29 -10.78
N SER B 545 39.75 21.08 -9.97
CA SER B 545 39.14 19.76 -9.79
C SER B 545 37.65 19.97 -10.00
N MET B 546 37.03 19.10 -10.80
CA MET B 546 35.62 19.22 -11.19
C MET B 546 34.88 17.93 -10.85
N SER B 547 34.03 17.97 -9.82
CA SER B 547 33.30 16.76 -9.38
C SER B 547 31.81 16.99 -9.34
N ASN B 548 31.05 16.02 -9.85
CA ASN B 548 29.60 15.97 -9.65
C ASN B 548 28.89 17.24 -10.12
N ASN B 549 29.37 17.81 -11.21
CA ASN B 549 28.73 18.96 -11.83
C ASN B 549 27.77 18.54 -12.92
N ASP B 550 26.74 19.34 -13.16
CA ASP B 550 25.83 19.10 -14.26
C ASP B 550 26.26 20.00 -15.40
N MET B 551 26.90 19.37 -16.39
CA MET B 551 27.37 20.03 -17.59
C MET B 551 26.58 19.53 -18.81
N THR B 552 25.34 19.11 -18.59
CA THR B 552 24.55 18.51 -19.66
C THR B 552 24.42 19.42 -20.86
N GLY B 553 24.71 18.87 -22.06
CA GLY B 553 24.41 19.53 -23.31
C GLY B 553 25.61 20.18 -23.99
N HIS B 554 26.72 20.32 -23.29
CA HIS B 554 27.90 20.98 -23.87
C HIS B 554 28.64 20.13 -24.90
N GLY B 555 28.41 18.82 -24.89
CA GLY B 555 29.08 17.91 -25.82
C GLY B 555 30.58 18.03 -25.75
N LEU B 556 31.21 18.15 -26.92
CA LEU B 556 32.65 18.30 -27.00
C LEU B 556 33.16 19.68 -26.59
N PHE B 557 32.22 20.60 -26.31
CA PHE B 557 32.52 22.01 -26.07
C PHE B 557 32.21 22.43 -24.64
N TRP B 558 32.48 21.54 -23.68
CA TRP B 558 32.35 21.91 -22.27
C TRP B 558 33.45 22.87 -21.81
N ALA B 559 34.63 22.80 -22.40
CA ALA B 559 35.74 23.68 -22.06
C ALA B 559 36.07 24.65 -23.19
N LEU B 560 36.36 25.91 -22.78
CA LEU B 560 37.04 26.90 -23.61
C LEU B 560 38.47 27.07 -23.09
N LEU B 561 39.42 27.13 -24.01
CA LEU B 561 40.81 27.40 -23.70
C LEU B 561 41.33 28.47 -24.66
N SER B 562 42.11 29.39 -24.14
CA SER B 562 42.82 30.35 -24.96
C SER B 562 44.18 30.67 -24.37
N GLY B 563 45.12 31.04 -25.23
CA GLY B 563 46.42 31.49 -24.79
C GLY B 563 47.41 30.41 -24.43
N TYR B 564 47.08 29.16 -24.71
CA TYR B 564 48.02 28.05 -24.48
C TYR B 564 48.88 27.89 -25.73
N THR B 565 50.16 27.66 -25.54
CA THR B 565 51.06 27.32 -26.64
C THR B 565 51.44 25.85 -26.69
N VAL B 566 51.26 25.17 -25.57
CA VAL B 566 51.42 23.72 -25.43
C VAL B 566 50.12 23.19 -24.81
N GLN B 567 49.62 22.10 -25.35
CA GLN B 567 48.39 21.47 -24.85
C GLN B 567 48.51 21.19 -23.37
N PRO B 568 47.63 21.78 -22.55
CA PRO B 568 47.68 21.55 -21.13
C PRO B 568 47.04 20.22 -20.73
N THR B 569 47.42 19.75 -19.56
CA THR B 569 46.77 18.60 -18.92
C THR B 569 45.44 19.09 -18.30
N PRO B 570 44.37 18.26 -18.38
CA PRO B 570 43.08 18.71 -17.90
C PRO B 570 42.95 18.72 -16.37
N PRO B 571 41.87 19.31 -15.85
CA PRO B 571 41.55 19.13 -14.44
C PRO B 571 41.28 17.68 -14.11
N ARG B 572 41.44 17.30 -12.84
CA ARG B 572 40.81 16.08 -12.38
C ARG B 572 39.31 16.22 -12.52
N MET B 573 38.66 15.16 -12.96
CA MET B 573 37.22 15.18 -13.22
C MET B 573 36.60 13.93 -12.68
N SER B 574 35.54 14.07 -11.89
CA SER B 574 34.91 12.93 -11.27
C SER B 574 33.40 13.00 -11.33
N ARG B 575 32.83 12.09 -12.11
CA ARG B 575 31.39 11.81 -12.09
C ARG B 575 30.51 13.03 -12.40
N ASN B 576 30.95 13.83 -13.37
CA ASN B 576 30.14 14.91 -13.90
C ASN B 576 29.15 14.35 -14.93
N LEU B 577 28.08 15.09 -15.19
CA LEU B 577 27.08 14.76 -16.20
C LEU B 577 27.33 15.60 -17.43
N LEU B 578 27.51 14.97 -18.58
CA LEU B 578 27.69 15.67 -19.85
C LEU B 578 26.53 15.48 -20.83
N ASP B 579 25.86 14.34 -20.76
CA ASP B 579 24.72 14.03 -21.62
C ASP B 579 23.60 13.43 -20.80
N ASP B 580 22.39 13.56 -21.32
CA ASP B 580 21.17 13.09 -20.66
C ASP B 580 20.47 11.94 -21.39
N THR B 581 21.00 11.54 -22.53
CA THR B 581 20.43 10.50 -23.40
C THR B 581 21.58 9.60 -23.83
N GLY B 582 21.31 8.32 -24.00
CA GLY B 582 22.34 7.36 -24.38
C GLY B 582 23.44 7.25 -23.34
N ILE B 583 23.07 7.29 -22.07
CA ILE B 583 24.03 7.35 -20.96
C ILE B 583 23.93 6.22 -19.95
N ARG B 584 22.97 5.30 -20.12
CA ARG B 584 22.93 4.08 -19.30
C ARG B 584 22.26 2.97 -20.11
N GLY B 585 22.79 1.76 -19.95
CA GLY B 585 22.19 0.57 -20.57
C GLY B 585 22.81 -0.71 -20.07
N VAL B 586 22.47 -1.79 -20.78
CA VAL B 586 23.01 -3.10 -20.52
C VAL B 586 23.48 -3.69 -21.85
N ALA B 587 24.71 -4.20 -21.86
CA ALA B 587 25.28 -4.88 -23.01
C ALA B 587 25.51 -6.33 -22.67
N THR B 588 25.45 -7.19 -23.69
CA THR B 588 25.74 -8.61 -23.53
C THR B 588 27.00 -8.92 -24.34
N LEU B 589 28.04 -9.39 -23.66
CA LEU B 589 29.28 -9.77 -24.33
C LEU B 589 29.07 -11.05 -25.15
N VAL B 590 29.66 -11.07 -26.35
CA VAL B 590 29.78 -12.26 -27.18
C VAL B 590 31.26 -12.42 -27.44
N ALA B 591 31.81 -13.58 -27.11
CA ALA B 591 33.24 -13.84 -27.27
C ALA B 591 34.10 -12.70 -26.72
N GLY B 592 33.73 -12.27 -25.50
CA GLY B 592 34.50 -11.29 -24.77
C GLY B 592 34.30 -9.84 -25.12
N GLU B 593 33.38 -9.52 -26.04
CA GLU B 593 33.21 -8.13 -26.50
C GLU B 593 31.78 -7.75 -26.80
N ALA B 594 31.48 -6.47 -26.67
CA ALA B 594 30.22 -5.91 -27.13
C ALA B 594 30.48 -4.49 -27.61
N THR B 595 29.87 -4.12 -28.73
CA THR B 595 29.86 -2.76 -29.21
C THR B 595 28.56 -2.12 -28.73
N VAL B 596 28.67 -0.93 -28.15
CA VAL B 596 27.57 -0.26 -27.46
C VAL B 596 27.41 1.12 -28.09
N ASN B 597 26.23 1.42 -28.62
CA ASN B 597 25.91 2.80 -29.04
C ASN B 597 25.54 3.60 -27.80
N ALA B 598 26.15 4.76 -27.63
CA ALA B 598 25.99 5.58 -26.42
C ALA B 598 26.61 6.93 -26.66
N ARG B 599 26.19 7.93 -25.89
CA ARG B 599 26.83 9.24 -25.94
C ARG B 599 28.13 9.30 -25.14
N VAL B 600 29.04 8.39 -25.45
CA VAL B 600 30.43 8.46 -25.03
C VAL B 600 31.08 9.56 -25.86
N ARG B 601 32.05 10.24 -25.25
CA ARG B 601 32.68 11.38 -25.88
C ARG B 601 34.14 11.49 -25.50
N GLY B 602 34.86 12.24 -26.31
CA GLY B 602 36.26 12.52 -26.02
C GLY B 602 36.92 13.39 -27.08
N ASN B 603 38.08 13.91 -26.72
CA ASN B 603 38.95 14.55 -27.70
C ASN B 603 40.31 13.92 -27.61
N PHE B 604 40.86 13.51 -28.76
CA PHE B 604 42.13 12.81 -28.77
C PHE B 604 43.22 13.53 -29.55
N GLY B 605 42.94 14.77 -29.94
CA GLY B 605 43.87 15.59 -30.70
C GLY B 605 44.88 16.31 -29.83
N SER B 606 45.74 17.07 -30.49
CA SER B 606 46.88 17.72 -29.86
C SER B 606 46.88 19.24 -29.94
N VAL B 607 45.76 19.83 -30.37
CA VAL B 607 45.64 21.29 -30.52
C VAL B 607 45.93 21.96 -29.17
N ALA B 608 46.74 23.02 -29.20
CA ALA B 608 47.23 23.63 -27.96
C ALA B 608 46.07 24.08 -27.05
N ASN B 609 45.09 24.75 -27.63
CA ASN B 609 43.93 25.23 -26.87
C ASN B 609 42.82 24.17 -26.83
N SER B 610 43.18 23.02 -26.28
CA SER B 610 42.25 21.89 -26.10
C SER B 610 42.80 20.94 -25.05
N PHE B 611 41.94 20.03 -24.58
CA PHE B 611 42.31 18.96 -23.66
C PHE B 611 42.17 17.63 -24.35
N LYS B 612 43.02 16.67 -24.00
CA LYS B 612 42.76 15.27 -24.29
C LYS B 612 41.96 14.69 -23.14
N TRP B 613 40.82 14.09 -23.44
CA TRP B 613 39.93 13.55 -22.39
C TRP B 613 38.96 12.57 -23.01
N VAL B 614 38.37 11.75 -22.17
CA VAL B 614 37.31 10.83 -22.60
C VAL B 614 36.36 10.62 -21.42
N SER B 615 35.14 10.24 -21.75
CA SER B 615 34.12 9.86 -20.75
C SER B 615 34.65 8.85 -19.73
N GLU B 616 34.19 8.95 -18.48
CA GLU B 616 34.34 7.86 -17.50
C GLU B 616 33.13 6.98 -17.69
N VAL B 617 33.35 5.74 -18.11
CA VAL B 617 32.27 4.78 -18.26
C VAL B 617 32.36 3.76 -17.13
N LYS B 618 31.35 3.76 -16.26
CA LYS B 618 31.30 2.88 -15.11
C LYS B 618 30.64 1.58 -15.58
N LEU B 619 31.33 0.46 -15.36
CA LEU B 619 30.85 -0.86 -15.77
C LEU B 619 30.57 -1.70 -14.54
N THR B 620 29.41 -2.36 -14.53
CA THR B 620 29.07 -3.31 -13.47
C THR B 620 28.49 -4.59 -14.09
N ARG B 621 28.98 -5.73 -13.62
CA ARG B 621 28.55 -7.02 -14.14
C ARG B 621 27.21 -7.44 -13.54
N LEU B 622 26.27 -7.87 -14.39
CA LEU B 622 24.92 -8.30 -13.96
C LEU B 622 24.64 -9.80 -14.03
N THR B 623 25.47 -10.53 -14.77
CA THR B 623 25.37 -12.00 -14.83
C THR B 623 26.78 -12.54 -14.68
N PHE B 624 26.87 -13.78 -14.21
CA PHE B 624 28.08 -14.29 -13.62
C PHE B 624 28.51 -15.64 -14.21
N PRO B 625 28.76 -15.66 -15.54
CA PRO B 625 29.24 -16.89 -16.16
C PRO B 625 30.64 -17.24 -15.69
N SER B 626 30.99 -18.51 -15.80
CA SER B 626 32.33 -18.98 -15.42
C SER B 626 33.46 -18.27 -16.20
N SER B 627 33.12 -17.74 -17.37
CA SER B 627 34.05 -17.00 -18.24
C SER B 627 34.17 -15.51 -17.92
N ALA B 628 33.64 -15.07 -16.78
CA ALA B 628 33.78 -13.68 -16.37
C ALA B 628 35.25 -13.27 -16.25
N GLY B 629 35.59 -12.17 -16.91
CA GLY B 629 36.94 -11.59 -16.85
C GLY B 629 36.92 -10.12 -16.49
N ALA B 630 38.10 -9.50 -16.43
CA ALA B 630 38.19 -8.08 -16.16
C ALA B 630 37.73 -7.26 -17.37
N LEU B 631 36.99 -6.19 -17.14
CA LEU B 631 36.35 -5.41 -18.18
C LEU B 631 37.04 -4.08 -18.40
N THR B 632 36.99 -3.62 -19.65
CA THR B 632 37.58 -2.35 -20.06
C THR B 632 36.79 -1.73 -21.19
N VAL B 633 36.98 -0.43 -21.34
CA VAL B 633 36.41 0.32 -22.46
C VAL B 633 37.50 0.59 -23.50
N THR B 634 37.17 0.30 -24.76
CA THR B 634 38.05 0.64 -25.86
C THR B 634 37.22 1.07 -27.06
N SER B 635 37.90 1.31 -28.18
CA SER B 635 37.28 1.65 -29.46
C SER B 635 36.18 2.71 -29.35
N VAL B 636 36.49 3.81 -28.68
CA VAL B 636 35.58 4.95 -28.65
C VAL B 636 35.56 5.55 -30.05
N ALA B 637 34.35 5.68 -30.59
CA ALA B 637 34.11 6.17 -31.92
C ALA B 637 33.01 7.22 -31.83
N GLN B 638 33.19 8.30 -32.57
CA GLN B 638 32.23 9.40 -32.53
C GLN B 638 31.75 9.67 -33.95
N ASN B 639 30.43 9.76 -34.08
CA ASN B 639 29.80 9.99 -35.37
C ASN B 639 30.14 11.39 -35.88
N GLN B 640 30.41 11.47 -37.19
CA GLN B 640 30.74 12.72 -37.87
C GLN B 640 29.79 12.97 -39.04
N ASP B 641 28.48 12.82 -38.82
CA ASP B 641 27.49 13.10 -39.87
C ASP B 641 27.60 14.57 -40.30
N VAL B 642 27.27 14.82 -41.56
CA VAL B 642 27.86 15.95 -42.31
C VAL B 642 27.26 17.33 -42.02
N PRO B 643 25.92 17.48 -42.08
CA PRO B 643 25.34 18.72 -41.52
C PRO B 643 25.57 18.79 -40.01
N THR B 644 25.11 17.76 -39.30
CA THR B 644 25.15 17.75 -37.83
C THR B 644 25.51 16.35 -37.34
N PRO B 645 26.60 16.21 -36.56
CA PRO B 645 26.90 14.90 -36.00
C PRO B 645 25.78 14.36 -35.12
N ASN B 646 25.59 13.05 -35.16
CA ASN B 646 24.59 12.38 -34.36
C ASN B 646 25.28 11.60 -33.23
N PRO B 647 25.33 12.20 -32.02
CA PRO B 647 26.01 11.51 -30.91
C PRO B 647 25.35 10.23 -30.43
N ASP B 648 24.08 10.02 -30.77
CA ASP B 648 23.43 8.72 -30.49
C ASP B 648 24.04 7.57 -31.29
N LEU B 649 24.79 7.88 -32.36
CA LEU B 649 25.57 6.89 -33.09
C LEU B 649 27.05 6.83 -32.71
N ASN B 650 27.46 7.60 -31.69
CA ASN B 650 28.75 7.33 -31.03
C ASN B 650 28.72 5.92 -30.44
N SER B 651 29.90 5.34 -30.23
CA SER B 651 29.97 3.99 -29.67
C SER B 651 31.26 3.75 -28.94
N PHE B 652 31.23 2.71 -28.12
CA PHE B 652 32.42 2.17 -27.49
C PHE B 652 32.29 0.65 -27.45
N VAL B 653 33.40 -0.01 -27.18
CA VAL B 653 33.45 -1.44 -27.01
C VAL B 653 33.77 -1.76 -25.57
N ILE B 654 32.99 -2.67 -24.99
CA ILE B 654 33.35 -3.32 -23.75
C ILE B 654 34.09 -4.60 -24.12
N ARG B 655 35.31 -4.74 -23.61
CA ARG B 655 36.12 -5.92 -23.84
C ARG B 655 36.52 -6.55 -22.52
N SER B 656 36.45 -7.88 -22.47
CA SER B 656 36.85 -8.67 -21.31
C SER B 656 38.25 -9.24 -21.53
N SER B 657 38.98 -9.42 -20.43
CA SER B 657 40.25 -10.16 -20.45
C SER B 657 40.07 -11.65 -20.78
N ASN B 658 38.85 -12.16 -20.62
CA ASN B 658 38.53 -13.53 -20.99
C ASN B 658 37.78 -13.53 -22.32
N ALA B 659 38.41 -14.13 -23.33
CA ALA B 659 37.89 -14.13 -24.68
C ALA B 659 36.60 -14.93 -24.84
N ALA B 660 36.20 -15.71 -23.83
CA ALA B 660 34.91 -16.41 -23.84
C ALA B 660 33.82 -15.74 -23.02
N ASP B 661 34.10 -14.57 -22.45
CA ASP B 661 33.15 -13.92 -21.55
C ASP B 661 31.84 -13.62 -22.27
N VAL B 662 30.73 -13.99 -21.63
CA VAL B 662 29.39 -13.72 -22.15
C VAL B 662 28.54 -12.96 -21.13
N SER B 663 29.21 -12.28 -20.20
CA SER B 663 28.56 -11.51 -19.14
C SER B 663 27.65 -10.44 -19.68
N GLN B 664 26.56 -10.19 -18.96
CA GLN B 664 25.78 -8.98 -19.15
C GLN B 664 26.40 -7.89 -18.30
N VAL B 665 26.56 -6.70 -18.88
CA VAL B 665 27.30 -5.62 -18.24
C VAL B 665 26.50 -4.33 -18.30
N ALA B 666 26.23 -3.78 -17.12
CA ALA B 666 25.62 -2.45 -17.02
C ALA B 666 26.69 -1.41 -17.27
N TRP B 667 26.35 -0.38 -18.05
CA TRP B 667 27.26 0.72 -18.35
C TRP B 667 26.56 2.04 -18.06
N GLU B 668 27.35 3.00 -17.57
CA GLU B 668 26.89 4.35 -17.23
C GLU B 668 27.94 5.35 -17.67
N VAL B 669 27.53 6.41 -18.37
CA VAL B 669 28.46 7.36 -18.97
C VAL B 669 28.48 8.69 -18.20
N TYR B 670 29.66 9.00 -17.67
CA TYR B 670 29.93 10.25 -16.97
C TYR B 670 31.04 11.01 -17.70
N LEU B 671 31.27 12.23 -17.26
CA LEU B 671 32.50 12.96 -17.59
C LEU B 671 33.37 12.92 -16.31
N GLU C 30 -11.59 87.02 30.48
CA GLU C 30 -11.36 85.59 30.09
C GLU C 30 -12.67 84.80 30.11
N ARG C 31 -13.01 84.20 28.97
CA ARG C 31 -14.28 83.51 28.76
C ARG C 31 -14.07 82.03 29.13
N VAL C 32 -14.72 81.61 30.22
CA VAL C 32 -14.61 80.22 30.67
C VAL C 32 -15.98 79.57 30.61
N PHE C 33 -16.03 78.34 30.08
CA PHE C 33 -17.29 77.62 29.95
C PHE C 33 -17.22 76.26 30.62
N SER C 34 -18.31 75.86 31.26
CA SER C 34 -18.39 74.60 32.00
C SER C 34 -18.66 73.40 31.10
N ASP C 35 -19.50 73.60 30.08
CA ASP C 35 -19.85 72.55 29.12
C ASP C 35 -19.71 73.08 27.70
N LEU C 36 -19.77 72.16 26.74
CA LEU C 36 -19.62 72.51 25.32
C LEU C 36 -20.82 73.29 24.78
N ALA C 37 -22.03 72.84 25.10
CA ALA C 37 -23.26 73.48 24.63
C ALA C 37 -23.27 74.97 24.96
N SER C 38 -22.88 75.26 26.21
CA SER C 38 -22.71 76.62 26.71
C SER C 38 -21.71 77.40 25.85
N MET C 39 -20.55 76.80 25.59
CA MET C 39 -19.49 77.48 24.81
C MET C 39 -19.93 77.84 23.39
N VAL C 40 -20.56 76.90 22.69
CA VAL C 40 -20.87 77.11 21.25
C VAL C 40 -22.12 77.94 21.00
N ALA C 41 -22.93 78.14 22.04
CA ALA C 41 -24.10 79.01 21.98
C ALA C 41 -23.78 80.48 22.24
N TYR C 42 -22.61 80.75 22.84
CA TYR C 42 -22.23 82.12 23.24
C TYR C 42 -22.22 83.06 22.05
N PRO C 43 -23.07 84.11 22.05
CA PRO C 43 -23.27 84.95 20.87
C PRO C 43 -22.22 86.01 20.58
N ASN C 44 -21.32 86.27 21.52
CA ASN C 44 -20.51 87.50 21.50
C ASN C 44 -19.01 87.30 21.36
N PHE C 45 -18.54 86.17 20.84
CA PHE C 45 -17.10 85.95 20.74
C PHE C 45 -16.40 87.00 19.88
N GLN C 46 -15.20 87.38 20.31
CA GLN C 46 -14.36 88.29 19.56
C GLN C 46 -12.96 87.73 19.50
N VAL C 47 -12.20 88.18 18.50
CA VAL C 47 -10.89 87.55 18.22
C VAL C 47 -9.90 87.62 19.37
N GLN C 48 -9.98 88.69 20.15
CA GLN C 48 -9.10 88.89 21.30
C GLN C 48 -9.44 88.04 22.54
N ASP C 49 -10.60 87.36 22.53
CA ASP C 49 -11.05 86.60 23.70
C ASP C 49 -10.13 85.42 24.01
N LYS C 50 -9.80 85.25 25.28
CA LYS C 50 -9.19 84.01 25.77
C LYS C 50 -10.37 83.14 26.19
N ILE C 51 -10.42 81.92 25.66
CA ILE C 51 -11.60 81.07 25.73
C ILE C 51 -11.13 79.73 26.29
N THR C 52 -11.80 79.25 27.34
CA THR C 52 -11.48 77.95 27.94
C THR C 52 -12.73 77.10 28.08
N LEU C 53 -12.59 75.82 27.72
CA LEU C 53 -13.61 74.80 27.99
C LEU C 53 -13.09 73.92 29.12
N LEU C 54 -13.84 73.87 30.21
CA LEU C 54 -13.51 73.01 31.35
C LEU C 54 -14.10 71.62 31.10
N GLY C 55 -13.50 70.62 31.72
CA GLY C 55 -14.03 69.25 31.71
C GLY C 55 -13.83 68.46 30.42
N SER C 56 -14.90 67.81 29.95
CA SER C 56 -14.81 66.82 28.88
C SER C 56 -14.62 67.46 27.51
N ALA C 57 -13.71 66.85 26.73
CA ALA C 57 -13.15 67.43 25.51
C ALA C 57 -12.58 68.85 25.70
N GLY C 58 -12.09 69.14 26.91
CA GLY C 58 -11.74 70.51 27.31
C GLY C 58 -10.40 71.02 26.81
N GLY C 59 -10.21 72.33 26.92
CA GLY C 59 -8.98 72.98 26.48
C GLY C 59 -9.14 74.48 26.19
N ASP C 60 -8.18 75.03 25.47
CA ASP C 60 -8.15 76.45 25.11
C ASP C 60 -8.48 76.65 23.63
N PHE C 61 -9.19 77.75 23.34
CA PHE C 61 -9.70 78.02 21.98
C PHE C 61 -9.51 79.45 21.55
N THR C 62 -9.44 79.66 20.24
CA THR C 62 -9.46 80.98 19.62
C THR C 62 -10.66 81.11 18.71
N PHE C 63 -11.27 82.31 18.71
CA PHE C 63 -12.36 82.64 17.79
C PHE C 63 -11.80 83.20 16.49
N THR C 64 -12.41 82.80 15.37
CA THR C 64 -12.10 83.35 14.05
C THR C 64 -13.34 83.45 13.18
N THR C 65 -13.36 84.44 12.29
CA THR C 65 -14.40 84.59 11.26
C THR C 65 -14.08 83.90 9.94
N THR C 66 -12.84 83.41 9.82
CA THR C 66 -12.41 82.69 8.61
C THR C 66 -13.09 81.33 8.51
N ALA C 67 -13.56 81.03 7.31
CA ALA C 67 -14.26 79.78 7.05
C ALA C 67 -13.32 78.65 7.43
N SER C 68 -13.82 77.80 8.31
CA SER C 68 -13.07 76.69 8.86
C SER C 68 -13.90 75.44 8.71
N VAL C 69 -13.23 74.30 8.62
CA VAL C 69 -13.90 73.03 8.41
C VAL C 69 -14.33 72.48 9.77
N VAL C 70 -15.63 72.56 10.04
CA VAL C 70 -16.19 72.10 11.31
C VAL C 70 -16.02 70.59 11.46
N ASP C 71 -15.42 70.20 12.58
CA ASP C 71 -15.28 68.79 12.95
C ASP C 71 -15.69 68.47 14.39
N ASN C 72 -16.17 69.47 15.13
CA ASN C 72 -16.57 69.30 16.51
C ASN C 72 -15.52 68.58 17.39
N GLY C 73 -14.27 68.90 17.14
CA GLY C 73 -13.15 68.44 17.95
C GLY C 73 -12.00 69.44 18.00
N THR C 74 -11.57 69.89 16.83
CA THR C 74 -10.60 70.96 16.69
C THR C 74 -11.23 72.28 16.17
N VAL C 75 -12.37 72.18 15.48
CA VAL C 75 -13.11 73.34 14.94
C VAL C 75 -14.60 73.20 15.25
N PHE C 76 -15.19 74.24 15.87
CA PHE C 76 -16.62 74.29 16.22
C PHE C 76 -17.26 75.51 15.59
N ALA C 77 -18.48 75.38 15.05
CA ALA C 77 -19.27 76.54 14.61
C ALA C 77 -19.84 77.25 15.83
N VAL C 78 -19.75 78.58 15.83
CA VAL C 78 -20.37 79.42 16.85
C VAL C 78 -20.99 80.63 16.16
N PRO C 79 -21.83 81.40 16.88
CA PRO C 79 -22.39 82.58 16.25
C PRO C 79 -21.30 83.53 15.75
N GLY C 80 -21.35 83.82 14.45
CA GLY C 80 -20.43 84.77 13.84
C GLY C 80 -19.08 84.22 13.41
N GLY C 81 -18.87 82.92 13.56
CA GLY C 81 -17.63 82.31 13.11
C GLY C 81 -17.38 80.91 13.66
N TYR C 82 -16.14 80.70 14.08
CA TYR C 82 -15.65 79.36 14.48
C TYR C 82 -14.72 79.44 15.69
N LEU C 83 -14.71 78.40 16.53
CA LEU C 83 -13.68 78.24 17.56
C LEU C 83 -12.69 77.16 17.14
N LEU C 84 -11.40 77.49 17.24
CA LEU C 84 -10.31 76.61 16.90
C LEU C 84 -9.56 76.21 18.17
N ARG C 85 -9.40 74.92 18.41
CA ARG C 85 -8.64 74.45 19.57
C ARG C 85 -7.16 74.79 19.40
N LYS C 86 -6.53 75.23 20.49
CA LYS C 86 -5.11 75.57 20.51
C LYS C 86 -4.31 74.40 21.06
N PHE C 87 -3.39 73.88 20.26
CA PHE C 87 -2.56 72.77 20.68
C PHE C 87 -1.32 72.60 19.80
N VAL C 88 -0.32 71.93 20.38
CA VAL C 88 0.88 71.52 19.68
C VAL C 88 0.97 69.98 19.85
N GLY C 89 1.60 69.32 18.89
CA GLY C 89 1.64 67.86 18.88
C GLY C 89 0.32 67.29 18.36
N PRO C 90 0.05 66.00 18.64
CA PRO C 90 -1.11 65.35 18.03
C PRO C 90 -2.46 65.82 18.54
N ALA C 91 -3.49 65.64 17.71
CA ALA C 91 -4.88 65.72 18.17
C ALA C 91 -5.26 64.37 18.80
N TYR C 92 -6.33 64.38 19.59
CA TYR C 92 -6.82 63.19 20.28
C TYR C 92 -8.30 62.97 19.95
N SER C 93 -8.68 61.72 19.77
CA SER C 93 -10.08 61.37 19.45
C SER C 93 -11.04 61.75 20.59
N SER C 94 -10.52 61.79 21.82
CA SER C 94 -11.32 62.24 22.97
C SER C 94 -11.78 63.70 22.91
N TRP C 95 -11.18 64.49 22.02
CA TRP C 95 -11.63 65.86 21.76
C TRP C 95 -12.90 65.97 20.92
N PHE C 96 -13.28 64.90 20.22
CA PHE C 96 -14.32 64.95 19.20
C PHE C 96 -15.66 64.47 19.72
N SER C 97 -16.73 65.17 19.29
CA SER C 97 -18.10 64.81 19.64
C SER C 97 -18.56 63.50 19.05
N ASN C 98 -18.06 63.16 17.86
CA ASN C 98 -18.55 61.99 17.16
C ASN C 98 -17.60 61.51 16.05
N TRP C 99 -17.88 60.31 15.58
CA TRP C 99 -17.15 59.69 14.48
C TRP C 99 -17.09 60.59 13.24
N THR C 100 -18.23 61.20 12.90
CA THR C 100 -18.33 62.06 11.73
C THR C 100 -17.23 63.14 11.74
N GLY C 101 -16.97 63.71 12.92
CA GLY C 101 -15.91 64.71 13.09
C GLY C 101 -14.51 64.16 12.89
N ILE C 102 -14.27 62.93 13.35
CA ILE C 102 -12.99 62.26 13.15
C ILE C 102 -12.74 62.10 11.64
N VAL C 103 -13.77 61.66 10.92
CA VAL C 103 -13.69 61.48 9.47
C VAL C 103 -13.39 62.83 8.80
N THR C 104 -14.10 63.88 9.22
CA THR C 104 -13.87 65.19 8.66
C THR C 104 -12.43 65.66 8.90
N PHE C 105 -11.92 65.48 10.12
CA PHE C 105 -10.56 65.86 10.45
C PHE C 105 -9.54 65.15 9.56
N MET C 106 -9.67 63.84 9.43
CA MET C 106 -8.72 63.07 8.61
C MET C 106 -8.90 63.21 7.10
N SER C 107 -9.98 63.86 6.66
CA SER C 107 -10.19 64.11 5.22
C SER C 107 -9.19 65.07 4.60
N ALA C 108 -8.43 65.76 5.45
CA ALA C 108 -7.35 66.64 5.01
C ALA C 108 -6.00 65.97 5.25
N PRO C 109 -4.97 66.38 4.47
CA PRO C 109 -3.63 65.88 4.70
C PRO C 109 -2.98 66.52 5.93
N ASN C 110 -1.79 66.06 6.27
CA ASN C 110 -0.95 66.68 7.32
C ASN C 110 -1.51 66.52 8.74
N ARG C 111 -2.22 65.43 8.98
CA ARG C 111 -2.88 65.20 10.27
C ARG C 111 -2.14 64.20 11.15
N HIS C 112 -2.08 64.48 12.45
CA HIS C 112 -1.62 63.51 13.43
C HIS C 112 -2.73 63.36 14.45
N LEU C 113 -3.35 62.18 14.48
CA LEU C 113 -4.45 61.89 15.39
C LEU C 113 -4.11 60.68 16.22
N VAL C 114 -4.25 60.81 17.54
CA VAL C 114 -4.14 59.71 18.48
C VAL C 114 -5.55 59.27 18.86
N VAL C 115 -5.85 57.99 18.62
CA VAL C 115 -7.12 57.39 18.98
C VAL C 115 -6.95 56.88 20.40
N ASP C 116 -7.52 57.64 21.35
CA ASP C 116 -7.45 57.33 22.78
C ASP C 116 -8.81 56.94 23.35
N THR C 117 -9.76 56.67 22.47
CA THR C 117 -11.11 56.26 22.84
C THR C 117 -11.59 55.13 21.93
N VAL C 118 -12.70 54.51 22.32
CA VAL C 118 -13.36 53.50 21.52
C VAL C 118 -14.34 54.19 20.59
N LEU C 119 -14.01 54.19 19.30
CA LEU C 119 -14.79 54.86 18.28
C LEU C 119 -15.75 53.89 17.63
N GLN C 120 -16.97 54.36 17.37
CA GLN C 120 -17.97 53.58 16.68
C GLN C 120 -18.13 54.10 15.27
N ALA C 121 -17.62 53.36 14.28
CA ALA C 121 -17.68 53.78 12.89
C ALA C 121 -19.09 53.61 12.30
N THR C 122 -19.49 54.60 11.50
CA THR C 122 -20.70 54.54 10.67
C THR C 122 -20.41 54.92 9.21
N SER C 123 -19.13 55.00 8.86
CA SER C 123 -18.70 55.37 7.52
C SER C 123 -17.21 55.01 7.41
N VAL C 124 -16.69 55.10 6.21
CA VAL C 124 -15.28 54.85 5.94
C VAL C 124 -14.43 56.03 6.43
N LEU C 125 -13.32 55.74 7.09
CA LEU C 125 -12.33 56.76 7.47
C LEU C 125 -11.26 56.84 6.40
N ASN C 126 -11.24 57.95 5.64
CA ASN C 126 -10.18 58.21 4.67
C ASN C 126 -9.02 58.92 5.32
N ILE C 127 -7.81 58.50 4.96
CA ILE C 127 -6.57 59.08 5.43
C ILE C 127 -5.84 59.62 4.21
N LYS C 128 -5.28 60.82 4.36
CA LYS C 128 -4.60 61.55 3.29
C LYS C 128 -3.11 61.71 3.58
N SER C 129 -2.38 62.34 2.67
CA SER C 129 -0.92 62.35 2.74
C SER C 129 -0.36 62.97 4.00
N ASN C 130 0.85 62.54 4.35
CA ASN C 130 1.62 63.11 5.45
C ASN C 130 0.82 63.09 6.75
N SER C 131 0.20 61.94 7.02
CA SER C 131 -0.66 61.79 8.17
C SER C 131 -0.32 60.55 8.99
N THR C 132 -0.58 60.64 10.28
CA THR C 132 -0.30 59.56 11.23
C THR C 132 -1.57 59.33 12.05
N LEU C 133 -2.02 58.09 12.10
CA LEU C 133 -3.13 57.68 12.93
C LEU C 133 -2.55 56.67 13.92
N GLU C 134 -2.59 57.01 15.20
CA GLU C 134 -1.88 56.25 16.23
C GLU C 134 -2.90 55.85 17.28
N PHE C 135 -2.85 54.63 17.77
CA PHE C 135 -3.80 54.16 18.77
C PHE C 135 -3.10 53.95 20.10
N THR C 136 -3.74 54.39 21.17
CA THR C 136 -3.29 54.03 22.52
C THR C 136 -3.81 52.63 22.81
N ASP C 137 -3.45 52.05 23.94
CA ASP C 137 -3.90 50.67 24.20
C ASP C 137 -5.41 50.43 24.30
N THR C 138 -6.15 51.45 24.73
CA THR C 138 -7.62 51.34 24.77
C THR C 138 -8.30 51.87 23.51
N GLY C 139 -7.58 52.61 22.67
CA GLY C 139 -8.15 53.10 21.41
C GLY C 139 -8.59 51.97 20.49
N ARG C 140 -9.75 52.14 19.87
CA ARG C 140 -10.34 51.13 18.95
C ARG C 140 -11.17 51.81 17.92
N ILE C 141 -11.28 51.20 16.75
CA ILE C 141 -12.38 51.51 15.84
C ILE C 141 -13.24 50.25 15.77
N LEU C 142 -14.47 50.35 16.27
CA LEU C 142 -15.45 49.29 16.13
C LEU C 142 -16.24 49.56 14.86
N PRO C 143 -16.28 48.58 13.93
CA PRO C 143 -17.05 48.80 12.70
C PRO C 143 -18.55 48.82 12.97
N ASP C 144 -19.28 49.28 11.97
CA ASP C 144 -20.72 49.40 12.03
C ASP C 144 -21.37 48.02 11.91
N ALA C 145 -22.18 47.64 12.90
CA ALA C 145 -22.95 46.39 12.83
C ALA C 145 -24.06 46.41 11.77
N ALA C 146 -24.57 47.59 11.44
CA ALA C 146 -25.70 47.71 10.53
C ALA C 146 -25.33 47.43 9.07
N VAL C 147 -24.10 47.77 8.70
CA VAL C 147 -23.67 47.75 7.31
C VAL C 147 -22.20 47.30 7.29
N ALA C 148 -21.89 46.24 6.56
CA ALA C 148 -20.48 45.84 6.37
C ALA C 148 -19.85 46.77 5.34
N ARG C 149 -18.81 47.49 5.76
CA ARG C 149 -18.12 48.43 4.87
C ARG C 149 -16.63 48.42 5.16
N GLN C 150 -15.86 49.22 4.42
CA GLN C 150 -14.44 49.34 4.67
C GLN C 150 -14.21 50.22 5.90
N VAL C 151 -13.10 50.03 6.59
CA VAL C 151 -12.84 50.75 7.83
C VAL C 151 -11.89 51.92 7.54
N LEU C 152 -10.66 51.64 7.13
CA LEU C 152 -9.71 52.69 6.71
C LEU C 152 -9.47 52.60 5.23
N ASN C 153 -9.42 53.77 4.57
CA ASN C 153 -9.06 53.86 3.15
C ASN C 153 -7.93 54.83 2.99
N ILE C 154 -6.93 54.46 2.19
CA ILE C 154 -5.80 55.30 1.85
C ILE C 154 -5.77 55.26 0.33
N THR C 155 -6.44 56.22 -0.31
CA THR C 155 -6.86 56.10 -1.71
C THR C 155 -6.36 57.26 -2.57
N GLY C 156 -5.37 56.98 -3.41
CA GLY C 156 -5.01 57.84 -4.52
C GLY C 156 -5.85 57.46 -5.73
N SER C 157 -5.39 57.85 -6.91
CA SER C 157 -6.11 57.53 -8.13
C SER C 157 -5.16 57.41 -9.32
N ALA C 158 -5.58 56.60 -10.26
CA ALA C 158 -4.84 56.44 -11.52
C ALA C 158 -4.84 57.75 -12.29
N PRO C 159 -3.91 57.90 -13.25
CA PRO C 159 -3.93 59.11 -14.07
C PRO C 159 -5.21 59.27 -14.83
N SER C 160 -5.62 60.53 -14.99
CA SER C 160 -6.75 60.86 -15.82
C SER C 160 -6.40 60.99 -17.29
N VAL C 161 -5.11 61.08 -17.60
CA VAL C 161 -4.65 61.16 -18.98
C VAL C 161 -3.24 60.57 -19.09
N PHE C 162 -2.98 59.94 -20.23
CA PHE C 162 -1.68 59.35 -20.53
C PHE C 162 -1.11 60.00 -21.76
N VAL C 163 0.22 60.03 -21.83
CA VAL C 163 0.92 60.47 -23.03
C VAL C 163 1.87 59.38 -23.46
N PRO C 164 2.08 59.24 -24.79
CA PRO C 164 3.01 58.21 -25.22
C PRO C 164 4.45 58.52 -24.83
N LEU C 165 5.25 57.49 -24.55
CA LEU C 165 6.69 57.69 -24.50
C LEU C 165 7.17 58.12 -25.88
N ALA C 166 8.19 58.98 -25.89
CA ALA C 166 8.78 59.48 -27.13
C ALA C 166 9.73 58.49 -27.76
N ALA C 167 10.23 57.55 -26.95
CA ALA C 167 11.17 56.53 -27.42
C ALA C 167 11.08 55.31 -26.53
N ASP C 168 11.47 54.17 -27.09
CA ASP C 168 11.57 52.93 -26.34
C ASP C 168 12.42 53.18 -25.09
N ALA C 169 12.02 52.54 -23.99
CA ALA C 169 12.78 52.58 -22.73
C ALA C 169 12.98 51.15 -22.24
N ALA C 170 14.19 50.65 -22.40
CA ALA C 170 14.50 49.27 -22.05
C ALA C 170 14.54 49.06 -20.55
N ALA C 171 14.41 47.80 -20.13
CA ALA C 171 14.63 47.46 -18.74
C ALA C 171 15.99 47.97 -18.32
N GLY C 172 16.06 48.55 -17.13
CA GLY C 172 17.26 49.19 -16.65
C GLY C 172 17.32 50.69 -16.90
N SER C 173 16.39 51.22 -17.71
CA SER C 173 16.37 52.66 -18.00
C SER C 173 16.22 53.50 -16.73
N LYS C 174 17.06 54.54 -16.64
CA LYS C 174 17.04 55.53 -15.57
C LYS C 174 16.15 56.72 -15.91
N VAL C 175 15.90 56.89 -17.22
CA VAL C 175 15.23 58.04 -17.76
C VAL C 175 14.18 57.53 -18.73
N ILE C 176 13.06 58.24 -18.78
CA ILE C 176 12.10 58.10 -19.85
C ILE C 176 11.94 59.44 -20.52
N THR C 177 11.45 59.40 -21.76
CA THR C 177 11.26 60.61 -22.55
C THR C 177 9.84 60.74 -23.03
N VAL C 178 9.39 62.00 -23.10
CA VAL C 178 8.12 62.36 -23.70
C VAL C 178 8.35 63.62 -24.52
N ALA C 179 7.40 63.91 -25.40
CA ALA C 179 7.48 65.14 -26.17
C ALA C 179 7.39 66.34 -25.23
N ALA C 180 8.20 67.36 -25.49
CA ALA C 180 8.21 68.58 -24.67
C ALA C 180 6.79 69.12 -24.59
N GLY C 181 6.35 69.44 -23.37
CA GLY C 181 4.99 69.98 -23.14
C GLY C 181 3.84 68.98 -23.08
N ALA C 182 4.11 67.70 -23.35
CA ALA C 182 3.06 66.68 -23.33
C ALA C 182 2.54 66.46 -21.92
N LEU C 183 3.43 66.60 -20.94
CA LEU C 183 3.07 66.42 -19.55
C LEU C 183 4.06 67.24 -18.73
N SER C 184 3.61 67.72 -17.58
CA SER C 184 4.46 68.45 -16.66
C SER C 184 4.88 67.55 -15.50
N ALA C 185 6.15 67.16 -15.46
CA ALA C 185 6.67 66.23 -14.47
C ALA C 185 7.37 67.00 -13.35
N VAL C 186 6.76 67.00 -12.17
CA VAL C 186 7.28 67.78 -11.03
C VAL C 186 8.17 66.90 -10.15
N LYS C 187 9.37 67.38 -9.84
CA LYS C 187 10.30 66.61 -9.00
C LYS C 187 9.67 66.32 -7.64
N GLY C 188 9.76 65.06 -7.22
CA GLY C 188 9.18 64.59 -5.97
C GLY C 188 7.79 63.99 -6.10
N THR C 189 7.18 64.12 -7.27
CA THR C 189 5.86 63.55 -7.54
C THR C 189 6.05 62.26 -8.35
N TYR C 190 4.93 61.63 -8.71
CA TYR C 190 4.99 60.29 -9.26
C TYR C 190 4.47 60.19 -10.68
N LEU C 191 4.91 59.13 -11.34
CA LEU C 191 4.45 58.76 -12.67
C LEU C 191 4.01 57.30 -12.66
N TYR C 192 3.07 56.99 -13.55
CA TYR C 192 2.54 55.65 -13.70
C TYR C 192 2.70 55.31 -15.17
N LEU C 193 3.55 54.31 -15.43
CA LEU C 193 3.88 53.85 -16.78
C LEU C 193 3.15 52.57 -17.05
N ARG C 194 2.75 52.37 -18.31
CA ARG C 194 2.15 51.11 -18.70
C ARG C 194 2.33 50.83 -20.18
N SER C 195 2.11 49.58 -20.55
CA SER C 195 2.06 49.22 -21.96
C SER C 195 1.23 47.97 -22.13
N ASN C 196 1.06 47.57 -23.38
CA ASN C 196 0.31 46.35 -23.70
C ASN C 196 1.12 45.06 -23.50
N LYS C 197 2.41 45.17 -23.22
CA LYS C 197 3.21 43.99 -22.87
C LYS C 197 2.59 43.27 -21.67
N LEU C 198 2.58 41.94 -21.69
CA LEU C 198 2.00 41.19 -20.59
C LEU C 198 2.99 41.04 -19.43
N CYS C 199 2.44 41.09 -18.23
CA CYS C 199 3.19 40.74 -17.02
C CYS C 199 3.85 39.39 -17.22
N ASP C 200 5.09 39.29 -16.75
CA ASP C 200 5.97 38.19 -17.09
C ASP C 200 6.51 37.41 -15.90
N GLY C 201 6.02 37.69 -14.70
CA GLY C 201 6.50 37.00 -13.51
C GLY C 201 6.07 35.54 -13.44
N GLY C 202 4.91 35.22 -14.02
CA GLY C 202 4.34 33.89 -13.94
C GLY C 202 3.44 33.64 -15.15
N PRO C 203 2.71 32.52 -15.13
CA PRO C 203 1.83 32.14 -16.25
C PRO C 203 0.84 33.22 -16.72
N ASN C 204 0.39 34.07 -15.81
CA ASN C 204 -0.46 35.21 -16.17
C ASN C 204 -1.66 34.83 -17.07
N THR C 205 -2.50 33.92 -16.59
CA THR C 205 -3.61 33.42 -17.38
C THR C 205 -4.70 34.45 -17.70
N TYR C 206 -4.77 35.51 -16.89
CA TYR C 206 -5.68 36.63 -17.21
C TYR C 206 -5.13 37.64 -18.23
N GLY C 207 -3.84 37.56 -18.56
CA GLY C 207 -3.24 38.52 -19.50
C GLY C 207 -3.17 39.94 -18.94
N VAL C 208 -2.85 40.04 -17.66
CA VAL C 208 -2.62 41.32 -17.02
C VAL C 208 -1.40 41.97 -17.71
N LYS C 209 -1.53 43.27 -17.99
CA LYS C 209 -0.52 44.05 -18.69
C LYS C 209 0.40 44.78 -17.73
N ILE C 210 1.57 45.18 -18.21
CA ILE C 210 2.58 45.76 -17.32
C ILE C 210 2.28 47.20 -16.89
N SER C 211 2.63 47.49 -15.64
CA SER C 211 2.66 48.86 -15.15
C SER C 211 3.69 49.01 -14.04
N GLN C 212 4.14 50.25 -13.84
CA GLN C 212 4.99 50.58 -12.69
C GLN C 212 4.72 52.02 -12.25
N ILE C 213 4.97 52.25 -10.97
CA ILE C 213 4.93 53.58 -10.36
C ILE C 213 6.35 53.99 -10.06
N ARG C 214 6.69 55.22 -10.43
CA ARG C 214 8.04 55.75 -10.24
C ARG C 214 7.94 57.19 -9.77
N LYS C 215 8.97 57.63 -9.06
CA LYS C 215 9.05 59.01 -8.58
C LYS C 215 10.00 59.81 -9.48
N VAL C 216 9.62 61.03 -9.76
CA VAL C 216 10.42 61.94 -10.58
C VAL C 216 11.50 62.56 -9.70
N VAL C 217 12.76 62.41 -10.10
CA VAL C 217 13.87 63.02 -9.36
C VAL C 217 14.68 64.03 -10.16
N GLY C 218 14.47 64.09 -11.48
CA GLY C 218 15.18 65.05 -12.31
C GLY C 218 14.42 65.25 -13.60
N VAL C 219 14.51 66.46 -14.17
CA VAL C 219 13.84 66.76 -15.43
C VAL C 219 14.71 67.72 -16.22
N SER C 220 14.82 67.46 -17.52
CA SER C 220 15.42 68.40 -18.45
C SER C 220 14.79 68.29 -19.82
N THR C 221 14.85 69.38 -20.57
CA THR C 221 14.24 69.45 -21.88
C THR C 221 15.25 70.00 -22.88
N SER C 222 15.41 69.27 -23.99
CA SER C 222 16.31 69.63 -25.07
C SER C 222 15.79 69.03 -26.38
N GLY C 223 15.88 69.80 -27.43
CA GLY C 223 15.45 69.43 -28.79
C GLY C 223 14.05 68.87 -28.88
N GLY C 224 13.11 69.53 -28.21
CA GLY C 224 11.69 69.14 -28.22
C GLY C 224 11.34 67.89 -27.43
N VAL C 225 12.25 67.41 -26.59
CA VAL C 225 12.05 66.17 -25.83
C VAL C 225 12.33 66.44 -24.37
N THR C 226 11.41 66.00 -23.50
CA THR C 226 11.62 66.10 -22.04
C THR C 226 12.10 64.74 -21.52
N SER C 227 13.25 64.76 -20.85
CA SER C 227 13.86 63.59 -20.25
C SER C 227 13.60 63.63 -18.75
N ILE C 228 12.92 62.60 -18.26
CA ILE C 228 12.51 62.51 -16.87
C ILE C 228 13.32 61.40 -16.18
N ARG C 229 14.14 61.80 -15.22
CA ARG C 229 14.94 60.89 -14.41
C ARG C 229 14.11 60.35 -13.26
N LEU C 230 14.18 59.04 -13.07
CA LEU C 230 13.36 58.33 -12.13
C LEU C 230 14.16 57.92 -10.90
N ASP C 231 13.46 57.74 -9.79
CA ASP C 231 14.11 57.22 -8.57
C ASP C 231 14.70 55.83 -8.76
N LYS C 232 13.92 54.97 -9.40
CA LYS C 232 14.26 53.56 -9.59
C LYS C 232 14.18 53.25 -11.08
N THR C 233 14.96 52.29 -11.53
CA THR C 233 15.02 51.93 -12.94
C THR C 233 13.81 51.10 -13.33
N LEU C 234 13.59 51.00 -14.64
CA LEU C 234 12.44 50.27 -15.17
C LEU C 234 12.74 48.78 -15.15
N HIS C 235 11.72 47.97 -14.90
CA HIS C 235 11.91 46.51 -14.81
C HIS C 235 11.33 45.70 -15.95
N TYR C 236 10.84 46.41 -16.98
CA TYR C 236 10.44 45.80 -18.23
C TYR C 236 10.94 46.67 -19.37
N ASN C 237 10.91 46.11 -20.57
CA ASN C 237 11.05 46.90 -21.79
C ASN C 237 9.73 47.59 -22.08
N TYR C 238 9.74 48.93 -22.13
CA TYR C 238 8.58 49.73 -22.46
C TYR C 238 8.73 50.22 -23.89
N TYR C 239 7.99 49.60 -24.81
CA TYR C 239 8.20 49.84 -26.23
C TYR C 239 7.04 50.62 -26.84
N LEU C 240 7.37 51.50 -27.77
CA LEU C 240 6.37 52.19 -28.58
C LEU C 240 5.43 51.20 -29.31
N SER C 241 5.98 50.08 -29.76
CA SER C 241 5.17 49.05 -30.43
C SER C 241 4.15 48.36 -29.50
N ASP C 242 4.36 48.46 -28.18
CA ASP C 242 3.38 48.05 -27.17
C ASP C 242 2.55 49.23 -26.64
N ALA C 243 2.56 50.36 -27.35
CA ALA C 243 1.85 51.57 -26.93
C ALA C 243 2.25 52.05 -25.51
N ALA C 244 3.55 52.01 -25.24
CA ALA C 244 4.06 52.44 -23.94
C ALA C 244 3.67 53.90 -23.70
N GLU C 245 3.15 54.15 -22.50
CA GLU C 245 2.64 55.47 -22.16
C GLU C 245 2.81 55.75 -20.67
N VAL C 246 2.60 57.01 -20.30
CA VAL C 246 2.86 57.46 -18.93
C VAL C 246 1.88 58.55 -18.56
N GLY C 247 1.46 58.55 -17.30
CA GLY C 247 0.57 59.57 -16.76
C GLY C 247 0.91 59.86 -15.32
N ILE C 248 0.31 60.92 -14.79
CA ILE C 248 0.54 61.36 -13.43
C ILE C 248 -0.58 60.82 -12.56
N PRO C 249 -0.29 59.84 -11.68
CA PRO C 249 -1.31 59.41 -10.74
C PRO C 249 -1.38 60.41 -9.58
N THR C 250 -2.48 60.40 -8.86
CA THR C 250 -2.57 61.09 -7.58
C THR C 250 -2.25 60.05 -6.53
N MET C 251 -1.15 60.24 -5.83
CA MET C 251 -0.73 59.34 -4.77
C MET C 251 -1.09 59.89 -3.41
N VAL C 252 -1.41 58.98 -2.48
CA VAL C 252 -1.42 59.31 -1.06
C VAL C 252 -0.10 58.82 -0.49
N GLU C 253 0.74 59.73 -0.04
CA GLU C 253 2.10 59.40 0.40
C GLU C 253 2.32 59.68 1.87
N ASN C 254 3.20 58.90 2.49
CA ASN C 254 3.70 59.14 3.85
C ASN C 254 2.59 59.05 4.88
N VAL C 255 1.98 57.88 4.95
CA VAL C 255 0.92 57.59 5.93
C VAL C 255 1.47 56.55 6.90
N THR C 256 1.32 56.80 8.19
CA THR C 256 1.76 55.88 9.22
C THR C 256 0.58 55.50 10.09
N LEU C 257 0.34 54.18 10.22
CA LEU C 257 -0.71 53.67 11.06
C LEU C 257 -0.05 52.93 12.20
N VAL C 258 -0.15 53.48 13.39
CA VAL C 258 0.54 52.95 14.56
C VAL C 258 -0.47 52.19 15.44
N SER C 259 -0.28 50.88 15.51
CA SER C 259 -1.11 49.97 16.32
C SER C 259 -2.62 50.06 16.01
N PRO C 260 -3.01 49.98 14.72
CA PRO C 260 -4.46 50.01 14.44
C PRO C 260 -5.20 48.83 15.09
N TYR C 261 -6.25 49.13 15.85
CA TYR C 261 -7.11 48.12 16.47
C TYR C 261 -8.49 48.25 15.85
N ILE C 262 -8.80 47.32 14.96
CA ILE C 262 -10.05 47.28 14.21
C ILE C 262 -10.87 46.09 14.67
N ASN C 263 -12.06 46.39 15.18
CA ASN C 263 -12.98 45.45 15.78
C ASN C 263 -12.43 44.91 17.12
N GLU C 264 -13.18 44.02 17.75
CA GLU C 264 -12.74 43.42 19.02
C GLU C 264 -13.40 42.08 19.17
N PHE C 265 -12.77 41.20 19.95
CA PHE C 265 -13.37 39.90 20.29
C PHE C 265 -14.77 40.06 20.85
N GLY C 266 -15.65 39.15 20.47
CA GLY C 266 -17.07 39.27 20.78
C GLY C 266 -17.91 39.89 19.68
N TYR C 267 -17.23 40.40 18.65
CA TYR C 267 -17.89 41.02 17.48
C TYR C 267 -19.02 40.14 16.90
N ASP C 268 -18.79 38.83 16.87
CA ASP C 268 -19.72 37.93 16.25
C ASP C 268 -21.04 37.80 17.00
N ASP C 269 -21.03 38.02 18.31
CA ASP C 269 -22.26 38.05 19.12
C ASP C 269 -23.11 39.28 18.81
N LEU C 270 -22.49 40.33 18.25
CA LEU C 270 -23.16 41.57 17.87
C LEU C 270 -23.33 41.71 16.35
N ASN C 271 -23.01 40.65 15.59
CA ASN C 271 -23.08 40.64 14.14
C ASN C 271 -22.35 41.86 13.53
N ARG C 272 -21.19 42.15 14.11
CA ARG C 272 -20.43 43.35 13.78
C ARG C 272 -19.20 42.97 12.94
N PHE C 273 -19.31 43.21 11.65
CA PHE C 273 -18.31 42.81 10.67
C PHE C 273 -17.86 44.04 9.87
N PHE C 274 -17.09 43.80 8.82
CA PHE C 274 -16.65 44.83 7.88
C PHE C 274 -16.27 44.10 6.60
N THR C 275 -15.84 44.82 5.57
CA THR C 275 -15.42 44.20 4.33
C THR C 275 -13.90 44.14 4.32
N ILE C 276 -13.26 45.23 3.91
CA ILE C 276 -11.80 45.35 3.96
C ILE C 276 -11.43 46.24 5.13
N GLY C 277 -10.47 45.82 5.93
CA GLY C 277 -10.04 46.61 7.10
C GLY C 277 -9.30 47.88 6.76
N ILE C 278 -8.22 47.72 6.00
CA ILE C 278 -7.36 48.81 5.57
C ILE C 278 -7.14 48.61 4.09
N SER C 279 -7.74 49.49 3.26
CA SER C 279 -7.61 49.38 1.82
C SER C 279 -6.80 50.54 1.28
N ALA C 280 -5.69 50.23 0.63
CA ALA C 280 -4.83 51.24 0.02
C ALA C 280 -4.77 51.05 -1.48
N ASN C 281 -4.82 52.15 -2.21
CA ASN C 281 -4.66 52.13 -3.66
C ASN C 281 -3.86 53.37 -4.04
N PHE C 282 -2.81 53.22 -4.84
CA PHE C 282 -1.99 54.38 -5.25
C PHE C 282 -1.47 55.10 -4.01
N ALA C 283 -0.83 54.34 -3.13
CA ALA C 283 -0.21 54.86 -1.93
C ALA C 283 1.29 54.62 -2.00
N ALA C 284 2.05 55.52 -1.40
CA ALA C 284 3.50 55.41 -1.32
C ALA C 284 3.90 55.63 0.12
N ASP C 285 4.84 54.86 0.61
CA ASP C 285 5.33 55.00 1.99
C ASP C 285 4.19 54.95 3.01
N LEU C 286 3.34 53.95 2.83
CA LEU C 286 2.33 53.56 3.80
C LEU C 286 2.98 52.51 4.69
N HIS C 287 3.07 52.78 5.98
CA HIS C 287 3.74 51.91 6.94
C HIS C 287 2.79 51.64 8.09
N ILE C 288 2.45 50.35 8.26
CA ILE C 288 1.51 49.89 9.24
C ILE C 288 2.30 49.11 10.26
N GLN C 289 2.19 49.47 11.54
CA GLN C 289 2.97 48.87 12.61
C GLN C 289 2.05 48.28 13.68
N ASP C 290 2.24 47.00 13.95
CA ASP C 290 1.53 46.31 15.04
C ASP C 290 0.01 46.43 14.83
N GLY C 291 -0.76 46.47 15.91
CA GLY C 291 -2.20 46.46 15.79
C GLY C 291 -2.79 45.07 15.67
N VAL C 292 -4.11 45.03 15.69
CA VAL C 292 -4.87 43.80 15.64
C VAL C 292 -6.12 44.08 14.80
N ILE C 293 -6.37 43.22 13.82
CA ILE C 293 -7.56 43.32 12.97
C ILE C 293 -8.31 42.01 13.13
N ILE C 294 -9.58 42.10 13.55
CA ILE C 294 -10.37 40.91 13.83
CA ILE C 294 -10.40 40.93 13.91
C ILE C 294 -11.76 40.95 13.23
N GLY C 295 -12.18 39.82 12.67
CA GLY C 295 -13.61 39.58 12.52
C GLY C 295 -14.39 40.24 11.42
N ASN C 296 -14.03 39.94 10.18
CA ASN C 296 -14.94 40.23 9.07
C ASN C 296 -15.64 38.98 8.53
N LYS C 297 -15.48 37.86 9.24
CA LYS C 297 -16.33 36.67 9.13
C LYS C 297 -16.51 36.11 10.55
N ARG C 298 -17.44 35.19 10.73
CA ARG C 298 -17.57 34.51 12.00
C ARG C 298 -16.41 33.54 12.23
N PRO C 299 -16.06 33.27 13.49
CA PRO C 299 -14.93 32.39 13.73
C PRO C 299 -15.10 31.01 13.11
N GLY C 300 -14.11 30.58 12.34
CA GLY C 300 -14.13 29.28 11.68
C GLY C 300 -15.07 29.15 10.49
N ALA C 301 -15.69 30.25 10.08
CA ALA C 301 -16.72 30.22 9.03
C ALA C 301 -16.11 30.18 7.64
N SER C 302 -16.96 29.99 6.64
CA SER C 302 -16.56 29.99 5.25
C SER C 302 -15.87 31.31 4.87
N ASP C 303 -14.96 31.21 3.92
CA ASP C 303 -14.32 32.39 3.34
C ASP C 303 -15.37 33.31 2.68
N ILE C 304 -15.04 34.61 2.64
CA ILE C 304 -15.88 35.61 1.99
C ILE C 304 -15.01 36.38 1.00
N GLU C 305 -15.32 36.22 -0.28
CA GLU C 305 -14.51 36.76 -1.35
C GLU C 305 -14.30 38.27 -1.18
N GLY C 306 -13.05 38.69 -1.29
CA GLY C 306 -12.68 40.10 -1.21
C GLY C 306 -12.44 40.70 0.17
N ARG C 307 -12.89 40.04 1.24
CA ARG C 307 -12.80 40.59 2.59
C ARG C 307 -11.43 40.37 3.23
N SER C 308 -10.44 41.04 2.66
CA SER C 308 -9.09 40.99 3.20
C SER C 308 -8.94 41.99 4.35
N ALA C 309 -8.02 41.71 5.26
CA ALA C 309 -7.78 42.61 6.38
C ALA C 309 -7.06 43.88 5.94
N ILE C 310 -5.95 43.71 5.23
CA ILE C 310 -5.17 44.78 4.64
C ILE C 310 -5.00 44.48 3.17
N LYS C 311 -5.20 45.49 2.33
CA LYS C 311 -5.07 45.36 0.88
C LYS C 311 -4.21 46.48 0.33
N PHE C 312 -3.10 46.12 -0.31
CA PHE C 312 -2.20 47.06 -0.96
C PHE C 312 -2.35 46.87 -2.46
N ASN C 313 -3.00 47.82 -3.12
CA ASN C 313 -3.16 47.83 -4.57
C ASN C 313 -2.35 48.98 -5.12
N ASN C 314 -1.43 48.71 -6.04
CA ASN C 314 -0.61 49.78 -6.63
C ASN C 314 0.06 50.65 -5.55
N CYS C 315 0.69 50.00 -4.58
CA CYS C 315 1.37 50.69 -3.48
C CYS C 315 2.86 50.52 -3.61
N VAL C 316 3.62 51.56 -3.35
CA VAL C 316 5.07 51.46 -3.39
C VAL C 316 5.70 51.74 -2.05
N ASP C 317 6.83 51.08 -1.78
CA ASP C 317 7.60 51.32 -0.56
C ASP C 317 6.70 51.30 0.68
N SER C 318 5.83 50.29 0.74
CA SER C 318 4.85 50.18 1.81
C SER C 318 5.02 48.86 2.57
N THR C 319 4.74 48.90 3.86
CA THR C 319 5.04 47.77 4.74
C THR C 319 3.95 47.53 5.78
N VAL C 320 3.86 46.27 6.20
CA VAL C 320 3.09 45.83 7.35
C VAL C 320 4.08 45.12 8.27
N LYS C 321 4.20 45.54 9.52
CA LYS C 321 5.14 44.95 10.45
C LYS C 321 4.48 44.72 11.80
N GLY C 322 4.35 43.45 12.21
CA GLY C 322 3.88 43.11 13.56
C GLY C 322 2.39 42.89 13.77
N THR C 323 1.57 43.27 12.79
CA THR C 323 0.11 43.20 12.92
C THR C 323 -0.37 41.76 13.13
N CYS C 324 -1.39 41.62 13.96
CA CYS C 324 -2.07 40.35 14.19
C CYS C 324 -3.46 40.34 13.54
N PHE C 325 -3.85 39.18 13.04
CA PHE C 325 -5.09 39.00 12.28
C PHE C 325 -5.83 37.80 12.82
N TYR C 326 -7.12 37.97 13.09
CA TYR C 326 -7.99 36.89 13.53
C TYR C 326 -9.29 36.90 12.75
N ASN C 327 -9.72 35.72 12.31
CA ASN C 327 -11.08 35.51 11.81
C ASN C 327 -11.38 36.44 10.62
N ILE C 328 -10.60 36.23 9.56
CA ILE C 328 -10.65 37.08 8.37
C ILE C 328 -11.21 36.27 7.22
N GLY C 329 -12.18 36.82 6.51
CA GLY C 329 -12.86 36.11 5.44
C GLY C 329 -11.99 35.83 4.23
N TRP C 330 -11.02 36.68 3.97
CA TRP C 330 -10.15 36.53 2.79
C TRP C 330 -8.68 36.57 3.25
N TYR C 331 -7.86 37.47 2.70
CA TYR C 331 -6.42 37.42 2.98
C TYR C 331 -6.06 38.34 4.15
N GLY C 332 -5.04 37.97 4.90
CA GLY C 332 -4.50 38.85 5.94
C GLY C 332 -3.92 40.12 5.32
N VAL C 333 -2.88 39.94 4.51
CA VAL C 333 -2.34 40.99 3.66
C VAL C 333 -2.44 40.55 2.21
N GLU C 334 -3.16 41.34 1.43
CA GLU C 334 -3.34 41.14 0.01
C GLU C 334 -2.51 42.18 -0.72
N VAL C 335 -1.70 41.75 -1.69
CA VAL C 335 -0.82 42.63 -2.45
C VAL C 335 -1.11 42.43 -3.93
N LEU C 336 -1.50 43.51 -4.62
CA LEU C 336 -1.84 43.41 -6.03
C LEU C 336 -1.55 44.69 -6.78
N GLY C 337 -1.84 44.67 -8.07
CA GLY C 337 -1.42 45.73 -8.96
C GLY C 337 0.10 45.78 -9.04
N CYS C 338 0.64 46.93 -9.42
CA CYS C 338 2.09 47.08 -9.54
C CYS C 338 2.74 47.47 -8.22
N SER C 339 2.29 46.84 -7.14
CA SER C 339 2.85 47.12 -5.83
C SER C 339 4.30 46.70 -5.81
N GLU C 340 5.18 47.62 -5.45
CA GLU C 340 6.62 47.43 -5.62
C GLU C 340 7.35 47.82 -4.36
N ASP C 341 8.31 46.98 -3.96
CA ASP C 341 9.06 47.14 -2.71
C ASP C 341 8.09 47.13 -1.52
N THR C 342 7.30 46.08 -1.46
CA THR C 342 6.35 45.82 -0.36
C THR C 342 6.99 44.81 0.58
N GLU C 343 6.79 44.98 1.87
CA GLU C 343 7.32 44.04 2.87
C GLU C 343 6.30 43.76 3.96
N VAL C 344 6.23 42.52 4.39
CA VAL C 344 5.41 42.10 5.51
C VAL C 344 6.32 41.37 6.49
N HIS C 345 6.45 41.89 7.69
CA HIS C 345 7.33 41.35 8.71
C HIS C 345 6.51 40.99 9.95
N ASP C 346 6.87 39.86 10.59
CA ASP C 346 6.48 39.60 11.98
C ASP C 346 4.96 39.52 12.22
N ILE C 347 4.17 39.24 11.19
CA ILE C 347 2.72 39.11 11.40
C ILE C 347 2.35 37.77 11.98
N HIS C 348 1.23 37.74 12.70
CA HIS C 348 0.59 36.51 13.15
C HIS C 348 -0.84 36.52 12.58
N ALA C 349 -1.20 35.48 11.84
CA ALA C 349 -2.53 35.40 11.21
C ALA C 349 -3.16 34.06 11.56
N MET C 350 -4.38 34.09 12.10
CA MET C 350 -5.06 32.94 12.64
C MET C 350 -6.49 32.91 12.11
N ASP C 351 -6.88 31.82 11.45
CA ASP C 351 -8.23 31.66 10.87
C ASP C 351 -8.51 32.71 9.80
N VAL C 352 -7.75 32.60 8.71
CA VAL C 352 -7.85 33.47 7.54
C VAL C 352 -7.75 32.56 6.31
N ARG C 353 -8.03 33.07 5.11
CA ARG C 353 -7.88 32.24 3.92
C ARG C 353 -6.42 32.03 3.54
N HIS C 354 -5.69 33.13 3.38
CA HIS C 354 -4.22 33.12 3.25
C HIS C 354 -3.69 34.20 4.19
N ALA C 355 -2.57 33.95 4.86
CA ALA C 355 -1.96 35.00 5.71
C ALA C 355 -1.48 36.16 4.86
N ILE C 356 -0.76 35.81 3.78
CA ILE C 356 -0.31 36.76 2.77
C ILE C 356 -0.70 36.18 1.42
N SER C 357 -1.22 37.01 0.53
CA SER C 357 -1.44 36.60 -0.86
C SER C 357 -1.11 37.71 -1.82
N LEU C 358 -0.19 37.43 -2.73
CA LEU C 358 0.03 38.27 -3.90
C LEU C 358 -1.02 37.83 -4.92
N ASN C 359 -1.69 38.80 -5.52
CA ASN C 359 -2.89 38.52 -6.29
C ASN C 359 -2.72 38.88 -7.77
N TRP C 360 -3.54 38.20 -8.57
CA TRP C 360 -3.79 38.56 -9.96
C TRP C 360 -4.93 39.58 -10.00
N GLN C 361 -5.37 39.92 -11.21
CA GLN C 361 -6.54 40.77 -11.39
C GLN C 361 -7.34 40.19 -12.54
N SER C 362 -8.61 39.89 -12.28
CA SER C 362 -9.48 39.37 -13.32
C SER C 362 -9.72 40.38 -14.44
N THR C 363 -9.48 39.93 -15.68
CA THR C 363 -9.69 40.71 -16.88
C THR C 363 -11.00 40.35 -17.58
N ALA C 364 -11.91 39.69 -16.86
CA ALA C 364 -13.20 39.31 -17.42
C ALA C 364 -14.01 40.49 -17.96
N ASP C 365 -13.90 41.65 -17.29
CA ASP C 365 -14.66 42.85 -17.68
C ASP C 365 -13.82 43.92 -18.37
N GLY C 366 -12.56 43.59 -18.70
CA GLY C 366 -11.68 44.54 -19.39
C GLY C 366 -10.24 44.43 -18.94
N ASP C 367 -9.37 45.22 -19.56
CA ASP C 367 -7.94 45.16 -19.27
C ASP C 367 -7.61 45.53 -17.83
N LYS C 368 -6.53 44.93 -17.34
CA LYS C 368 -5.96 45.23 -16.03
C LYS C 368 -4.45 45.33 -16.19
N TRP C 369 -3.85 46.14 -15.33
CA TRP C 369 -2.41 46.35 -15.32
C TRP C 369 -1.80 46.14 -13.95
N GLY C 370 -0.63 45.52 -13.93
CA GLY C 370 0.24 45.53 -12.76
C GLY C 370 0.36 44.19 -12.05
N GLU C 371 1.61 43.77 -11.85
CA GLU C 371 1.94 42.65 -10.98
C GLU C 371 2.88 43.14 -9.89
N PRO C 372 2.84 42.49 -8.72
CA PRO C 372 3.80 42.92 -7.70
C PRO C 372 5.24 42.68 -8.10
N ILE C 373 6.13 43.56 -7.67
CA ILE C 373 7.56 43.47 -7.97
C ILE C 373 8.32 43.75 -6.69
N GLU C 374 9.21 42.85 -6.29
CA GLU C 374 10.02 42.98 -5.07
C GLU C 374 9.13 42.91 -3.84
N PHE C 375 8.90 41.68 -3.39
CA PHE C 375 8.09 41.43 -2.22
C PHE C 375 8.90 40.61 -1.23
N LEU C 376 8.85 40.99 0.04
CA LEU C 376 9.48 40.25 1.12
C LEU C 376 8.46 39.96 2.20
N GLY C 377 8.36 38.68 2.57
CA GLY C 377 7.64 38.26 3.75
C GLY C 377 8.66 37.65 4.69
N VAL C 378 8.79 38.17 5.90
CA VAL C 378 9.83 37.71 6.81
C VAL C 378 9.29 37.48 8.22
N ASN C 379 9.60 36.32 8.80
CA ASN C 379 9.27 36.03 10.20
C ASN C 379 7.77 36.11 10.46
N CYS C 380 6.96 35.65 9.49
CA CYS C 380 5.52 35.65 9.64
C CYS C 380 5.04 34.26 10.05
N GLU C 381 3.94 34.21 10.77
CA GLU C 381 3.34 32.98 11.27
C GLU C 381 1.87 32.91 10.87
N ALA C 382 1.46 31.75 10.37
CA ALA C 382 0.08 31.49 9.98
C ALA C 382 -0.40 30.22 10.69
N TYR C 383 -1.61 30.29 11.24
CA TYR C 383 -2.30 29.15 11.84
C TYR C 383 -3.68 28.98 11.23
N SER C 384 -4.00 27.73 10.89
CA SER C 384 -5.37 27.34 10.58
C SER C 384 -5.95 28.18 9.44
N THR C 385 -5.15 28.31 8.40
CA THR C 385 -5.59 28.94 7.18
C THR C 385 -6.52 28.00 6.43
N THR C 386 -7.57 28.54 5.84
CA THR C 386 -8.54 27.73 5.11
C THR C 386 -8.02 27.33 3.74
N GLN C 387 -7.08 28.13 3.21
CA GLN C 387 -6.36 27.79 1.98
C GLN C 387 -4.87 27.93 2.30
N ALA C 388 -4.01 28.10 1.29
CA ALA C 388 -2.56 28.13 1.56
C ALA C 388 -2.18 29.16 2.62
N GLY C 389 -1.24 28.79 3.48
CA GLY C 389 -0.77 29.75 4.49
C GLY C 389 -0.20 31.04 3.88
N PHE C 390 0.72 30.87 2.92
CA PHE C 390 1.39 31.96 2.23
C PHE C 390 1.27 31.68 0.76
N ASP C 391 0.82 32.64 -0.03
CA ASP C 391 0.34 32.41 -1.37
C ASP C 391 0.80 33.46 -2.38
N THR C 392 0.98 33.02 -3.63
CA THR C 392 0.90 33.92 -4.77
C THR C 392 -0.10 33.35 -5.76
N HIS C 393 -0.67 34.26 -6.56
CA HIS C 393 -1.36 33.91 -7.80
C HIS C 393 -0.33 33.91 -8.94
N ASP C 394 -0.79 33.95 -10.20
CA ASP C 394 0.11 33.61 -11.32
C ASP C 394 0.87 34.75 -11.98
N ILE C 395 0.99 35.86 -11.26
CA ILE C 395 1.88 36.94 -11.63
C ILE C 395 2.66 37.39 -10.40
N GLY C 396 3.64 38.26 -10.63
CA GLY C 396 4.50 38.75 -9.57
C GLY C 396 5.93 38.37 -9.81
N LYS C 397 6.82 39.30 -9.48
CA LYS C 397 8.26 39.17 -9.71
C LYS C 397 9.03 39.37 -8.42
N ARG C 398 10.12 38.63 -8.25
CA ARG C 398 11.07 38.85 -7.15
C ARG C 398 10.37 38.75 -5.80
N VAL C 399 9.70 37.61 -5.62
CA VAL C 399 8.95 37.27 -4.44
C VAL C 399 9.80 36.36 -3.54
N LYS C 400 9.95 36.74 -2.28
CA LYS C 400 10.77 36.01 -1.30
C LYS C 400 10.06 35.89 0.03
N PHE C 401 10.05 34.69 0.58
CA PHE C 401 9.60 34.42 1.92
C PHE C 401 10.77 33.92 2.75
N VAL C 402 10.96 34.48 3.93
CA VAL C 402 12.12 34.26 4.76
C VAL C 402 11.68 33.94 6.18
N ARG C 403 12.01 32.75 6.67
CA ARG C 403 11.71 32.36 8.05
C ARG C 403 10.23 32.52 8.40
N CYS C 404 9.36 32.22 7.44
CA CYS C 404 7.92 32.16 7.70
C CYS C 404 7.55 30.74 8.10
N VAL C 405 6.45 30.63 8.84
CA VAL C 405 5.95 29.33 9.30
C VAL C 405 4.46 29.23 9.14
N SER C 406 4.01 28.11 8.56
CA SER C 406 2.59 27.79 8.44
C SER C 406 2.26 26.54 9.23
N TYR C 407 1.26 26.66 10.11
CA TYR C 407 0.72 25.55 10.87
C TYR C 407 -0.69 25.20 10.44
N ASP C 408 -0.94 23.91 10.25
CA ASP C 408 -2.30 23.38 10.20
C ASP C 408 -3.18 24.02 9.12
N SER C 409 -2.58 24.26 7.96
CA SER C 409 -3.30 24.74 6.80
C SER C 409 -4.28 23.66 6.32
N ALA C 410 -5.44 24.08 5.83
CA ALA C 410 -6.39 23.17 5.20
C ALA C 410 -6.03 22.88 3.75
N ALA C 411 -4.98 23.54 3.24
CA ALA C 411 -4.48 23.29 1.89
C ALA C 411 -2.96 23.13 2.00
N ALA C 412 -2.18 23.94 1.28
CA ALA C 412 -0.72 23.92 1.40
C ALA C 412 -0.26 24.85 2.51
N GLY C 413 0.95 24.63 3.01
CA GLY C 413 1.57 25.65 3.88
C GLY C 413 1.93 26.89 3.08
N PHE C 414 2.58 26.66 1.94
CA PHE C 414 3.05 27.69 1.03
C PHE C 414 2.67 27.27 -0.39
N GLN C 415 2.09 28.17 -1.14
CA GLN C 415 1.70 27.93 -2.53
C GLN C 415 2.33 28.98 -3.41
N ALA C 416 3.09 28.53 -4.42
CA ALA C 416 3.66 29.41 -5.42
C ALA C 416 2.88 29.21 -6.71
N ARG C 417 2.30 30.27 -7.25
CA ARG C 417 1.70 30.23 -8.59
C ARG C 417 2.37 31.15 -9.59
N THR C 418 3.40 31.86 -9.16
CA THR C 418 4.24 32.63 -10.07
C THR C 418 5.61 31.96 -10.13
N ASN C 419 6.41 32.32 -11.13
CA ASN C 419 7.62 31.55 -11.40
C ASN C 419 8.78 31.96 -10.48
N GLY C 420 9.57 30.99 -10.04
CA GLY C 420 10.79 31.29 -9.30
C GLY C 420 10.62 32.01 -7.97
N VAL C 421 9.56 31.64 -7.23
CA VAL C 421 9.42 32.14 -5.87
C VAL C 421 10.49 31.49 -5.01
N GLU C 422 11.13 32.27 -4.13
CA GLU C 422 12.24 31.79 -3.32
C GLU C 422 11.83 31.76 -1.85
N TYR C 423 12.15 30.66 -1.19
CA TYR C 423 11.83 30.42 0.22
C TYR C 423 13.11 30.13 0.98
N LEU C 424 13.39 30.91 2.01
CA LEU C 424 14.58 30.76 2.82
C LEU C 424 14.21 30.38 4.23
N ASN C 425 14.58 29.18 4.66
CA ASN C 425 14.41 28.77 6.06
C ASN C 425 12.94 28.85 6.52
N CYS C 426 12.02 28.59 5.60
CA CYS C 426 10.60 28.52 5.93
C CYS C 426 10.26 27.13 6.48
N ARG C 427 9.16 27.07 7.21
CA ARG C 427 8.68 25.84 7.84
C ARG C 427 7.19 25.64 7.64
N ALA C 428 6.79 24.40 7.39
CA ALA C 428 5.39 24.03 7.25
C ALA C 428 5.09 22.80 8.09
N TYR C 429 4.07 22.90 8.93
CA TYR C 429 3.62 21.83 9.82
C TYR C 429 2.19 21.45 9.51
N ARG C 430 1.95 20.15 9.32
CA ARG C 430 0.58 19.62 9.32
C ARG C 430 -0.39 20.25 8.32
N ALA C 431 0.12 20.62 7.15
CA ALA C 431 -0.75 21.02 6.06
C ALA C 431 -1.59 19.80 5.63
N ALA C 432 -2.84 20.03 5.26
CA ALA C 432 -3.74 18.94 4.83
C ALA C 432 -3.31 18.33 3.51
N MET C 433 -2.55 19.10 2.73
CA MET C 433 -2.00 18.61 1.46
C MET C 433 -0.47 18.67 1.51
N ASP C 434 0.16 19.68 0.90
CA ASP C 434 1.62 19.75 0.80
C ASP C 434 2.17 20.86 1.68
N GLY C 435 3.32 20.65 2.31
CA GLY C 435 3.96 21.73 3.09
C GLY C 435 4.20 22.93 2.20
N PHE C 436 4.84 22.67 1.07
CA PHE C 436 5.20 23.66 0.08
C PHE C 436 4.78 23.11 -1.27
N ALA C 437 4.15 23.91 -2.10
CA ALA C 437 3.77 23.47 -3.44
C ALA C 437 3.81 24.57 -4.46
N SER C 438 4.07 24.18 -5.71
CA SER C 438 3.74 25.03 -6.82
C SER C 438 2.33 24.63 -7.30
N ASN C 439 2.01 24.84 -8.57
CA ASN C 439 0.70 24.47 -9.10
C ASN C 439 0.79 24.45 -10.63
N THR C 440 -0.34 24.16 -11.27
CA THR C 440 -0.39 23.92 -12.71
C THR C 440 0.34 25.01 -13.49
N GLY C 441 1.31 24.60 -14.31
CA GLY C 441 1.99 25.52 -15.21
C GLY C 441 3.07 26.38 -14.59
N VAL C 442 3.38 26.18 -13.31
CA VAL C 442 4.29 27.05 -12.56
C VAL C 442 5.71 26.50 -12.54
N ALA C 443 6.68 27.37 -12.80
CA ALA C 443 8.08 26.95 -12.95
C ALA C 443 8.91 27.13 -11.68
N PHE C 444 9.68 26.09 -11.36
CA PHE C 444 10.85 26.17 -10.50
C PHE C 444 10.83 27.13 -9.32
N PRO C 445 9.96 26.86 -8.33
CA PRO C 445 10.21 27.45 -7.02
C PRO C 445 11.58 27.01 -6.50
N ILE C 446 12.14 27.80 -5.60
CA ILE C 446 13.45 27.55 -4.99
C ILE C 446 13.25 27.46 -3.49
N TYR C 447 13.58 26.32 -2.90
CA TYR C 447 13.48 26.10 -1.46
C TYR C 447 14.87 25.91 -0.89
N ARG C 448 15.27 26.77 0.04
CA ARG C 448 16.59 26.73 0.66
C ARG C 448 16.44 26.49 2.14
N GLU C 449 16.90 25.34 2.64
CA GLU C 449 16.90 25.04 4.06
C GLU C 449 15.47 25.12 4.65
N CYS C 450 14.47 24.78 3.84
CA CYS C 450 13.09 24.73 4.31
C CYS C 450 12.79 23.39 4.97
N LEU C 451 11.87 23.40 5.92
CA LEU C 451 11.60 22.25 6.80
C LEU C 451 10.11 21.98 6.82
N ALA C 452 9.75 20.72 6.63
CA ALA C 452 8.36 20.30 6.49
C ALA C 452 8.08 19.13 7.42
N TYR C 453 7.09 19.27 8.30
CA TYR C 453 6.78 18.28 9.33
C TYR C 453 5.31 17.89 9.30
N ASP C 454 5.05 16.60 9.10
CA ASP C 454 3.72 15.99 9.25
C ASP C 454 2.66 16.56 8.28
N ASN C 455 3.11 17.09 7.14
CA ASN C 455 2.19 17.50 6.09
C ASN C 455 1.63 16.23 5.46
N VAL C 456 0.32 16.16 5.28
CA VAL C 456 -0.30 14.86 4.96
C VAL C 456 0.28 14.23 3.68
N ARG C 457 0.27 14.99 2.59
CA ARG C 457 0.61 14.44 1.29
C ARG C 457 2.13 14.46 1.03
N SER C 458 2.71 15.64 1.03
CA SER C 458 4.14 15.77 0.79
C SER C 458 4.73 16.93 1.54
N GLY C 459 6.04 16.93 1.71
CA GLY C 459 6.74 18.09 2.21
C GLY C 459 6.82 19.18 1.16
N PHE C 460 7.27 18.80 -0.03
CA PHE C 460 7.49 19.70 -1.15
C PHE C 460 6.86 19.07 -2.37
N ASN C 461 5.95 19.78 -3.02
CA ASN C 461 5.32 19.31 -4.24
C ASN C 461 5.58 20.29 -5.36
N CYS C 462 6.66 20.02 -6.10
CA CYS C 462 7.00 20.83 -7.26
C CYS C 462 7.03 19.93 -8.48
N SER C 463 5.95 19.15 -8.64
CA SER C 463 5.80 18.20 -9.73
C SER C 463 5.06 18.77 -10.95
N TYR C 464 4.74 20.07 -10.88
CA TYR C 464 3.98 20.75 -11.91
C TYR C 464 4.85 21.38 -13.00
N GLY C 465 6.09 21.68 -12.66
CA GLY C 465 6.98 22.45 -13.53
C GLY C 465 8.38 22.60 -12.98
N GLY C 466 8.85 21.57 -12.27
CA GLY C 466 10.19 21.52 -11.74
C GLY C 466 10.36 22.22 -10.42
N GLY C 467 11.43 21.89 -9.72
CA GLY C 467 11.80 22.59 -8.49
C GLY C 467 13.26 22.46 -8.15
N TYR C 468 13.72 23.38 -7.32
CA TYR C 468 15.07 23.37 -6.78
C TYR C 468 14.94 23.25 -5.26
N VAL C 469 15.29 22.08 -4.72
CA VAL C 469 15.04 21.72 -3.33
C VAL C 469 16.40 21.54 -2.66
N TYR C 470 16.89 22.59 -2.03
CA TYR C 470 18.26 22.68 -1.56
C TYR C 470 18.34 22.60 -0.04
N ASP C 471 18.96 21.53 0.47
CA ASP C 471 19.17 21.34 1.90
C ASP C 471 17.87 21.39 2.70
N CYS C 472 16.80 20.90 2.09
CA CYS C 472 15.48 20.88 2.73
C CYS C 472 15.30 19.60 3.52
N GLU C 473 14.29 19.60 4.36
CA GLU C 473 13.92 18.41 5.14
C GLU C 473 12.45 18.22 5.10
N ALA C 474 12.02 16.96 4.93
CA ALA C 474 10.62 16.62 5.01
C ALA C 474 10.46 15.32 5.77
N HIS C 475 9.57 15.38 6.75
CA HIS C 475 9.34 14.30 7.69
C HIS C 475 7.85 14.15 7.88
N GLY C 476 7.34 12.91 7.94
CA GLY C 476 5.95 12.66 8.31
C GLY C 476 4.90 12.78 7.23
N SER C 477 5.32 12.65 5.98
CA SER C 477 4.42 12.76 4.83
C SER C 477 4.25 11.42 4.14
N GLN C 478 3.35 11.35 3.16
CA GLN C 478 3.30 10.20 2.26
C GLN C 478 4.59 10.17 1.43
N ASN C 479 4.99 11.30 0.86
CA ASN C 479 6.27 11.38 0.17
C ASN C 479 6.95 12.68 0.58
N GLY C 480 8.26 12.67 0.79
CA GLY C 480 8.98 13.87 1.23
C GLY C 480 8.92 14.97 0.18
N VAL C 481 9.29 14.61 -1.05
CA VAL C 481 9.34 15.51 -2.19
C VAL C 481 8.63 14.86 -3.36
N ARG C 482 7.70 15.56 -3.97
CA ARG C 482 7.15 15.21 -5.29
C ARG C 482 7.76 16.14 -6.31
N ILE C 483 8.36 15.60 -7.37
CA ILE C 483 9.14 16.42 -8.29
C ILE C 483 9.26 15.76 -9.66
N ASN C 484 9.14 16.55 -10.73
CA ASN C 484 9.21 16.06 -12.12
C ASN C 484 10.53 16.32 -12.81
N GLY C 485 11.31 17.24 -12.25
CA GLY C 485 12.58 17.66 -12.81
C GLY C 485 13.15 18.74 -11.90
N GLY C 486 14.45 18.98 -12.05
CA GLY C 486 15.16 19.98 -11.27
C GLY C 486 16.23 19.36 -10.43
N ARG C 487 16.30 19.72 -9.15
CA ARG C 487 17.36 19.29 -8.27
C ARG C 487 16.86 19.09 -6.85
N VAL C 488 17.23 17.97 -6.25
CA VAL C 488 17.15 17.78 -4.81
C VAL C 488 18.59 17.58 -4.36
N LYS C 489 19.14 18.58 -3.68
CA LYS C 489 20.55 18.62 -3.32
C LYS C 489 20.64 18.79 -1.83
N GLY C 490 21.33 17.87 -1.16
CA GLY C 490 21.42 17.91 0.29
C GLY C 490 20.09 17.64 0.97
N GLY C 491 20.08 17.89 2.28
CA GLY C 491 18.88 17.76 3.07
C GLY C 491 18.71 16.38 3.68
N ARG C 492 17.57 16.19 4.31
CA ARG C 492 17.33 15.01 5.12
C ARG C 492 15.86 14.69 5.20
N TYR C 493 15.54 13.42 4.94
CA TYR C 493 14.16 12.96 4.79
C TYR C 493 13.96 11.72 5.63
N THR C 494 12.89 11.72 6.41
CA THR C 494 12.54 10.59 7.29
C THR C 494 11.04 10.43 7.38
N ARG C 495 10.61 9.26 7.84
CA ARG C 495 9.21 9.04 8.22
C ARG C 495 8.24 9.43 7.09
N ASN C 496 8.54 8.97 5.87
CA ASN C 496 7.67 9.19 4.74
C ASN C 496 7.18 7.84 4.31
N SER C 497 5.87 7.67 4.32
CA SER C 497 5.29 6.31 4.28
C SER C 497 5.41 5.61 2.94
N SER C 498 5.37 6.37 1.85
CA SER C 498 5.54 5.82 0.50
C SER C 498 7.02 5.87 0.11
N SER C 499 7.58 7.07 0.01
CA SER C 499 9.00 7.21 -0.29
C SER C 499 9.50 8.58 0.09
N HIS C 500 10.81 8.73 0.21
CA HIS C 500 11.37 10.03 0.49
C HIS C 500 11.26 11.00 -0.69
N ILE C 501 11.58 10.51 -1.88
CA ILE C 501 11.47 11.27 -3.12
C ILE C 501 10.54 10.52 -4.06
N PHE C 502 9.63 11.25 -4.68
CA PHE C 502 8.65 10.70 -5.60
C PHE C 502 8.81 11.47 -6.90
N VAL C 503 9.34 10.76 -7.92
CA VAL C 503 9.53 11.32 -9.24
C VAL C 503 8.25 11.09 -10.01
N THR C 504 7.52 12.18 -10.25
CA THR C 504 6.15 12.13 -10.75
C THR C 504 5.80 13.46 -11.36
N LYS C 505 4.57 13.57 -11.84
CA LYS C 505 4.05 14.78 -12.43
C LYS C 505 2.66 15.04 -11.88
N ASP C 506 2.19 16.27 -12.07
CA ASP C 506 0.78 16.58 -11.82
C ASP C 506 -0.13 15.83 -12.80
N VAL C 507 0.22 15.90 -14.08
CA VAL C 507 -0.52 15.18 -15.12
C VAL C 507 0.50 14.65 -16.11
N ALA C 508 0.18 13.53 -16.75
CA ALA C 508 1.11 12.90 -17.73
C ALA C 508 1.61 13.86 -18.82
N GLU C 509 0.79 14.86 -19.17
CA GLU C 509 1.14 15.82 -20.23
C GLU C 509 2.29 16.78 -19.88
N THR C 510 2.54 16.96 -18.58
CA THR C 510 3.65 17.80 -18.13
C THR C 510 4.97 17.16 -18.54
N ALA C 511 5.93 17.98 -18.98
CA ALA C 511 7.23 17.45 -19.40
C ALA C 511 8.07 17.03 -18.21
N GLN C 512 8.65 15.83 -18.28
CA GLN C 512 9.69 15.45 -17.36
C GLN C 512 10.96 16.11 -17.87
N THR C 513 11.76 16.63 -16.93
CA THR C 513 13.07 17.16 -17.27
C THR C 513 14.10 16.46 -16.39
N SER C 514 15.39 16.71 -16.63
CA SER C 514 16.41 16.03 -15.84
C SER C 514 16.24 16.33 -14.36
N LEU C 515 16.55 15.36 -13.53
CA LEU C 515 16.49 15.50 -12.08
C LEU C 515 17.80 15.00 -11.50
N GLU C 516 18.44 15.83 -10.70
CA GLU C 516 19.66 15.50 -9.99
C GLU C 516 19.28 15.31 -8.52
N ILE C 517 19.61 14.16 -7.95
CA ILE C 517 19.44 13.87 -6.53
C ILE C 517 20.85 13.61 -5.99
N ASP C 518 21.41 14.56 -5.24
CA ASP C 518 22.82 14.49 -4.83
C ASP C 518 22.96 14.89 -3.39
N GLY C 519 23.69 14.11 -2.61
CA GLY C 519 23.98 14.47 -1.23
C GLY C 519 22.84 14.44 -0.26
N VAL C 520 21.79 13.70 -0.60
CA VAL C 520 20.58 13.69 0.18
C VAL C 520 20.63 12.54 1.18
N SER C 521 20.29 12.82 2.43
CA SER C 521 20.08 11.78 3.43
C SER C 521 18.65 11.30 3.33
N MET C 522 18.47 10.06 2.88
CA MET C 522 17.15 9.46 2.72
C MET C 522 17.23 8.00 3.10
N ARG C 523 17.60 7.81 4.36
CA ARG C 523 17.85 6.50 4.96
C ARG C 523 16.55 5.75 5.19
N TYR C 524 16.67 4.44 5.39
CA TYR C 524 15.54 3.61 5.80
C TYR C 524 15.36 3.73 7.31
N ASP C 525 14.13 4.05 7.73
CA ASP C 525 13.80 4.14 9.15
C ASP C 525 12.55 3.35 9.52
N GLY C 526 12.26 2.32 8.72
CA GLY C 526 11.07 1.49 8.94
C GLY C 526 9.84 1.97 8.21
N THR C 527 9.99 3.00 7.38
CA THR C 527 8.87 3.59 6.65
C THR C 527 9.03 3.30 5.15
N GLY C 528 9.03 4.35 4.34
CA GLY C 528 9.02 4.23 2.90
C GLY C 528 10.36 3.92 2.27
N ARG C 529 10.33 3.82 0.95
CA ARG C 529 11.54 3.58 0.16
C ARG C 529 12.24 4.89 -0.10
N ALA C 530 13.41 4.86 -0.74
CA ALA C 530 14.15 6.10 -0.98
C ALA C 530 13.54 6.91 -2.12
N VAL C 531 13.38 6.30 -3.28
CA VAL C 531 12.89 6.99 -4.47
C VAL C 531 11.82 6.14 -5.15
N TYR C 532 10.72 6.79 -5.52
CA TYR C 532 9.59 6.19 -6.21
C TYR C 532 9.52 6.79 -7.61
N PHE C 533 9.64 5.94 -8.62
CA PHE C 533 9.57 6.33 -10.03
C PHE C 533 8.18 6.01 -10.56
N HIS C 534 7.46 7.04 -11.03
CA HIS C 534 6.06 6.91 -11.39
C HIS C 534 5.86 6.63 -12.88
N GLY C 535 5.93 5.36 -13.24
CA GLY C 535 5.76 4.94 -14.62
C GLY C 535 4.39 5.25 -15.21
N THR C 536 3.38 5.29 -14.34
CA THR C 536 2.02 5.61 -14.75
C THR C 536 1.93 6.91 -15.56
N VAL C 537 2.71 7.91 -15.15
CA VAL C 537 2.68 9.23 -15.81
C VAL C 537 3.84 9.46 -16.77
N GLY C 538 4.55 8.39 -17.13
CA GLY C 538 5.60 8.46 -18.14
C GLY C 538 6.99 8.81 -17.68
N ILE C 539 7.30 8.58 -16.40
CA ILE C 539 8.64 8.88 -15.89
C ILE C 539 9.70 7.92 -16.44
N ASP C 540 10.71 8.49 -17.07
CA ASP C 540 11.88 7.74 -17.55
C ASP C 540 12.95 7.87 -16.46
N PRO C 541 13.26 6.77 -15.75
CA PRO C 541 14.25 6.90 -14.66
C PRO C 541 15.65 7.30 -15.11
N THR C 542 16.00 7.13 -16.39
CA THR C 542 17.32 7.51 -16.86
C THR C 542 17.55 9.03 -16.90
N LEU C 543 16.46 9.80 -16.82
CA LEU C 543 16.55 11.25 -16.67
C LEU C 543 16.89 11.69 -15.25
N VAL C 544 16.94 10.74 -14.33
CA VAL C 544 17.32 10.99 -12.95
C VAL C 544 18.77 10.54 -12.77
N SER C 545 19.55 11.32 -12.01
CA SER C 545 20.91 10.92 -11.61
C SER C 545 21.00 10.99 -10.10
N MET C 546 21.64 10.00 -9.48
CA MET C 546 21.71 9.88 -8.02
C MET C 546 23.15 9.69 -7.58
N SER C 547 23.72 10.71 -6.96
CA SER C 547 25.11 10.70 -6.53
C SER C 547 25.25 11.02 -5.05
N ASN C 548 26.10 10.26 -4.37
CA ASN C 548 26.54 10.56 -3.02
C ASN C 548 25.39 10.76 -2.03
N ASN C 549 24.32 9.97 -2.20
CA ASN C 549 23.20 10.01 -1.27
C ASN C 549 23.38 8.96 -0.18
N ASP C 550 22.84 9.22 1.00
CA ASP C 550 22.77 8.24 2.07
C ASP C 550 21.43 7.51 2.02
N MET C 551 21.46 6.28 1.53
CA MET C 551 20.28 5.42 1.40
C MET C 551 20.41 4.21 2.33
N THR C 552 21.15 4.37 3.42
CA THR C 552 21.47 3.26 4.30
C THR C 552 20.20 2.57 4.78
N GLY C 553 20.18 1.25 4.69
CA GLY C 553 19.12 0.43 5.27
C GLY C 553 18.00 -0.02 4.36
N HIS C 554 17.93 0.53 3.15
CA HIS C 554 16.87 0.16 2.21
C HIS C 554 17.05 -1.20 1.55
N GLY C 555 18.27 -1.72 1.55
CA GLY C 555 18.58 -3.01 0.95
C GLY C 555 18.14 -3.08 -0.50
N LEU C 556 17.43 -4.16 -0.84
CA LEU C 556 16.90 -4.33 -2.19
C LEU C 556 15.70 -3.45 -2.50
N PHE C 557 15.24 -2.68 -1.52
CA PHE C 557 14.02 -1.92 -1.62
C PHE C 557 14.25 -0.41 -1.56
N TRP C 558 15.37 0.04 -2.12
CA TRP C 558 15.60 1.48 -2.21
C TRP C 558 14.69 2.18 -3.21
N ALA C 559 14.23 1.46 -4.25
CA ALA C 559 13.34 2.02 -5.24
C ALA C 559 11.95 1.43 -5.17
N LEU C 560 10.95 2.29 -5.39
CA LEU C 560 9.58 1.86 -5.67
C LEU C 560 9.29 2.24 -7.11
N LEU C 561 8.64 1.34 -7.84
CA LEU C 561 8.21 1.60 -9.21
C LEU C 561 6.77 1.16 -9.33
N SER C 562 5.98 1.92 -10.07
CA SER C 562 4.62 1.49 -10.42
C SER C 562 4.25 1.99 -11.80
N GLY C 563 3.37 1.26 -12.47
CA GLY C 563 2.87 1.64 -13.77
C GLY C 563 3.78 1.41 -14.97
N TYR C 564 4.90 0.70 -14.78
CA TYR C 564 5.74 0.26 -15.92
C TYR C 564 5.17 -1.03 -16.51
N THR C 565 5.13 -1.11 -17.83
CA THR C 565 4.75 -2.34 -18.52
C THR C 565 5.96 -3.10 -19.04
N VAL C 566 7.09 -2.41 -19.20
CA VAL C 566 8.36 -3.01 -19.56
C VAL C 566 9.39 -2.44 -18.59
N GLN C 567 10.29 -3.29 -18.13
CA GLN C 567 11.34 -2.91 -17.18
C GLN C 567 12.14 -1.71 -17.68
N PRO C 568 12.13 -0.60 -16.91
CA PRO C 568 12.86 0.57 -17.35
C PRO C 568 14.33 0.48 -16.99
N THR C 569 15.13 1.25 -17.69
CA THR C 569 16.54 1.38 -17.37
C THR C 569 16.67 2.29 -16.13
N PRO C 570 17.62 2.00 -15.23
CA PRO C 570 17.72 2.78 -13.99
C PRO C 570 18.36 4.16 -14.16
N PRO C 571 18.28 5.01 -13.12
CA PRO C 571 19.09 6.22 -13.13
C PRO C 571 20.57 5.91 -13.13
N ARG C 572 21.38 6.84 -13.58
CA ARG C 572 22.80 6.79 -13.24
C ARG C 572 22.97 6.91 -11.74
N MET C 573 23.86 6.11 -11.17
CA MET C 573 24.10 6.05 -9.71
C MET C 573 25.57 6.08 -9.43
N SER C 574 25.99 7.00 -8.58
CA SER C 574 27.40 7.17 -8.27
C SER C 574 27.64 7.33 -6.78
N ARG C 575 28.27 6.30 -6.20
CA ARG C 575 28.88 6.35 -4.87
C ARG C 575 27.87 6.71 -3.77
N ASN C 576 26.68 6.14 -3.89
CA ASN C 576 25.68 6.23 -2.83
C ASN C 576 26.00 5.19 -1.74
N LEU C 577 25.50 5.42 -0.54
CA LEU C 577 25.60 4.49 0.58
C LEU C 577 24.32 3.69 0.70
N LEU C 578 24.41 2.36 0.67
CA LEU C 578 23.21 1.53 0.85
C LEU C 578 23.26 0.66 2.13
N ASP C 579 24.46 0.27 2.55
CA ASP C 579 24.65 -0.50 3.76
C ASP C 579 25.73 0.12 4.64
N ASP C 580 25.66 -0.18 5.94
CA ASP C 580 26.63 0.37 6.91
C ASP C 580 27.56 -0.65 7.56
N THR C 581 27.39 -1.93 7.21
CA THR C 581 28.12 -3.06 7.80
C THR C 581 28.50 -3.95 6.62
N GLY C 582 29.66 -4.60 6.71
CA GLY C 582 30.14 -5.43 5.61
C GLY C 582 30.33 -4.65 4.32
N ILE C 583 30.88 -3.44 4.45
CA ILE C 583 31.00 -2.52 3.31
C ILE C 583 32.43 -2.06 3.00
N ARG C 584 33.39 -2.49 3.81
CA ARG C 584 34.80 -2.29 3.48
C ARG C 584 35.62 -3.39 4.12
N GLY C 585 36.64 -3.87 3.41
CA GLY C 585 37.59 -4.80 3.98
C GLY C 585 38.77 -5.02 3.08
N VAL C 586 39.49 -6.11 3.34
CA VAL C 586 40.67 -6.52 2.55
C VAL C 586 40.56 -8.01 2.30
N ALA C 587 40.67 -8.40 1.04
CA ALA C 587 40.65 -9.80 0.66
C ALA C 587 42.03 -10.16 0.15
N THR C 588 42.42 -11.42 0.29
CA THR C 588 43.68 -11.90 -0.26
C THR C 588 43.37 -12.94 -1.31
N LEU C 589 43.77 -12.66 -2.54
CA LEU C 589 43.55 -13.58 -3.65
C LEU C 589 44.42 -14.82 -3.49
N VAL C 590 43.85 -15.96 -3.85
CA VAL C 590 44.57 -17.22 -3.93
C VAL C 590 44.28 -17.76 -5.30
N ALA C 591 45.32 -18.07 -6.08
CA ALA C 591 45.12 -18.51 -7.46
C ALA C 591 44.14 -17.61 -8.23
N GLY C 592 44.34 -16.30 -8.09
CA GLY C 592 43.58 -15.34 -8.87
C GLY C 592 42.17 -15.00 -8.41
N GLU C 593 41.76 -15.50 -7.25
CA GLU C 593 40.39 -15.31 -6.75
C GLU C 593 40.29 -15.23 -5.24
N ALA C 594 39.27 -14.51 -4.77
CA ALA C 594 38.87 -14.53 -3.36
C ALA C 594 37.37 -14.38 -3.28
N THR C 595 36.75 -15.15 -2.37
CA THR C 595 35.34 -14.98 -2.01
C THR C 595 35.31 -14.03 -0.83
N VAL C 596 34.46 -13.01 -0.93
CA VAL C 596 34.39 -11.93 0.04
C VAL C 596 32.98 -11.92 0.62
N ASN C 597 32.85 -12.09 1.93
CA ASN C 597 31.56 -11.90 2.61
C ASN C 597 31.38 -10.38 2.78
N ALA C 598 30.27 -9.86 2.28
CA ALA C 598 30.01 -8.41 2.28
C ALA C 598 28.55 -8.16 1.96
N ARG C 599 28.04 -7.01 2.38
CA ARG C 599 26.70 -6.59 2.00
C ARG C 599 26.63 -5.98 0.59
N VAL C 600 27.11 -6.76 -0.37
CA VAL C 600 26.86 -6.52 -1.77
C VAL C 600 25.39 -6.83 -2.05
N ARG C 601 24.83 -6.13 -3.04
CA ARG C 601 23.40 -6.13 -3.32
C ARG C 601 23.19 -6.06 -4.81
N GLY C 602 22.04 -6.54 -5.26
CA GLY C 602 21.61 -6.34 -6.61
C GLY C 602 20.33 -7.04 -6.94
N ASN C 603 19.75 -6.64 -8.07
CA ASN C 603 18.61 -7.35 -8.64
C ASN C 603 18.90 -7.63 -10.10
N PHE C 604 18.69 -8.88 -10.50
CA PHE C 604 19.00 -9.33 -11.86
C PHE C 604 17.77 -9.80 -12.65
N GLY C 605 16.60 -9.64 -12.05
CA GLY C 605 15.34 -10.01 -12.69
C GLY C 605 14.84 -9.00 -13.70
N SER C 606 13.72 -9.37 -14.32
CA SER C 606 13.09 -8.63 -15.42
C SER C 606 11.70 -8.09 -15.09
N VAL C 607 11.30 -8.12 -13.82
CA VAL C 607 9.94 -7.67 -13.42
C VAL C 607 9.80 -6.20 -13.85
N ALA C 608 8.69 -5.89 -14.52
CA ALA C 608 8.50 -4.57 -15.11
C ALA C 608 8.71 -3.46 -14.09
N ASN C 609 8.08 -3.58 -12.91
CA ASN C 609 8.22 -2.56 -11.86
C ASN C 609 9.41 -2.85 -10.95
N SER C 610 10.59 -2.90 -11.56
CA SER C 610 11.85 -3.14 -10.87
C SER C 610 12.99 -2.66 -11.75
N PHE C 611 14.15 -2.46 -11.13
CA PHE C 611 15.37 -2.16 -11.85
C PHE C 611 16.30 -3.34 -11.80
N LYS C 612 17.09 -3.48 -12.86
CA LYS C 612 18.25 -4.36 -12.86
C LYS C 612 19.47 -3.52 -12.47
N TRP C 613 20.20 -3.94 -11.44
CA TRP C 613 21.28 -3.15 -10.86
C TRP C 613 22.13 -3.99 -9.93
N VAL C 614 23.33 -3.49 -9.64
CA VAL C 614 24.21 -4.12 -8.68
C VAL C 614 25.09 -3.06 -8.02
N SER C 615 25.61 -3.39 -6.85
CA SER C 615 26.57 -2.55 -6.13
C SER C 615 27.75 -2.15 -7.02
N GLU C 616 28.24 -0.93 -6.84
CA GLU C 616 29.60 -0.55 -7.31
C GLU C 616 30.56 -0.94 -6.22
N VAL C 617 31.46 -1.87 -6.53
CA VAL C 617 32.50 -2.27 -5.61
C VAL C 617 33.82 -1.67 -6.09
N LYS C 618 34.35 -0.75 -5.31
CA LYS C 618 35.63 -0.11 -5.61
C LYS C 618 36.73 -1.03 -5.10
N LEU C 619 37.63 -1.42 -5.99
CA LEU C 619 38.76 -2.30 -5.67
C LEU C 619 40.08 -1.55 -5.81
N THR C 620 40.93 -1.67 -4.78
CA THR C 620 42.28 -1.08 -4.82
C THR C 620 43.29 -2.11 -4.29
N ARG C 621 44.39 -2.26 -5.02
CA ARG C 621 45.39 -3.25 -4.70
C ARG C 621 46.31 -2.72 -3.57
N LEU C 622 46.56 -3.55 -2.55
CA LEU C 622 47.43 -3.19 -1.43
C LEU C 622 48.76 -3.93 -1.33
N THR C 623 48.90 -5.01 -2.08
CA THR C 623 50.21 -5.68 -2.24
C THR C 623 50.43 -5.91 -3.71
N PHE C 624 51.70 -6.09 -4.09
CA PHE C 624 52.11 -5.93 -5.49
C PHE C 624 52.95 -7.10 -5.98
N PRO C 625 52.35 -8.30 -5.97
CA PRO C 625 53.07 -9.46 -6.47
C PRO C 625 53.29 -9.37 -7.97
N SER C 626 54.29 -10.10 -8.48
CA SER C 626 54.53 -10.13 -9.92
C SER C 626 53.33 -10.60 -10.72
N SER C 627 52.45 -11.38 -10.07
CA SER C 627 51.25 -11.92 -10.71
C SER C 627 50.02 -11.01 -10.69
N ALA C 628 50.21 -9.73 -10.35
CA ALA C 628 49.11 -8.77 -10.36
C ALA C 628 48.46 -8.66 -11.73
N GLY C 629 47.13 -8.83 -11.75
CA GLY C 629 46.35 -8.68 -12.97
C GLY C 629 45.20 -7.72 -12.76
N ALA C 630 44.43 -7.53 -13.82
CA ALA C 630 43.25 -6.66 -13.77
C ALA C 630 42.15 -7.36 -12.96
N LEU C 631 41.46 -6.57 -12.13
CA LEU C 631 40.52 -7.09 -11.15
C LEU C 631 39.07 -6.79 -11.51
N THR C 632 38.19 -7.71 -11.14
CA THR C 632 36.78 -7.60 -11.45
C THR C 632 35.96 -8.25 -10.36
N VAL C 633 34.70 -7.88 -10.31
CA VAL C 633 33.74 -8.50 -9.41
C VAL C 633 32.86 -9.44 -10.20
N THR C 634 32.67 -10.65 -9.65
CA THR C 634 31.72 -11.59 -10.19
C THR C 634 31.06 -12.36 -9.04
N SER C 635 30.22 -13.33 -9.43
CA SER C 635 29.54 -14.24 -8.50
C SER C 635 28.92 -13.56 -7.29
N VAL C 636 28.09 -12.57 -7.54
CA VAL C 636 27.37 -11.91 -6.46
C VAL C 636 26.29 -12.87 -5.95
N ALA C 637 26.34 -13.18 -4.66
CA ALA C 637 25.46 -14.13 -4.02
C ALA C 637 24.74 -13.44 -2.87
N GLN C 638 23.43 -13.59 -2.82
CA GLN C 638 22.65 -12.91 -1.78
C GLN C 638 21.77 -13.91 -1.06
N ASN C 639 21.82 -13.85 0.25
CA ASN C 639 21.02 -14.74 1.09
C ASN C 639 19.55 -14.34 0.97
N GLN C 640 18.69 -15.35 0.80
CA GLN C 640 17.24 -15.15 0.64
C GLN C 640 16.46 -15.95 1.70
N ASP C 641 16.96 -15.99 2.93
CA ASP C 641 16.24 -16.71 4.02
C ASP C 641 14.87 -16.08 4.27
N VAL C 642 13.89 -16.91 4.59
CA VAL C 642 12.51 -16.47 4.88
C VAL C 642 12.21 -16.96 6.32
N PRO C 643 11.55 -16.17 7.18
CA PRO C 643 10.98 -14.83 6.88
C PRO C 643 12.01 -13.70 6.71
N THR C 644 13.20 -13.84 7.30
CA THR C 644 14.19 -12.74 7.36
C THR C 644 15.51 -13.11 6.67
N PRO C 645 15.84 -12.43 5.54
CA PRO C 645 17.16 -12.63 4.92
C PRO C 645 18.30 -12.16 5.82
N ASN C 646 19.47 -12.77 5.65
CA ASN C 646 20.63 -12.46 6.48
C ASN C 646 21.74 -11.89 5.58
N PRO C 647 21.89 -10.56 5.57
CA PRO C 647 22.86 -9.98 4.66
C PRO C 647 24.31 -10.22 5.06
N ASP C 648 24.56 -10.68 6.30
CA ASP C 648 25.90 -11.12 6.72
C ASP C 648 26.36 -12.39 6.00
N LEU C 649 25.47 -13.03 5.24
CA LEU C 649 25.81 -14.18 4.40
C LEU C 649 25.90 -13.86 2.90
N ASN C 650 25.70 -12.59 2.52
CA ASN C 650 25.93 -12.19 1.12
C ASN C 650 27.43 -12.25 0.82
N SER C 651 27.76 -12.40 -0.46
CA SER C 651 29.15 -12.49 -0.88
C SER C 651 29.35 -12.13 -2.34
N PHE C 652 30.61 -11.84 -2.68
CA PHE C 652 31.00 -11.70 -4.07
C PHE C 652 32.39 -12.30 -4.24
N VAL C 653 32.80 -12.47 -5.48
CA VAL C 653 34.14 -12.91 -5.81
C VAL C 653 34.93 -11.81 -6.51
N ILE C 654 36.16 -11.60 -6.04
CA ILE C 654 37.13 -10.77 -6.76
C ILE C 654 37.94 -11.76 -7.60
N ARG C 655 37.98 -11.54 -8.91
CA ARG C 655 38.77 -12.35 -9.81
C ARG C 655 39.76 -11.49 -10.57
N SER C 656 40.97 -12.03 -10.75
CA SER C 656 42.04 -11.35 -11.49
C SER C 656 42.16 -11.95 -12.89
N SER C 657 42.64 -11.14 -13.83
CA SER C 657 42.98 -11.65 -15.17
C SER C 657 44.20 -12.56 -15.18
N ASN C 658 44.99 -12.51 -14.11
CA ASN C 658 46.15 -13.38 -13.95
C ASN C 658 45.78 -14.50 -12.98
N ALA C 659 45.84 -15.74 -13.46
CA ALA C 659 45.45 -16.91 -12.68
C ALA C 659 46.31 -17.18 -11.44
N ALA C 660 47.48 -16.56 -11.35
CA ALA C 660 48.39 -16.74 -10.21
C ALA C 660 48.31 -15.59 -9.20
N ASP C 661 47.44 -14.62 -9.46
CA ASP C 661 47.41 -13.40 -8.66
C ASP C 661 47.13 -13.74 -7.19
N VAL C 662 47.97 -13.22 -6.31
CA VAL C 662 47.86 -13.37 -4.86
C VAL C 662 47.78 -12.02 -4.14
N SER C 663 47.39 -10.97 -4.88
CA SER C 663 47.31 -9.62 -4.31
C SER C 663 46.37 -9.54 -3.12
N GLN C 664 46.71 -8.70 -2.14
CA GLN C 664 45.72 -8.20 -1.17
C GLN C 664 44.96 -7.07 -1.86
N VAL C 665 43.64 -7.09 -1.74
CA VAL C 665 42.77 -6.14 -2.41
C VAL C 665 41.81 -5.52 -1.42
N ALA C 666 41.88 -4.19 -1.31
CA ALA C 666 40.89 -3.43 -0.54
C ALA C 666 39.61 -3.33 -1.37
N TRP C 667 38.47 -3.54 -0.72
CA TRP C 667 37.16 -3.47 -1.39
C TRP C 667 36.23 -2.55 -0.59
N GLU C 668 35.40 -1.81 -1.31
CA GLU C 668 34.46 -0.86 -0.71
C GLU C 668 33.14 -0.98 -1.46
N VAL C 669 32.04 -1.12 -0.73
CA VAL C 669 30.73 -1.32 -1.35
C VAL C 669 29.88 -0.07 -1.33
N TYR C 670 29.53 0.39 -2.53
CA TYR C 670 28.64 1.53 -2.76
C TYR C 670 27.43 1.03 -3.56
N LEU C 671 26.46 1.89 -3.71
CA LEU C 671 25.43 1.78 -4.73
C LEU C 671 25.76 2.83 -5.81
N LYS D 50 -12.48 -74.80 -52.21
CA LYS D 50 -11.37 -74.62 -51.24
C LYS D 50 -10.26 -73.74 -51.82
N ILE D 51 -10.22 -72.49 -51.39
CA ILE D 51 -9.38 -71.43 -52.00
C ILE D 51 -8.57 -70.67 -50.94
N THR D 52 -7.26 -70.58 -51.16
CA THR D 52 -6.40 -69.82 -50.24
C THR D 52 -5.67 -68.74 -51.04
N LEU D 53 -5.54 -67.56 -50.44
CA LEU D 53 -4.69 -66.49 -50.98
C LEU D 53 -3.51 -66.32 -50.03
N LEU D 54 -2.30 -66.52 -50.54
CA LEU D 54 -1.06 -66.23 -49.79
C LEU D 54 -0.86 -64.72 -49.73
N GLY D 55 -0.56 -64.19 -48.54
CA GLY D 55 -0.48 -62.73 -48.36
C GLY D 55 0.23 -62.27 -47.09
N SER D 56 0.35 -60.97 -46.82
CA SER D 56 -0.39 -59.82 -47.44
C SER D 56 -1.85 -59.78 -46.95
N ALA D 57 -2.77 -59.24 -47.76
CA ALA D 57 -4.20 -59.26 -47.44
C ALA D 57 -4.82 -60.68 -47.53
N GLY D 58 -4.04 -61.71 -47.16
CA GLY D 58 -4.35 -63.09 -47.52
C GLY D 58 -5.32 -63.75 -46.57
N GLY D 59 -5.77 -64.94 -46.98
CA GLY D 59 -6.73 -65.73 -46.23
C GLY D 59 -7.40 -66.81 -47.06
N ASP D 60 -8.44 -67.40 -46.48
CA ASP D 60 -9.24 -68.44 -47.11
C ASP D 60 -10.55 -67.84 -47.64
N PHE D 61 -10.98 -68.34 -48.80
CA PHE D 61 -12.13 -67.77 -49.49
C PHE D 61 -13.10 -68.85 -49.93
N THR D 62 -14.38 -68.49 -50.01
CA THR D 62 -15.45 -69.36 -50.49
C THR D 62 -16.04 -68.75 -51.76
N PHE D 63 -16.18 -69.57 -52.79
CA PHE D 63 -16.84 -69.16 -54.03
C PHE D 63 -18.35 -69.30 -53.88
N THR D 64 -19.06 -68.27 -54.32
CA THR D 64 -20.53 -68.28 -54.34
C THR D 64 -20.99 -67.61 -55.61
N THR D 65 -22.17 -68.03 -56.06
CA THR D 65 -22.87 -67.42 -57.16
C THR D 65 -23.83 -66.31 -56.70
N THR D 66 -24.23 -66.37 -55.42
CA THR D 66 -25.18 -65.41 -54.83
C THR D 66 -24.71 -63.97 -54.98
N ALA D 67 -25.62 -63.09 -55.37
CA ALA D 67 -25.29 -61.67 -55.57
C ALA D 67 -24.70 -61.10 -54.28
N SER D 68 -23.56 -60.44 -54.41
CA SER D 68 -22.79 -59.94 -53.26
C SER D 68 -22.30 -58.52 -53.52
N VAL D 69 -21.90 -57.83 -52.46
CA VAL D 69 -21.50 -56.43 -52.55
C VAL D 69 -19.98 -56.38 -52.52
N VAL D 70 -19.39 -56.17 -53.70
CA VAL D 70 -17.93 -56.14 -53.85
C VAL D 70 -17.35 -54.95 -53.08
N ASP D 71 -16.39 -55.24 -52.21
CA ASP D 71 -15.65 -54.21 -51.49
C ASP D 71 -14.13 -54.37 -51.58
N ASN D 72 -13.65 -55.36 -52.34
CA ASN D 72 -12.22 -55.65 -52.47
C ASN D 72 -11.47 -55.76 -51.14
N GLY D 73 -12.14 -56.37 -50.18
CA GLY D 73 -11.57 -56.70 -48.87
C GLY D 73 -12.16 -57.97 -48.32
N THR D 74 -13.48 -58.03 -48.25
CA THR D 74 -14.21 -59.24 -47.85
C THR D 74 -14.94 -59.92 -49.01
N VAL D 75 -15.23 -59.18 -50.08
CA VAL D 75 -15.96 -59.70 -51.25
C VAL D 75 -15.24 -59.20 -52.50
N PHE D 76 -14.82 -60.14 -53.36
CA PHE D 76 -14.10 -59.86 -54.60
C PHE D 76 -14.89 -60.44 -55.77
N ALA D 77 -14.97 -59.68 -56.86
CA ALA D 77 -15.55 -60.19 -58.12
C ALA D 77 -14.55 -61.09 -58.81
N VAL D 78 -15.03 -62.19 -59.35
CA VAL D 78 -14.18 -63.11 -60.11
C VAL D 78 -15.03 -63.62 -61.29
N PRO D 79 -14.39 -64.14 -62.36
CA PRO D 79 -15.23 -64.70 -63.42
C PRO D 79 -16.21 -65.75 -62.88
N GLY D 80 -17.50 -65.48 -63.03
CA GLY D 80 -18.57 -66.43 -62.65
C GLY D 80 -19.32 -66.11 -61.37
N GLY D 81 -18.75 -65.25 -60.53
CA GLY D 81 -19.38 -64.79 -59.31
C GLY D 81 -18.45 -64.04 -58.37
N TYR D 82 -18.32 -64.53 -57.15
CA TYR D 82 -17.60 -63.81 -56.08
C TYR D 82 -16.82 -64.72 -55.18
N LEU D 83 -15.77 -64.15 -54.59
CA LEU D 83 -15.03 -64.78 -53.50
C LEU D 83 -15.32 -64.03 -52.23
N LEU D 84 -15.79 -64.77 -51.22
CA LEU D 84 -16.07 -64.23 -49.90
C LEU D 84 -14.96 -64.69 -48.98
N ARG D 85 -14.33 -63.76 -48.28
CA ARG D 85 -13.31 -64.11 -47.29
C ARG D 85 -13.96 -64.85 -46.12
N LYS D 86 -13.32 -65.91 -45.67
CA LYS D 86 -13.77 -66.70 -44.51
C LYS D 86 -13.11 -66.15 -43.26
N PHE D 87 -13.93 -65.67 -42.32
CA PHE D 87 -13.41 -65.19 -41.05
C PHE D 87 -14.49 -65.15 -39.97
N VAL D 88 -14.04 -65.19 -38.73
CA VAL D 88 -14.88 -64.87 -37.56
C VAL D 88 -14.24 -63.68 -36.89
N GLY D 89 -15.04 -62.96 -36.13
CA GLY D 89 -14.57 -61.74 -35.50
C GLY D 89 -14.50 -60.59 -36.51
N PRO D 90 -13.76 -59.54 -36.15
CA PRO D 90 -13.78 -58.34 -36.98
C PRO D 90 -13.09 -58.47 -38.32
N ALA D 91 -13.49 -57.61 -39.24
CA ALA D 91 -12.71 -57.36 -40.45
C ALA D 91 -11.58 -56.38 -40.14
N TYR D 92 -10.54 -56.36 -40.97
CA TYR D 92 -9.39 -55.49 -40.82
C TYR D 92 -9.18 -54.65 -42.05
N SER D 93 -8.81 -53.38 -41.87
CA SER D 93 -8.60 -52.49 -43.02
C SER D 93 -7.46 -52.95 -43.94
N SER D 94 -6.50 -53.67 -43.37
CA SER D 94 -5.39 -54.25 -44.13
C SER D 94 -5.83 -55.28 -45.19
N TRP D 95 -7.06 -55.77 -45.08
CA TRP D 95 -7.63 -56.67 -46.09
C TRP D 95 -8.11 -55.97 -47.35
N PHE D 96 -8.28 -54.65 -47.28
CA PHE D 96 -8.93 -53.88 -48.35
C PHE D 96 -7.94 -53.22 -49.28
N SER D 97 -8.27 -53.28 -50.57
CA SER D 97 -7.46 -52.69 -51.63
C SER D 97 -7.36 -51.16 -51.55
N ASN D 98 -8.41 -50.52 -51.06
CA ASN D 98 -8.48 -49.07 -51.06
C ASN D 98 -9.59 -48.53 -50.17
N TRP D 99 -9.54 -47.22 -49.97
CA TRP D 99 -10.53 -46.48 -49.18
C TRP D 99 -11.95 -46.73 -49.67
N THR D 100 -12.15 -46.76 -50.98
CA THR D 100 -13.50 -46.94 -51.50
C THR D 100 -14.13 -48.24 -50.99
N GLY D 101 -13.33 -49.29 -50.86
CA GLY D 101 -13.84 -50.55 -50.34
C GLY D 101 -14.23 -50.48 -48.88
N ILE D 102 -13.46 -49.72 -48.10
CA ILE D 102 -13.79 -49.45 -46.69
C ILE D 102 -15.15 -48.76 -46.58
N VAL D 103 -15.36 -47.74 -47.41
CA VAL D 103 -16.62 -47.03 -47.46
C VAL D 103 -17.76 -47.99 -47.84
N THR D 104 -17.56 -48.81 -48.86
CA THR D 104 -18.59 -49.77 -49.27
C THR D 104 -18.93 -50.73 -48.12
N PHE D 105 -17.90 -51.27 -47.48
CA PHE D 105 -18.11 -52.21 -46.38
C PHE D 105 -18.95 -51.57 -45.25
N MET D 106 -18.57 -50.36 -44.83
CA MET D 106 -19.25 -49.72 -43.69
C MET D 106 -20.61 -49.11 -44.03
N SER D 107 -20.96 -49.04 -45.32
CA SER D 107 -22.25 -48.52 -45.75
C SER D 107 -23.43 -49.40 -45.29
N ALA D 108 -23.13 -50.65 -44.93
CA ALA D 108 -24.12 -51.58 -44.42
C ALA D 108 -24.08 -51.59 -42.89
N PRO D 109 -25.21 -51.96 -42.25
CA PRO D 109 -25.20 -52.15 -40.81
C PRO D 109 -24.49 -53.44 -40.40
N ASN D 110 -24.34 -53.62 -39.09
CA ASN D 110 -23.86 -54.88 -38.51
C ASN D 110 -22.40 -55.15 -38.86
N ARG D 111 -21.58 -54.10 -38.91
CA ARG D 111 -20.17 -54.23 -39.28
C ARG D 111 -19.24 -54.03 -38.10
N HIS D 112 -18.19 -54.82 -38.04
CA HIS D 112 -17.12 -54.60 -37.07
C HIS D 112 -15.84 -54.53 -37.85
N LEU D 113 -15.26 -53.34 -37.95
CA LEU D 113 -14.00 -53.14 -38.69
C LEU D 113 -12.94 -52.60 -37.75
N VAL D 114 -11.76 -53.22 -37.81
CA VAL D 114 -10.57 -52.75 -37.13
C VAL D 114 -9.70 -52.03 -38.16
N VAL D 115 -9.42 -50.76 -37.92
CA VAL D 115 -8.53 -49.98 -38.74
C VAL D 115 -7.10 -50.21 -38.21
N ASP D 116 -6.36 -51.04 -38.94
CA ASP D 116 -4.98 -51.40 -38.61
C ASP D 116 -3.97 -50.81 -39.58
N THR D 117 -4.43 -49.88 -40.42
CA THR D 117 -3.59 -49.23 -41.42
C THR D 117 -3.88 -47.73 -41.47
N VAL D 118 -3.00 -47.00 -42.15
CA VAL D 118 -3.20 -45.57 -42.38
C VAL D 118 -4.02 -45.41 -43.66
N LEU D 119 -5.26 -44.99 -43.50
CA LEU D 119 -6.19 -44.84 -44.61
C LEU D 119 -6.20 -43.41 -45.13
N GLN D 120 -6.24 -43.25 -46.46
CA GLN D 120 -6.33 -41.95 -47.08
C GLN D 120 -7.75 -41.73 -47.57
N ALA D 121 -8.49 -40.88 -46.88
CA ALA D 121 -9.87 -40.60 -47.27
C ALA D 121 -9.95 -39.74 -48.53
N THR D 122 -10.88 -40.10 -49.41
CA THR D 122 -11.25 -39.29 -50.56
C THR D 122 -12.78 -39.08 -50.65
N SER D 123 -13.48 -39.43 -49.56
CA SER D 123 -14.93 -39.32 -49.48
C SER D 123 -15.31 -39.46 -48.03
N VAL D 124 -16.58 -39.19 -47.72
CA VAL D 124 -17.13 -39.38 -46.38
C VAL D 124 -17.27 -40.89 -46.10
N LEU D 125 -16.92 -41.31 -44.89
CA LEU D 125 -17.18 -42.66 -44.41
C LEU D 125 -18.48 -42.66 -43.59
N ASN D 126 -19.54 -43.29 -44.13
CA ASN D 126 -20.79 -43.48 -43.39
C ASN D 126 -20.76 -44.77 -42.59
N ILE D 127 -21.27 -44.69 -41.37
CA ILE D 127 -21.37 -45.81 -40.46
C ILE D 127 -22.87 -45.99 -40.19
N LYS D 128 -23.30 -47.25 -40.16
CA LYS D 128 -24.70 -47.60 -39.96
C LYS D 128 -24.91 -48.38 -38.65
N SER D 129 -26.14 -48.80 -38.38
CA SER D 129 -26.46 -49.36 -37.07
C SER D 129 -25.70 -50.61 -36.70
N ASN D 130 -25.57 -50.81 -35.39
CA ASN D 130 -24.99 -52.03 -34.85
C ASN D 130 -23.60 -52.31 -35.42
N SER D 131 -22.78 -51.26 -35.41
CA SER D 131 -21.45 -51.31 -36.00
C SER D 131 -20.41 -50.72 -35.06
N THR D 132 -19.21 -51.23 -35.20
CA THR D 132 -18.05 -50.83 -34.41
C THR D 132 -16.92 -50.55 -35.37
N LEU D 133 -16.32 -49.36 -35.22
CA LEU D 133 -15.13 -48.99 -35.95
C LEU D 133 -14.07 -48.79 -34.88
N GLU D 134 -13.05 -49.62 -34.91
CA GLU D 134 -12.03 -49.67 -33.86
C GLU D 134 -10.67 -49.42 -34.49
N PHE D 135 -9.82 -48.61 -33.87
CA PHE D 135 -8.52 -48.29 -34.43
C PHE D 135 -7.44 -48.92 -33.57
N THR D 136 -6.46 -49.54 -34.21
CA THR D 136 -5.30 -50.04 -33.50
C THR D 136 -4.32 -48.90 -33.31
N ASP D 137 -3.23 -49.24 -32.65
CA ASP D 137 -2.11 -48.34 -32.49
C ASP D 137 -1.59 -47.75 -33.80
N THR D 138 -1.72 -48.50 -34.90
CA THR D 138 -1.20 -48.06 -36.22
C THR D 138 -2.28 -47.29 -37.03
N GLY D 139 -3.55 -47.51 -36.72
CA GLY D 139 -4.66 -47.08 -37.57
C GLY D 139 -4.90 -45.59 -37.54
N ARG D 140 -5.25 -45.03 -38.69
CA ARG D 140 -5.49 -43.62 -38.81
C ARG D 140 -6.37 -43.37 -40.01
N ILE D 141 -7.21 -42.34 -39.97
CA ILE D 141 -7.82 -41.81 -41.20
C ILE D 141 -7.25 -40.42 -41.46
N LEU D 142 -6.56 -40.28 -42.59
CA LEU D 142 -6.06 -38.98 -43.05
C LEU D 142 -7.10 -38.41 -43.98
N PRO D 143 -7.58 -37.19 -43.69
CA PRO D 143 -8.55 -36.57 -44.57
C PRO D 143 -7.92 -36.19 -45.92
N ASP D 144 -8.79 -35.87 -46.86
CA ASP D 144 -8.39 -35.46 -48.21
C ASP D 144 -7.84 -34.03 -48.18
N ALA D 145 -6.61 -33.85 -48.64
CA ALA D 145 -6.06 -32.51 -48.78
C ALA D 145 -6.69 -31.70 -49.92
N ALA D 146 -7.25 -32.38 -50.92
CA ALA D 146 -7.80 -31.68 -52.08
C ALA D 146 -9.11 -30.95 -51.80
N VAL D 147 -9.88 -31.47 -50.84
CA VAL D 147 -11.18 -30.92 -50.53
C VAL D 147 -11.48 -31.15 -49.06
N ALA D 148 -11.86 -30.08 -48.38
CA ALA D 148 -12.30 -30.16 -47.00
C ALA D 148 -13.72 -30.73 -46.96
N ARG D 149 -13.88 -31.87 -46.30
CA ARG D 149 -15.20 -32.49 -46.19
C ARG D 149 -15.32 -33.17 -44.83
N GLN D 150 -16.46 -33.81 -44.57
CA GLN D 150 -16.67 -34.51 -43.30
C GLN D 150 -15.94 -35.83 -43.37
N VAL D 151 -15.53 -36.35 -42.23
CA VAL D 151 -14.76 -37.60 -42.20
C VAL D 151 -15.66 -38.80 -41.90
N LEU D 152 -16.26 -38.83 -40.70
CA LEU D 152 -17.19 -39.89 -40.33
C LEU D 152 -18.59 -39.31 -40.21
N ASN D 153 -19.57 -39.99 -40.79
CA ASN D 153 -20.98 -39.59 -40.68
C ASN D 153 -21.77 -40.77 -40.12
N ILE D 154 -22.61 -40.45 -39.14
CA ILE D 154 -23.55 -41.40 -38.53
C ILE D 154 -24.91 -40.71 -38.68
N THR D 155 -25.63 -41.04 -39.74
CA THR D 155 -26.71 -40.18 -40.24
C THR D 155 -28.05 -40.90 -40.35
N GLY D 156 -28.95 -40.60 -39.41
CA GLY D 156 -30.36 -40.89 -39.55
C GLY D 156 -31.06 -39.71 -40.19
N SER D 157 -32.39 -39.67 -40.04
CA SER D 157 -33.18 -38.61 -40.63
C SER D 157 -34.50 -38.43 -39.87
N ALA D 158 -34.97 -37.19 -39.90
CA ALA D 158 -36.23 -36.84 -39.28
C ALA D 158 -37.39 -37.48 -40.05
N PRO D 159 -38.58 -37.57 -39.42
CA PRO D 159 -39.75 -38.05 -40.15
C PRO D 159 -40.10 -37.12 -41.31
N SER D 160 -40.67 -37.66 -42.38
CA SER D 160 -41.17 -36.83 -43.49
CA SER D 160 -41.18 -36.84 -43.48
C SER D 160 -42.55 -36.25 -43.17
N VAL D 161 -43.38 -37.00 -42.45
CA VAL D 161 -44.72 -36.60 -42.09
C VAL D 161 -44.99 -37.03 -40.64
N PHE D 162 -46.01 -36.41 -40.08
CA PHE D 162 -46.37 -36.58 -38.69
C PHE D 162 -47.86 -36.92 -38.59
N VAL D 163 -48.22 -37.50 -37.46
CA VAL D 163 -49.62 -37.70 -37.11
C VAL D 163 -49.90 -36.97 -35.81
N PRO D 164 -51.11 -36.41 -35.68
CA PRO D 164 -51.41 -35.69 -34.45
C PRO D 164 -51.53 -36.62 -33.24
N LEU D 165 -51.16 -36.13 -32.07
CA LEU D 165 -51.58 -36.83 -30.87
C LEU D 165 -53.11 -36.82 -30.77
N ALA D 166 -53.67 -37.88 -30.21
CA ALA D 166 -55.12 -37.97 -30.01
C ALA D 166 -55.60 -37.18 -28.80
N ALA D 167 -54.69 -36.87 -27.88
CA ALA D 167 -55.01 -36.15 -26.65
C ALA D 167 -53.75 -35.47 -26.13
N ASP D 168 -53.95 -34.40 -25.37
CA ASP D 168 -52.84 -33.70 -24.71
C ASP D 168 -52.02 -34.70 -23.90
N ALA D 169 -50.70 -34.52 -23.92
CA ALA D 169 -49.79 -35.37 -23.14
C ALA D 169 -48.90 -34.44 -22.31
N ALA D 170 -49.21 -34.34 -21.04
CA ALA D 170 -48.48 -33.44 -20.15
C ALA D 170 -47.08 -33.93 -19.86
N ALA D 171 -46.24 -33.01 -19.40
CA ALA D 171 -44.92 -33.39 -18.93
C ALA D 171 -45.06 -34.49 -17.88
N GLY D 172 -44.20 -35.50 -17.98
CA GLY D 172 -44.28 -36.68 -17.14
C GLY D 172 -45.08 -37.84 -17.75
N SER D 173 -45.74 -37.61 -18.88
CA SER D 173 -46.50 -38.67 -19.53
C SER D 173 -45.60 -39.87 -19.86
N LYS D 174 -46.09 -41.05 -19.53
CA LYS D 174 -45.44 -42.33 -19.81
C LYS D 174 -45.91 -42.90 -21.16
N VAL D 175 -47.07 -42.43 -21.61
CA VAL D 175 -47.78 -42.97 -22.77
C VAL D 175 -48.24 -41.80 -23.60
N ILE D 176 -48.15 -41.93 -24.92
CA ILE D 176 -48.83 -41.01 -25.84
C ILE D 176 -49.88 -41.79 -26.60
N THR D 177 -50.83 -41.07 -27.15
CA THR D 177 -51.93 -41.71 -27.84
C THR D 177 -52.08 -41.13 -29.24
N VAL D 178 -52.42 -42.00 -30.19
CA VAL D 178 -52.72 -41.62 -31.56
C VAL D 178 -53.92 -42.44 -32.00
N ALA D 179 -54.55 -42.02 -33.09
CA ALA D 179 -55.60 -42.84 -33.67
C ALA D 179 -55.06 -44.23 -34.06
N ALA D 180 -55.87 -45.25 -33.83
CA ALA D 180 -55.49 -46.61 -34.19
C ALA D 180 -55.11 -46.68 -35.66
N GLY D 181 -54.02 -47.38 -35.95
CA GLY D 181 -53.54 -47.52 -37.31
C GLY D 181 -52.78 -46.33 -37.87
N ALA D 182 -52.68 -45.23 -37.11
CA ALA D 182 -52.09 -43.97 -37.62
C ALA D 182 -50.63 -44.17 -37.87
N LEU D 183 -49.98 -44.98 -37.04
CA LEU D 183 -48.67 -45.46 -37.42
C LEU D 183 -48.37 -46.82 -36.79
N SER D 184 -47.37 -47.47 -37.36
CA SER D 184 -46.92 -48.73 -36.86
C SER D 184 -45.93 -48.32 -35.80
N ALA D 185 -46.19 -48.79 -34.60
CA ALA D 185 -45.38 -48.56 -33.44
C ALA D 185 -44.71 -49.86 -33.09
N VAL D 186 -43.56 -50.10 -33.71
CA VAL D 186 -42.82 -51.32 -33.50
C VAL D 186 -41.99 -51.17 -32.22
N LYS D 187 -42.13 -52.12 -31.30
CA LYS D 187 -41.37 -52.07 -30.05
C LYS D 187 -39.86 -52.10 -30.36
N GLY D 188 -39.12 -51.22 -29.70
CA GLY D 188 -37.69 -51.07 -29.91
C GLY D 188 -37.30 -50.05 -30.96
N THR D 189 -38.28 -49.51 -31.69
CA THR D 189 -38.04 -48.43 -32.65
C THR D 189 -38.36 -47.09 -32.01
N TYR D 190 -38.16 -46.02 -32.75
CA TYR D 190 -38.19 -44.68 -32.21
C TYR D 190 -39.31 -43.82 -32.75
N LEU D 191 -39.61 -42.79 -31.95
CA LEU D 191 -40.57 -41.75 -32.27
C LEU D 191 -39.89 -40.40 -32.08
N TYR D 192 -40.37 -39.42 -32.85
CA TYR D 192 -39.92 -38.04 -32.78
C TYR D 192 -41.19 -37.19 -32.61
N LEU D 193 -41.31 -36.57 -31.43
CA LEU D 193 -42.45 -35.76 -31.06
C LEU D 193 -42.06 -34.30 -31.19
N ARG D 194 -43.02 -33.46 -31.58
CA ARG D 194 -42.78 -32.02 -31.64
C ARG D 194 -44.07 -31.24 -31.46
N SER D 195 -43.95 -29.96 -31.17
CA SER D 195 -45.09 -29.05 -31.22
C SER D 195 -44.58 -27.64 -31.48
N ASN D 196 -45.51 -26.71 -31.56
CA ASN D 196 -45.17 -25.30 -31.73
C ASN D 196 -44.77 -24.59 -30.44
N LYS D 197 -44.85 -25.29 -29.31
CA LYS D 197 -44.37 -24.72 -28.04
C LYS D 197 -42.88 -24.40 -28.16
N LEU D 198 -42.46 -23.29 -27.57
CA LEU D 198 -41.07 -22.89 -27.63
C LEU D 198 -40.23 -23.63 -26.61
N CYS D 199 -38.99 -23.95 -27.01
CA CYS D 199 -37.99 -24.45 -26.08
C CYS D 199 -37.91 -23.49 -24.89
N ASP D 200 -37.74 -24.06 -23.71
CA ASP D 200 -37.91 -23.30 -22.46
C ASP D 200 -36.72 -23.36 -21.51
N GLY D 201 -35.59 -23.89 -21.97
CA GLY D 201 -34.42 -23.97 -21.10
C GLY D 201 -33.74 -22.65 -20.81
N GLY D 202 -33.83 -21.74 -21.78
CA GLY D 202 -33.18 -20.45 -21.70
C GLY D 202 -33.94 -19.42 -22.53
N PRO D 203 -33.33 -18.24 -22.71
CA PRO D 203 -33.98 -17.14 -23.43
C PRO D 203 -34.53 -17.50 -24.82
N ASN D 204 -33.85 -18.42 -25.52
CA ASN D 204 -34.34 -18.92 -26.79
C ASN D 204 -34.70 -17.79 -27.77
N THR D 205 -33.72 -16.94 -28.06
CA THR D 205 -33.97 -15.80 -28.92
C THR D 205 -34.32 -16.15 -30.37
N TYR D 206 -33.94 -17.34 -30.84
CA TYR D 206 -34.37 -17.77 -32.17
C TYR D 206 -35.77 -18.38 -32.21
N GLY D 207 -36.36 -18.67 -31.06
CA GLY D 207 -37.71 -19.25 -31.05
C GLY D 207 -37.71 -20.69 -31.56
N VAL D 208 -36.69 -21.43 -31.19
CA VAL D 208 -36.62 -22.86 -31.50
C VAL D 208 -37.80 -23.55 -30.79
N LYS D 209 -38.45 -24.48 -31.48
CA LYS D 209 -39.63 -25.19 -31.01
C LYS D 209 -39.25 -26.53 -30.39
N ILE D 210 -40.14 -27.09 -29.56
CA ILE D 210 -39.81 -28.32 -28.82
C ILE D 210 -39.85 -29.59 -29.68
N SER D 211 -38.93 -30.50 -29.36
CA SER D 211 -38.94 -31.86 -29.89
C SER D 211 -38.25 -32.79 -28.91
N GLN D 212 -38.60 -34.07 -29.03
CA GLN D 212 -37.92 -35.13 -28.30
C GLN D 212 -37.95 -36.41 -29.10
N ILE D 213 -36.92 -37.22 -28.87
CA ILE D 213 -36.82 -38.58 -29.41
C ILE D 213 -37.08 -39.56 -28.28
N ARG D 214 -37.95 -40.54 -28.57
CA ARG D 214 -38.33 -41.55 -27.59
C ARG D 214 -38.35 -42.92 -28.25
N LYS D 215 -38.19 -43.96 -27.43
CA LYS D 215 -38.26 -45.34 -27.87
C LYS D 215 -39.57 -45.96 -27.46
N VAL D 216 -40.15 -46.73 -28.38
CA VAL D 216 -41.39 -47.47 -28.12
C VAL D 216 -41.06 -48.71 -27.30
N VAL D 217 -41.67 -48.86 -26.13
CA VAL D 217 -41.45 -50.05 -25.31
C VAL D 217 -42.72 -50.84 -25.02
N GLY D 218 -43.87 -50.31 -25.37
CA GLY D 218 -45.13 -51.04 -25.19
C GLY D 218 -46.21 -50.43 -26.07
N VAL D 219 -47.21 -51.23 -26.42
CA VAL D 219 -48.30 -50.77 -27.25
C VAL D 219 -49.59 -51.44 -26.80
N SER D 220 -50.67 -50.68 -26.71
CA SER D 220 -52.01 -51.22 -26.42
C SER D 220 -52.99 -50.44 -27.29
N THR D 221 -53.89 -51.13 -27.98
CA THR D 221 -54.88 -50.47 -28.80
C THR D 221 -56.27 -50.92 -28.36
N SER D 222 -57.13 -49.94 -28.11
CA SER D 222 -58.52 -50.20 -27.83
C SER D 222 -59.30 -48.93 -27.99
N GLY D 223 -60.59 -49.09 -28.24
CA GLY D 223 -61.50 -47.95 -28.44
C GLY D 223 -61.11 -47.03 -29.58
N GLY D 224 -60.39 -47.55 -30.58
CA GLY D 224 -59.93 -46.75 -31.70
C GLY D 224 -58.67 -45.91 -31.45
N VAL D 225 -58.01 -46.12 -30.31
CA VAL D 225 -56.82 -45.37 -29.92
C VAL D 225 -55.67 -46.32 -29.62
N THR D 226 -54.50 -46.00 -30.18
CA THR D 226 -53.28 -46.73 -29.86
C THR D 226 -52.52 -45.93 -28.82
N SER D 227 -52.26 -46.59 -27.69
CA SER D 227 -51.49 -46.04 -26.59
C SER D 227 -50.07 -46.59 -26.65
N ILE D 228 -49.10 -45.69 -26.82
CA ILE D 228 -47.70 -46.07 -27.04
C ILE D 228 -46.92 -45.71 -25.78
N ARG D 229 -46.39 -46.73 -25.12
CA ARG D 229 -45.58 -46.59 -23.93
C ARG D 229 -44.15 -46.28 -24.31
N LEU D 230 -43.59 -45.25 -23.69
CA LEU D 230 -42.27 -44.73 -24.02
C LEU D 230 -41.22 -45.24 -23.05
N ASP D 231 -39.97 -45.31 -23.49
CA ASP D 231 -38.86 -45.60 -22.59
C ASP D 231 -38.71 -44.57 -21.48
N LYS D 232 -38.81 -43.30 -21.86
CA LYS D 232 -38.61 -42.17 -20.96
C LYS D 232 -39.81 -41.26 -21.04
N THR D 233 -40.15 -40.59 -19.95
CA THR D 233 -41.30 -39.71 -19.93
C THR D 233 -41.06 -38.41 -20.69
N LEU D 234 -42.16 -37.71 -21.00
CA LEU D 234 -42.06 -36.46 -21.73
C LEU D 234 -41.62 -35.32 -20.81
N HIS D 235 -40.83 -34.39 -21.33
CA HIS D 235 -40.28 -33.28 -20.53
C HIS D 235 -40.87 -31.92 -20.83
N TYR D 236 -41.91 -31.90 -21.67
CA TYR D 236 -42.74 -30.73 -21.89
C TYR D 236 -44.19 -31.17 -21.95
N ASN D 237 -45.09 -30.20 -21.83
CA ASN D 237 -46.49 -30.42 -22.18
C ASN D 237 -46.64 -30.40 -23.70
N TYR D 238 -47.16 -31.49 -24.26
CA TYR D 238 -47.42 -31.62 -25.68
C TYR D 238 -48.93 -31.50 -25.86
N TYR D 239 -49.36 -30.34 -26.31
CA TYR D 239 -50.76 -29.99 -26.40
C TYR D 239 -51.26 -29.93 -27.83
N LEU D 240 -52.49 -30.41 -28.02
CA LEU D 240 -53.14 -30.29 -29.33
C LEU D 240 -53.25 -28.84 -29.82
N SER D 241 -53.42 -27.90 -28.88
CA SER D 241 -53.47 -26.48 -29.21
C SER D 241 -52.14 -25.93 -29.75
N ASP D 242 -51.05 -26.65 -29.48
CA ASP D 242 -49.73 -26.38 -30.07
C ASP D 242 -49.39 -27.30 -31.27
N ALA D 243 -50.40 -27.98 -31.81
CA ALA D 243 -50.24 -28.92 -32.93
C ALA D 243 -49.27 -30.04 -32.58
N ALA D 244 -49.33 -30.54 -31.34
CA ALA D 244 -48.50 -31.66 -30.92
C ALA D 244 -48.69 -32.85 -31.85
N GLU D 245 -47.57 -33.42 -32.28
CA GLU D 245 -47.61 -34.49 -33.27
C GLU D 245 -46.37 -35.35 -33.16
N VAL D 246 -46.40 -36.50 -33.83
CA VAL D 246 -45.36 -37.50 -33.71
C VAL D 246 -45.14 -38.17 -35.06
N GLY D 247 -43.88 -38.51 -35.32
CA GLY D 247 -43.51 -39.17 -36.54
C GLY D 247 -42.42 -40.18 -36.26
N ILE D 248 -42.10 -40.97 -37.27
CA ILE D 248 -41.11 -42.05 -37.12
C ILE D 248 -39.80 -41.59 -37.79
N PRO D 249 -38.76 -41.28 -36.98
CA PRO D 249 -37.47 -40.95 -37.55
C PRO D 249 -36.76 -42.22 -37.98
N THR D 250 -35.78 -42.08 -38.88
CA THR D 250 -34.85 -43.18 -39.15
C THR D 250 -33.64 -42.91 -38.28
N MET D 251 -33.40 -43.79 -37.31
CA MET D 251 -32.28 -43.65 -36.41
C MET D 251 -31.14 -44.55 -36.84
N VAL D 252 -29.91 -44.10 -36.60
CA VAL D 252 -28.75 -44.99 -36.62
C VAL D 252 -28.42 -45.31 -35.16
N GLU D 253 -28.50 -46.57 -34.77
CA GLU D 253 -28.38 -46.94 -33.36
C GLU D 253 -27.23 -47.89 -33.12
N ASN D 254 -26.63 -47.82 -31.93
CA ASN D 254 -25.65 -48.77 -31.45
C ASN D 254 -24.40 -48.74 -32.29
N VAL D 255 -23.75 -47.59 -32.30
CA VAL D 255 -22.49 -47.40 -33.01
C VAL D 255 -21.40 -47.12 -32.00
N THR D 256 -20.30 -47.85 -32.08
CA THR D 256 -19.18 -47.67 -31.17
C THR D 256 -17.93 -47.29 -31.98
N LEU D 257 -17.30 -46.17 -31.61
CA LEU D 257 -16.08 -45.72 -32.27
C LEU D 257 -14.98 -45.81 -31.23
N VAL D 258 -14.05 -46.74 -31.42
CA VAL D 258 -13.01 -47.03 -30.44
C VAL D 258 -11.70 -46.41 -30.94
N SER D 259 -11.23 -45.40 -30.21
CA SER D 259 -9.96 -44.73 -30.48
C SER D 259 -9.85 -44.14 -31.89
N PRO D 260 -10.86 -43.40 -32.34
CA PRO D 260 -10.73 -42.80 -33.68
C PRO D 260 -9.55 -41.81 -33.77
N TYR D 261 -8.66 -42.03 -34.74
CA TYR D 261 -7.53 -41.13 -35.00
C TYR D 261 -7.79 -40.48 -36.36
N ILE D 262 -8.19 -39.22 -36.32
CA ILE D 262 -8.52 -38.44 -37.51
C ILE D 262 -7.46 -37.36 -37.68
N ASN D 263 -6.78 -37.41 -38.83
CA ASN D 263 -5.67 -36.54 -39.20
C ASN D 263 -4.44 -36.85 -38.33
N GLU D 264 -3.38 -36.05 -38.49
CA GLU D 264 -2.11 -36.29 -37.86
C GLU D 264 -1.35 -34.99 -37.79
N PHE D 265 -0.51 -34.86 -36.76
CA PHE D 265 0.40 -33.72 -36.68
C PHE D 265 1.22 -33.60 -37.95
N GLY D 266 1.44 -32.36 -38.38
CA GLY D 266 2.05 -32.07 -39.67
C GLY D 266 1.05 -31.81 -40.78
N TYR D 267 -0.24 -32.01 -40.50
CA TYR D 267 -1.31 -31.80 -41.49
C TYR D 267 -1.23 -30.43 -42.18
N ASP D 268 -0.86 -29.40 -41.41
CA ASP D 268 -0.89 -28.04 -41.93
C ASP D 268 0.19 -27.79 -42.99
N ASP D 269 1.28 -28.55 -42.92
CA ASP D 269 2.31 -28.49 -43.97
C ASP D 269 1.83 -29.07 -45.31
N LEU D 270 0.83 -29.92 -45.24
CA LEU D 270 0.23 -30.58 -46.41
C LEU D 270 -1.13 -29.98 -46.78
N ASN D 271 -1.52 -28.89 -46.09
CA ASN D 271 -2.81 -28.25 -46.34
C ASN D 271 -3.96 -29.27 -46.25
N ARG D 272 -3.87 -30.14 -45.26
CA ARG D 272 -4.76 -31.29 -45.13
C ARG D 272 -5.74 -31.06 -43.98
N PHE D 273 -6.94 -30.64 -44.33
CA PHE D 273 -7.98 -30.28 -43.35
C PHE D 273 -9.22 -31.15 -43.56
N PHE D 274 -10.29 -30.76 -42.88
CA PHE D 274 -11.60 -31.38 -43.02
C PHE D 274 -12.60 -30.35 -42.48
N THR D 275 -13.89 -30.66 -42.53
CA THR D 275 -14.90 -29.73 -42.00
C THR D 275 -15.30 -30.20 -40.60
N ILE D 276 -16.17 -31.21 -40.53
CA ILE D 276 -16.57 -31.85 -39.27
C ILE D 276 -15.95 -33.24 -39.21
N GLY D 277 -15.34 -33.58 -38.09
CA GLY D 277 -14.67 -34.86 -37.98
C GLY D 277 -15.63 -36.03 -37.90
N ILE D 278 -16.54 -35.96 -36.92
CA ILE D 278 -17.55 -36.98 -36.68
C ILE D 278 -18.87 -36.27 -36.55
N SER D 279 -19.77 -36.45 -37.52
CA SER D 279 -21.05 -35.76 -37.51
C SER D 279 -22.15 -36.79 -37.38
N ALA D 280 -22.93 -36.66 -36.31
CA ALA D 280 -24.04 -37.58 -36.03
C ALA D 280 -25.33 -36.80 -36.04
N ASN D 281 -26.36 -37.38 -36.68
CA ASN D 281 -27.70 -36.81 -36.76
CA ASN D 281 -27.69 -36.80 -36.65
C ASN D 281 -28.68 -37.97 -36.54
N PHE D 282 -29.61 -37.85 -35.60
CA PHE D 282 -30.59 -38.93 -35.35
C PHE D 282 -29.86 -40.25 -35.10
N ALA D 283 -28.94 -40.19 -34.13
CA ALA D 283 -28.24 -41.37 -33.65
C ALA D 283 -28.66 -41.67 -32.21
N ALA D 284 -28.67 -42.96 -31.88
CA ALA D 284 -28.93 -43.43 -30.53
C ALA D 284 -27.82 -44.36 -30.11
N ASP D 285 -27.38 -44.26 -28.86
CA ASP D 285 -26.32 -45.12 -28.38
C ASP D 285 -25.09 -45.12 -29.29
N LEU D 286 -24.66 -43.89 -29.61
CA LEU D 286 -23.40 -43.63 -30.25
C LEU D 286 -22.40 -43.36 -29.14
N HIS D 287 -21.37 -44.20 -29.05
CA HIS D 287 -20.37 -44.09 -27.98
C HIS D 287 -18.99 -44.01 -28.59
N ILE D 288 -18.30 -42.90 -28.30
CA ILE D 288 -16.98 -42.59 -28.84
C ILE D 288 -15.99 -42.62 -27.68
N GLN D 289 -14.95 -43.43 -27.79
CA GLN D 289 -13.99 -43.67 -26.71
C GLN D 289 -12.60 -43.33 -27.17
N ASP D 290 -11.94 -42.44 -26.42
CA ASP D 290 -10.58 -42.07 -26.65
C ASP D 290 -10.39 -41.52 -28.08
N GLY D 291 -9.21 -41.74 -28.66
CA GLY D 291 -8.89 -41.20 -29.94
C GLY D 291 -8.39 -39.76 -29.90
N VAL D 292 -8.02 -39.28 -31.07
CA VAL D 292 -7.43 -37.96 -31.23
C VAL D 292 -7.93 -37.38 -32.54
N ILE D 293 -8.46 -36.17 -32.51
CA ILE D 293 -8.95 -35.46 -33.71
C ILE D 293 -8.15 -34.16 -33.81
N ILE D 294 -7.45 -33.97 -34.93
CA ILE D 294 -6.50 -32.87 -35.09
C ILE D 294 -6.75 -32.14 -36.40
N GLY D 295 -6.78 -30.81 -36.34
CA GLY D 295 -6.42 -30.02 -37.53
C GLY D 295 -7.44 -29.82 -38.61
N ASN D 296 -8.55 -29.15 -38.28
CA ASN D 296 -9.41 -28.61 -39.33
C ASN D 296 -9.27 -27.09 -39.51
N LYS D 297 -8.29 -26.52 -38.78
CA LYS D 297 -7.76 -25.19 -39.02
C LYS D 297 -6.25 -25.27 -38.82
N ARG D 298 -5.51 -24.24 -39.24
CA ARG D 298 -4.08 -24.18 -38.95
C ARG D 298 -3.87 -23.86 -37.46
N PRO D 299 -2.72 -24.29 -36.91
CA PRO D 299 -2.52 -24.07 -35.48
C PRO D 299 -2.56 -22.61 -35.10
N GLY D 300 -3.36 -22.29 -34.09
CA GLY D 300 -3.53 -20.92 -33.61
C GLY D 300 -4.28 -19.99 -34.53
N ALA D 301 -4.86 -20.50 -35.62
CA ALA D 301 -5.50 -19.66 -36.62
C ALA D 301 -6.90 -19.24 -36.19
N SER D 302 -7.50 -18.38 -37.00
CA SER D 302 -8.87 -17.92 -36.78
C SER D 302 -9.85 -19.08 -36.75
N ASP D 303 -10.94 -18.89 -36.02
CA ASP D 303 -12.02 -19.86 -36.01
C ASP D 303 -12.64 -19.98 -37.41
N ILE D 304 -13.24 -21.15 -37.66
CA ILE D 304 -13.93 -21.41 -38.93
C ILE D 304 -15.31 -21.95 -38.57
N GLU D 305 -16.33 -21.15 -38.87
CA GLU D 305 -17.70 -21.44 -38.49
C GLU D 305 -18.11 -22.85 -38.93
N GLY D 306 -18.69 -23.60 -38.00
CA GLY D 306 -19.21 -24.92 -38.26
C GLY D 306 -18.23 -26.08 -38.21
N ARG D 307 -16.93 -25.81 -38.19
CA ARG D 307 -15.92 -26.86 -38.26
C ARG D 307 -15.65 -27.47 -36.88
N SER D 308 -16.65 -28.14 -36.34
CA SER D 308 -16.51 -28.81 -35.06
C SER D 308 -15.85 -30.19 -35.23
N ALA D 309 -15.17 -30.67 -34.20
CA ALA D 309 -14.54 -32.00 -34.27
C ALA D 309 -15.58 -33.11 -34.23
N ILE D 310 -16.48 -33.04 -33.24
CA ILE D 310 -17.59 -34.00 -33.07
C ILE D 310 -18.86 -33.20 -32.93
N LYS D 311 -19.90 -33.61 -33.64
CA LYS D 311 -21.18 -32.92 -33.60
C LYS D 311 -22.28 -33.95 -33.39
N PHE D 312 -23.06 -33.77 -32.31
CA PHE D 312 -24.22 -34.57 -31.99
C PHE D 312 -25.46 -33.72 -32.20
N ASN D 313 -26.23 -34.01 -33.25
CA ASN D 313 -27.46 -33.31 -33.56
C ASN D 313 -28.59 -34.32 -33.42
N ASN D 314 -29.55 -34.06 -32.54
CA ASN D 314 -30.66 -34.98 -32.35
C ASN D 314 -30.18 -36.40 -32.04
N CYS D 315 -29.24 -36.49 -31.09
CA CYS D 315 -28.71 -37.78 -30.65
C CYS D 315 -29.15 -38.08 -29.24
N VAL D 316 -29.46 -39.34 -28.97
CA VAL D 316 -29.85 -39.76 -27.63
C VAL D 316 -28.93 -40.79 -27.06
N ASP D 317 -28.74 -40.76 -25.75
CA ASP D 317 -27.95 -41.78 -25.05
C ASP D 317 -26.59 -41.96 -25.70
N SER D 318 -25.93 -40.85 -25.99
CA SER D 318 -24.68 -40.85 -26.73
C SER D 318 -23.59 -40.12 -25.96
N THR D 319 -22.36 -40.61 -26.08
CA THR D 319 -21.27 -40.15 -25.23
C THR D 319 -19.95 -40.01 -25.97
N VAL D 320 -19.12 -39.10 -25.47
CA VAL D 320 -17.74 -38.96 -25.86
C VAL D 320 -16.92 -39.10 -24.57
N LYS D 321 -15.97 -40.02 -24.51
CA LYS D 321 -15.18 -40.25 -23.31
C LYS D 321 -13.73 -40.40 -23.66
N GLY D 322 -12.89 -39.46 -23.20
CA GLY D 322 -11.43 -39.58 -23.30
C GLY D 322 -10.77 -39.00 -24.53
N THR D 323 -11.54 -38.62 -25.55
CA THR D 323 -11.01 -38.08 -26.80
C THR D 323 -10.21 -36.80 -26.58
N CYS D 324 -9.12 -36.66 -27.32
CA CYS D 324 -8.30 -35.46 -27.37
C CYS D 324 -8.52 -34.70 -28.69
N PHE D 325 -8.47 -33.37 -28.60
CA PHE D 325 -8.75 -32.46 -29.72
C PHE D 325 -7.64 -31.43 -29.78
N TYR D 326 -7.08 -31.22 -30.98
CA TYR D 326 -6.08 -30.20 -31.22
C TYR D 326 -6.44 -29.41 -32.47
N ASN D 327 -6.31 -28.10 -32.40
CA ASN D 327 -6.33 -27.22 -33.58
C ASN D 327 -7.64 -27.38 -34.36
N ILE D 328 -8.74 -27.04 -33.69
CA ILE D 328 -10.09 -27.21 -34.21
C ILE D 328 -10.70 -25.84 -34.49
N GLY D 329 -11.29 -25.68 -35.66
CA GLY D 329 -11.81 -24.39 -36.10
C GLY D 329 -13.03 -23.94 -35.30
N TRP D 330 -13.83 -24.88 -34.81
CA TRP D 330 -15.07 -24.56 -34.11
C TRP D 330 -15.09 -25.31 -32.78
N TYR D 331 -16.09 -26.13 -32.50
CA TYR D 331 -16.20 -26.71 -31.16
C TYR D 331 -15.55 -28.10 -31.08
N GLY D 332 -15.03 -28.48 -29.92
CA GLY D 332 -14.55 -29.84 -29.73
C GLY D 332 -15.69 -30.84 -29.85
N VAL D 333 -16.66 -30.70 -28.94
CA VAL D 333 -17.91 -31.45 -29.00
C VAL D 333 -19.05 -30.45 -29.03
N GLU D 334 -19.82 -30.50 -30.10
CA GLU D 334 -20.99 -29.67 -30.32
C GLU D 334 -22.23 -30.54 -30.10
N VAL D 335 -23.20 -30.04 -29.32
CA VAL D 335 -24.41 -30.78 -28.98
C VAL D 335 -25.60 -29.88 -29.28
N LEU D 336 -26.48 -30.33 -30.16
CA LEU D 336 -27.61 -29.51 -30.57
C LEU D 336 -28.82 -30.35 -30.97
N GLY D 337 -29.91 -29.68 -31.35
CA GLY D 337 -31.18 -30.36 -31.54
C GLY D 337 -31.66 -30.90 -30.19
N CYS D 338 -32.56 -31.88 -30.24
CA CYS D 338 -33.10 -32.49 -29.01
C CYS D 338 -32.21 -33.60 -28.49
N SER D 339 -30.90 -33.37 -28.52
CA SER D 339 -29.98 -34.36 -28.00
C SER D 339 -30.23 -34.52 -26.53
N GLU D 340 -30.44 -35.75 -26.10
CA GLU D 340 -30.90 -36.04 -24.74
C GLU D 340 -30.10 -37.15 -24.10
N ASP D 341 -29.68 -36.93 -22.85
CA ASP D 341 -28.84 -37.88 -22.13
C ASP D 341 -27.52 -38.06 -22.88
N THR D 342 -26.87 -36.96 -23.14
CA THR D 342 -25.53 -36.99 -23.70
C THR D 342 -24.52 -36.64 -22.63
N GLU D 343 -23.35 -37.21 -22.76
CA GLU D 343 -22.29 -37.04 -21.76
C GLU D 343 -20.96 -36.90 -22.44
N VAL D 344 -20.12 -36.02 -21.90
CA VAL D 344 -18.75 -35.87 -22.36
C VAL D 344 -17.87 -36.03 -21.13
N HIS D 345 -16.98 -37.03 -21.13
CA HIS D 345 -16.11 -37.29 -19.99
C HIS D 345 -14.65 -37.23 -20.43
N ASP D 346 -13.79 -36.68 -19.58
CA ASP D 346 -12.36 -36.95 -19.67
C ASP D 346 -11.69 -36.43 -20.95
N ILE D 347 -12.32 -35.48 -21.66
CA ILE D 347 -11.69 -34.95 -22.86
C ILE D 347 -10.62 -33.92 -22.54
N HIS D 348 -9.68 -33.80 -23.46
CA HIS D 348 -8.67 -32.74 -23.44
C HIS D 348 -8.80 -31.99 -24.76
N ALA D 349 -9.02 -30.69 -24.71
CA ALA D 349 -9.18 -29.88 -25.93
C ALA D 349 -8.23 -28.69 -25.89
N MET D 350 -7.40 -28.55 -26.92
CA MET D 350 -6.33 -27.56 -26.98
C MET D 350 -6.41 -26.82 -28.31
N ASP D 351 -6.54 -25.49 -28.25
CA ASP D 351 -6.64 -24.61 -29.45
C ASP D 351 -7.89 -24.93 -30.25
N VAL D 352 -9.03 -24.62 -29.65
CA VAL D 352 -10.35 -24.84 -30.23
C VAL D 352 -11.18 -23.59 -29.86
N ARG D 353 -12.35 -23.42 -30.45
CA ARG D 353 -13.20 -22.27 -30.08
C ARG D 353 -13.86 -22.47 -28.72
N HIS D 354 -14.58 -23.57 -28.57
CA HIS D 354 -15.08 -24.02 -27.25
C HIS D 354 -14.73 -25.51 -27.16
N ALA D 355 -14.35 -26.00 -25.99
CA ALA D 355 -14.13 -27.44 -25.81
C ALA D 355 -15.42 -28.20 -25.98
N ILE D 356 -16.46 -27.73 -25.29
CA ILE D 356 -17.82 -28.25 -25.41
C ILE D 356 -18.73 -27.05 -25.64
N SER D 357 -19.68 -27.16 -26.55
CA SER D 357 -20.71 -26.16 -26.70
C SER D 357 -22.05 -26.81 -27.00
N LEU D 358 -23.02 -26.54 -26.14
CA LEU D 358 -24.42 -26.82 -26.42
C LEU D 358 -24.93 -25.68 -27.27
N ASN D 359 -25.58 -25.99 -28.40
CA ASN D 359 -25.88 -24.98 -29.39
C ASN D 359 -27.35 -24.70 -29.54
N TRP D 360 -27.62 -23.51 -30.06
CA TRP D 360 -28.92 -23.16 -30.59
C TRP D 360 -29.01 -23.58 -32.05
N GLN D 361 -30.11 -23.21 -32.71
CA GLN D 361 -30.27 -23.40 -34.15
C GLN D 361 -30.88 -22.15 -34.72
N SER D 362 -30.20 -21.55 -35.70
CA SER D 362 -30.73 -20.34 -36.32
C SER D 362 -32.03 -20.62 -37.06
N THR D 363 -33.04 -19.81 -36.77
CA THR D 363 -34.32 -19.88 -37.45
C THR D 363 -34.47 -18.79 -38.53
N ALA D 364 -33.35 -18.19 -38.96
CA ALA D 364 -33.41 -17.14 -39.96
C ALA D 364 -34.09 -17.58 -41.25
N ASP D 365 -33.88 -18.84 -41.64
CA ASP D 365 -34.45 -19.36 -42.89
C ASP D 365 -35.69 -20.21 -42.69
N GLY D 366 -36.15 -20.38 -41.46
CA GLY D 366 -37.33 -21.19 -41.15
C GLY D 366 -37.28 -21.84 -39.79
N ASP D 367 -38.39 -22.47 -39.40
CA ASP D 367 -38.50 -23.11 -38.07
C ASP D 367 -37.44 -24.16 -37.82
N LYS D 368 -37.05 -24.28 -36.55
CA LYS D 368 -36.15 -25.32 -36.08
C LYS D 368 -36.74 -25.87 -34.81
N TRP D 369 -36.42 -27.14 -34.55
CA TRP D 369 -36.91 -27.82 -33.35
C TRP D 369 -35.75 -28.45 -32.59
N GLY D 370 -35.82 -28.35 -31.26
CA GLY D 370 -34.98 -29.17 -30.39
C GLY D 370 -33.93 -28.41 -29.59
N GLU D 371 -33.95 -28.61 -28.28
CA GLU D 371 -32.86 -28.17 -27.40
C GLU D 371 -32.30 -29.35 -26.64
N PRO D 372 -31.01 -29.30 -26.28
CA PRO D 372 -30.46 -30.41 -25.51
C PRO D 372 -31.13 -30.54 -24.14
N ILE D 373 -31.32 -31.77 -23.69
CA ILE D 373 -31.93 -32.09 -22.39
C ILE D 373 -31.07 -33.13 -21.71
N GLU D 374 -30.63 -32.85 -20.48
CA GLU D 374 -29.80 -33.76 -19.69
C GLU D 374 -28.45 -33.90 -20.35
N PHE D 375 -27.54 -33.02 -19.95
CA PHE D 375 -26.17 -33.01 -20.43
C PHE D 375 -25.23 -33.04 -19.25
N LEU D 376 -24.19 -33.87 -19.34
CA LEU D 376 -23.15 -33.95 -18.34
C LEU D 376 -21.79 -33.79 -19.00
N GLY D 377 -21.00 -32.83 -18.52
CA GLY D 377 -19.58 -32.73 -18.84
C GLY D 377 -18.81 -32.98 -17.56
N VAL D 378 -17.93 -33.97 -17.54
CA VAL D 378 -17.23 -34.35 -16.32
C VAL D 378 -15.75 -34.57 -16.57
N ASN D 379 -14.91 -33.98 -15.72
CA ASN D 379 -13.46 -34.19 -15.78
C ASN D 379 -12.85 -33.83 -17.14
N CYS D 380 -13.36 -32.76 -17.76
CA CYS D 380 -12.85 -32.28 -19.04
C CYS D 380 -11.89 -31.12 -18.82
N GLU D 381 -10.90 -31.01 -19.70
CA GLU D 381 -9.85 -30.00 -19.64
C GLU D 381 -9.80 -29.24 -20.98
N ALA D 382 -9.74 -27.93 -20.89
CA ALA D 382 -9.61 -27.04 -22.05
C ALA D 382 -8.41 -26.13 -21.85
N TYR D 383 -7.63 -25.95 -22.92
CA TYR D 383 -6.52 -25.02 -22.97
C TYR D 383 -6.63 -24.11 -24.18
N SER D 384 -6.40 -22.82 -23.96
CA SER D 384 -6.19 -21.88 -25.06
C SER D 384 -7.34 -21.88 -26.04
N THR D 385 -8.55 -21.83 -25.47
CA THR D 385 -9.74 -21.69 -26.26
C THR D 385 -9.85 -20.26 -26.77
N THR D 386 -10.29 -20.10 -28.01
CA THR D 386 -10.39 -18.75 -28.58
C THR D 386 -11.65 -18.03 -28.08
N GLN D 387 -12.65 -18.81 -27.66
CA GLN D 387 -13.83 -18.28 -26.99
C GLN D 387 -13.98 -19.10 -25.69
N ALA D 388 -15.18 -19.11 -25.11
CA ALA D 388 -15.33 -19.74 -23.79
C ALA D 388 -14.83 -21.17 -23.76
N GLY D 389 -14.20 -21.58 -22.67
CA GLY D 389 -13.75 -22.96 -22.56
C GLY D 389 -14.88 -23.97 -22.68
N PHE D 390 -15.93 -23.76 -21.89
CA PHE D 390 -17.12 -24.60 -21.87
C PHE D 390 -18.32 -23.69 -22.02
N ASP D 391 -19.26 -24.03 -22.89
CA ASP D 391 -20.25 -23.10 -23.37
C ASP D 391 -21.63 -23.72 -23.51
N THR D 392 -22.66 -22.90 -23.28
CA THR D 392 -23.98 -23.14 -23.85
C THR D 392 -24.44 -21.91 -24.59
N HIS D 393 -25.33 -22.11 -25.56
CA HIS D 393 -26.09 -21.04 -26.16
C HIS D 393 -27.41 -20.91 -25.35
N ASP D 394 -28.42 -20.27 -25.90
CA ASP D 394 -29.57 -19.82 -25.09
C ASP D 394 -30.75 -20.76 -24.99
N ILE D 395 -30.50 -22.04 -25.31
CA ILE D 395 -31.48 -23.10 -25.03
C ILE D 395 -30.72 -24.28 -24.41
N GLY D 396 -31.49 -25.25 -23.93
CA GLY D 396 -30.92 -26.41 -23.27
C GLY D 396 -31.40 -26.49 -21.84
N LYS D 397 -31.67 -27.72 -21.40
CA LYS D 397 -32.23 -28.03 -20.09
C LYS D 397 -31.32 -29.02 -19.35
N ARG D 398 -31.17 -28.84 -18.04
CA ARG D 398 -30.51 -29.83 -17.17
C ARG D 398 -29.08 -30.07 -17.61
N VAL D 399 -28.37 -28.98 -17.69
CA VAL D 399 -26.98 -28.95 -18.10
C VAL D 399 -26.09 -28.86 -16.86
N LYS D 400 -25.13 -29.78 -16.75
CA LYS D 400 -24.23 -29.85 -15.59
C LYS D 400 -22.79 -30.03 -16.05
N PHE D 401 -21.88 -29.28 -15.45
CA PHE D 401 -20.45 -29.44 -15.62
C PHE D 401 -19.86 -29.81 -14.26
N VAL D 402 -19.06 -30.86 -14.22
CA VAL D 402 -18.53 -31.43 -12.99
C VAL D 402 -17.03 -31.58 -13.11
N ARG D 403 -16.27 -30.91 -12.25
CA ARG D 403 -14.82 -31.07 -12.21
C ARG D 403 -14.14 -30.85 -13.58
N CYS D 404 -14.66 -29.88 -14.33
CA CYS D 404 -14.03 -29.43 -15.55
C CYS D 404 -13.08 -28.28 -15.22
N VAL D 405 -12.08 -28.11 -16.08
CA VAL D 405 -11.07 -27.04 -15.90
C VAL D 405 -10.79 -26.36 -17.23
N SER D 406 -10.80 -25.02 -17.21
CA SER D 406 -10.42 -24.20 -18.36
C SER D 406 -9.19 -23.39 -18.02
N TYR D 407 -8.18 -23.47 -18.89
CA TYR D 407 -6.96 -22.68 -18.80
C TYR D 407 -6.84 -21.71 -19.95
N ASP D 408 -6.50 -20.46 -19.63
CA ASP D 408 -6.04 -19.50 -20.64
C ASP D 408 -7.00 -19.29 -21.80
N SER D 409 -8.28 -19.24 -21.49
CA SER D 409 -9.29 -18.86 -22.45
C SER D 409 -9.09 -17.40 -22.88
N ALA D 410 -9.33 -17.12 -24.15
CA ALA D 410 -9.32 -15.76 -24.66
C ALA D 410 -10.65 -15.03 -24.35
N ALA D 411 -11.61 -15.75 -23.79
CA ALA D 411 -12.85 -15.13 -23.36
C ALA D 411 -13.13 -15.60 -21.93
N ALA D 412 -14.26 -16.25 -21.67
CA ALA D 412 -14.54 -16.78 -20.33
C ALA D 412 -14.01 -18.20 -20.19
N GLY D 413 -13.81 -18.66 -18.97
CA GLY D 413 -13.53 -20.09 -18.76
C GLY D 413 -14.78 -20.90 -19.08
N PHE D 414 -15.90 -20.48 -18.50
CA PHE D 414 -17.20 -21.14 -18.63
C PHE D 414 -18.21 -20.04 -18.94
N GLN D 415 -19.06 -20.25 -19.95
CA GLN D 415 -20.12 -19.35 -20.32
C GLN D 415 -21.46 -20.07 -20.30
N ALA D 416 -22.42 -19.54 -19.55
CA ALA D 416 -23.79 -20.02 -19.53
C ALA D 416 -24.67 -19.04 -20.25
N ARG D 417 -25.35 -19.50 -21.29
CA ARG D 417 -26.38 -18.68 -21.94
C ARG D 417 -27.78 -19.28 -21.86
N THR D 418 -27.92 -20.44 -21.20
CA THR D 418 -29.22 -20.99 -20.87
C THR D 418 -29.41 -20.89 -19.35
N ASN D 419 -30.65 -21.06 -18.89
CA ASN D 419 -30.96 -20.73 -17.50
C ASN D 419 -30.59 -21.87 -16.54
N GLY D 420 -30.09 -21.51 -15.36
CA GLY D 420 -29.83 -22.52 -14.33
C GLY D 420 -28.82 -23.60 -14.69
N VAL D 421 -27.77 -23.22 -15.40
CA VAL D 421 -26.66 -24.16 -15.63
C VAL D 421 -25.96 -24.38 -14.26
N GLU D 422 -25.62 -25.63 -13.96
CA GLU D 422 -25.01 -25.99 -12.69
C GLU D 422 -23.56 -26.42 -12.86
N TYR D 423 -22.66 -25.90 -12.02
CA TYR D 423 -21.25 -26.19 -12.06
C TYR D 423 -20.80 -26.71 -10.71
N LEU D 424 -20.20 -27.89 -10.69
CA LEU D 424 -19.77 -28.56 -9.47
C LEU D 424 -18.25 -28.72 -9.49
N ASN D 425 -17.55 -28.01 -8.61
CA ASN D 425 -16.10 -28.19 -8.45
C ASN D 425 -15.31 -27.95 -9.73
N CYS D 426 -15.80 -27.01 -10.54
CA CYS D 426 -15.12 -26.60 -11.75
C CYS D 426 -14.06 -25.54 -11.41
N ARG D 427 -13.06 -25.42 -12.29
CA ARG D 427 -11.96 -24.47 -12.10
C ARG D 427 -11.67 -23.69 -13.36
N ALA D 428 -11.36 -22.41 -13.21
CA ALA D 428 -11.00 -21.55 -14.34
C ALA D 428 -9.74 -20.80 -13.98
N TYR D 429 -8.73 -20.89 -14.85
CA TYR D 429 -7.47 -20.21 -14.67
C TYR D 429 -7.21 -19.26 -15.82
N ARG D 430 -6.83 -18.03 -15.52
CA ARG D 430 -6.28 -17.09 -16.49
C ARG D 430 -7.16 -16.82 -17.72
N ALA D 431 -8.48 -16.80 -17.55
CA ALA D 431 -9.35 -16.34 -18.62
C ALA D 431 -9.06 -14.87 -18.86
N ALA D 432 -9.14 -14.45 -20.11
CA ALA D 432 -8.92 -13.06 -20.46
C ALA D 432 -10.02 -12.16 -19.94
N MET D 433 -11.20 -12.72 -19.68
CA MET D 433 -12.32 -11.97 -19.13
C MET D 433 -12.73 -12.58 -17.79
N ASP D 434 -13.81 -13.35 -17.76
CA ASP D 434 -14.32 -13.90 -16.51
C ASP D 434 -14.05 -15.40 -16.40
N GLY D 435 -13.73 -15.89 -15.20
CA GLY D 435 -13.56 -17.33 -15.03
C GLY D 435 -14.84 -18.07 -15.40
N PHE D 436 -15.94 -17.62 -14.82
CA PHE D 436 -17.27 -18.14 -15.05
C PHE D 436 -18.20 -16.95 -15.33
N ALA D 437 -19.05 -17.05 -16.33
CA ALA D 437 -19.98 -15.96 -16.62
C ALA D 437 -21.28 -16.47 -17.16
N SER D 438 -22.35 -15.72 -16.90
CA SER D 438 -23.57 -15.85 -17.67
C SER D 438 -23.48 -14.81 -18.80
N ASN D 439 -24.59 -14.31 -19.31
CA ASN D 439 -24.57 -13.31 -20.37
C ASN D 439 -25.97 -12.70 -20.44
N THR D 440 -26.15 -11.79 -21.37
CA THR D 440 -27.34 -10.98 -21.46
C THR D 440 -28.61 -11.80 -21.39
N GLY D 441 -29.47 -11.46 -20.43
CA GLY D 441 -30.77 -12.09 -20.31
C GLY D 441 -30.81 -13.46 -19.65
N VAL D 442 -29.68 -13.94 -19.14
CA VAL D 442 -29.55 -15.31 -18.66
C VAL D 442 -29.73 -15.35 -17.15
N ALA D 443 -30.55 -16.29 -16.68
CA ALA D 443 -30.91 -16.41 -15.27
C ALA D 443 -30.04 -17.40 -14.48
N PHE D 444 -29.61 -16.93 -13.31
CA PHE D 444 -29.19 -17.76 -12.17
C PHE D 444 -28.44 -19.05 -12.49
N PRO D 445 -27.23 -18.93 -13.05
CA PRO D 445 -26.31 -20.06 -12.96
C PRO D 445 -26.05 -20.40 -11.49
N ILE D 446 -25.68 -21.65 -11.22
CA ILE D 446 -25.39 -22.17 -9.90
C ILE D 446 -23.96 -22.67 -9.87
N TYR D 447 -23.13 -22.08 -9.01
CA TYR D 447 -21.75 -22.47 -8.87
C TYR D 447 -21.53 -23.05 -7.48
N ARG D 448 -21.08 -24.29 -7.41
CA ARG D 448 -20.86 -24.99 -6.14
C ARG D 448 -19.40 -25.39 -6.02
N GLU D 449 -18.70 -24.80 -5.05
CA GLU D 449 -17.31 -25.14 -4.79
C GLU D 449 -16.43 -24.96 -6.05
N CYS D 450 -16.77 -23.97 -6.88
CA CYS D 450 -15.95 -23.63 -8.05
C CYS D 450 -14.86 -22.68 -7.65
N LEU D 451 -13.73 -22.79 -8.36
CA LEU D 451 -12.50 -22.07 -8.03
C LEU D 451 -11.99 -21.32 -9.25
N ALA D 452 -11.64 -20.05 -9.06
CA ALA D 452 -11.26 -19.18 -10.13
C ALA D 452 -9.95 -18.49 -9.77
N TYR D 453 -8.93 -18.65 -10.61
CA TYR D 453 -7.56 -18.15 -10.34
C TYR D 453 -7.05 -17.29 -11.47
N ASP D 454 -6.72 -16.03 -11.17
CA ASP D 454 -5.99 -15.15 -12.07
C ASP D 454 -6.75 -14.84 -13.37
N ASN D 455 -8.07 -14.91 -13.34
CA ASN D 455 -8.90 -14.46 -14.46
C ASN D 455 -8.88 -12.94 -14.44
N VAL D 456 -8.71 -12.32 -15.60
CA VAL D 456 -8.38 -10.89 -15.62
C VAL D 456 -9.49 -10.06 -14.98
N ARG D 457 -10.73 -10.25 -15.45
CA ARG D 457 -11.81 -9.34 -15.05
C ARG D 457 -12.45 -9.77 -13.75
N SER D 458 -13.02 -10.97 -13.73
CA SER D 458 -13.68 -11.47 -12.53
C SER D 458 -13.55 -12.96 -12.42
N GLY D 459 -13.74 -13.48 -11.22
CA GLY D 459 -13.86 -14.93 -11.06
C GLY D 459 -15.20 -15.41 -11.58
N PHE D 460 -16.26 -14.76 -11.10
CA PHE D 460 -17.65 -15.11 -11.42
C PHE D 460 -18.37 -13.84 -11.83
N ASN D 461 -18.97 -13.83 -13.01
CA ASN D 461 -19.73 -12.70 -13.50
C ASN D 461 -21.15 -13.15 -13.80
N CYS D 462 -22.03 -12.96 -12.82
CA CYS D 462 -23.43 -13.31 -12.96
C CYS D 462 -24.23 -12.06 -12.67
N SER D 463 -23.78 -10.96 -13.29
CA SER D 463 -24.39 -9.64 -13.12
C SER D 463 -25.49 -9.35 -14.16
N TYR D 464 -25.77 -10.32 -15.01
CA TYR D 464 -26.74 -10.21 -16.09
C TYR D 464 -28.16 -10.56 -15.69
N GLY D 465 -28.30 -11.41 -14.68
CA GLY D 465 -29.60 -11.97 -14.32
C GLY D 465 -29.54 -12.85 -13.09
N GLY D 466 -28.68 -12.46 -12.16
CA GLY D 466 -28.55 -13.14 -10.89
C GLY D 466 -27.62 -14.34 -10.91
N GLY D 467 -27.17 -14.74 -9.73
CA GLY D 467 -26.41 -15.97 -9.57
C GLY D 467 -26.48 -16.54 -8.18
N TYR D 468 -26.15 -17.82 -8.08
CA TYR D 468 -26.03 -18.51 -6.81
C TYR D 468 -24.60 -19.01 -6.72
N VAL D 469 -23.81 -18.39 -5.83
CA VAL D 469 -22.37 -18.58 -5.75
C VAL D 469 -22.08 -19.19 -4.38
N TYR D 470 -21.98 -20.51 -4.36
CA TYR D 470 -21.96 -21.28 -3.13
C TYR D 470 -20.59 -21.87 -2.85
N ASP D 471 -19.91 -21.40 -1.80
CA ASP D 471 -18.62 -21.96 -1.38
C ASP D 471 -17.56 -21.88 -2.47
N CYS D 472 -17.66 -20.84 -3.29
CA CYS D 472 -16.75 -20.62 -4.38
C CYS D 472 -15.56 -19.79 -3.92
N GLU D 473 -14.52 -19.79 -4.73
CA GLU D 473 -13.33 -19.00 -4.47
C GLU D 473 -12.90 -18.28 -5.72
N ALA D 474 -12.49 -17.03 -5.57
CA ALA D 474 -11.93 -16.27 -6.69
C ALA D 474 -10.76 -15.49 -6.16
N HIS D 475 -9.63 -15.66 -6.84
CA HIS D 475 -8.36 -15.12 -6.46
C HIS D 475 -7.71 -14.51 -7.70
N GLY D 476 -7.17 -13.30 -7.59
CA GLY D 476 -6.34 -12.77 -8.66
C GLY D 476 -7.06 -12.06 -9.79
N SER D 477 -8.22 -11.48 -9.52
CA SER D 477 -9.01 -10.76 -10.52
C SER D 477 -9.16 -9.28 -10.18
N GLN D 478 -9.81 -8.51 -11.06
CA GLN D 478 -10.23 -7.15 -10.69
C GLN D 478 -11.30 -7.23 -9.59
N ASN D 479 -12.30 -8.09 -9.79
CA ASN D 479 -13.29 -8.34 -8.74
C ASN D 479 -13.56 -9.83 -8.65
N GLY D 480 -13.74 -10.36 -7.44
CA GLY D 480 -13.94 -11.80 -7.30
C GLY D 480 -15.24 -12.24 -7.94
N VAL D 481 -16.34 -11.58 -7.56
CA VAL D 481 -17.69 -11.86 -8.06
C VAL D 481 -18.34 -10.56 -8.50
N ARG D 482 -18.90 -10.54 -9.72
CA ARG D 482 -19.79 -9.49 -10.19
C ARG D 482 -21.19 -10.07 -10.16
N ILE D 483 -22.12 -9.39 -9.48
CA ILE D 483 -23.43 -9.96 -9.25
C ILE D 483 -24.45 -8.86 -9.01
N ASN D 484 -25.65 -9.01 -9.58
CA ASN D 484 -26.75 -8.03 -9.42
C ASN D 484 -27.81 -8.43 -8.42
N GLY D 485 -27.80 -9.70 -8.03
CA GLY D 485 -28.78 -10.27 -7.13
C GLY D 485 -28.53 -11.76 -7.01
N GLY D 486 -29.09 -12.37 -5.97
CA GLY D 486 -28.94 -13.79 -5.71
C GLY D 486 -28.25 -14.03 -4.39
N ARG D 487 -27.26 -14.91 -4.37
CA ARG D 487 -26.59 -15.31 -3.14
C ARG D 487 -25.13 -15.53 -3.35
N VAL D 488 -24.32 -15.03 -2.42
CA VAL D 488 -22.92 -15.43 -2.29
C VAL D 488 -22.83 -15.98 -0.87
N LYS D 489 -22.69 -17.29 -0.74
CA LYS D 489 -22.75 -17.97 0.57
C LYS D 489 -21.48 -18.78 0.71
N GLY D 490 -20.72 -18.53 1.77
CA GLY D 490 -19.49 -19.24 1.99
C GLY D 490 -18.44 -18.85 0.99
N GLY D 491 -17.35 -19.57 0.98
CA GLY D 491 -16.31 -19.29 0.02
C GLY D 491 -15.22 -18.38 0.55
N ARG D 492 -14.27 -18.10 -0.32
CA ARG D 492 -13.06 -17.39 0.08
C ARG D 492 -12.49 -16.62 -1.11
N TYR D 493 -12.16 -15.36 -0.87
CA TYR D 493 -11.78 -14.41 -1.92
C TYR D 493 -10.54 -13.63 -1.50
N THR D 494 -9.54 -13.60 -2.38
CA THR D 494 -8.26 -12.92 -2.14
C THR D 494 -7.74 -12.30 -3.41
N ARG D 495 -6.79 -11.37 -3.25
CA ARG D 495 -6.05 -10.82 -4.39
C ARG D 495 -6.97 -10.30 -5.49
N ASN D 496 -7.99 -9.52 -5.10
CA ASN D 496 -8.85 -8.89 -6.06
C ASN D 496 -8.63 -7.39 -5.96
N SER D 497 -8.20 -6.78 -7.05
CA SER D 497 -7.64 -5.43 -6.99
C SER D 497 -8.64 -4.33 -6.68
N SER D 498 -9.88 -4.48 -7.15
CA SER D 498 -10.96 -3.51 -6.89
C SER D 498 -11.73 -3.93 -5.64
N SER D 499 -12.36 -5.10 -5.68
CA SER D 499 -13.06 -5.62 -4.50
C SER D 499 -13.30 -7.11 -4.64
N HIS D 500 -13.57 -7.77 -3.52
CA HIS D 500 -13.93 -9.19 -3.58
C HIS D 500 -15.29 -9.41 -4.20
N ILE D 501 -16.31 -8.66 -3.79
CA ILE D 501 -17.66 -8.73 -4.37
C ILE D 501 -18.00 -7.37 -4.98
N PHE D 502 -18.53 -7.38 -6.19
CA PHE D 502 -18.90 -6.19 -6.92
C PHE D 502 -20.39 -6.31 -7.24
N VAL D 503 -21.20 -5.50 -6.54
CA VAL D 503 -22.64 -5.48 -6.74
C VAL D 503 -22.88 -4.51 -7.86
N THR D 504 -23.23 -5.05 -9.01
CA THR D 504 -23.33 -4.28 -10.25
C THR D 504 -24.24 -5.02 -11.22
N LYS D 505 -24.37 -4.48 -12.42
CA LYS D 505 -25.19 -5.03 -13.47
C LYS D 505 -24.42 -4.99 -14.76
N ASP D 506 -24.86 -5.79 -15.73
CA ASP D 506 -24.34 -5.68 -17.09
C ASP D 506 -24.67 -4.33 -17.71
N VAL D 507 -25.93 -3.94 -17.59
CA VAL D 507 -26.40 -2.63 -18.05
C VAL D 507 -27.39 -2.13 -17.00
N ALA D 508 -27.51 -0.80 -16.89
CA ALA D 508 -28.40 -0.19 -15.89
C ALA D 508 -29.88 -0.65 -15.98
N GLU D 509 -30.37 -1.00 -17.18
CA GLU D 509 -31.76 -1.49 -17.31
C GLU D 509 -32.08 -2.85 -16.66
N THR D 510 -31.06 -3.68 -16.43
CA THR D 510 -31.24 -4.97 -15.75
C THR D 510 -31.73 -4.75 -14.33
N ALA D 511 -32.65 -5.58 -13.84
CA ALA D 511 -33.20 -5.42 -12.49
C ALA D 511 -32.19 -5.85 -11.44
N GLN D 512 -31.99 -5.01 -10.44
CA GLN D 512 -31.35 -5.46 -9.22
C GLN D 512 -32.36 -6.25 -8.43
N THR D 513 -31.91 -7.39 -7.89
CA THR D 513 -32.76 -8.13 -6.94
C THR D 513 -32.01 -8.28 -5.62
N SER D 514 -32.65 -8.85 -4.61
CA SER D 514 -32.00 -8.96 -3.33
C SER D 514 -30.75 -9.83 -3.45
N LEU D 515 -29.74 -9.48 -2.65
CA LEU D 515 -28.48 -10.19 -2.63
C LEU D 515 -28.15 -10.50 -1.18
N GLU D 516 -27.92 -11.78 -0.91
CA GLU D 516 -27.44 -12.24 0.39
C GLU D 516 -25.98 -12.53 0.27
N ILE D 517 -25.16 -11.94 1.15
CA ILE D 517 -23.74 -12.23 1.26
C ILE D 517 -23.54 -12.75 2.68
N ASP D 518 -23.37 -14.05 2.84
CA ASP D 518 -23.34 -14.67 4.18
C ASP D 518 -22.22 -15.67 4.27
N GLY D 519 -21.44 -15.60 5.35
CA GLY D 519 -20.44 -16.59 5.60
C GLY D 519 -19.24 -16.58 4.69
N VAL D 520 -19.00 -15.45 4.03
CA VAL D 520 -17.93 -15.32 3.03
C VAL D 520 -16.65 -14.83 3.70
N SER D 521 -15.54 -15.48 3.38
CA SER D 521 -14.24 -14.97 3.73
C SER D 521 -13.76 -14.00 2.65
N MET D 522 -13.68 -12.72 3.00
CA MET D 522 -13.31 -11.67 2.07
C MET D 522 -12.47 -10.64 2.82
N ARG D 523 -11.37 -11.17 3.35
CA ARG D 523 -10.45 -10.44 4.19
C ARG D 523 -9.60 -9.45 3.40
N TYR D 524 -9.02 -8.48 4.09
CA TYR D 524 -8.08 -7.57 3.48
C TYR D 524 -6.71 -8.26 3.40
N ASP D 525 -6.13 -8.27 2.20
CA ASP D 525 -4.80 -8.87 1.99
C ASP D 525 -3.86 -7.91 1.25
N GLY D 526 -4.11 -6.61 1.39
CA GLY D 526 -3.29 -5.61 0.71
C GLY D 526 -3.78 -5.22 -0.67
N THR D 527 -4.95 -5.74 -1.07
CA THR D 527 -5.51 -5.49 -2.38
C THR D 527 -6.82 -4.70 -2.23
N GLY D 528 -7.92 -5.21 -2.79
CA GLY D 528 -9.13 -4.45 -2.88
C GLY D 528 -9.97 -4.45 -1.62
N ARG D 529 -11.11 -3.79 -1.74
CA ARG D 529 -12.06 -3.71 -0.62
C ARG D 529 -12.95 -4.97 -0.59
N ALA D 530 -13.82 -5.08 0.42
CA ALA D 530 -14.66 -6.27 0.54
C ALA D 530 -15.78 -6.26 -0.47
N VAL D 531 -16.56 -5.18 -0.49
CA VAL D 531 -17.74 -5.08 -1.34
C VAL D 531 -17.78 -3.69 -2.01
N TYR D 532 -18.08 -3.69 -3.30
CA TYR D 532 -18.19 -2.48 -4.11
C TYR D 532 -19.64 -2.39 -4.57
N PHE D 533 -20.30 -1.28 -4.20
CA PHE D 533 -21.65 -0.98 -4.58
C PHE D 533 -21.65 0.00 -5.72
N HIS D 534 -22.22 -0.41 -6.86
CA HIS D 534 -22.13 0.37 -8.10
C HIS D 534 -23.32 1.31 -8.31
N GLY D 535 -23.23 2.49 -7.70
CA GLY D 535 -24.28 3.49 -7.83
C GLY D 535 -24.56 3.96 -9.25
N THR D 536 -23.52 3.94 -10.07
CA THR D 536 -23.59 4.32 -11.48
C THR D 536 -24.71 3.61 -12.23
N VAL D 537 -24.92 2.34 -11.90
CA VAL D 537 -25.95 1.54 -12.59
C VAL D 537 -27.23 1.35 -11.77
N GLY D 538 -27.36 2.11 -10.69
CA GLY D 538 -28.60 2.14 -9.90
C GLY D 538 -28.69 1.15 -8.75
N ILE D 539 -27.54 0.67 -8.27
CA ILE D 539 -27.53 -0.26 -7.13
C ILE D 539 -27.96 0.41 -5.83
N ASP D 540 -28.99 -0.16 -5.20
CA ASP D 540 -29.46 0.26 -3.89
C ASP D 540 -28.83 -0.70 -2.86
N PRO D 541 -27.93 -0.20 -2.01
CA PRO D 541 -27.28 -1.11 -1.08
C PRO D 541 -28.21 -1.78 -0.07
N THR D 542 -29.39 -1.22 0.17
CA THR D 542 -30.32 -1.82 1.11
C THR D 542 -30.93 -3.14 0.64
N LEU D 543 -30.80 -3.44 -0.66
CA LEU D 543 -31.19 -4.74 -1.20
C LEU D 543 -30.16 -5.83 -0.94
N VAL D 544 -29.03 -5.45 -0.35
CA VAL D 544 -27.97 -6.38 0.01
C VAL D 544 -28.04 -6.60 1.51
N SER D 545 -27.79 -7.84 1.96
CA SER D 545 -27.71 -8.21 3.38
C SER D 545 -26.40 -8.93 3.60
N MET D 546 -25.64 -8.56 4.62
CA MET D 546 -24.32 -9.11 4.85
C MET D 546 -24.24 -9.67 6.26
N SER D 547 -24.19 -10.98 6.39
CA SER D 547 -24.19 -11.64 7.69
C SER D 547 -23.01 -12.58 7.86
N ASN D 548 -22.34 -12.52 9.01
CA ASN D 548 -21.37 -13.52 9.40
C ASN D 548 -20.23 -13.69 8.41
N ASN D 549 -19.81 -12.59 7.80
CA ASN D 549 -18.68 -12.61 6.88
C ASN D 549 -17.40 -12.25 7.59
N ASP D 550 -16.28 -12.73 7.08
CA ASP D 550 -14.98 -12.37 7.57
C ASP D 550 -14.42 -11.27 6.67
N MET D 551 -14.49 -10.05 7.17
CA MET D 551 -13.96 -8.86 6.48
C MET D 551 -12.74 -8.29 7.24
N THR D 552 -12.02 -9.15 7.96
CA THR D 552 -10.92 -8.73 8.80
C THR D 552 -9.88 -7.94 7.99
N GLY D 553 -9.54 -6.77 8.52
CA GLY D 553 -8.42 -6.00 8.01
C GLY D 553 -8.76 -4.82 7.12
N HIS D 554 -10.00 -4.70 6.68
CA HIS D 554 -10.39 -3.62 5.79
C HIS D 554 -10.53 -2.26 6.47
N GLY D 555 -10.57 -2.26 7.79
CA GLY D 555 -10.78 -1.02 8.56
C GLY D 555 -11.97 -0.21 8.06
N LEU D 556 -11.73 1.09 7.86
CA LEU D 556 -12.75 1.99 7.35
C LEU D 556 -13.08 1.81 5.87
N PHE D 557 -12.33 0.94 5.20
CA PHE D 557 -12.40 0.76 3.76
C PHE D 557 -12.94 -0.63 3.36
N TRP D 558 -13.92 -1.12 4.10
CA TRP D 558 -14.55 -2.39 3.72
C TRP D 558 -15.44 -2.24 2.51
N ALA D 559 -16.02 -1.06 2.29
CA ALA D 559 -16.87 -0.79 1.13
C ALA D 559 -16.24 0.21 0.19
N LEU D 560 -16.43 -0.06 -1.11
CA LEU D 560 -16.20 0.92 -2.17
C LEU D 560 -17.57 1.31 -2.73
N LEU D 561 -17.74 2.59 -3.00
CA LEU D 561 -18.94 3.11 -3.63
C LEU D 561 -18.51 4.07 -4.72
N SER D 562 -19.19 4.01 -5.86
CA SER D 562 -19.02 4.99 -6.90
C SER D 562 -20.35 5.29 -7.58
N GLY D 563 -20.46 6.50 -8.11
CA GLY D 563 -21.61 6.92 -8.86
C GLY D 563 -22.85 7.29 -8.07
N TYR D 564 -22.74 7.45 -6.74
CA TYR D 564 -23.86 7.96 -5.93
C TYR D 564 -23.80 9.48 -5.92
N THR D 565 -24.95 10.13 -5.97
CA THR D 565 -25.02 11.58 -5.82
C THR D 565 -25.60 12.01 -4.48
N VAL D 566 -26.31 11.11 -3.82
CA VAL D 566 -26.76 11.30 -2.43
C VAL D 566 -26.33 10.05 -1.65
N GLN D 567 -25.89 10.26 -0.41
CA GLN D 567 -25.41 9.15 0.42
C GLN D 567 -26.49 8.07 0.54
N PRO D 568 -26.17 6.84 0.10
CA PRO D 568 -27.17 5.77 0.20
C PRO D 568 -27.24 5.18 1.62
N THR D 569 -28.36 4.52 1.90
CA THR D 569 -28.49 3.73 3.14
C THR D 569 -27.68 2.43 2.98
N PRO D 570 -27.02 1.96 4.06
CA PRO D 570 -26.19 0.75 3.92
C PRO D 570 -27.00 -0.55 3.82
N PRO D 571 -26.33 -1.65 3.47
CA PRO D 571 -26.97 -2.95 3.65
C PRO D 571 -27.28 -3.23 5.10
N ARG D 572 -28.24 -4.13 5.35
CA ARG D 572 -28.31 -4.75 6.68
C ARG D 572 -27.04 -5.55 6.93
N MET D 573 -26.49 -5.43 8.12
CA MET D 573 -25.24 -6.05 8.47
C MET D 573 -25.39 -6.74 9.82
N SER D 574 -25.03 -8.02 9.90
CA SER D 574 -25.19 -8.80 11.13
C SER D 574 -23.97 -9.64 11.44
N ARG D 575 -23.27 -9.24 12.50
CA ARG D 575 -22.27 -10.08 13.14
C ARG D 575 -21.12 -10.47 12.19
N ASN D 576 -20.69 -9.50 11.38
CA ASN D 576 -19.48 -9.67 10.57
C ASN D 576 -18.24 -9.38 11.39
N LEU D 577 -17.10 -9.87 10.94
CA LEU D 577 -15.81 -9.60 11.57
C LEU D 577 -15.06 -8.56 10.77
N LEU D 578 -14.65 -7.46 11.42
CA LEU D 578 -13.86 -6.43 10.74
C LEU D 578 -12.46 -6.30 11.28
N ASP D 579 -12.27 -6.61 12.56
CA ASP D 579 -10.93 -6.61 13.17
C ASP D 579 -10.68 -7.88 13.97
N ASP D 580 -9.40 -8.18 14.16
CA ASP D 580 -8.96 -9.34 14.90
C ASP D 580 -8.29 -9.03 16.26
N THR D 581 -8.11 -7.75 16.56
CA THR D 581 -7.47 -7.30 17.80
C THR D 581 -8.29 -6.17 18.37
N GLY D 582 -8.29 -6.05 19.69
CA GLY D 582 -9.14 -5.05 20.34
C GLY D 582 -10.63 -5.26 20.13
N ILE D 583 -11.05 -6.52 20.11
CA ILE D 583 -12.41 -6.88 19.72
C ILE D 583 -13.22 -7.65 20.78
N ARG D 584 -12.60 -7.98 21.93
CA ARG D 584 -13.37 -8.54 23.05
C ARG D 584 -12.64 -8.18 24.34
N GLY D 585 -13.40 -7.89 25.38
CA GLY D 585 -12.83 -7.66 26.70
C GLY D 585 -13.90 -7.53 27.75
N VAL D 586 -13.49 -7.03 28.92
CA VAL D 586 -14.38 -6.78 30.05
C VAL D 586 -14.06 -5.40 30.61
N ALA D 587 -15.10 -4.62 30.87
CA ALA D 587 -14.97 -3.33 31.51
C ALA D 587 -15.77 -3.36 32.80
N THR D 588 -15.35 -2.56 33.77
CA THR D 588 -16.11 -2.41 35.00
C THR D 588 -16.63 -0.98 35.08
N LEU D 589 -17.95 -0.84 35.20
CA LEU D 589 -18.55 0.48 35.31
C LEU D 589 -18.20 1.12 36.66
N VAL D 590 -18.01 2.44 36.60
CA VAL D 590 -17.87 3.27 37.79
C VAL D 590 -18.88 4.40 37.61
N ALA D 591 -19.76 4.57 38.59
CA ALA D 591 -20.79 5.61 38.49
C ALA D 591 -21.52 5.54 37.14
N GLY D 592 -21.84 4.30 36.74
CA GLY D 592 -22.65 4.06 35.57
C GLY D 592 -21.96 4.11 34.23
N GLU D 593 -20.63 4.28 34.19
CA GLU D 593 -19.92 4.41 32.92
C GLU D 593 -18.54 3.78 32.93
N ALA D 594 -18.09 3.39 31.74
CA ALA D 594 -16.72 2.96 31.52
C ALA D 594 -16.30 3.36 30.13
N THR D 595 -15.07 3.85 30.03
CA THR D 595 -14.44 4.08 28.74
C THR D 595 -13.59 2.87 28.39
N VAL D 596 -13.71 2.42 27.14
CA VAL D 596 -13.10 1.18 26.69
C VAL D 596 -12.29 1.48 25.44
N ASN D 597 -11.00 1.15 25.46
CA ASN D 597 -10.19 1.15 24.24
C ASN D 597 -10.51 -0.14 23.46
N ALA D 598 -10.81 0.00 22.18
CA ALA D 598 -11.20 -1.12 21.33
C ALA D 598 -11.20 -0.69 19.89
N ARG D 599 -11.09 -1.65 18.98
CA ARG D 599 -11.24 -1.36 17.56
C ARG D 599 -12.69 -1.27 17.14
N VAL D 600 -13.42 -0.41 17.84
CA VAL D 600 -14.70 0.10 17.37
C VAL D 600 -14.40 1.05 16.23
N ARG D 601 -15.30 1.11 15.26
CA ARG D 601 -15.11 1.92 14.06
C ARG D 601 -16.42 2.44 13.54
N GLY D 602 -16.33 3.45 12.69
CA GLY D 602 -17.51 3.96 12.03
C GLY D 602 -17.22 5.08 11.10
N ASN D 603 -18.23 5.43 10.31
CA ASN D 603 -18.20 6.64 9.52
C ASN D 603 -19.45 7.42 9.83
N PHE D 604 -19.27 8.69 10.16
CA PHE D 604 -20.39 9.54 10.56
C PHE D 604 -20.59 10.73 9.60
N GLY D 605 -19.83 10.77 8.51
CA GLY D 605 -19.95 11.81 7.51
C GLY D 605 -21.06 11.58 6.51
N SER D 606 -21.18 12.52 5.58
CA SER D 606 -22.27 12.56 4.62
C SER D 606 -21.80 12.53 3.16
N VAL D 607 -20.55 12.11 2.94
CA VAL D 607 -20.00 12.03 1.57
C VAL D 607 -20.90 11.09 0.75
N ALA D 608 -21.29 11.52 -0.45
CA ALA D 608 -22.23 10.73 -1.26
C ALA D 608 -21.75 9.28 -1.47
N ASN D 609 -20.48 9.11 -1.84
CA ASN D 609 -19.93 7.77 -2.05
C ASN D 609 -19.35 7.18 -0.77
N SER D 610 -20.22 7.05 0.22
CA SER D 610 -19.89 6.49 1.53
C SER D 610 -21.19 6.05 2.20
N PHE D 611 -21.05 5.28 3.27
CA PHE D 611 -22.13 4.85 4.14
C PHE D 611 -21.89 5.45 5.49
N LYS D 612 -22.97 5.80 6.18
CA LYS D 612 -22.93 6.10 7.61
C LYS D 612 -23.15 4.76 8.34
N TRP D 613 -22.24 4.40 9.24
CA TRP D 613 -22.27 3.10 9.91
C TRP D 613 -21.39 3.14 11.16
N VAL D 614 -21.63 2.19 12.04
CA VAL D 614 -20.81 2.00 13.22
C VAL D 614 -20.81 0.50 13.60
N SER D 615 -19.75 0.08 14.30
CA SER D 615 -19.65 -1.28 14.83
C SER D 615 -20.89 -1.70 15.61
N GLU D 616 -21.26 -2.99 15.54
CA GLU D 616 -22.22 -3.59 16.50
C GLU D 616 -21.40 -4.06 17.68
N VAL D 617 -21.62 -3.47 18.84
CA VAL D 617 -20.96 -3.90 20.06
C VAL D 617 -21.97 -4.66 20.93
N LYS D 618 -21.67 -5.93 21.12
CA LYS D 618 -22.52 -6.84 21.89
C LYS D 618 -22.05 -6.72 23.33
N LEU D 619 -22.99 -6.41 24.22
CA LEU D 619 -22.69 -6.25 25.66
C LEU D 619 -23.39 -7.33 26.47
N THR D 620 -22.68 -7.94 27.42
CA THR D 620 -23.28 -8.92 28.33
C THR D 620 -22.75 -8.66 29.74
N ARG D 621 -23.66 -8.64 30.70
CA ARG D 621 -23.32 -8.35 32.08
C ARG D 621 -22.75 -9.58 32.79
N LEU D 622 -21.62 -9.40 33.50
CA LEU D 622 -20.93 -10.48 34.21
C LEU D 622 -20.95 -10.41 35.74
N THR D 623 -21.29 -9.24 36.28
CA THR D 623 -21.58 -9.12 37.71
C THR D 623 -22.89 -8.39 37.90
N PHE D 624 -23.48 -8.61 39.08
CA PHE D 624 -24.89 -8.35 39.27
C PHE D 624 -25.18 -7.49 40.49
N PRO D 625 -24.65 -6.26 40.51
CA PRO D 625 -24.91 -5.37 41.64
C PRO D 625 -26.35 -4.93 41.67
N SER D 626 -26.81 -4.46 42.84
CA SER D 626 -28.18 -3.94 42.95
C SER D 626 -28.48 -2.78 42.01
N SER D 627 -27.43 -2.08 41.60
CA SER D 627 -27.53 -0.91 40.74
C SER D 627 -27.45 -1.22 39.24
N ALA D 628 -27.64 -2.48 38.85
CA ALA D 628 -27.60 -2.84 37.43
C ALA D 628 -28.71 -2.13 36.68
N GLY D 629 -28.35 -1.50 35.58
CA GLY D 629 -29.29 -0.80 34.71
C GLY D 629 -29.13 -1.21 33.27
N ALA D 630 -29.92 -0.59 32.40
CA ALA D 630 -29.88 -0.89 30.97
C ALA D 630 -28.63 -0.27 30.36
N LEU D 631 -27.96 -1.03 29.49
CA LEU D 631 -26.65 -0.64 28.98
C LEU D 631 -26.74 -0.18 27.53
N THR D 632 -25.87 0.76 27.21
CA THR D 632 -25.76 1.28 25.87
C THR D 632 -24.33 1.66 25.53
N VAL D 633 -24.07 1.77 24.24
CA VAL D 633 -22.81 2.26 23.72
C VAL D 633 -22.98 3.70 23.27
N THR D 634 -22.05 4.53 23.72
CA THR D 634 -21.98 5.91 23.26
C THR D 634 -20.54 6.36 23.12
N SER D 635 -20.36 7.63 22.79
CA SER D 635 -19.06 8.27 22.68
C SER D 635 -18.05 7.46 21.87
N VAL D 636 -18.47 7.00 20.70
CA VAL D 636 -17.54 6.28 19.82
C VAL D 636 -16.56 7.32 19.31
N ALA D 637 -15.27 7.04 19.50
CA ALA D 637 -14.21 7.94 19.12
C ALA D 637 -13.13 7.13 18.40
N GLN D 638 -12.55 7.72 17.38
CA GLN D 638 -11.49 7.07 16.63
C GLN D 638 -10.26 7.94 16.73
N ASN D 639 -9.15 7.29 17.09
CA ASN D 639 -7.90 7.98 17.36
C ASN D 639 -7.42 8.70 16.12
N GLN D 640 -6.89 9.92 16.35
CA GLN D 640 -6.40 10.76 15.29
C GLN D 640 -4.97 11.24 15.56
N ASP D 641 -4.12 10.33 16.04
CA ASP D 641 -2.69 10.61 16.15
C ASP D 641 -2.19 11.08 14.79
N VAL D 642 -1.24 12.02 14.84
CA VAL D 642 -0.59 12.60 13.67
C VAL D 642 0.84 12.10 13.60
N PRO D 643 1.32 11.64 12.42
CA PRO D 643 0.62 11.61 11.13
C PRO D 643 -0.17 10.33 10.87
N THR D 644 -0.10 9.36 11.78
CA THR D 644 -0.69 8.04 11.55
C THR D 644 -1.62 7.66 12.68
N PRO D 645 -2.95 7.59 12.40
CA PRO D 645 -3.87 7.18 13.45
C PRO D 645 -3.58 5.77 13.93
N ASN D 646 -3.83 5.54 15.20
CA ASN D 646 -3.68 4.22 15.82
C ASN D 646 -5.05 3.67 16.25
N PRO D 647 -5.65 2.76 15.45
CA PRO D 647 -6.98 2.26 15.78
C PRO D 647 -7.08 1.46 17.09
N ASP D 648 -5.96 0.96 17.62
CA ASP D 648 -5.95 0.37 18.95
C ASP D 648 -6.42 1.36 20.04
N LEU D 649 -6.27 2.65 19.76
CA LEU D 649 -6.67 3.73 20.68
C LEU D 649 -8.04 4.30 20.34
N ASN D 650 -8.78 3.68 19.42
CA ASN D 650 -10.21 4.00 19.28
C ASN D 650 -10.90 3.63 20.60
N SER D 651 -12.06 4.21 20.86
CA SER D 651 -12.72 3.96 22.13
C SER D 651 -14.21 4.14 22.04
N PHE D 652 -14.89 3.61 23.05
CA PHE D 652 -16.30 3.85 23.25
C PHE D 652 -16.57 3.86 24.73
N VAL D 653 -17.75 4.35 25.08
CA VAL D 653 -18.23 4.37 26.44
C VAL D 653 -19.42 3.41 26.57
N ILE D 654 -19.38 2.60 27.61
CA ILE D 654 -20.53 1.82 28.05
C ILE D 654 -21.19 2.68 29.12
N ARG D 655 -22.46 2.96 28.94
CA ARG D 655 -23.22 3.75 29.90
C ARG D 655 -24.46 2.99 30.33
N SER D 656 -24.72 3.03 31.63
CA SER D 656 -25.89 2.44 32.22
C SER D 656 -26.98 3.50 32.46
N SER D 657 -28.24 3.06 32.42
CA SER D 657 -29.36 3.89 32.82
C SER D 657 -29.37 4.18 34.32
N ASN D 658 -28.62 3.40 35.11
CA ASN D 658 -28.52 3.63 36.55
C ASN D 658 -27.17 4.26 36.82
N ALA D 659 -27.18 5.50 37.34
CA ALA D 659 -25.94 6.26 37.56
C ALA D 659 -25.02 5.67 38.65
N ALA D 660 -25.50 4.69 39.40
CA ALA D 660 -24.71 4.01 40.41
C ALA D 660 -24.17 2.66 39.93
N ASP D 661 -24.46 2.27 38.68
CA ASP D 661 -24.10 0.93 38.20
C ASP D 661 -22.60 0.71 38.24
N VAL D 662 -22.20 -0.44 38.81
CA VAL D 662 -20.80 -0.88 38.91
C VAL D 662 -20.58 -2.25 38.27
N SER D 663 -21.50 -2.65 37.37
CA SER D 663 -21.41 -3.95 36.74
C SER D 663 -20.12 -4.13 35.95
N GLN D 664 -19.60 -5.37 35.96
CA GLN D 664 -18.63 -5.79 34.95
C GLN D 664 -19.41 -6.16 33.70
N VAL D 665 -18.92 -5.70 32.56
CA VAL D 665 -19.61 -5.87 31.28
C VAL D 665 -18.63 -6.42 30.27
N ALA D 666 -18.98 -7.58 29.72
CA ALA D 666 -18.26 -8.15 28.57
C ALA D 666 -18.69 -7.42 27.31
N TRP D 667 -17.72 -7.10 26.45
CA TRP D 667 -18.00 -6.41 25.19
C TRP D 667 -17.33 -7.16 24.05
N GLU D 668 -18.00 -7.16 22.90
CA GLU D 668 -17.54 -7.85 21.69
C GLU D 668 -17.84 -6.95 20.49
N VAL D 669 -16.84 -6.75 19.64
CA VAL D 669 -16.95 -5.84 18.51
C VAL D 669 -17.11 -6.58 17.19
N TYR D 670 -18.27 -6.34 16.57
CA TYR D 670 -18.62 -6.85 15.24
C TYR D 670 -18.86 -5.68 14.31
N LEU D 671 -19.04 -6.01 13.04
CA LEU D 671 -19.58 -5.09 12.04
C LEU D 671 -20.99 -5.61 11.75
N ALA E 28 1.60 -80.96 -51.69
CA ALA E 28 2.23 -80.08 -52.72
C ALA E 28 1.25 -79.05 -53.31
N PRO E 29 1.43 -77.75 -53.05
CA PRO E 29 2.57 -77.16 -52.34
C PRO E 29 2.29 -76.91 -50.85
N GLU E 30 1.78 -77.92 -50.13
CA GLU E 30 1.43 -77.73 -48.71
C GLU E 30 2.41 -78.48 -47.80
N ARG E 31 2.97 -77.74 -46.84
CA ARG E 31 3.98 -78.23 -45.92
C ARG E 31 3.43 -78.16 -44.50
N VAL E 32 3.14 -79.31 -43.92
CA VAL E 32 2.60 -79.42 -42.57
C VAL E 32 3.65 -80.08 -41.69
N PHE E 33 3.76 -79.57 -40.46
CA PHE E 33 4.79 -79.99 -39.52
C PHE E 33 4.14 -80.20 -38.15
N SER E 34 4.51 -81.32 -37.52
CA SER E 34 3.97 -81.70 -36.23
C SER E 34 4.68 -81.00 -35.09
N ASP E 35 5.87 -80.46 -35.36
CA ASP E 35 6.67 -79.77 -34.34
C ASP E 35 7.52 -78.69 -34.98
N LEU E 36 8.00 -77.78 -34.13
CA LEU E 36 8.74 -76.63 -34.56
C LEU E 36 10.09 -77.01 -35.19
N ALA E 37 10.82 -77.95 -34.57
CA ALA E 37 12.15 -78.34 -35.05
C ALA E 37 12.13 -78.85 -36.50
N SER E 38 11.12 -79.65 -36.82
CA SER E 38 10.92 -80.15 -38.19
C SER E 38 10.63 -79.04 -39.20
N MET E 39 9.79 -78.09 -38.81
CA MET E 39 9.48 -76.96 -39.67
C MET E 39 10.73 -76.14 -39.98
N VAL E 40 11.51 -75.78 -38.96
CA VAL E 40 12.63 -74.86 -39.17
C VAL E 40 13.86 -75.48 -39.84
N ALA E 41 13.91 -76.81 -39.85
CA ALA E 41 14.95 -77.58 -40.56
C ALA E 41 14.72 -77.77 -42.06
N TYR E 42 13.49 -77.59 -42.52
CA TYR E 42 13.12 -77.85 -43.92
C TYR E 42 13.86 -76.92 -44.89
N PRO E 43 14.64 -77.49 -45.85
CA PRO E 43 15.51 -76.67 -46.71
C PRO E 43 14.86 -75.99 -47.91
N ASN E 44 13.76 -76.55 -48.38
CA ASN E 44 13.19 -76.23 -49.68
C ASN E 44 12.08 -75.20 -49.67
N PHE E 45 11.86 -74.46 -48.58
CA PHE E 45 10.73 -73.54 -48.59
C PHE E 45 10.80 -72.60 -49.76
N GLN E 46 9.64 -72.39 -50.37
CA GLN E 46 9.46 -71.51 -51.50
C GLN E 46 8.45 -70.49 -51.05
N VAL E 47 8.48 -69.32 -51.67
CA VAL E 47 7.57 -68.23 -51.34
C VAL E 47 6.09 -68.60 -51.58
N GLN E 48 5.84 -69.52 -52.52
CA GLN E 48 4.49 -69.96 -52.86
C GLN E 48 3.96 -71.11 -51.98
N ASP E 49 4.75 -71.58 -51.01
CA ASP E 49 4.31 -72.69 -50.16
C ASP E 49 3.26 -72.24 -49.16
N LYS E 50 2.27 -73.09 -48.96
CA LYS E 50 1.36 -73.00 -47.84
C LYS E 50 1.99 -73.81 -46.71
N ILE E 51 2.30 -73.16 -45.59
CA ILE E 51 3.11 -73.76 -44.53
C ILE E 51 2.30 -73.73 -43.24
N THR E 52 2.21 -74.87 -42.56
CA THR E 52 1.41 -75.00 -41.33
C THR E 52 2.20 -75.74 -40.26
N LEU E 53 2.19 -75.19 -39.05
CA LEU E 53 2.73 -75.84 -37.85
C LEU E 53 1.55 -76.27 -37.00
N LEU E 54 1.58 -77.54 -36.56
CA LEU E 54 0.55 -78.10 -35.68
C LEU E 54 0.97 -78.03 -34.22
N GLY E 55 -0.03 -78.13 -33.35
CA GLY E 55 0.18 -78.25 -31.92
C GLY E 55 0.56 -76.95 -31.23
N SER E 56 1.46 -77.10 -30.27
CA SER E 56 1.91 -75.96 -29.51
C SER E 56 2.55 -74.94 -30.45
N ALA E 57 2.08 -73.70 -30.25
CA ALA E 57 2.49 -72.51 -30.96
C ALA E 57 2.08 -72.54 -32.44
N GLY E 58 1.09 -73.35 -32.77
CA GLY E 58 0.75 -73.65 -34.15
C GLY E 58 0.16 -72.48 -34.90
N GLY E 59 0.19 -72.61 -36.23
CA GLY E 59 -0.35 -71.59 -37.12
C GLY E 59 0.15 -71.75 -38.54
N ASP E 60 -0.15 -70.75 -39.36
CA ASP E 60 0.29 -70.71 -40.76
C ASP E 60 1.39 -69.69 -40.96
N PHE E 61 2.26 -69.98 -41.91
CA PHE E 61 3.48 -69.19 -42.14
C PHE E 61 3.70 -68.90 -43.60
N THR E 62 4.40 -67.79 -43.86
CA THR E 62 4.86 -67.36 -45.18
C THR E 62 6.39 -67.41 -45.19
N PHE E 63 6.97 -67.98 -46.24
CA PHE E 63 8.43 -67.97 -46.41
C PHE E 63 8.84 -66.71 -47.13
N THR E 64 9.91 -66.07 -46.65
CA THR E 64 10.51 -64.94 -47.36
C THR E 64 12.05 -65.01 -47.30
N THR E 65 12.71 -64.43 -48.31
CA THR E 65 14.15 -64.26 -48.28
C THR E 65 14.56 -62.92 -47.68
N THR E 66 13.60 -62.04 -47.44
CA THR E 66 13.87 -60.72 -46.90
C THR E 66 14.29 -60.83 -45.44
N ALA E 67 15.38 -60.15 -45.08
CA ALA E 67 15.88 -60.17 -43.71
C ALA E 67 14.77 -59.75 -42.75
N SER E 68 14.55 -60.56 -41.73
CA SER E 68 13.44 -60.41 -40.80
C SER E 68 13.97 -60.60 -39.39
N VAL E 69 13.33 -59.95 -38.42
CA VAL E 69 13.82 -59.94 -37.04
C VAL E 69 13.32 -61.18 -36.29
N VAL E 70 14.22 -62.15 -36.10
CA VAL E 70 13.87 -63.42 -35.50
C VAL E 70 13.48 -63.21 -34.05
N ASP E 71 12.32 -63.77 -33.67
CA ASP E 71 11.90 -63.78 -32.27
C ASP E 71 11.36 -65.14 -31.82
N ASN E 72 11.41 -66.14 -32.70
CA ASN E 72 10.91 -67.48 -32.38
C ASN E 72 9.47 -67.48 -31.87
N GLY E 73 8.67 -66.60 -32.44
CA GLY E 73 7.22 -66.55 -32.19
C GLY E 73 6.47 -66.11 -33.41
N THR E 74 6.86 -64.97 -33.97
CA THR E 74 6.30 -64.45 -35.23
C THR E 74 7.26 -64.55 -36.44
N VAL E 75 8.55 -64.70 -36.15
CA VAL E 75 9.60 -64.81 -37.17
C VAL E 75 10.59 -65.89 -36.73
N PHE E 76 10.83 -66.86 -37.63
CA PHE E 76 11.74 -67.96 -37.41
C PHE E 76 12.77 -68.01 -38.53
N ALA E 77 14.02 -68.30 -38.20
CA ALA E 77 15.05 -68.52 -39.20
C ALA E 77 14.93 -69.92 -39.76
N VAL E 78 15.04 -70.04 -41.08
CA VAL E 78 15.06 -71.32 -41.79
C VAL E 78 16.13 -71.28 -42.89
N PRO E 79 16.49 -72.44 -43.47
CA PRO E 79 17.47 -72.38 -44.56
C PRO E 79 16.95 -71.60 -45.76
N GLY E 80 17.74 -70.61 -46.16
CA GLY E 80 17.40 -69.77 -47.29
C GLY E 80 16.56 -68.57 -46.94
N GLY E 81 16.19 -68.39 -45.67
CA GLY E 81 15.38 -67.26 -45.32
C GLY E 81 14.70 -67.33 -43.98
N TYR E 82 13.42 -66.94 -43.98
CA TYR E 82 12.66 -66.72 -42.75
C TYR E 82 11.22 -67.15 -42.96
N LEU E 83 10.61 -67.65 -41.88
CA LEU E 83 9.17 -67.88 -41.85
C LEU E 83 8.50 -66.80 -41.02
N LEU E 84 7.47 -66.20 -41.59
CA LEU E 84 6.69 -65.14 -40.94
C LEU E 84 5.33 -65.71 -40.63
N ARG E 85 4.94 -65.69 -39.37
CA ARG E 85 3.59 -66.12 -39.01
C ARG E 85 2.56 -65.22 -39.70
N LYS E 86 1.52 -65.84 -40.26
CA LYS E 86 0.44 -65.13 -40.94
C LYS E 86 -0.60 -64.83 -39.89
N PHE E 87 -0.87 -63.56 -39.63
CA PHE E 87 -1.92 -63.18 -38.70
C PHE E 87 -2.32 -61.71 -38.87
N VAL E 88 -3.55 -61.42 -38.42
CA VAL E 88 -4.03 -60.07 -38.23
C VAL E 88 -4.49 -59.97 -36.78
N GLY E 89 -4.59 -58.75 -36.28
CA GLY E 89 -4.87 -58.55 -34.88
C GLY E 89 -3.65 -58.82 -34.02
N PRO E 90 -3.87 -59.10 -32.74
CA PRO E 90 -2.73 -59.22 -31.84
C PRO E 90 -1.88 -60.46 -32.03
N ALA E 91 -0.63 -60.37 -31.60
CA ALA E 91 0.17 -61.56 -31.40
C ALA E 91 -0.18 -62.15 -30.02
N TYR E 92 0.19 -63.41 -29.79
CA TYR E 92 -0.09 -64.13 -28.55
C TYR E 92 1.19 -64.69 -27.97
N SER E 93 1.35 -64.60 -26.64
CA SER E 93 2.54 -65.16 -25.99
C SER E 93 2.69 -66.67 -26.22
N SER E 94 1.58 -67.38 -26.37
CA SER E 94 1.62 -68.83 -26.65
C SER E 94 2.33 -69.19 -27.96
N TRP E 95 2.52 -68.19 -28.84
CA TRP E 95 3.27 -68.40 -30.09
C TRP E 95 4.77 -68.50 -29.93
N PHE E 96 5.30 -68.03 -28.79
CA PHE E 96 6.74 -67.80 -28.61
C PHE E 96 7.40 -68.94 -27.86
N SER E 97 8.62 -69.27 -28.28
CA SER E 97 9.42 -70.31 -27.66
C SER E 97 9.89 -69.97 -26.25
N ASN E 98 10.11 -68.67 -26.00
CA ASN E 98 10.69 -68.25 -24.73
C ASN E 98 10.56 -66.75 -24.49
N TRP E 99 10.82 -66.39 -23.24
CA TRP E 99 10.79 -65.02 -22.77
C TRP E 99 11.67 -64.09 -23.62
N THR E 100 12.85 -64.59 -24.01
CA THR E 100 13.79 -63.80 -24.82
C THR E 100 13.12 -63.30 -26.12
N GLY E 101 12.33 -64.18 -26.76
CA GLY E 101 11.57 -63.80 -27.95
C GLY E 101 10.50 -62.75 -27.73
N ILE E 102 9.82 -62.85 -26.60
CA ILE E 102 8.85 -61.84 -26.18
C ILE E 102 9.54 -60.48 -26.07
N VAL E 103 10.70 -60.45 -25.42
CA VAL E 103 11.48 -59.21 -25.26
C VAL E 103 11.86 -58.66 -26.65
N THR E 104 12.36 -59.52 -27.54
CA THR E 104 12.72 -59.10 -28.89
C THR E 104 11.54 -58.51 -29.63
N PHE E 105 10.40 -59.19 -29.57
CA PHE E 105 9.19 -58.72 -30.23
C PHE E 105 8.81 -57.33 -29.74
N MET E 106 8.80 -57.15 -28.43
CA MET E 106 8.36 -55.87 -27.86
C MET E 106 9.41 -54.76 -27.94
N SER E 107 10.63 -55.10 -28.36
CA SER E 107 11.66 -54.11 -28.54
C SER E 107 11.39 -53.16 -29.72
N ALA E 108 10.45 -53.51 -30.60
CA ALA E 108 10.00 -52.66 -31.71
C ALA E 108 8.74 -51.89 -31.31
N PRO E 109 8.47 -50.75 -31.96
CA PRO E 109 7.22 -50.05 -31.74
C PRO E 109 6.06 -50.75 -32.44
N ASN E 110 4.85 -50.24 -32.23
CA ASN E 110 3.65 -50.65 -32.97
C ASN E 110 3.21 -52.10 -32.70
N ARG E 111 3.48 -52.61 -31.50
CA ARG E 111 3.18 -54.01 -31.19
C ARG E 111 1.91 -54.13 -30.40
N HIS E 112 1.14 -55.18 -30.69
CA HIS E 112 0.02 -55.59 -29.85
C HIS E 112 0.26 -57.05 -29.48
N LEU E 113 0.53 -57.30 -28.20
CA LEU E 113 0.77 -58.66 -27.69
C LEU E 113 -0.22 -59.00 -26.60
N VAL E 114 -0.86 -60.16 -26.74
CA VAL E 114 -1.75 -60.71 -25.72
C VAL E 114 -0.98 -61.78 -24.97
N VAL E 115 -0.85 -61.61 -23.66
CA VAL E 115 -0.22 -62.59 -22.81
C VAL E 115 -1.32 -63.58 -22.42
N ASP E 116 -1.29 -64.75 -23.06
CA ASP E 116 -2.26 -65.82 -22.82
C ASP E 116 -1.65 -67.03 -22.10
N THR E 117 -0.42 -66.87 -21.59
CA THR E 117 0.31 -67.90 -20.90
C THR E 117 0.99 -67.30 -19.67
N VAL E 118 1.51 -68.19 -18.83
CA VAL E 118 2.26 -67.80 -17.65
C VAL E 118 3.72 -67.70 -18.07
N LEU E 119 4.19 -66.47 -18.21
CA LEU E 119 5.56 -66.17 -18.60
C LEU E 119 6.49 -66.10 -17.41
N GLN E 120 7.71 -66.61 -17.59
CA GLN E 120 8.73 -66.56 -16.54
C GLN E 120 9.76 -65.57 -17.00
N ALA E 121 9.77 -64.39 -16.38
CA ALA E 121 10.71 -63.33 -16.75
C ALA E 121 12.10 -63.63 -16.22
N THR E 122 13.10 -63.40 -17.07
CA THR E 122 14.51 -63.42 -16.67
C THR E 122 15.23 -62.10 -17.00
N SER E 123 14.46 -61.07 -17.36
CA SER E 123 14.97 -59.76 -17.71
C SER E 123 13.79 -58.79 -17.67
N VAL E 124 14.09 -57.51 -17.73
CA VAL E 124 13.08 -56.48 -17.86
C VAL E 124 12.44 -56.58 -19.25
N LEU E 125 11.13 -56.35 -19.32
CA LEU E 125 10.44 -56.20 -20.61
C LEU E 125 10.24 -54.72 -20.92
N ASN E 126 10.91 -54.24 -21.97
CA ASN E 126 10.71 -52.87 -22.43
C ASN E 126 9.59 -52.79 -23.43
N ILE E 127 8.80 -51.75 -23.31
CA ILE E 127 7.67 -51.49 -24.18
CA ILE E 127 7.68 -51.51 -24.20
C ILE E 127 7.94 -50.17 -24.89
N LYS E 128 7.70 -50.14 -26.19
CA LYS E 128 7.98 -48.97 -27.04
C LYS E 128 6.69 -48.29 -27.50
N SER E 129 6.83 -47.21 -28.24
CA SER E 129 5.69 -46.40 -28.59
C SER E 129 4.61 -47.14 -29.36
N ASN E 130 3.37 -46.69 -29.19
CA ASN E 130 2.25 -47.18 -29.97
C ASN E 130 2.10 -48.69 -29.84
N SER E 131 2.23 -49.17 -28.60
CA SER E 131 2.15 -50.59 -28.30
C SER E 131 1.16 -50.87 -27.18
N THR E 132 0.56 -52.06 -27.26
CA THR E 132 -0.41 -52.55 -26.30
C THR E 132 0.04 -53.91 -25.81
N LEU E 133 0.11 -54.07 -24.49
CA LEU E 133 0.36 -55.36 -23.86
C LEU E 133 -0.91 -55.66 -23.07
N GLU E 134 -1.55 -56.77 -23.42
CA GLU E 134 -2.84 -57.14 -22.90
C GLU E 134 -2.72 -58.54 -22.30
N PHE E 135 -3.42 -58.79 -21.20
CA PHE E 135 -3.38 -60.09 -20.54
C PHE E 135 -4.75 -60.71 -20.55
N THR E 136 -4.80 -62.01 -20.84
CA THR E 136 -6.01 -62.80 -20.58
C THR E 136 -6.07 -63.07 -19.06
N ASP E 137 -7.18 -63.59 -18.54
CA ASP E 137 -7.20 -63.90 -17.07
C ASP E 137 -6.17 -64.94 -16.60
N THR E 138 -5.79 -65.81 -17.53
CA THR E 138 -4.73 -66.81 -17.32
C THR E 138 -3.33 -66.21 -17.36
N GLY E 139 -3.13 -65.20 -18.20
CA GLY E 139 -1.80 -64.71 -18.48
C GLY E 139 -1.15 -64.06 -17.26
N ARG E 140 0.16 -64.25 -17.14
CA ARG E 140 0.95 -63.71 -16.03
C ARG E 140 2.33 -63.41 -16.53
N ILE E 141 2.98 -62.43 -15.90
CA ILE E 141 4.43 -62.38 -15.87
C ILE E 141 4.88 -62.66 -14.45
N LEU E 142 5.55 -63.78 -14.26
CA LEU E 142 6.16 -64.11 -12.99
C LEU E 142 7.59 -63.59 -13.00
N PRO E 143 7.95 -62.75 -12.02
CA PRO E 143 9.33 -62.27 -11.98
C PRO E 143 10.30 -63.39 -11.59
N ASP E 144 11.57 -63.08 -11.79
CA ASP E 144 12.68 -63.99 -11.54
C ASP E 144 12.92 -64.09 -10.04
N ALA E 145 12.93 -65.31 -9.50
CA ALA E 145 13.24 -65.52 -8.09
C ALA E 145 14.73 -65.31 -7.78
N ALA E 146 15.59 -65.48 -8.78
CA ALA E 146 17.02 -65.39 -8.60
C ALA E 146 17.52 -63.97 -8.35
N VAL E 147 16.91 -62.98 -9.01
CA VAL E 147 17.30 -61.58 -8.78
C VAL E 147 16.06 -60.68 -8.84
N ALA E 148 15.95 -59.79 -7.87
CA ALA E 148 14.89 -58.78 -7.86
C ALA E 148 15.23 -57.69 -8.87
N ARG E 149 14.38 -57.52 -9.87
CA ARG E 149 14.58 -56.49 -10.88
C ARG E 149 13.23 -55.90 -11.26
N GLN E 150 13.23 -54.97 -12.18
CA GLN E 150 12.00 -54.35 -12.66
C GLN E 150 11.32 -55.28 -13.66
N VAL E 151 10.01 -55.18 -13.77
CA VAL E 151 9.28 -56.10 -14.66
C VAL E 151 8.96 -55.46 -16.01
N LEU E 152 8.14 -54.40 -16.02
CA LEU E 152 7.87 -53.64 -17.25
C LEU E 152 8.52 -52.26 -17.19
N ASN E 153 9.17 -51.86 -18.28
CA ASN E 153 9.78 -50.53 -18.40
C ASN E 153 9.24 -49.84 -19.64
N ILE E 154 8.87 -48.57 -19.46
CA ILE E 154 8.47 -47.69 -20.54
C ILE E 154 9.40 -46.49 -20.38
N THR E 155 10.46 -46.45 -21.18
CA THR E 155 11.62 -45.60 -20.88
C THR E 155 12.00 -44.66 -22.01
N GLY E 156 11.64 -43.40 -21.84
CA GLY E 156 12.19 -42.32 -22.63
C GLY E 156 13.41 -41.77 -21.94
N SER E 157 13.83 -40.57 -22.31
CA SER E 157 14.96 -39.93 -21.63
C SER E 157 14.95 -38.43 -21.76
N ALA E 158 15.62 -37.79 -20.79
CA ALA E 158 15.75 -36.36 -20.76
C ALA E 158 16.63 -35.88 -21.92
N PRO E 159 16.49 -34.60 -22.32
CA PRO E 159 17.37 -34.07 -23.34
C PRO E 159 18.83 -34.17 -22.93
N SER E 160 19.69 -34.39 -23.92
CA SER E 160 21.14 -34.38 -23.73
C SER E 160 21.72 -32.97 -23.83
N VAL E 161 20.96 -32.04 -24.43
CA VAL E 161 21.40 -30.65 -24.62
C VAL E 161 20.19 -29.71 -24.56
N PHE E 162 20.44 -28.50 -24.08
CA PHE E 162 19.40 -27.48 -23.91
C PHE E 162 19.85 -26.22 -24.64
N VAL E 163 18.87 -25.44 -25.08
CA VAL E 163 19.10 -24.12 -25.63
C VAL E 163 18.32 -23.11 -24.80
N PRO E 164 18.87 -21.90 -24.62
CA PRO E 164 18.15 -20.90 -23.84
C PRO E 164 16.90 -20.40 -24.54
N LEU E 165 15.86 -20.06 -23.79
CA LEU E 165 14.77 -19.31 -24.37
C LEU E 165 15.29 -17.96 -24.85
N ALA E 166 14.72 -17.47 -25.94
CA ALA E 166 15.12 -16.18 -26.51
C ALA E 166 14.53 -14.99 -25.72
N ALA E 167 13.48 -15.28 -24.97
CA ALA E 167 12.77 -14.29 -24.16
C ALA E 167 12.03 -14.95 -23.01
N ASP E 168 11.80 -14.17 -21.94
CA ASP E 168 10.96 -14.63 -20.84
C ASP E 168 9.64 -15.17 -21.37
N ALA E 169 9.18 -16.25 -20.75
CA ALA E 169 7.87 -16.82 -21.05
C ALA E 169 7.09 -16.93 -19.74
N ALA E 170 6.13 -16.02 -19.58
CA ALA E 170 5.32 -15.96 -18.35
C ALA E 170 4.40 -17.14 -18.22
N ALA E 171 3.97 -17.40 -16.98
CA ALA E 171 2.90 -18.38 -16.76
C ALA E 171 1.71 -17.98 -17.63
N GLY E 172 1.09 -18.97 -18.25
CA GLY E 172 0.03 -18.73 -19.23
C GLY E 172 0.51 -18.67 -20.68
N SER E 173 1.83 -18.62 -20.90
CA SER E 173 2.35 -18.54 -22.28
C SER E 173 1.87 -19.71 -23.13
N LYS E 174 1.41 -19.38 -24.34
CA LYS E 174 1.02 -20.36 -25.36
C LYS E 174 2.17 -20.72 -26.27
N VAL E 175 3.20 -19.86 -26.29
CA VAL E 175 4.33 -19.99 -27.20
C VAL E 175 5.61 -19.74 -26.42
N ILE E 176 6.69 -20.41 -26.84
CA ILE E 176 8.03 -20.09 -26.36
C ILE E 176 8.85 -19.74 -27.58
N THR E 177 9.94 -19.00 -27.35
CA THR E 177 10.79 -18.57 -28.47
C THR E 177 12.20 -19.00 -28.23
N VAL E 178 12.89 -19.35 -29.31
CA VAL E 178 14.31 -19.68 -29.30
C VAL E 178 14.95 -19.04 -30.51
N ALA E 179 16.28 -18.90 -30.50
CA ALA E 179 16.99 -18.45 -31.68
C ALA E 179 16.73 -19.41 -32.84
N ALA E 180 16.53 -18.87 -34.04
CA ALA E 180 16.22 -19.70 -35.21
C ALA E 180 17.38 -20.65 -35.49
N GLY E 181 17.05 -21.91 -35.78
CA GLY E 181 18.05 -22.95 -35.98
C GLY E 181 18.67 -23.59 -34.75
N ALA E 182 18.32 -23.15 -33.56
CA ALA E 182 18.95 -23.64 -32.33
C ALA E 182 18.44 -25.03 -31.93
N LEU E 183 17.19 -25.32 -32.29
CA LEU E 183 16.45 -26.46 -31.75
C LEU E 183 15.57 -27.07 -32.83
N SER E 184 15.60 -28.40 -32.94
CA SER E 184 14.81 -29.12 -33.93
C SER E 184 13.44 -29.50 -33.38
N ALA E 185 12.59 -28.49 -33.21
CA ALA E 185 11.20 -28.68 -32.75
C ALA E 185 10.32 -29.17 -33.91
N VAL E 186 9.65 -30.30 -33.68
CA VAL E 186 8.86 -30.96 -34.69
C VAL E 186 7.42 -31.13 -34.17
N LYS E 187 6.44 -30.74 -34.99
CA LYS E 187 5.04 -30.81 -34.60
C LYS E 187 4.62 -32.24 -34.27
N GLY E 188 3.93 -32.39 -33.14
CA GLY E 188 3.54 -33.70 -32.61
C GLY E 188 4.57 -34.38 -31.73
N THR E 189 5.74 -33.76 -31.56
CA THR E 189 6.77 -34.28 -30.65
C THR E 189 6.88 -33.33 -29.47
N TYR E 190 7.82 -33.57 -28.59
CA TYR E 190 7.81 -32.95 -27.27
C TYR E 190 9.01 -32.09 -26.98
N LEU E 191 8.82 -31.20 -26.02
CA LEU E 191 9.85 -30.35 -25.46
C LEU E 191 9.88 -30.51 -23.95
N TYR E 192 11.04 -30.26 -23.38
CA TYR E 192 11.26 -30.30 -21.95
C TYR E 192 11.90 -28.98 -21.56
N LEU E 193 11.16 -28.19 -20.78
CA LEU E 193 11.56 -26.86 -20.35
C LEU E 193 11.99 -26.94 -18.91
N ARG E 194 12.99 -26.13 -18.54
CA ARG E 194 13.40 -26.04 -17.16
C ARG E 194 13.98 -24.69 -16.84
N SER E 195 14.11 -24.39 -15.55
CA SER E 195 14.87 -23.23 -15.11
C SER E 195 15.35 -23.46 -13.69
N ASN E 196 16.10 -22.48 -13.18
CA ASN E 196 16.60 -22.56 -11.81
C ASN E 196 15.56 -22.12 -10.77
N LYS E 197 14.40 -21.65 -11.22
CA LYS E 197 13.31 -21.34 -10.30
C LYS E 197 12.95 -22.61 -9.52
N LEU E 198 12.71 -22.45 -8.21
CA LEU E 198 12.30 -23.58 -7.40
C LEU E 198 10.82 -23.94 -7.59
N CYS E 199 10.56 -25.23 -7.54
CA CYS E 199 9.19 -25.73 -7.45
C CYS E 199 8.46 -25.03 -6.34
N ASP E 200 7.19 -24.69 -6.60
CA ASP E 200 6.45 -23.79 -5.73
C ASP E 200 5.15 -24.35 -5.20
N GLY E 201 4.91 -25.65 -5.36
CA GLY E 201 3.65 -26.23 -4.89
C GLY E 201 3.59 -26.38 -3.38
N GLY E 202 4.74 -26.58 -2.77
CA GLY E 202 4.84 -26.78 -1.34
C GLY E 202 6.20 -26.35 -0.82
N PRO E 203 6.51 -26.67 0.45
CA PRO E 203 7.75 -26.23 1.11
C PRO E 203 9.05 -26.54 0.33
N ASN E 204 9.06 -27.64 -0.41
CA ASN E 204 10.20 -27.96 -1.29
C ASN E 204 11.55 -27.90 -0.56
N THR E 205 11.70 -28.70 0.49
CA THR E 205 12.90 -28.68 1.31
C THR E 205 14.17 -29.15 0.57
N TYR E 206 14.01 -29.95 -0.48
CA TYR E 206 15.18 -30.35 -1.30
C TYR E 206 15.58 -29.30 -2.35
N GLY E 207 14.76 -28.27 -2.56
CA GLY E 207 15.07 -27.26 -3.58
C GLY E 207 15.03 -27.82 -4.98
N VAL E 208 14.04 -28.64 -5.26
CA VAL E 208 13.80 -29.16 -6.61
C VAL E 208 13.44 -27.97 -7.49
N LYS E 209 14.01 -27.96 -8.70
CA LYS E 209 13.83 -26.88 -9.66
C LYS E 209 12.69 -27.20 -10.64
N ILE E 210 12.18 -26.18 -11.32
CA ILE E 210 11.00 -26.37 -12.19
C ILE E 210 11.32 -27.02 -13.53
N SER E 211 10.39 -27.84 -13.99
CA SER E 211 10.39 -28.35 -15.34
C SER E 211 8.98 -28.69 -15.78
N GLN E 212 8.79 -28.74 -17.09
CA GLN E 212 7.55 -29.17 -17.69
C GLN E 212 7.83 -29.83 -19.03
N ILE E 213 6.95 -30.74 -19.41
CA ILE E 213 6.98 -31.39 -20.71
C ILE E 213 5.79 -30.85 -21.49
N ARG E 214 6.01 -30.47 -22.75
CA ARG E 214 4.98 -29.92 -23.62
C ARG E 214 5.09 -30.52 -25.02
N LYS E 215 3.96 -30.54 -25.71
CA LYS E 215 3.91 -31.02 -27.09
C LYS E 215 3.90 -29.83 -28.03
N VAL E 216 4.69 -29.93 -29.08
CA VAL E 216 4.75 -28.92 -30.11
C VAL E 216 3.54 -29.07 -31.02
N VAL E 217 2.77 -28.00 -31.17
CA VAL E 217 1.62 -28.00 -32.09
C VAL E 217 1.69 -26.96 -33.20
N GLY E 218 2.70 -26.08 -33.17
CA GLY E 218 2.85 -25.08 -34.22
C GLY E 218 4.24 -24.53 -34.17
N VAL E 219 4.75 -24.12 -35.32
CA VAL E 219 6.08 -23.52 -35.43
C VAL E 219 6.05 -22.43 -36.49
N SER E 220 6.71 -21.32 -36.19
CA SER E 220 6.93 -20.27 -37.19
C SER E 220 8.24 -19.58 -36.87
N THR E 221 8.92 -19.11 -37.92
CA THR E 221 10.20 -18.43 -37.76
C THR E 221 10.12 -17.08 -38.45
N SER E 222 10.57 -16.05 -37.75
CA SER E 222 10.55 -14.67 -38.25
C SER E 222 11.70 -13.92 -37.60
N GLY E 223 12.45 -13.16 -38.41
CA GLY E 223 13.53 -12.31 -37.91
C GLY E 223 14.52 -13.01 -36.98
N GLY E 224 14.92 -14.22 -37.36
CA GLY E 224 15.91 -14.99 -36.60
C GLY E 224 15.42 -15.60 -35.29
N VAL E 225 14.11 -15.60 -35.08
CA VAL E 225 13.50 -16.16 -33.86
C VAL E 225 12.45 -17.19 -34.27
N THR E 226 12.52 -18.37 -33.66
CA THR E 226 11.51 -19.41 -33.88
C THR E 226 10.51 -19.39 -32.72
N SER E 227 9.23 -19.30 -33.07
CA SER E 227 8.14 -19.30 -32.10
C SER E 227 7.51 -20.70 -32.14
N ILE E 228 7.48 -21.35 -30.99
CA ILE E 228 7.00 -22.74 -30.86
C ILE E 228 5.71 -22.71 -30.03
N ARG E 229 4.60 -23.06 -30.68
CA ARG E 229 3.28 -23.10 -30.05
C ARG E 229 3.12 -24.43 -29.35
N LEU E 230 2.63 -24.38 -28.11
CA LEU E 230 2.55 -25.55 -27.22
C LEU E 230 1.11 -26.06 -27.15
N ASP E 231 0.96 -27.34 -26.85
CA ASP E 231 -0.38 -27.90 -26.58
C ASP E 231 -1.04 -27.24 -25.38
N LYS E 232 -0.28 -27.12 -24.30
CA LYS E 232 -0.77 -26.61 -23.03
C LYS E 232 0.10 -25.43 -22.64
N THR E 233 -0.47 -24.50 -21.89
CA THR E 233 0.26 -23.30 -21.48
C THR E 233 1.23 -23.59 -20.34
N LEU E 234 2.15 -22.66 -20.13
CA LEU E 234 3.16 -22.81 -19.08
C LEU E 234 2.56 -22.48 -17.71
N HIS E 235 3.02 -23.20 -16.69
CA HIS E 235 2.48 -23.03 -15.33
C HIS E 235 3.41 -22.36 -14.32
N TYR E 236 4.55 -21.88 -14.83
CA TYR E 236 5.42 -21.00 -14.09
C TYR E 236 5.90 -19.91 -15.01
N ASN E 237 6.47 -18.85 -14.43
CA ASN E 237 7.27 -17.91 -15.19
C ASN E 237 8.62 -18.53 -15.49
N TYR E 238 8.94 -18.65 -16.78
CA TYR E 238 10.26 -19.12 -17.23
C TYR E 238 11.10 -17.91 -17.63
N TYR E 239 11.98 -17.50 -16.73
CA TYR E 239 12.74 -16.27 -16.90
C TYR E 239 14.15 -16.53 -17.38
N LEU E 240 14.66 -15.64 -18.24
CA LEU E 240 16.07 -15.67 -18.61
C LEU E 240 17.00 -15.51 -17.40
N SER E 241 16.56 -14.74 -16.39
CA SER E 241 17.31 -14.57 -15.14
C SER E 241 17.46 -15.86 -14.32
N ASP E 242 16.57 -16.83 -14.59
CA ASP E 242 16.66 -18.17 -14.00
C ASP E 242 17.27 -19.20 -14.96
N ALA E 243 17.90 -18.73 -16.05
CA ALA E 243 18.51 -19.59 -17.06
C ALA E 243 17.47 -20.53 -17.70
N ALA E 244 16.28 -20.01 -17.97
CA ALA E 244 15.21 -20.79 -18.61
C ALA E 244 15.71 -21.34 -19.93
N GLU E 245 15.46 -22.63 -20.16
CA GLU E 245 16.00 -23.31 -21.32
C GLU E 245 15.10 -24.47 -21.70
N VAL E 246 15.35 -25.01 -22.88
CA VAL E 246 14.49 -26.05 -23.44
C VAL E 246 15.33 -27.05 -24.24
N GLY E 247 14.94 -28.32 -24.17
CA GLY E 247 15.58 -29.35 -24.95
C GLY E 247 14.54 -30.35 -25.44
N ILE E 248 14.99 -31.24 -26.31
CA ILE E 248 14.13 -32.26 -26.88
C ILE E 248 14.32 -33.60 -26.15
N PRO E 249 13.30 -34.05 -25.39
CA PRO E 249 13.39 -35.35 -24.75
C PRO E 249 13.07 -36.44 -25.76
N THR E 250 13.44 -37.66 -25.40
CA THR E 250 12.95 -38.85 -26.10
C THR E 250 11.76 -39.36 -25.29
N MET E 251 10.56 -39.34 -25.86
CA MET E 251 9.37 -39.82 -25.21
C MET E 251 8.97 -41.18 -25.73
N VAL E 252 8.38 -41.99 -24.87
CA VAL E 252 7.70 -43.21 -25.31
C VAL E 252 6.22 -42.87 -25.18
N GLU E 253 5.49 -42.91 -26.29
CA GLU E 253 4.10 -42.44 -26.29
C GLU E 253 3.10 -43.51 -26.69
N ASN E 254 1.90 -43.39 -26.16
CA ASN E 254 0.76 -44.23 -26.52
C ASN E 254 1.01 -45.69 -26.21
N VAL E 255 1.31 -45.98 -24.96
CA VAL E 255 1.42 -47.35 -24.46
C VAL E 255 0.18 -47.68 -23.64
N THR E 256 -0.44 -48.82 -23.95
CA THR E 256 -1.64 -49.28 -23.24
C THR E 256 -1.33 -50.61 -22.60
N LEU E 257 -1.50 -50.72 -21.27
CA LEU E 257 -1.32 -51.98 -20.55
C LEU E 257 -2.70 -52.40 -20.05
N VAL E 258 -3.20 -53.50 -20.63
CA VAL E 258 -4.55 -53.98 -20.35
C VAL E 258 -4.46 -55.18 -19.41
N SER E 259 -4.92 -54.99 -18.19
CA SER E 259 -4.97 -56.02 -17.16
C SER E 259 -3.60 -56.67 -16.84
N PRO E 260 -2.57 -55.86 -16.59
CA PRO E 260 -1.29 -56.47 -16.24
C PRO E 260 -1.36 -57.33 -14.98
N TYR E 261 -0.93 -58.58 -15.06
CA TYR E 261 -0.89 -59.48 -13.92
C TYR E 261 0.57 -59.81 -13.66
N ILE E 262 1.14 -59.16 -12.63
CA ILE E 262 2.55 -59.28 -12.29
C ILE E 262 2.63 -60.04 -10.96
N ASN E 263 3.34 -61.16 -11.01
CA ASN E 263 3.49 -62.10 -9.89
C ASN E 263 2.16 -62.79 -9.57
N GLU E 264 2.14 -63.63 -8.53
CA GLU E 264 0.97 -64.39 -8.16
C GLU E 264 1.07 -64.74 -6.69
N PHE E 265 -0.09 -64.92 -6.06
CA PHE E 265 -0.12 -65.42 -4.69
C PHE E 265 0.68 -66.71 -4.57
N GLY E 266 1.38 -66.85 -3.45
CA GLY E 266 2.32 -67.94 -3.20
C GLY E 266 3.77 -67.56 -3.51
N TYR E 267 3.96 -66.39 -4.12
CA TYR E 267 5.29 -65.86 -4.47
C TYR E 267 6.29 -65.92 -3.31
N ASP E 268 5.81 -65.65 -2.09
CA ASP E 268 6.68 -65.51 -0.95
C ASP E 268 7.27 -66.87 -0.53
N ASP E 269 6.56 -67.96 -0.80
CA ASP E 269 7.12 -69.29 -0.53
C ASP E 269 8.19 -69.69 -1.54
N LEU E 270 8.24 -69.00 -2.68
CA LEU E 270 9.27 -69.21 -3.69
C LEU E 270 10.35 -68.13 -3.68
N ASN E 271 10.32 -67.24 -2.69
CA ASN E 271 11.22 -66.09 -2.62
C ASN E 271 11.26 -65.32 -3.95
N ARG E 272 10.08 -65.12 -4.54
CA ARG E 272 9.95 -64.55 -5.88
C ARG E 272 9.41 -63.13 -5.79
N PHE E 273 10.32 -62.17 -5.88
CA PHE E 273 10.00 -60.75 -5.74
C PHE E 273 10.41 -59.98 -7.01
N PHE E 274 10.33 -58.67 -6.93
CA PHE E 274 10.80 -57.76 -7.95
C PHE E 274 11.08 -56.43 -7.24
N THR E 275 11.56 -55.44 -7.99
CA THR E 275 11.78 -54.10 -7.45
C THR E 275 10.59 -53.22 -7.77
N ILE E 276 10.55 -52.66 -8.97
CA ILE E 276 9.43 -51.87 -9.43
C ILE E 276 8.69 -52.69 -10.47
N GLY E 277 7.37 -52.75 -10.34
CA GLY E 277 6.56 -53.53 -11.26
C GLY E 277 6.48 -52.93 -12.65
N ILE E 278 6.03 -51.68 -12.71
CA ILE E 278 5.90 -50.96 -13.97
C ILE E 278 6.55 -49.60 -13.75
N SER E 279 7.69 -49.37 -14.39
CA SER E 279 8.42 -48.13 -14.26
C SER E 279 8.40 -47.36 -15.57
N ALA E 280 7.87 -46.14 -15.54
CA ALA E 280 7.79 -45.27 -16.70
C ALA E 280 8.56 -43.98 -16.44
N ASN E 281 9.34 -43.56 -17.43
CA ASN E 281 10.13 -42.32 -17.41
C ASN E 281 9.94 -41.66 -18.75
N PHE E 282 9.56 -40.39 -18.79
CA PHE E 282 9.37 -39.69 -20.07
C PHE E 282 8.43 -40.47 -20.99
N ALA E 283 7.27 -40.82 -20.43
CA ALA E 283 6.17 -41.45 -21.16
C ALA E 283 5.04 -40.44 -21.34
N ALA E 284 4.35 -40.55 -22.45
CA ALA E 284 3.15 -39.74 -22.73
C ALA E 284 2.02 -40.69 -23.09
N ASP E 285 0.82 -40.47 -22.54
CA ASP E 285 -0.33 -41.30 -22.86
C ASP E 285 -0.07 -42.78 -22.57
N LEU E 286 0.49 -43.03 -21.40
CA LEU E 286 0.60 -44.37 -20.83
C LEU E 286 -0.67 -44.60 -20.05
N HIS E 287 -1.45 -45.61 -20.44
CA HIS E 287 -2.72 -45.90 -19.80
C HIS E 287 -2.74 -47.33 -19.34
N ILE E 288 -2.90 -47.51 -18.03
CA ILE E 288 -2.86 -48.82 -17.39
C ILE E 288 -4.27 -49.08 -16.88
N GLN E 289 -4.85 -50.21 -17.28
CA GLN E 289 -6.23 -50.54 -16.95
C GLN E 289 -6.30 -51.90 -16.21
N ASP E 290 -6.91 -51.88 -15.03
CA ASP E 290 -7.13 -53.09 -14.23
C ASP E 290 -5.82 -53.83 -13.96
N GLY E 291 -5.86 -55.16 -13.87
CA GLY E 291 -4.68 -55.91 -13.50
C GLY E 291 -4.48 -56.00 -11.98
N VAL E 292 -3.48 -56.78 -11.62
CA VAL E 292 -3.14 -57.08 -10.24
C VAL E 292 -1.62 -57.19 -10.16
N ILE E 293 -1.03 -56.42 -9.25
CA ILE E 293 0.38 -56.44 -9.01
C ILE E 293 0.59 -56.85 -7.55
N ILE E 294 1.35 -57.91 -7.34
N ILE E 294 1.34 -57.94 -7.36
CA ILE E 294 1.49 -58.47 -6.02
CA ILE E 294 1.48 -58.63 -6.07
C ILE E 294 2.91 -58.85 -5.69
C ILE E 294 2.94 -58.86 -5.69
N GLY E 295 3.34 -58.54 -4.47
CA GLY E 295 4.46 -59.24 -3.87
C GLY E 295 5.86 -58.85 -4.27
N ASN E 296 6.24 -57.62 -3.94
CA ASN E 296 7.66 -57.26 -3.95
C ASN E 296 8.24 -57.10 -2.54
N LYS E 297 7.43 -57.48 -1.55
CA LYS E 297 7.85 -57.74 -0.17
C LYS E 297 7.03 -58.93 0.32
N ARG E 298 7.44 -59.53 1.43
CA ARG E 298 6.65 -60.57 2.05
C ARG E 298 5.39 -59.95 2.67
N PRO E 299 4.29 -60.73 2.75
CA PRO E 299 3.05 -60.19 3.32
C PRO E 299 3.22 -59.65 4.73
N GLY E 300 2.82 -58.40 4.93
CA GLY E 300 2.90 -57.75 6.23
C GLY E 300 4.31 -57.36 6.66
N ALA E 301 5.30 -57.52 5.78
CA ALA E 301 6.69 -57.28 6.14
C ALA E 301 7.03 -55.78 6.10
N SER E 302 8.25 -55.47 6.51
CA SER E 302 8.75 -54.11 6.51
C SER E 302 8.77 -53.51 5.12
N ASP E 303 8.65 -52.19 5.07
CA ASP E 303 8.75 -51.47 3.81
C ASP E 303 10.15 -51.66 3.20
N ILE E 304 10.22 -51.58 1.88
CA ILE E 304 11.47 -51.65 1.15
C ILE E 304 11.55 -50.44 0.23
N GLU E 305 12.48 -49.54 0.55
CA GLU E 305 12.63 -48.27 -0.16
C GLU E 305 12.74 -48.43 -1.66
N GLY E 306 11.93 -47.67 -2.37
CA GLY E 306 11.95 -47.65 -3.83
C GLY E 306 11.09 -48.68 -4.54
N ARG E 307 10.65 -49.71 -3.83
CA ARG E 307 9.92 -50.84 -4.47
C ARG E 307 8.43 -50.54 -4.65
N SER E 308 8.16 -49.57 -5.53
CA SER E 308 6.81 -49.20 -5.87
C SER E 308 6.24 -50.16 -6.94
N ALA E 309 4.93 -50.35 -6.91
CA ALA E 309 4.29 -51.20 -7.90
C ALA E 309 4.32 -50.55 -9.28
N ILE E 310 3.82 -49.31 -9.34
CA ILE E 310 3.80 -48.50 -10.55
C ILE E 310 4.48 -47.16 -10.24
N LYS E 311 5.38 -46.72 -11.11
CA LYS E 311 6.12 -45.47 -10.95
C LYS E 311 6.03 -44.66 -12.22
N PHE E 312 5.49 -43.43 -12.12
CA PHE E 312 5.40 -42.48 -13.23
C PHE E 312 6.36 -41.33 -12.91
N ASN E 313 7.46 -41.26 -13.63
CA ASN E 313 8.46 -40.21 -13.46
C ASN E 313 8.48 -39.42 -14.76
N ASN E 314 8.21 -38.11 -14.69
CA ASN E 314 8.17 -37.29 -15.90
C ASN E 314 7.24 -37.85 -16.96
N CYS E 315 6.02 -38.17 -16.55
CA CYS E 315 5.02 -38.69 -17.46
C CYS E 315 3.88 -37.70 -17.63
N VAL E 316 3.35 -37.60 -18.84
CA VAL E 316 2.24 -36.70 -19.11
C VAL E 316 1.02 -37.47 -19.63
N ASP E 317 -0.17 -37.00 -19.26
CA ASP E 317 -1.43 -37.55 -19.75
C ASP E 317 -1.48 -39.06 -19.57
N SER E 318 -1.07 -39.52 -18.38
CA SER E 318 -0.94 -40.93 -18.09
C SER E 318 -1.84 -41.31 -16.91
N THR E 319 -2.38 -42.53 -16.94
CA THR E 319 -3.40 -42.93 -15.99
C THR E 319 -3.26 -44.37 -15.54
N VAL E 320 -3.75 -44.63 -14.33
CA VAL E 320 -3.94 -45.95 -13.78
C VAL E 320 -5.41 -46.03 -13.37
N LYS E 321 -6.15 -47.01 -13.90
CA LYS E 321 -7.58 -47.14 -13.60
C LYS E 321 -7.91 -48.59 -13.29
N GLY E 322 -8.30 -48.86 -12.04
CA GLY E 322 -8.84 -50.15 -11.64
C GLY E 322 -7.88 -51.18 -11.09
N THR E 323 -6.58 -50.92 -11.19
CA THR E 323 -5.55 -51.87 -10.78
C THR E 323 -5.63 -52.20 -9.30
N CYS E 324 -5.36 -53.45 -8.95
CA CYS E 324 -5.27 -53.88 -7.56
C CYS E 324 -3.84 -54.17 -7.18
N PHE E 325 -3.50 -53.88 -5.92
CA PHE E 325 -2.15 -54.00 -5.40
C PHE E 325 -2.16 -54.76 -4.08
N TYR E 326 -1.27 -55.74 -3.96
CA TYR E 326 -1.14 -56.51 -2.73
C TYR E 326 0.32 -56.66 -2.35
N ASN E 327 0.63 -56.40 -1.08
CA ASN E 327 1.95 -56.75 -0.51
C ASN E 327 3.10 -56.06 -1.27
N ILE E 328 3.06 -54.73 -1.21
CA ILE E 328 3.98 -53.89 -1.94
C ILE E 328 4.92 -53.20 -0.96
N GLY E 329 6.21 -53.23 -1.22
CA GLY E 329 7.22 -52.71 -0.31
C GLY E 329 7.21 -51.21 -0.17
N TRP E 330 6.81 -50.51 -1.23
CA TRP E 330 6.80 -49.05 -1.24
C TRP E 330 5.42 -48.56 -1.66
N TYR E 331 5.31 -47.77 -2.72
CA TYR E 331 4.03 -47.14 -3.04
C TYR E 331 3.26 -47.93 -4.11
N GLY E 332 1.94 -47.90 -4.05
CA GLY E 332 1.12 -48.53 -5.10
C GLY E 332 1.32 -47.82 -6.42
N VAL E 333 0.97 -46.52 -6.44
CA VAL E 333 1.30 -45.67 -7.56
C VAL E 333 2.14 -44.49 -7.04
N GLU E 334 3.34 -44.38 -7.57
CA GLU E 334 4.28 -43.31 -7.27
C GLU E 334 4.32 -42.35 -8.45
N VAL E 335 4.19 -41.06 -8.16
CA VAL E 335 4.17 -40.02 -9.19
C VAL E 335 5.20 -38.96 -8.84
N LEU E 336 6.17 -38.75 -9.73
CA LEU E 336 7.26 -37.81 -9.46
C LEU E 336 7.78 -37.16 -10.73
N GLY E 337 8.74 -36.27 -10.57
CA GLY E 337 9.19 -35.43 -11.67
C GLY E 337 8.09 -34.49 -12.09
N CYS E 338 8.16 -33.96 -13.30
CA CYS E 338 7.12 -33.05 -13.78
C CYS E 338 5.93 -33.80 -14.41
N SER E 339 5.50 -34.88 -13.75
CA SER E 339 4.37 -35.63 -14.24
C SER E 339 3.14 -34.73 -14.19
N GLU E 340 2.44 -34.63 -15.32
CA GLU E 340 1.39 -33.64 -15.48
C GLU E 340 0.15 -34.26 -16.11
N ASP E 341 -1.02 -33.95 -15.54
CA ASP E 341 -2.31 -34.52 -15.95
C ASP E 341 -2.25 -36.03 -15.79
N THR E 342 -1.95 -36.44 -14.56
CA THR E 342 -1.92 -37.84 -14.13
C THR E 342 -3.22 -38.11 -13.39
N GLU E 343 -3.80 -39.29 -13.62
CA GLU E 343 -5.03 -39.68 -12.91
C GLU E 343 -4.94 -41.11 -12.43
N VAL E 344 -5.43 -41.36 -11.23
CA VAL E 344 -5.52 -42.70 -10.67
C VAL E 344 -6.97 -42.87 -10.23
N HIS E 345 -7.67 -43.81 -10.86
CA HIS E 345 -9.08 -44.09 -10.59
C HIS E 345 -9.22 -45.52 -10.08
N ASP E 346 -10.14 -45.72 -9.15
CA ASP E 346 -10.73 -47.04 -8.89
C ASP E 346 -9.73 -48.11 -8.42
N ILE E 347 -8.56 -47.72 -7.88
CA ILE E 347 -7.59 -48.71 -7.44
C ILE E 347 -7.96 -49.24 -6.05
N HIS E 348 -7.51 -50.45 -5.76
CA HIS E 348 -7.62 -51.06 -4.46
C HIS E 348 -6.19 -51.45 -4.07
N ALA E 349 -5.70 -50.95 -2.94
CA ALA E 349 -4.32 -51.21 -2.52
C ALA E 349 -4.34 -51.73 -1.09
N MET E 350 -3.75 -52.92 -0.90
CA MET E 350 -3.81 -53.63 0.39
C MET E 350 -2.39 -54.03 0.80
N ASP E 351 -1.95 -53.60 1.99
CA ASP E 351 -0.62 -53.92 2.53
C ASP E 351 0.49 -53.33 1.65
N VAL E 352 0.52 -52.00 1.64
CA VAL E 352 1.48 -51.20 0.89
C VAL E 352 1.92 -50.05 1.81
N ARG E 353 2.96 -49.31 1.45
CA ARG E 353 3.35 -48.14 2.27
C ARG E 353 2.38 -46.96 2.14
N HIS E 354 2.17 -46.52 0.91
CA HIS E 354 1.13 -45.56 0.54
C HIS E 354 0.43 -46.14 -0.69
N ALA E 355 -0.89 -46.03 -0.76
CA ALA E 355 -1.59 -46.43 -1.98
C ALA E 355 -1.18 -45.58 -3.16
N ILE E 356 -1.16 -44.27 -2.94
CA ILE E 356 -0.70 -43.29 -3.91
C ILE E 356 0.24 -42.36 -3.17
N SER E 357 1.38 -42.05 -3.78
CA SER E 357 2.24 -41.02 -3.26
C SER E 357 2.83 -40.18 -4.38
N LEU E 358 2.58 -38.88 -4.31
CA LEU E 358 3.30 -37.91 -5.12
C LEU E 358 4.61 -37.64 -4.37
N ASN E 359 5.72 -37.69 -5.09
CA ASN E 359 7.02 -37.72 -4.47
C ASN E 359 7.86 -36.47 -4.75
N TRP E 360 8.81 -36.25 -3.85
CA TRP E 360 9.91 -35.31 -4.04
C TRP E 360 11.06 -36.05 -4.74
N GLN E 361 12.18 -35.34 -4.89
CA GLN E 361 13.42 -35.93 -5.43
C GLN E 361 14.56 -35.43 -4.59
N SER E 362 15.33 -36.34 -4.01
CA SER E 362 16.47 -35.94 -3.20
C SER E 362 17.53 -35.26 -4.07
N THR E 363 18.00 -34.11 -3.60
CA THR E 363 19.06 -33.35 -4.24
C THR E 363 20.41 -33.50 -3.51
N ALA E 364 20.55 -34.55 -2.72
CA ALA E 364 21.78 -34.79 -2.00
C ALA E 364 22.99 -34.94 -2.94
N ASP E 365 22.78 -35.54 -4.11
CA ASP E 365 23.87 -35.76 -5.08
C ASP E 365 23.90 -34.77 -6.24
N GLY E 366 23.01 -33.78 -6.22
CA GLY E 366 22.93 -32.81 -7.32
C GLY E 366 21.53 -32.35 -7.58
N ASP E 367 21.41 -31.37 -8.49
CA ASP E 367 20.12 -30.78 -8.81
C ASP E 367 19.12 -31.80 -9.37
N LYS E 368 17.84 -31.53 -9.10
CA LYS E 368 16.72 -32.32 -9.58
C LYS E 368 15.66 -31.34 -10.05
N TRP E 369 14.88 -31.76 -11.04
CA TRP E 369 13.85 -30.93 -11.63
C TRP E 369 12.52 -31.68 -11.67
N GLY E 370 11.45 -30.96 -11.39
CA GLY E 370 10.09 -31.41 -11.66
C GLY E 370 9.27 -31.73 -10.42
N GLU E 371 8.09 -31.12 -10.36
CA GLU E 371 7.05 -31.51 -9.41
C GLU E 371 5.80 -31.91 -10.16
N PRO E 372 4.98 -32.82 -9.58
CA PRO E 372 3.74 -33.12 -10.28
C PRO E 372 2.79 -31.94 -10.38
N ILE E 373 2.08 -31.83 -11.50
CA ILE E 373 1.13 -30.76 -11.75
C ILE E 373 -0.15 -31.38 -12.30
N GLU E 374 -1.30 -31.06 -11.68
CA GLU E 374 -2.60 -31.59 -12.09
C GLU E 374 -2.65 -33.10 -11.84
N PHE E 375 -3.02 -33.46 -10.64
CA PHE E 375 -3.18 -34.86 -10.23
C PHE E 375 -4.59 -35.07 -9.70
N LEU E 376 -5.21 -36.17 -10.13
CA LEU E 376 -6.52 -36.59 -9.65
C LEU E 376 -6.44 -38.02 -9.17
N GLY E 377 -6.84 -38.26 -7.93
CA GLY E 377 -7.09 -39.59 -7.39
C GLY E 377 -8.58 -39.66 -7.12
N VAL E 378 -9.28 -40.62 -7.73
CA VAL E 378 -10.74 -40.70 -7.60
C VAL E 378 -11.20 -42.12 -7.33
N ASN E 379 -12.06 -42.30 -6.34
CA ASN E 379 -12.69 -43.58 -6.05
C ASN E 379 -11.67 -44.67 -5.76
N CYS E 380 -10.59 -44.32 -5.06
CA CYS E 380 -9.56 -45.27 -4.68
C CYS E 380 -9.73 -45.73 -3.25
N GLU E 381 -9.32 -46.97 -2.98
CA GLU E 381 -9.44 -47.60 -1.66
C GLU E 381 -8.09 -48.11 -1.21
N ALA E 382 -7.74 -47.81 0.03
CA ALA E 382 -6.54 -48.29 0.67
C ALA E 382 -6.87 -49.01 1.96
N TYR E 383 -6.22 -50.17 2.17
CA TYR E 383 -6.33 -50.94 3.40
C TYR E 383 -4.96 -51.24 3.98
N SER E 384 -4.80 -51.05 5.29
CA SER E 384 -3.64 -51.54 6.04
C SER E 384 -2.35 -51.06 5.42
N THR E 385 -2.32 -49.76 5.14
CA THR E 385 -1.12 -49.11 4.72
C THR E 385 -0.17 -48.96 5.90
N THR E 386 1.11 -49.15 5.65
CA THR E 386 2.10 -49.06 6.74
C THR E 386 2.43 -47.59 7.06
N GLN E 387 2.24 -46.71 6.09
CA GLN E 387 2.26 -45.27 6.30
C GLN E 387 0.96 -44.68 5.75
N ALA E 388 0.93 -43.38 5.44
CA ALA E 388 -0.33 -42.75 5.07
C ALA E 388 -1.02 -43.47 3.91
N GLY E 389 -2.33 -43.55 3.96
CA GLY E 389 -3.07 -44.20 2.87
C GLY E 389 -2.82 -43.53 1.53
N PHE E 390 -2.99 -42.20 1.51
CA PHE E 390 -2.83 -41.37 0.33
C PHE E 390 -1.93 -40.21 0.71
N ASP E 391 -0.89 -39.96 -0.08
CA ASP E 391 0.22 -39.12 0.35
C ASP E 391 0.69 -38.16 -0.72
N THR E 392 1.19 -37.02 -0.28
CA THR E 392 2.11 -36.22 -1.07
C THR E 392 3.33 -35.93 -0.22
N HIS E 393 4.45 -35.71 -0.89
CA HIS E 393 5.65 -35.10 -0.32
C HIS E 393 5.52 -33.56 -0.48
N ASP E 394 6.62 -32.82 -0.34
CA ASP E 394 6.53 -31.38 -0.15
C ASP E 394 6.60 -30.52 -1.42
N ILE E 395 6.34 -31.14 -2.56
CA ILE E 395 6.13 -30.44 -3.82
C ILE E 395 4.91 -31.04 -4.53
N GLY E 396 4.48 -30.36 -5.58
CA GLY E 396 3.31 -30.75 -6.35
C GLY E 396 2.25 -29.68 -6.32
N LYS E 397 1.58 -29.52 -7.45
CA LYS E 397 0.59 -28.46 -7.69
C LYS E 397 -0.71 -29.06 -8.14
N ARG E 398 -1.82 -28.51 -7.68
CA ARG E 398 -3.14 -28.89 -8.20
C ARG E 398 -3.45 -30.36 -8.01
N VAL E 399 -3.31 -30.77 -6.74
CA VAL E 399 -3.51 -32.15 -6.30
C VAL E 399 -4.90 -32.26 -5.68
N LYS E 400 -5.68 -33.21 -6.16
CA LYS E 400 -7.05 -33.43 -5.74
C LYS E 400 -7.32 -34.91 -5.53
N PHE E 401 -7.91 -35.22 -4.37
CA PHE E 401 -8.44 -36.56 -4.06
C PHE E 401 -9.94 -36.47 -3.95
N VAL E 402 -10.67 -37.36 -4.63
CA VAL E 402 -12.12 -37.30 -4.73
C VAL E 402 -12.68 -38.68 -4.39
N ARG E 403 -13.51 -38.77 -3.35
CA ARG E 403 -14.18 -40.02 -3.01
C ARG E 403 -13.21 -41.18 -2.82
N CYS E 404 -12.04 -40.88 -2.23
CA CYS E 404 -11.12 -41.93 -1.82
C CYS E 404 -11.38 -42.32 -0.38
N VAL E 405 -10.99 -43.55 -0.04
CA VAL E 405 -11.20 -44.06 1.30
C VAL E 405 -9.95 -44.79 1.78
N SER E 406 -9.54 -44.50 3.02
CA SER E 406 -8.44 -45.21 3.68
C SER E 406 -8.97 -45.91 4.92
N TYR E 407 -8.63 -47.20 5.04
CA TYR E 407 -8.95 -48.03 6.19
C TYR E 407 -7.70 -48.49 6.92
N ASP E 408 -7.69 -48.31 8.24
CA ASP E 408 -6.74 -49.00 9.11
C ASP E 408 -5.28 -48.71 8.75
N SER E 409 -5.03 -47.44 8.41
CA SER E 409 -3.67 -46.99 8.21
C SER E 409 -2.90 -47.07 9.52
N ALA E 410 -1.62 -47.41 9.44
CA ALA E 410 -0.71 -47.38 10.58
C ALA E 410 -0.21 -45.94 10.88
N ALA E 411 -0.53 -45.00 10.00
CA ALA E 411 -0.20 -43.61 10.21
C ALA E 411 -1.46 -42.77 9.99
N ALA E 412 -1.46 -41.82 9.05
CA ALA E 412 -2.64 -41.07 8.69
C ALA E 412 -3.43 -41.78 7.59
N GLY E 413 -4.72 -41.47 7.49
CA GLY E 413 -5.48 -41.88 6.31
C GLY E 413 -4.98 -41.16 5.06
N PHE E 414 -4.88 -39.84 5.18
CA PHE E 414 -4.45 -38.94 4.12
C PHE E 414 -3.42 -37.99 4.70
N GLN E 415 -2.29 -37.84 4.00
CA GLN E 415 -1.23 -36.93 4.40
C GLN E 415 -0.93 -35.96 3.27
N ALA E 416 -1.07 -34.67 3.57
CA ALA E 416 -0.67 -33.60 2.65
C ALA E 416 0.65 -33.01 3.13
N ARG E 417 1.67 -33.04 2.29
CA ARG E 417 2.91 -32.30 2.55
C ARG E 417 3.21 -31.20 1.55
N THR E 418 2.33 -31.02 0.57
CA THR E 418 2.39 -29.88 -0.33
C THR E 418 1.21 -28.94 -0.02
N ASN E 419 1.25 -27.71 -0.49
CA ASN E 419 0.28 -26.71 -0.04
C ASN E 419 -1.06 -26.81 -0.78
N GLY E 420 -2.16 -26.59 -0.08
CA GLY E 420 -3.46 -26.51 -0.73
C GLY E 420 -3.92 -27.77 -1.45
N VAL E 421 -3.64 -28.93 -0.84
CA VAL E 421 -4.22 -30.18 -1.37
C VAL E 421 -5.72 -30.14 -1.07
N GLU E 422 -6.54 -30.52 -2.06
CA GLU E 422 -7.99 -30.51 -1.92
C GLU E 422 -8.55 -31.93 -1.89
N TYR E 423 -9.45 -32.14 -0.93
CA TYR E 423 -10.09 -33.44 -0.70
C TYR E 423 -11.59 -33.26 -0.79
N LEU E 424 -12.25 -34.01 -1.67
CA LEU E 424 -13.68 -33.90 -1.87
C LEU E 424 -14.32 -35.23 -1.49
N ASN E 425 -15.14 -35.24 -0.45
CA ASN E 425 -15.92 -36.43 -0.10
C ASN E 425 -15.05 -37.66 0.15
N CYS E 426 -13.86 -37.44 0.72
CA CYS E 426 -13.00 -38.54 1.10
C CYS E 426 -13.36 -39.04 2.50
N ARG E 427 -12.95 -40.27 2.80
CA ARG E 427 -13.26 -40.91 4.08
C ARG E 427 -12.05 -41.59 4.65
N ALA E 428 -11.88 -41.50 5.97
CA ALA E 428 -10.79 -42.18 6.67
C ALA E 428 -11.34 -42.89 7.89
N TYR E 429 -11.03 -44.18 7.98
CA TYR E 429 -11.46 -45.03 9.08
C TYR E 429 -10.27 -45.60 9.82
N ARG E 430 -10.27 -45.47 11.14
CA ARG E 430 -9.37 -46.23 12.02
C ARG E 430 -7.88 -46.04 11.72
N ALA E 431 -7.49 -44.84 11.27
CA ALA E 431 -6.08 -44.51 11.20
C ALA E 431 -5.50 -44.56 12.62
N ALA E 432 -4.27 -45.05 12.73
CA ALA E 432 -3.57 -45.09 14.02
C ALA E 432 -3.28 -43.70 14.57
N MET E 433 -3.20 -42.69 13.70
CA MET E 433 -3.02 -41.30 14.13
C MET E 433 -4.22 -40.46 13.66
N ASP E 434 -4.07 -39.72 12.56
CA ASP E 434 -5.10 -38.79 12.13
C ASP E 434 -5.79 -39.30 10.86
N GLY E 435 -7.09 -39.11 10.75
CA GLY E 435 -7.79 -39.45 9.49
C GLY E 435 -7.16 -38.71 8.32
N PHE E 436 -7.06 -37.40 8.49
CA PHE E 436 -6.50 -36.48 7.50
C PHE E 436 -5.51 -35.59 8.21
N ALA E 437 -4.33 -35.40 7.66
CA ALA E 437 -3.37 -34.49 8.26
C ALA E 437 -2.52 -33.78 7.24
N SER E 438 -2.08 -32.58 7.61
CA SER E 438 -0.95 -31.96 6.93
C SER E 438 0.32 -32.37 7.70
N ASN E 439 1.37 -31.54 7.68
CA ASN E 439 2.60 -31.87 8.40
C ASN E 439 3.43 -30.59 8.51
N THR E 440 4.61 -30.70 9.08
CA THR E 440 5.44 -29.54 9.42
C THR E 440 5.62 -28.58 8.24
N GLY E 441 5.24 -27.32 8.45
CA GLY E 441 5.41 -26.27 7.46
C GLY E 441 4.46 -26.26 6.28
N VAL E 442 3.43 -27.10 6.32
CA VAL E 442 2.50 -27.26 5.20
C VAL E 442 1.28 -26.37 5.38
N ALA E 443 0.89 -25.67 4.32
CA ALA E 443 -0.20 -24.70 4.39
C ALA E 443 -1.54 -25.26 3.95
N PHE E 444 -2.57 -24.96 4.73
CA PHE E 444 -3.97 -24.95 4.30
C PHE E 444 -4.45 -26.01 3.30
N PRO E 445 -4.43 -27.27 3.73
CA PRO E 445 -5.25 -28.26 3.02
C PRO E 445 -6.72 -27.85 3.07
N ILE E 446 -7.49 -28.31 2.10
CA ILE E 446 -8.91 -28.03 1.98
C ILE E 446 -9.68 -29.34 2.02
N TYR E 447 -10.58 -29.47 2.98
CA TYR E 447 -11.38 -30.67 3.14
C TYR E 447 -12.82 -30.28 2.94
N ARG E 448 -13.48 -30.89 1.95
CA ARG E 448 -14.88 -30.61 1.66
C ARG E 448 -15.72 -31.86 1.81
N GLU E 449 -16.65 -31.84 2.76
CA GLU E 449 -17.56 -32.97 3.00
C GLU E 449 -16.79 -34.29 3.24
N CYS E 450 -15.63 -34.20 3.89
CA CYS E 450 -14.84 -35.38 4.22
C CYS E 450 -15.30 -35.92 5.55
N LEU E 451 -15.19 -37.24 5.71
CA LEU E 451 -15.75 -37.94 6.85
C LEU E 451 -14.67 -38.81 7.48
N ALA E 452 -14.56 -38.73 8.80
CA ALA E 452 -13.52 -39.40 9.55
C ALA E 452 -14.12 -40.18 10.71
N TYR E 453 -13.85 -41.48 10.77
CA TYR E 453 -14.46 -42.39 11.75
C TYR E 453 -13.40 -43.20 12.49
N ASP E 454 -13.38 -43.06 13.81
CA ASP E 454 -12.61 -43.94 14.69
C ASP E 454 -11.10 -43.87 14.48
N ASN E 455 -10.63 -42.76 13.96
CA ASN E 455 -9.20 -42.49 13.86
C ASN E 455 -8.72 -42.17 15.27
N VAL E 456 -7.59 -42.74 15.68
CA VAL E 456 -7.27 -42.69 17.11
C VAL E 456 -7.06 -41.27 17.63
N ARG E 457 -6.22 -40.50 16.96
CA ARG E 457 -5.86 -39.18 17.48
C ARG E 457 -6.88 -38.11 17.11
N SER E 458 -7.08 -37.93 15.81
CA SER E 458 -7.98 -36.90 15.33
C SER E 458 -8.57 -37.27 14.01
N GLY E 459 -9.68 -36.64 13.68
CA GLY E 459 -10.27 -36.74 12.35
C GLY E 459 -9.44 -35.98 11.33
N PHE E 460 -9.20 -34.71 11.66
CA PHE E 460 -8.47 -33.78 10.80
C PHE E 460 -7.41 -33.09 11.65
N ASN E 461 -6.16 -33.18 11.23
CA ASN E 461 -5.06 -32.51 11.92
C ASN E 461 -4.35 -31.56 10.95
N CYS E 462 -4.79 -30.31 10.99
CA CYS E 462 -4.20 -29.26 10.19
C CYS E 462 -3.71 -28.14 11.14
N SER E 463 -3.01 -28.59 12.18
CA SER E 463 -2.46 -27.72 13.22
C SER E 463 -1.05 -27.22 12.91
N TYR E 464 -0.52 -27.61 11.74
CA TYR E 464 0.84 -27.30 11.34
C TYR E 464 0.95 -25.97 10.59
N GLY E 465 -0.14 -25.55 9.96
CA GLY E 465 -0.13 -24.38 9.09
C GLY E 465 -1.47 -24.03 8.52
N GLY E 466 -2.50 -24.22 9.33
CA GLY E 466 -3.84 -23.82 8.99
C GLY E 466 -4.59 -24.88 8.21
N GLY E 467 -5.90 -24.78 8.23
CA GLY E 467 -6.74 -25.63 7.40
C GLY E 467 -8.10 -25.06 7.13
N TYR E 468 -8.74 -25.54 6.07
CA TYR E 468 -10.10 -25.18 5.73
C TYR E 468 -10.91 -26.46 5.79
N VAL E 469 -11.79 -26.55 6.78
CA VAL E 469 -12.50 -27.78 7.11
C VAL E 469 -13.99 -27.50 6.91
N TYR E 470 -14.50 -27.84 5.73
CA TYR E 470 -15.82 -27.41 5.29
C TYR E 470 -16.79 -28.57 5.25
N ASP E 471 -17.82 -28.49 6.08
CA ASP E 471 -18.90 -29.49 6.13
C ASP E 471 -18.36 -30.90 6.36
N CYS E 472 -17.27 -31.01 7.11
CA CYS E 472 -16.67 -32.29 7.44
C CYS E 472 -17.27 -32.89 8.70
N GLU E 473 -16.98 -34.18 8.89
CA GLU E 473 -17.44 -34.87 10.09
C GLU E 473 -16.31 -35.67 10.65
N ALA E 474 -16.21 -35.66 11.97
CA ALA E 474 -15.25 -36.51 12.65
C ALA E 474 -15.89 -37.10 13.88
N HIS E 475 -15.82 -38.42 13.96
CA HIS E 475 -16.45 -39.20 15.01
C HIS E 475 -15.45 -40.21 15.52
N GLY E 476 -15.38 -40.40 16.84
CA GLY E 476 -14.61 -41.48 17.41
C GLY E 476 -13.12 -41.28 17.59
N SER E 477 -12.70 -40.03 17.82
CA SER E 477 -11.29 -39.68 18.00
C SER E 477 -11.04 -39.08 19.37
N GLN E 478 -9.78 -38.78 19.69
CA GLN E 478 -9.50 -37.96 20.86
C GLN E 478 -10.01 -36.54 20.62
N ASN E 479 -9.71 -35.97 19.45
CA ASN E 479 -10.27 -34.68 19.07
C ASN E 479 -10.73 -34.75 17.63
N GLY E 480 -11.87 -34.14 17.33
CA GLY E 480 -12.38 -34.17 15.96
C GLY E 480 -11.45 -33.49 14.98
N VAL E 481 -11.10 -32.24 15.29
CA VAL E 481 -10.23 -31.41 14.48
C VAL E 481 -9.15 -30.79 15.36
N ARG E 482 -7.90 -30.89 14.92
CA ARG E 482 -6.78 -30.14 15.50
C ARG E 482 -6.42 -29.06 14.51
N ILE E 483 -6.43 -27.80 14.94
CA ILE E 483 -6.30 -26.69 14.01
C ILE E 483 -5.73 -25.46 14.71
N ASN E 484 -4.80 -24.79 14.04
CA ASN E 484 -4.16 -23.56 14.59
C ASN E 484 -4.72 -22.26 14.06
N GLY E 485 -5.42 -22.35 12.94
CA GLY E 485 -5.99 -21.20 12.25
C GLY E 485 -6.69 -21.69 10.99
N GLY E 486 -7.56 -20.86 10.44
CA GLY E 486 -8.32 -21.17 9.23
C GLY E 486 -9.80 -21.13 9.50
N ARG E 487 -10.51 -22.18 9.09
CA ARG E 487 -11.96 -22.19 9.19
C ARG E 487 -12.47 -23.61 9.42
N VAL E 488 -13.39 -23.76 10.36
CA VAL E 488 -14.21 -24.96 10.49
C VAL E 488 -15.63 -24.46 10.31
N LYS E 489 -16.22 -24.77 9.15
CA LYS E 489 -17.52 -24.24 8.76
C LYS E 489 -18.43 -25.42 8.47
N GLY E 490 -19.58 -25.46 9.13
CA GLY E 490 -20.49 -26.58 8.97
C GLY E 490 -19.94 -27.86 9.53
N GLY E 491 -20.63 -28.94 9.22
CA GLY E 491 -20.20 -30.26 9.61
C GLY E 491 -20.75 -30.71 10.93
N ARG E 492 -20.30 -31.88 11.37
CA ARG E 492 -20.88 -32.54 12.54
C ARG E 492 -19.86 -33.41 13.19
N TYR E 493 -19.77 -33.31 14.52
CA TYR E 493 -18.74 -33.94 15.31
C TYR E 493 -19.37 -34.64 16.52
N THR E 494 -18.96 -35.90 16.76
CA THR E 494 -19.47 -36.69 17.87
C THR E 494 -18.41 -37.63 18.40
N ARG E 495 -18.63 -38.14 19.60
CA ARG E 495 -17.80 -39.22 20.15
C ARG E 495 -16.31 -38.87 20.07
N ASN E 496 -15.98 -37.66 20.51
CA ASN E 496 -14.59 -37.26 20.59
C ASN E 496 -14.27 -37.07 22.06
N SER E 497 -13.30 -37.84 22.57
CA SER E 497 -13.16 -38.01 24.02
C SER E 497 -12.63 -36.77 24.75
N SER E 498 -11.78 -36.01 24.08
CA SER E 498 -11.25 -34.75 24.64
C SER E 498 -12.13 -33.58 24.24
N SER E 499 -12.21 -33.31 22.93
CA SER E 499 -13.11 -32.26 22.45
C SER E 499 -13.39 -32.41 20.97
N HIS E 500 -14.44 -31.77 20.50
CA HIS E 500 -14.73 -31.80 19.06
C HIS E 500 -13.72 -31.02 18.24
N ILE E 501 -13.39 -29.81 18.69
CA ILE E 501 -12.36 -28.97 18.04
C ILE E 501 -11.28 -28.70 19.06
N PHE E 502 -10.02 -28.81 18.63
CA PHE E 502 -8.85 -28.59 19.47
C PHE E 502 -8.01 -27.50 18.80
N VAL E 503 -8.04 -26.30 19.38
CA VAL E 503 -7.27 -25.16 18.87
C VAL E 503 -5.88 -25.27 19.47
N THR E 504 -4.93 -25.67 18.62
CA THR E 504 -3.59 -26.03 19.03
C THR E 504 -2.63 -25.88 17.86
N LYS E 505 -1.38 -26.25 18.10
CA LYS E 505 -0.31 -26.20 17.11
C LYS E 505 0.50 -27.48 17.17
N ASP E 506 1.22 -27.77 16.10
CA ASP E 506 2.22 -28.83 16.15
C ASP E 506 3.31 -28.53 17.18
N VAL E 507 3.83 -27.31 17.13
CA VAL E 507 4.84 -26.83 18.08
C VAL E 507 4.51 -25.38 18.38
N ALA E 508 4.95 -24.89 19.54
CA ALA E 508 4.63 -23.52 19.97
C ALA E 508 5.11 -22.41 19.01
N GLU E 509 6.19 -22.70 18.28
CA GLU E 509 6.80 -21.72 17.36
C GLU E 509 5.94 -21.44 16.12
N THR E 510 5.04 -22.37 15.77
CA THR E 510 4.09 -22.15 14.68
C THR E 510 3.14 -21.00 14.98
N ALA E 511 2.86 -20.17 13.99
CA ALA E 511 2.00 -19.01 14.19
C ALA E 511 0.55 -19.45 14.32
N GLN E 512 -0.13 -18.91 15.33
CA GLN E 512 -1.59 -18.98 15.38
C GLN E 512 -2.12 -17.91 14.42
N THR E 513 -3.11 -18.26 13.63
CA THR E 513 -3.84 -17.27 12.81
C THR E 513 -5.31 -17.32 13.22
N SER E 514 -6.08 -16.38 12.67
N SER E 514 -6.09 -16.39 12.71
CA SER E 514 -7.53 -16.32 12.91
CA SER E 514 -7.50 -16.35 13.08
C SER E 514 -8.19 -17.67 12.66
C SER E 514 -8.20 -17.64 12.67
N LEU E 515 -9.15 -18.04 13.50
CA LEU E 515 -9.94 -19.24 13.31
C LEU E 515 -11.41 -18.90 13.40
N GLU E 516 -12.17 -19.24 12.37
CA GLU E 516 -13.61 -19.09 12.35
C GLU E 516 -14.21 -20.47 12.55
N ILE E 517 -15.07 -20.60 13.55
CA ILE E 517 -15.84 -21.82 13.78
C ILE E 517 -17.29 -21.41 13.65
N ASP E 518 -17.95 -21.80 12.55
CA ASP E 518 -19.28 -21.28 12.26
C ASP E 518 -20.17 -22.40 11.73
N GLY E 519 -21.38 -22.51 12.25
CA GLY E 519 -22.36 -23.45 11.72
C GLY E 519 -22.05 -24.90 11.98
N VAL E 520 -21.21 -25.17 12.99
CA VAL E 520 -20.75 -26.53 13.29
C VAL E 520 -21.67 -27.18 14.31
N SER E 521 -22.08 -28.44 14.05
CA SER E 521 -22.77 -29.23 15.05
C SER E 521 -21.71 -29.95 15.87
N MET E 522 -21.62 -29.58 17.14
CA MET E 522 -20.63 -30.15 18.05
C MET E 522 -21.27 -30.28 19.42
N ARG E 523 -22.34 -31.07 19.42
CA ARG E 523 -23.18 -31.26 20.60
C ARG E 523 -22.53 -32.14 21.65
N TYR E 524 -23.06 -32.08 22.87
CA TYR E 524 -22.62 -33.00 23.91
C TYR E 524 -23.36 -34.33 23.74
N ASP E 525 -22.59 -35.40 23.68
CA ASP E 525 -23.12 -36.76 23.57
C ASP E 525 -22.55 -37.68 24.64
N GLY E 526 -22.12 -37.10 25.76
CA GLY E 526 -21.52 -37.86 26.84
C GLY E 526 -20.04 -38.06 26.74
N THR E 527 -19.40 -37.41 25.77
CA THR E 527 -17.97 -37.55 25.55
C THR E 527 -17.30 -36.20 25.85
N GLY E 528 -16.55 -35.65 24.91
CA GLY E 528 -15.74 -34.49 25.16
C GLY E 528 -16.47 -33.18 25.12
N ARG E 529 -15.69 -32.12 25.32
CA ARG E 529 -16.20 -30.75 25.29
C ARG E 529 -16.29 -30.27 23.85
N ALA E 530 -16.82 -29.07 23.64
CA ALA E 530 -16.96 -28.55 22.26
C ALA E 530 -15.62 -28.08 21.71
N VAL E 531 -14.95 -27.20 22.44
CA VAL E 531 -13.70 -26.60 21.94
C VAL E 531 -12.68 -26.59 23.06
N TYR E 532 -11.45 -26.99 22.72
CA TYR E 532 -10.32 -27.05 23.63
C TYR E 532 -9.30 -26.03 23.14
N PHE E 533 -8.98 -25.06 24.02
CA PHE E 533 -7.99 -24.02 23.75
C PHE E 533 -6.68 -24.36 24.44
N HIS E 534 -5.61 -24.48 23.64
CA HIS E 534 -4.34 -24.99 24.15
C HIS E 534 -3.38 -23.85 24.55
N GLY E 535 -3.53 -23.40 25.80
CA GLY E 535 -2.69 -22.30 26.30
C GLY E 535 -1.21 -22.62 26.30
N THR E 536 -0.88 -23.89 26.50
CA THR E 536 0.50 -24.34 26.53
C THR E 536 1.34 -23.91 25.34
N VAL E 537 0.72 -23.94 24.16
CA VAL E 537 1.43 -23.60 22.93
C VAL E 537 1.16 -22.17 22.47
N GLY E 538 0.53 -21.36 23.32
CA GLY E 538 0.35 -19.92 23.06
C GLY E 538 -0.92 -19.52 22.36
N ILE E 539 -1.96 -20.34 22.44
CA ILE E 539 -3.23 -20.03 21.81
C ILE E 539 -3.94 -18.87 22.54
N ASP E 540 -4.22 -17.83 21.78
CA ASP E 540 -5.02 -16.70 22.23
C ASP E 540 -6.45 -16.97 21.79
N PRO E 541 -7.36 -17.25 22.74
CA PRO E 541 -8.73 -17.56 22.31
C PRO E 541 -9.46 -16.42 21.57
N THR E 542 -9.00 -15.18 21.72
CA THR E 542 -9.65 -14.07 21.04
C THR E 542 -9.45 -14.06 19.53
N LEU E 543 -8.46 -14.82 19.05
CA LEU E 543 -8.28 -15.03 17.62
C LEU E 543 -9.27 -16.05 17.04
N VAL E 544 -10.10 -16.64 17.89
CA VAL E 544 -11.17 -17.56 17.48
C VAL E 544 -12.51 -16.84 17.53
N SER E 545 -13.37 -17.07 16.56
CA SER E 545 -14.73 -16.52 16.56
C SER E 545 -15.66 -17.71 16.36
N MET E 546 -16.75 -17.77 17.13
CA MET E 546 -17.68 -18.89 17.15
C MET E 546 -19.08 -18.38 16.93
N SER E 547 -19.65 -18.66 15.75
CA SER E 547 -20.99 -18.16 15.39
C SER E 547 -21.91 -19.29 14.96
N ASN E 548 -23.15 -19.27 15.46
CA ASN E 548 -24.20 -20.14 14.98
C ASN E 548 -23.86 -21.62 15.02
N ASN E 549 -23.12 -22.04 16.04
CA ASN E 549 -22.82 -23.44 16.26
C ASN E 549 -23.85 -24.10 17.19
N ASP E 550 -24.03 -25.40 16.99
CA ASP E 550 -24.88 -26.18 17.88
C ASP E 550 -23.99 -26.87 18.91
N MET E 551 -24.00 -26.31 20.12
CA MET E 551 -23.24 -26.83 21.25
C MET E 551 -24.17 -27.39 22.33
N THR E 552 -25.36 -27.82 21.92
CA THR E 552 -26.38 -28.26 22.86
C THR E 552 -25.86 -29.34 23.80
N GLY E 553 -26.07 -29.12 25.10
CA GLY E 553 -25.81 -30.14 26.10
C GLY E 553 -24.55 -30.00 26.89
N HIS E 554 -23.64 -29.14 26.45
CA HIS E 554 -22.36 -29.00 27.14
C HIS E 554 -22.43 -28.22 28.46
N GLY E 555 -23.51 -27.46 28.65
CA GLY E 555 -23.68 -26.69 29.87
C GLY E 555 -22.51 -25.77 30.13
N LEU E 556 -22.02 -25.79 31.36
CA LEU E 556 -20.87 -24.97 31.74
C LEU E 556 -19.55 -25.50 31.18
N PHE E 557 -19.59 -26.66 30.52
CA PHE E 557 -18.38 -27.36 30.09
C PHE E 557 -18.23 -27.40 28.57
N TRP E 558 -18.64 -26.33 27.89
CA TRP E 558 -18.45 -26.25 26.44
C TRP E 558 -17.00 -26.07 26.06
N ALA E 559 -16.20 -25.45 26.93
CA ALA E 559 -14.79 -25.20 26.66
C ALA E 559 -13.90 -26.01 27.57
N LEU E 560 -12.81 -26.52 27.00
CA LEU E 560 -11.68 -27.03 27.76
C LEU E 560 -10.50 -26.06 27.57
N LEU E 561 -9.81 -25.76 28.65
CA LEU E 561 -8.60 -24.94 28.60
C LEU E 561 -7.51 -25.65 29.38
N SER E 562 -6.29 -25.62 28.86
CA SER E 562 -5.12 -26.08 29.61
C SER E 562 -3.91 -25.20 29.33
N GLY E 563 -3.06 -25.09 30.34
CA GLY E 563 -1.82 -24.38 30.21
C GLY E 563 -1.88 -22.88 30.30
N TYR E 564 -3.04 -22.32 30.67
CA TYR E 564 -3.12 -20.87 30.92
C TYR E 564 -2.69 -20.61 32.36
N THR E 565 -1.94 -19.54 32.58
CA THR E 565 -1.56 -19.16 33.95
C THR E 565 -2.33 -17.95 34.50
N VAL E 566 -3.02 -17.27 33.60
CA VAL E 566 -4.00 -16.25 33.96
C VAL E 566 -5.18 -16.45 33.01
N GLN E 567 -6.36 -16.10 33.47
CA GLN E 567 -7.58 -16.33 32.70
C GLN E 567 -7.53 -15.55 31.38
N PRO E 568 -7.66 -16.26 30.25
CA PRO E 568 -7.65 -15.58 28.97
C PRO E 568 -9.00 -15.00 28.63
N THR E 569 -9.01 -14.01 27.74
CA THR E 569 -10.25 -13.46 27.21
C THR E 569 -10.85 -14.50 26.25
N PRO E 570 -12.19 -14.63 26.23
CA PRO E 570 -12.80 -15.64 25.38
C PRO E 570 -12.85 -15.27 23.89
N PRO E 571 -13.18 -16.25 23.04
CA PRO E 571 -13.54 -15.91 21.66
C PRO E 571 -14.75 -15.00 21.58
N ARG E 572 -14.90 -14.26 20.50
CA ARG E 572 -16.19 -13.70 20.17
C ARG E 572 -17.14 -14.86 19.93
N MET E 573 -18.36 -14.72 20.44
CA MET E 573 -19.37 -15.78 20.35
C MET E 573 -20.69 -15.14 19.94
N SER E 574 -21.32 -15.66 18.88
CA SER E 574 -22.55 -15.09 18.36
C SER E 574 -23.60 -16.12 18.06
N ARG E 575 -24.66 -16.10 18.84
CA ARG E 575 -25.91 -16.82 18.57
C ARG E 575 -25.72 -18.34 18.42
N ASN E 576 -24.87 -18.89 19.27
CA ASN E 576 -24.70 -20.33 19.35
C ASN E 576 -25.84 -20.91 20.20
N LEU E 577 -26.09 -22.20 20.04
CA LEU E 577 -27.05 -22.94 20.86
C LEU E 577 -26.33 -23.73 21.92
N LEU E 578 -26.69 -23.53 23.18
CA LEU E 578 -26.12 -24.29 24.29
C LEU E 578 -27.10 -25.20 25.02
N ASP E 579 -28.37 -24.83 25.03
CA ASP E 579 -29.42 -25.65 25.65
C ASP E 579 -30.61 -25.75 24.73
N ASP E 580 -31.40 -26.81 24.94
CA ASP E 580 -32.58 -27.09 24.12
C ASP E 580 -33.93 -26.94 24.83
N THR E 581 -33.88 -26.64 26.12
CA THR E 581 -35.03 -26.64 27.02
C THR E 581 -34.89 -25.37 27.87
N GLY E 582 -36.00 -24.70 28.18
CA GLY E 582 -35.93 -23.49 29.00
C GLY E 582 -35.16 -22.38 28.31
N ILE E 583 -35.37 -22.25 27.00
CA ILE E 583 -34.56 -21.34 26.17
C ILE E 583 -35.36 -20.31 25.40
N ARG E 584 -36.68 -20.33 25.52
CA ARG E 584 -37.52 -19.25 25.00
C ARG E 584 -38.80 -19.18 25.82
N GLY E 585 -39.29 -17.97 26.04
CA GLY E 585 -40.55 -17.77 26.73
C GLY E 585 -40.99 -16.33 26.70
N VAL E 586 -41.98 -16.03 27.55
CA VAL E 586 -42.51 -14.67 27.70
C VAL E 586 -42.66 -14.38 29.18
N ALA E 587 -42.12 -13.25 29.61
CA ALA E 587 -42.24 -12.80 30.99
C ALA E 587 -43.01 -11.51 31.02
N THR E 588 -43.72 -11.29 32.11
CA THR E 588 -44.44 -10.03 32.31
C THR E 588 -43.80 -9.29 33.46
N LEU E 589 -43.35 -8.07 33.18
CA LEU E 589 -42.72 -7.26 34.21
C LEU E 589 -43.75 -6.75 35.21
N VAL E 590 -43.32 -6.68 36.47
CA VAL E 590 -44.09 -6.06 37.55
C VAL E 590 -43.13 -5.07 38.18
N ALA E 591 -43.54 -3.81 38.27
CA ALA E 591 -42.69 -2.75 38.82
C ALA E 591 -41.28 -2.82 38.21
N GLY E 592 -41.25 -2.95 36.89
CA GLY E 592 -40.00 -2.89 36.12
C GLY E 592 -39.12 -4.12 36.15
N GLU E 593 -39.62 -5.24 36.68
CA GLU E 593 -38.79 -6.44 36.82
C GLU E 593 -39.56 -7.74 36.71
N ALA E 594 -38.87 -8.76 36.23
CA ALA E 594 -39.36 -10.14 36.30
C ALA E 594 -38.21 -11.09 36.53
N THR E 595 -38.43 -12.10 37.39
CA THR E 595 -37.50 -13.20 37.55
C THR E 595 -37.98 -14.36 36.70
N VAL E 596 -37.09 -14.87 35.86
CA VAL E 596 -37.44 -15.84 34.83
C VAL E 596 -36.62 -17.11 35.06
N ASN E 597 -37.29 -18.26 35.23
CA ASN E 597 -36.57 -19.53 35.25
C ASN E 597 -36.26 -19.94 33.81
N ALA E 598 -35.00 -20.26 33.56
CA ALA E 598 -34.53 -20.55 32.20
C ALA E 598 -33.16 -21.15 32.31
N ARG E 599 -32.74 -21.87 31.26
CA ARG E 599 -31.38 -22.42 31.21
C ARG E 599 -30.39 -21.35 30.69
N VAL E 600 -30.39 -20.22 31.37
CA VAL E 600 -29.30 -19.25 31.28
C VAL E 600 -28.07 -19.84 31.97
N ARG E 601 -26.90 -19.46 31.49
CA ARG E 601 -25.64 -20.08 31.88
C ARG E 601 -24.56 -19.03 31.97
N GLY E 602 -23.55 -19.31 32.78
CA GLY E 602 -22.35 -18.50 32.75
C GLY E 602 -21.33 -18.94 33.78
N ASN E 603 -20.10 -18.49 33.60
CA ASN E 603 -19.07 -18.62 34.62
C ASN E 603 -18.52 -17.25 34.94
N PHE E 604 -18.43 -16.94 36.24
CA PHE E 604 -18.04 -15.62 36.68
C PHE E 604 -16.78 -15.62 37.53
N GLY E 605 -16.12 -16.78 37.66
CA GLY E 605 -14.85 -16.88 38.38
C GLY E 605 -13.66 -16.46 37.54
N SER E 606 -12.47 -16.47 38.14
N SER E 606 -12.48 -16.52 38.15
CA SER E 606 -11.23 -16.06 37.45
CA SER E 606 -11.23 -16.06 37.54
C SER E 606 -10.17 -17.16 37.42
C SER E 606 -10.19 -17.16 37.38
N VAL E 607 -10.61 -18.42 37.51
CA VAL E 607 -9.68 -19.55 37.43
C VAL E 607 -8.97 -19.51 36.08
N ALA E 608 -7.65 -19.66 36.10
CA ALA E 608 -6.87 -19.44 34.89
C ALA E 608 -7.38 -20.25 33.70
N ASN E 609 -7.59 -21.54 33.91
CA ASN E 609 -8.07 -22.42 32.84
C ASN E 609 -9.61 -22.48 32.75
N SER E 610 -10.20 -21.30 32.56
CA SER E 610 -11.63 -21.13 32.39
C SER E 610 -11.84 -19.80 31.69
N PHE E 611 -13.04 -19.63 31.13
CA PHE E 611 -13.46 -18.33 30.63
C PHE E 611 -14.51 -17.73 31.56
N LYS E 612 -14.55 -16.41 31.55
CA LYS E 612 -15.62 -15.63 32.15
C LYS E 612 -16.58 -15.27 31.01
N TRP E 613 -17.83 -15.72 31.14
CA TRP E 613 -18.79 -15.61 30.04
C TRP E 613 -20.22 -15.77 30.58
N VAL E 614 -21.18 -15.35 29.77
CA VAL E 614 -22.59 -15.54 30.08
C VAL E 614 -23.41 -15.67 28.80
N SER E 615 -24.57 -16.28 28.91
CA SER E 615 -25.53 -16.35 27.82
C SER E 615 -25.84 -14.98 27.21
N GLU E 616 -26.06 -14.95 25.88
CA GLU E 616 -26.70 -13.81 25.22
C GLU E 616 -28.19 -14.06 25.28
N VAL E 617 -28.91 -13.21 26.00
CA VAL E 617 -30.36 -13.30 26.09
C VAL E 617 -30.95 -12.18 25.23
N LYS E 618 -31.61 -12.58 24.14
CA LYS E 618 -32.24 -11.65 23.22
C LYS E 618 -33.60 -11.31 23.82
N LEU E 619 -33.88 -10.02 24.03
CA LEU E 619 -35.13 -9.56 24.59
C LEU E 619 -35.92 -8.76 23.54
N THR E 620 -37.20 -9.09 23.36
CA THR E 620 -38.08 -8.31 22.49
C THR E 620 -39.43 -8.04 23.20
N ARG E 621 -39.88 -6.81 23.12
CA ARG E 621 -41.11 -6.40 23.80
C ARG E 621 -42.35 -6.81 23.00
N LEU E 622 -43.36 -7.41 23.67
CA LEU E 622 -44.60 -7.86 23.03
C LEU E 622 -45.86 -7.07 23.38
N THR E 623 -45.81 -6.27 24.45
CA THR E 623 -46.89 -5.31 24.77
C THR E 623 -46.24 -3.99 25.05
N PHE E 624 -47.01 -2.92 24.92
CA PHE E 624 -46.48 -1.58 24.73
C PHE E 624 -47.10 -0.57 25.68
N PRO E 625 -46.93 -0.80 26.98
CA PRO E 625 -47.46 0.16 27.95
C PRO E 625 -46.68 1.47 27.91
N SER E 626 -47.29 2.53 28.44
CA SER E 626 -46.65 3.85 28.43
C SER E 626 -45.37 3.86 29.28
N SER E 627 -45.26 2.89 30.20
CA SER E 627 -44.12 2.75 31.08
C SER E 627 -42.97 1.92 30.49
N ALA E 628 -43.02 1.63 29.19
CA ALA E 628 -41.95 0.86 28.53
C ALA E 628 -40.61 1.58 28.69
N GLY E 629 -39.61 0.85 29.20
CA GLY E 629 -38.24 1.35 29.30
C GLY E 629 -37.24 0.42 28.66
N ALA E 630 -35.97 0.79 28.75
CA ALA E 630 -34.90 -0.03 28.18
C ALA E 630 -34.68 -1.27 29.03
N LEU E 631 -34.46 -2.40 28.38
CA LEU E 631 -34.42 -3.70 29.06
C LEU E 631 -33.01 -4.25 29.18
N THR E 632 -32.77 -4.96 30.27
CA THR E 632 -31.48 -5.56 30.54
C THR E 632 -31.65 -6.87 31.29
N VAL E 633 -30.60 -7.67 31.25
CA VAL E 633 -30.51 -8.91 32.00
C VAL E 633 -29.56 -8.72 33.16
N THR E 634 -30.00 -9.16 34.33
CA THR E 634 -29.14 -9.20 35.52
C THR E 634 -29.45 -10.43 36.37
N SER E 635 -28.76 -10.52 37.51
CA SER E 635 -28.93 -11.59 38.48
C SER E 635 -29.03 -12.98 37.86
N VAL E 636 -27.99 -13.37 37.13
CA VAL E 636 -27.95 -14.71 36.57
C VAL E 636 -27.59 -15.68 37.70
N ALA E 637 -28.58 -16.49 38.09
CA ALA E 637 -28.48 -17.35 39.26
C ALA E 637 -28.57 -18.77 38.75
N GLN E 638 -27.54 -19.55 39.03
CA GLN E 638 -27.49 -20.91 38.56
C GLN E 638 -27.62 -21.88 39.71
N ASN E 639 -28.51 -22.85 39.55
CA ASN E 639 -28.73 -23.87 40.55
C ASN E 639 -27.44 -24.69 40.66
N GLN E 640 -26.99 -24.90 41.89
CA GLN E 640 -25.83 -25.75 42.13
C GLN E 640 -26.21 -26.76 43.20
N ASP E 641 -27.42 -27.33 43.05
CA ASP E 641 -27.89 -28.39 43.95
C ASP E 641 -26.97 -29.60 43.77
N VAL E 642 -26.92 -30.43 44.79
CA VAL E 642 -25.95 -31.53 44.91
C VAL E 642 -26.74 -32.81 45.19
N PRO E 643 -26.40 -33.95 44.57
CA PRO E 643 -25.23 -34.14 43.68
C PRO E 643 -25.37 -33.63 42.24
N THR E 644 -26.59 -33.36 41.80
CA THR E 644 -26.87 -33.06 40.39
C THR E 644 -27.59 -31.72 40.31
N PRO E 645 -26.94 -30.68 39.72
CA PRO E 645 -27.66 -29.43 39.56
C PRO E 645 -28.85 -29.58 38.65
N ASN E 646 -29.88 -28.78 38.91
CA ASN E 646 -31.06 -28.72 38.09
C ASN E 646 -31.08 -27.42 37.30
N PRO E 647 -30.70 -27.47 36.00
CA PRO E 647 -30.62 -26.23 35.22
C PRO E 647 -31.97 -25.57 34.96
N ASP E 648 -33.08 -26.29 35.12
CA ASP E 648 -34.39 -25.65 35.01
C ASP E 648 -34.73 -24.74 36.19
N LEU E 649 -33.93 -24.79 37.26
CA LEU E 649 -34.05 -23.86 38.36
C LEU E 649 -33.06 -22.70 38.24
N ASN E 650 -32.27 -22.65 37.17
CA ASN E 650 -31.48 -21.46 36.90
C ASN E 650 -32.45 -20.31 36.63
N SER E 651 -32.00 -19.08 36.85
CA SER E 651 -32.87 -17.94 36.60
C SER E 651 -32.09 -16.71 36.22
N PHE E 652 -32.79 -15.77 35.61
CA PHE E 652 -32.26 -14.42 35.39
C PHE E 652 -33.37 -13.43 35.67
N VAL E 653 -32.96 -12.18 35.86
CA VAL E 653 -33.88 -11.07 36.00
C VAL E 653 -33.88 -10.19 34.76
N ILE E 654 -35.07 -9.87 34.25
CA ILE E 654 -35.24 -8.83 33.26
C ILE E 654 -35.59 -7.56 34.06
N ARG E 655 -34.80 -6.52 33.86
CA ARG E 655 -35.05 -5.24 34.53
C ARG E 655 -35.19 -4.15 33.48
N SER E 656 -36.16 -3.26 33.69
CA SER E 656 -36.40 -2.10 32.84
C SER E 656 -35.79 -0.85 33.49
N SER E 657 -35.38 0.11 32.66
CA SER E 657 -34.97 1.43 33.14
C SER E 657 -36.14 2.21 33.73
N ASN E 658 -37.36 1.82 33.39
CA ASN E 658 -38.56 2.42 33.95
C ASN E 658 -39.11 1.53 35.07
N ALA E 659 -39.09 2.07 36.30
CA ALA E 659 -39.52 1.32 37.48
C ALA E 659 -40.99 0.93 37.50
N ALA E 660 -41.79 1.51 36.60
CA ALA E 660 -43.22 1.17 36.48
C ALA E 660 -43.52 0.22 35.31
N ASP E 661 -42.50 -0.21 34.58
CA ASP E 661 -42.70 -1.00 33.36
C ASP E 661 -43.45 -2.30 33.67
N VAL E 662 -44.50 -2.55 32.88
CA VAL E 662 -45.34 -3.75 32.97
C VAL E 662 -45.39 -4.53 31.65
N SER E 663 -44.40 -4.27 30.78
CA SER E 663 -44.32 -4.92 29.47
C SER E 663 -44.26 -6.43 29.57
N GLN E 664 -44.88 -7.09 28.59
CA GLN E 664 -44.59 -8.49 28.28
C GLN E 664 -43.33 -8.51 27.42
N VAL E 665 -42.40 -9.38 27.76
CA VAL E 665 -41.08 -9.44 27.14
C VAL E 665 -40.78 -10.88 26.72
N ALA E 666 -40.59 -11.06 25.42
CA ALA E 666 -40.08 -12.33 24.88
C ALA E 666 -38.59 -12.42 25.15
N TRP E 667 -38.14 -13.59 25.58
CA TRP E 667 -36.73 -13.84 25.85
C TRP E 667 -36.30 -15.12 25.13
N GLU E 668 -35.06 -15.11 24.65
CA GLU E 668 -34.45 -16.23 23.92
C GLU E 668 -33.02 -16.36 24.37
N VAL E 669 -32.61 -17.57 24.72
CA VAL E 669 -31.30 -17.81 25.31
C VAL E 669 -30.34 -18.46 24.31
N TYR E 670 -29.26 -17.75 24.01
CA TYR E 670 -28.18 -18.20 23.17
C TYR E 670 -26.86 -18.24 23.98
N LEU E 671 -25.82 -18.75 23.36
CA LEU E 671 -24.44 -18.52 23.80
C LEU E 671 -23.78 -17.58 22.79
N GLU F 30 -4.93 -81.56 -45.59
CA GLU F 30 -5.06 -82.94 -46.17
C GLU F 30 -6.54 -83.33 -46.32
N ARG F 31 -7.22 -83.54 -45.19
CA ARG F 31 -8.64 -83.93 -45.19
C ARG F 31 -9.52 -82.69 -45.11
N VAL F 32 -10.44 -82.55 -46.05
CA VAL F 32 -11.31 -81.38 -46.18
C VAL F 32 -12.76 -81.87 -46.29
N PHE F 33 -13.67 -81.23 -45.54
CA PHE F 33 -15.08 -81.65 -45.48
C PHE F 33 -16.03 -80.47 -45.73
N SER F 34 -17.09 -80.73 -46.50
CA SER F 34 -18.07 -79.70 -46.90
C SER F 34 -19.08 -79.37 -45.80
N ASP F 35 -19.37 -80.34 -44.94
CA ASP F 35 -20.32 -80.17 -43.85
C ASP F 35 -19.88 -80.96 -42.62
N LEU F 36 -20.52 -80.69 -41.50
CA LEU F 36 -20.15 -81.28 -40.21
C LEU F 36 -20.36 -82.79 -40.16
N ALA F 37 -21.51 -83.24 -40.67
CA ALA F 37 -21.87 -84.66 -40.63
C ALA F 37 -20.85 -85.56 -41.32
N SER F 38 -20.40 -85.17 -42.50
CA SER F 38 -19.37 -85.92 -43.23
C SER F 38 -18.03 -85.92 -42.48
N MET F 39 -17.68 -84.79 -41.85
CA MET F 39 -16.46 -84.71 -41.07
C MET F 39 -16.48 -85.66 -39.87
N VAL F 40 -17.55 -85.61 -39.07
CA VAL F 40 -17.60 -86.39 -37.82
C VAL F 40 -17.91 -87.88 -38.02
N ALA F 41 -18.37 -88.24 -39.22
CA ALA F 41 -18.53 -89.64 -39.62
C ALA F 41 -17.25 -90.31 -40.11
N TYR F 42 -16.24 -89.52 -40.51
CA TYR F 42 -15.03 -90.08 -41.14
C TYR F 42 -14.21 -91.02 -40.21
N PRO F 43 -14.00 -92.29 -40.61
CA PRO F 43 -13.40 -93.29 -39.70
C PRO F 43 -11.86 -93.37 -39.60
N ASN F 44 -11.14 -92.71 -40.51
CA ASN F 44 -9.68 -92.94 -40.69
C ASN F 44 -8.77 -91.77 -40.27
N PHE F 45 -9.19 -90.99 -39.27
CA PHE F 45 -8.39 -89.86 -38.79
C PHE F 45 -7.11 -90.32 -38.06
N GLN F 46 -6.00 -89.63 -38.32
CA GLN F 46 -4.70 -89.90 -37.68
C GLN F 46 -4.17 -88.62 -37.01
N VAL F 47 -3.30 -88.79 -36.01
CA VAL F 47 -2.87 -87.68 -35.14
C VAL F 47 -2.09 -86.59 -35.90
N GLN F 48 -1.31 -86.99 -36.91
CA GLN F 48 -0.54 -86.04 -37.72
C GLN F 48 -1.33 -85.29 -38.83
N ASP F 49 -2.61 -85.62 -39.02
CA ASP F 49 -3.42 -85.02 -40.08
C ASP F 49 -3.77 -83.55 -39.85
N LYS F 50 -3.79 -82.80 -40.95
CA LYS F 50 -4.42 -81.48 -40.98
C LYS F 50 -5.83 -81.70 -41.55
N ILE F 51 -6.82 -81.26 -40.78
CA ILE F 51 -8.24 -81.47 -41.10
C ILE F 51 -8.92 -80.10 -41.16
N THR F 52 -9.79 -79.90 -42.15
CA THR F 52 -10.50 -78.63 -42.37
C THR F 52 -12.00 -78.84 -42.60
N LEU F 53 -12.83 -78.01 -41.96
CA LEU F 53 -14.27 -77.98 -42.19
C LEU F 53 -14.65 -76.68 -42.90
N LEU F 54 -15.50 -76.79 -43.92
CA LEU F 54 -16.07 -75.62 -44.62
C LEU F 54 -17.49 -75.33 -44.08
N GLY F 55 -18.01 -74.13 -44.34
CA GLY F 55 -19.37 -73.74 -43.90
C GLY F 55 -19.37 -72.82 -42.69
N SER F 56 -20.56 -72.55 -42.14
CA SER F 56 -20.80 -71.48 -41.14
C SER F 56 -20.07 -71.57 -39.79
N ALA F 57 -19.74 -72.83 -39.42
CA ALA F 57 -18.93 -73.18 -38.23
C ALA F 57 -17.55 -73.73 -38.63
N GLY F 58 -17.09 -73.37 -39.83
CA GLY F 58 -15.86 -73.95 -40.38
C GLY F 58 -14.58 -73.56 -39.67
N GLY F 59 -13.51 -74.29 -39.99
CA GLY F 59 -12.21 -74.08 -39.34
C GLY F 59 -11.28 -75.26 -39.50
N ASP F 60 -10.17 -75.22 -38.77
CA ASP F 60 -9.14 -76.25 -38.83
C ASP F 60 -9.15 -77.08 -37.56
N PHE F 61 -8.86 -78.38 -37.71
CA PHE F 61 -9.02 -79.35 -36.64
C PHE F 61 -7.84 -80.31 -36.57
N THR F 62 -7.59 -80.85 -35.37
CA THR F 62 -6.64 -81.94 -35.21
C THR F 62 -7.29 -83.10 -34.45
N PHE F 63 -6.96 -84.31 -34.91
CA PHE F 63 -7.41 -85.54 -34.31
C PHE F 63 -6.56 -85.89 -33.10
N THR F 64 -7.23 -86.36 -32.05
CA THR F 64 -6.57 -86.90 -30.85
C THR F 64 -7.38 -88.06 -30.28
N THR F 65 -6.69 -88.97 -29.59
CA THR F 65 -7.31 -90.01 -28.78
C THR F 65 -7.45 -89.62 -27.31
N THR F 66 -6.78 -88.53 -26.90
CA THR F 66 -6.86 -88.04 -25.53
C THR F 66 -8.30 -87.69 -25.14
N ALA F 67 -8.69 -88.09 -23.93
CA ALA F 67 -10.02 -87.81 -23.39
C ALA F 67 -10.32 -86.33 -23.48
N SER F 68 -11.45 -85.99 -24.10
CA SER F 68 -11.85 -84.61 -24.34
C SER F 68 -13.34 -84.46 -24.08
N VAL F 69 -13.76 -83.24 -23.71
CA VAL F 69 -15.15 -82.96 -23.37
C VAL F 69 -15.88 -82.43 -24.60
N VAL F 70 -16.76 -83.26 -25.16
CA VAL F 70 -17.48 -82.90 -26.37
C VAL F 70 -18.42 -81.71 -26.13
N ASP F 71 -18.33 -80.72 -27.01
CA ASP F 71 -19.26 -79.57 -27.00
C ASP F 71 -19.81 -79.20 -28.38
N ASN F 72 -19.46 -79.97 -29.42
CA ASN F 72 -19.90 -79.71 -30.78
C ASN F 72 -19.66 -78.27 -31.24
N GLY F 73 -18.51 -77.75 -30.82
CA GLY F 73 -18.05 -76.44 -31.23
C GLY F 73 -16.54 -76.35 -31.29
N THR F 74 -15.90 -76.70 -30.19
CA THR F 74 -14.44 -76.80 -30.10
C THR F 74 -13.96 -78.26 -30.02
N VAL F 75 -14.83 -79.18 -29.59
CA VAL F 75 -14.52 -80.62 -29.48
C VAL F 75 -15.68 -81.42 -30.08
N PHE F 76 -15.35 -82.27 -31.05
CA PHE F 76 -16.32 -83.16 -31.69
C PHE F 76 -15.90 -84.61 -31.52
N ALA F 77 -16.86 -85.49 -31.22
CA ALA F 77 -16.58 -86.93 -31.20
C ALA F 77 -16.55 -87.47 -32.63
N VAL F 78 -15.54 -88.30 -32.91
CA VAL F 78 -15.42 -89.00 -34.19
C VAL F 78 -15.00 -90.45 -33.93
N PRO F 79 -15.15 -91.33 -34.94
CA PRO F 79 -14.66 -92.70 -34.71
C PRO F 79 -13.19 -92.76 -34.28
N GLY F 80 -12.95 -93.32 -33.11
CA GLY F 80 -11.61 -93.52 -32.59
C GLY F 80 -11.02 -92.39 -31.77
N GLY F 81 -11.76 -91.30 -31.60
CA GLY F 81 -11.25 -90.15 -30.87
C GLY F 81 -12.09 -88.90 -30.98
N TYR F 82 -11.38 -87.77 -31.10
CA TYR F 82 -11.98 -86.44 -31.09
C TYR F 82 -11.31 -85.55 -32.12
N LEU F 83 -12.07 -84.58 -32.62
CA LEU F 83 -11.51 -83.49 -33.40
C LEU F 83 -11.52 -82.25 -32.50
N LEU F 84 -10.35 -81.65 -32.35
CA LEU F 84 -10.18 -80.42 -31.58
C LEU F 84 -9.99 -79.26 -32.54
N ARG F 85 -10.83 -78.24 -32.38
CA ARG F 85 -10.66 -77.02 -33.17
C ARG F 85 -9.36 -76.33 -32.75
N LYS F 86 -8.59 -75.92 -33.76
CA LYS F 86 -7.35 -75.17 -33.57
C LYS F 86 -7.69 -73.70 -33.56
N PHE F 87 -7.38 -73.02 -32.46
CA PHE F 87 -7.55 -71.58 -32.38
C PHE F 87 -6.74 -70.96 -31.24
N VAL F 88 -6.54 -69.67 -31.37
CA VAL F 88 -5.95 -68.85 -30.33
C VAL F 88 -6.91 -67.68 -30.11
N GLY F 89 -6.90 -67.09 -28.92
CA GLY F 89 -7.90 -66.06 -28.58
C GLY F 89 -9.26 -66.66 -28.30
N PRO F 90 -10.33 -65.87 -28.46
CA PRO F 90 -11.63 -66.35 -28.04
C PRO F 90 -12.27 -67.40 -28.93
N ALA F 91 -13.16 -68.20 -28.34
CA ALA F 91 -14.10 -69.00 -29.11
C ALA F 91 -15.28 -68.14 -29.54
N TYR F 92 -16.03 -68.61 -30.53
CA TYR F 92 -17.20 -67.91 -31.08
C TYR F 92 -18.42 -68.80 -31.04
N SER F 93 -19.56 -68.24 -30.68
CA SER F 93 -20.80 -69.01 -30.63
C SER F 93 -21.20 -69.60 -31.98
N SER F 94 -20.81 -68.94 -33.06
CA SER F 94 -21.04 -69.45 -34.41
C SER F 94 -20.35 -70.78 -34.71
N TRP F 95 -19.40 -71.18 -33.87
CA TRP F 95 -18.75 -72.47 -34.02
C TRP F 95 -19.59 -73.66 -33.54
N PHE F 96 -20.63 -73.39 -32.74
CA PHE F 96 -21.33 -74.43 -31.99
C PHE F 96 -22.61 -74.87 -32.67
N SER F 97 -22.89 -76.17 -32.59
CA SER F 97 -24.09 -76.73 -33.18
C SER F 97 -25.37 -76.33 -32.46
N ASN F 98 -25.26 -76.12 -31.14
CA ASN F 98 -26.44 -75.95 -30.30
C ASN F 98 -26.07 -75.21 -29.02
N TRP F 99 -27.10 -74.60 -28.45
CA TRP F 99 -27.04 -74.03 -27.11
C TRP F 99 -26.41 -75.00 -26.11
N THR F 100 -26.79 -76.27 -26.16
CA THR F 100 -26.29 -77.25 -25.20
C THR F 100 -24.75 -77.30 -25.18
N GLY F 101 -24.15 -77.18 -26.36
CA GLY F 101 -22.69 -77.16 -26.45
C GLY F 101 -22.06 -75.91 -25.88
N ILE F 102 -22.72 -74.77 -26.07
CA ILE F 102 -22.30 -73.50 -25.44
C ILE F 102 -22.26 -73.67 -23.91
N VAL F 103 -23.31 -74.27 -23.36
CA VAL F 103 -23.38 -74.51 -21.91
C VAL F 103 -22.23 -75.43 -21.47
N THR F 104 -22.02 -76.50 -22.22
CA THR F 104 -20.90 -77.39 -21.90
C THR F 104 -19.56 -76.66 -21.92
N PHE F 105 -19.33 -75.86 -22.96
CA PHE F 105 -18.08 -75.09 -23.08
C PHE F 105 -17.86 -74.20 -21.85
N MET F 106 -18.90 -73.45 -21.47
CA MET F 106 -18.76 -72.50 -20.35
C MET F 106 -18.82 -73.16 -18.97
N SER F 107 -19.15 -74.44 -18.90
CA SER F 107 -19.16 -75.17 -17.62
C SER F 107 -17.77 -75.39 -17.00
N ALA F 108 -16.71 -75.10 -17.77
CA ALA F 108 -15.34 -75.11 -17.28
C ALA F 108 -14.86 -73.69 -17.02
N PRO F 109 -13.88 -73.52 -16.12
CA PRO F 109 -13.21 -72.23 -15.98
C PRO F 109 -12.28 -71.92 -17.16
N ASN F 110 -11.74 -70.71 -17.17
CA ASN F 110 -10.71 -70.29 -18.12
C ASN F 110 -11.22 -70.23 -19.57
N ARG F 111 -12.46 -69.76 -19.73
CA ARG F 111 -13.09 -69.66 -21.05
C ARG F 111 -13.32 -68.24 -21.48
N HIS F 112 -13.09 -67.99 -22.76
CA HIS F 112 -13.41 -66.73 -23.41
C HIS F 112 -14.28 -67.06 -24.62
N LEU F 113 -15.55 -66.66 -24.55
CA LEU F 113 -16.51 -66.91 -25.63
C LEU F 113 -17.08 -65.58 -26.09
N VAL F 114 -17.06 -65.38 -27.40
CA VAL F 114 -17.74 -64.26 -28.04
C VAL F 114 -19.06 -64.76 -28.62
N VAL F 115 -20.15 -64.15 -28.22
CA VAL F 115 -21.47 -64.45 -28.73
C VAL F 115 -21.66 -63.58 -29.97
N ASP F 116 -21.52 -64.20 -31.13
CA ASP F 116 -21.64 -63.54 -32.43
C ASP F 116 -22.89 -63.96 -33.19
N THR F 117 -23.79 -64.67 -32.52
CA THR F 117 -25.03 -65.14 -33.09
C THR F 117 -26.17 -64.91 -32.12
N VAL F 118 -27.40 -65.10 -32.60
CA VAL F 118 -28.60 -65.06 -31.76
C VAL F 118 -28.80 -66.48 -31.22
N LEU F 119 -28.55 -66.66 -29.93
CA LEU F 119 -28.67 -67.96 -29.26
C LEU F 119 -30.05 -68.12 -28.65
N GLN F 120 -30.59 -69.33 -28.74
CA GLN F 120 -31.87 -69.67 -28.14
C GLN F 120 -31.61 -70.57 -26.95
N ALA F 121 -31.78 -70.03 -25.74
CA ALA F 121 -31.55 -70.77 -24.53
C ALA F 121 -32.65 -71.81 -24.29
N THR F 122 -32.23 -72.97 -23.81
CA THR F 122 -33.12 -74.02 -23.29
C THR F 122 -32.71 -74.53 -21.91
N SER F 123 -31.79 -73.79 -21.27
CA SER F 123 -31.24 -74.15 -19.98
C SER F 123 -30.46 -72.93 -19.47
N VAL F 124 -30.08 -72.95 -18.21
CA VAL F 124 -29.25 -71.89 -17.63
C VAL F 124 -27.82 -72.01 -18.15
N LEU F 125 -27.21 -70.87 -18.48
CA LEU F 125 -25.79 -70.80 -18.81
C LEU F 125 -24.99 -70.49 -17.55
N ASN F 126 -24.20 -71.45 -17.10
CA ASN F 126 -23.35 -71.27 -15.92
C ASN F 126 -21.98 -70.78 -16.37
N ILE F 127 -21.44 -69.79 -15.68
CA ILE F 127 -20.12 -69.23 -15.97
C ILE F 127 -19.22 -69.50 -14.78
N LYS F 128 -17.99 -69.91 -15.05
CA LYS F 128 -17.01 -70.28 -14.04
C LYS F 128 -15.84 -69.30 -14.00
N SER F 129 -14.88 -69.56 -13.13
CA SER F 129 -13.82 -68.59 -12.85
C SER F 129 -12.98 -68.28 -14.09
N ASN F 130 -12.39 -67.10 -14.08
CA ASN F 130 -11.40 -66.67 -15.09
C ASN F 130 -11.97 -66.80 -16.49
N SER F 131 -13.20 -66.33 -16.63
CA SER F 131 -13.95 -66.45 -17.87
C SER F 131 -14.56 -65.13 -18.31
N THR F 132 -14.68 -64.97 -19.61
CA THR F 132 -15.25 -63.79 -20.24
C THR F 132 -16.32 -64.24 -21.23
N LEU F 133 -17.49 -63.64 -21.13
CA LEU F 133 -18.56 -63.81 -22.11
C LEU F 133 -18.80 -62.45 -22.75
N GLU F 134 -18.47 -62.33 -24.02
CA GLU F 134 -18.49 -61.07 -24.73
C GLU F 134 -19.49 -61.16 -25.87
N PHE F 135 -20.26 -60.12 -26.08
CA PHE F 135 -21.27 -60.11 -27.15
C PHE F 135 -20.85 -59.11 -28.21
N THR F 136 -21.00 -59.52 -29.47
CA THR F 136 -20.87 -58.59 -30.57
C THR F 136 -22.13 -57.75 -30.66
N ASP F 137 -22.08 -56.79 -31.58
CA ASP F 137 -23.15 -55.85 -31.77
C ASP F 137 -24.51 -56.48 -31.95
N THR F 138 -24.53 -57.64 -32.62
CA THR F 138 -25.74 -58.36 -32.91
C THR F 138 -25.97 -59.67 -32.10
N GLY F 139 -24.97 -60.13 -31.34
CA GLY F 139 -25.14 -61.33 -30.51
C GLY F 139 -26.20 -61.16 -29.44
N ARG F 140 -26.94 -62.22 -29.12
CA ARG F 140 -28.06 -62.14 -28.17
C ARG F 140 -28.21 -63.50 -27.51
N ILE F 141 -28.72 -63.53 -26.29
CA ILE F 141 -29.32 -64.75 -25.74
C ILE F 141 -30.80 -64.52 -25.57
N LEU F 142 -31.61 -65.29 -26.29
CA LEU F 142 -33.06 -65.26 -26.13
C LEU F 142 -33.45 -66.33 -25.12
N PRO F 143 -34.21 -65.95 -24.06
CA PRO F 143 -34.62 -66.92 -23.07
C PRO F 143 -35.54 -68.01 -23.64
N ASP F 144 -35.58 -69.09 -22.89
CA ASP F 144 -36.40 -70.27 -23.14
C ASP F 144 -37.86 -69.84 -23.10
N ALA F 145 -38.58 -70.00 -24.22
CA ALA F 145 -40.01 -69.72 -24.29
C ALA F 145 -40.88 -70.83 -23.65
N ALA F 146 -40.31 -72.01 -23.43
CA ALA F 146 -41.07 -73.15 -22.85
C ALA F 146 -41.04 -73.21 -21.33
N VAL F 147 -40.01 -72.60 -20.72
CA VAL F 147 -39.84 -72.59 -19.28
C VAL F 147 -39.23 -71.26 -18.91
N ALA F 148 -39.92 -70.49 -18.07
CA ALA F 148 -39.35 -69.26 -17.53
C ALA F 148 -38.36 -69.66 -16.42
N ARG F 149 -37.10 -69.31 -16.64
CA ARG F 149 -36.01 -69.70 -15.77
C ARG F 149 -34.94 -68.61 -15.78
N GLN F 150 -33.85 -68.84 -15.06
CA GLN F 150 -32.74 -67.88 -15.03
C GLN F 150 -31.93 -67.99 -16.33
N VAL F 151 -31.25 -66.91 -16.70
CA VAL F 151 -30.49 -66.91 -17.96
C VAL F 151 -29.02 -67.24 -17.71
N LEU F 152 -28.31 -66.39 -16.99
CA LEU F 152 -26.92 -66.61 -16.60
C LEU F 152 -26.81 -66.80 -15.10
N ASN F 153 -26.00 -67.79 -14.69
CA ASN F 153 -25.69 -68.04 -13.28
C ASN F 153 -24.18 -68.08 -13.08
N ILE F 154 -23.73 -67.36 -12.06
CA ILE F 154 -22.35 -67.32 -11.65
C ILE F 154 -22.38 -67.68 -10.17
N THR F 155 -22.11 -68.94 -9.82
CA THR F 155 -22.46 -69.49 -8.51
C THR F 155 -21.29 -70.19 -7.86
N GLY F 156 -20.74 -69.54 -6.83
CA GLY F 156 -19.88 -70.18 -5.87
C GLY F 156 -20.69 -70.80 -4.76
N SER F 157 -20.02 -71.38 -3.78
CA SER F 157 -20.71 -72.08 -2.70
C SER F 157 -20.22 -71.69 -1.33
N ALA F 158 -21.14 -71.68 -0.37
CA ALA F 158 -20.82 -71.43 1.02
C ALA F 158 -19.95 -72.54 1.57
N PRO F 159 -19.21 -72.26 2.66
CA PRO F 159 -18.42 -73.31 3.28
C PRO F 159 -19.27 -74.50 3.71
N SER F 160 -18.70 -75.69 3.60
CA SER F 160 -19.32 -76.89 4.12
C SER F 160 -18.98 -77.12 5.59
N VAL F 161 -17.92 -76.49 6.09
CA VAL F 161 -17.59 -76.58 7.50
C VAL F 161 -16.98 -75.28 7.97
N PHE F 162 -17.27 -74.94 9.21
CA PHE F 162 -16.72 -73.78 9.89
C PHE F 162 -15.92 -74.25 11.09
N VAL F 163 -14.91 -73.44 11.41
CA VAL F 163 -14.13 -73.63 12.62
C VAL F 163 -14.22 -72.34 13.43
N PRO F 164 -14.21 -72.45 14.77
CA PRO F 164 -14.30 -71.24 15.58
C PRO F 164 -13.02 -70.40 15.47
N LEU F 165 -13.14 -69.08 15.58
CA LEU F 165 -11.95 -68.25 15.80
C LEU F 165 -11.36 -68.62 17.17
N ALA F 166 -10.03 -68.60 17.24
CA ALA F 166 -9.30 -68.92 18.47
C ALA F 166 -9.32 -67.77 19.47
N ALA F 167 -9.58 -66.55 18.99
CA ALA F 167 -9.61 -65.37 19.84
C ALA F 167 -10.47 -64.32 19.20
N ASP F 168 -10.99 -63.39 20.02
CA ASP F 168 -11.77 -62.27 19.53
C ASP F 168 -10.98 -61.51 18.47
N ALA F 169 -11.67 -61.06 17.43
CA ALA F 169 -11.08 -60.19 16.41
C ALA F 169 -11.94 -58.95 16.30
N ALA F 170 -11.43 -57.84 16.83
CA ALA F 170 -12.18 -56.58 16.83
C ALA F 170 -12.27 -56.00 15.42
N ALA F 171 -13.23 -55.11 15.23
CA ALA F 171 -13.31 -54.33 14.00
C ALA F 171 -11.96 -53.65 13.78
N GLY F 172 -11.51 -53.69 12.53
CA GLY F 172 -10.18 -53.23 12.16
C GLY F 172 -9.09 -54.29 12.14
N SER F 173 -9.41 -55.51 12.61
CA SER F 173 -8.41 -56.59 12.63
C SER F 173 -7.91 -56.89 11.22
N LYS F 174 -6.59 -57.01 11.11
CA LYS F 174 -5.89 -57.43 9.89
C LYS F 174 -5.68 -58.93 9.81
N VAL F 175 -5.73 -59.59 10.96
CA VAL F 175 -5.36 -60.99 11.10
C VAL F 175 -6.46 -61.63 11.93
N ILE F 176 -6.83 -62.85 11.56
CA ILE F 176 -7.68 -63.69 12.41
C ILE F 176 -6.91 -64.92 12.82
N THR F 177 -7.31 -65.55 13.92
CA THR F 177 -6.62 -66.74 14.38
C THR F 177 -7.58 -67.90 14.50
N VAL F 178 -7.04 -69.09 14.24
CA VAL F 178 -7.73 -70.37 14.45
C VAL F 178 -6.74 -71.35 15.05
N ALA F 179 -7.23 -72.46 15.60
CA ALA F 179 -6.35 -73.49 16.13
C ALA F 179 -5.50 -74.05 14.98
N ALA F 180 -4.22 -74.30 15.25
CA ALA F 180 -3.33 -74.88 14.24
C ALA F 180 -3.93 -76.20 13.75
N GLY F 181 -4.00 -76.36 12.44
CA GLY F 181 -4.57 -77.54 11.83
C GLY F 181 -6.08 -77.55 11.67
N ALA F 182 -6.78 -76.52 12.15
CA ALA F 182 -8.24 -76.50 12.09
C ALA F 182 -8.75 -76.35 10.65
N LEU F 183 -8.05 -75.56 9.86
CA LEU F 183 -8.27 -75.53 8.41
C LEU F 183 -7.00 -75.12 7.69
N SER F 184 -7.01 -75.35 6.39
CA SER F 184 -5.87 -75.03 5.54
C SER F 184 -6.24 -73.76 4.79
N ALA F 185 -5.55 -72.67 5.10
CA ALA F 185 -5.77 -71.36 4.50
C ALA F 185 -4.74 -71.10 3.41
N VAL F 186 -5.17 -71.16 2.17
CA VAL F 186 -4.27 -71.03 1.03
C VAL F 186 -4.23 -69.59 0.56
N LYS F 187 -3.03 -69.05 0.42
CA LYS F 187 -2.88 -67.66 -0.01
C LYS F 187 -3.51 -67.47 -1.40
N GLY F 188 -4.28 -66.40 -1.55
CA GLY F 188 -5.01 -66.10 -2.78
C GLY F 188 -6.43 -66.63 -2.84
N THR F 189 -6.80 -67.48 -1.87
CA THR F 189 -8.16 -68.02 -1.77
C THR F 189 -8.93 -67.24 -0.71
N TYR F 190 -10.17 -67.66 -0.48
CA TYR F 190 -11.09 -66.85 0.32
C TYR F 190 -11.56 -67.52 1.61
N LEU F 191 -12.01 -66.70 2.54
CA LEU F 191 -12.63 -67.13 3.76
C LEU F 191 -13.94 -66.37 3.94
N TYR F 192 -14.86 -67.02 4.65
CA TYR F 192 -16.19 -66.51 4.93
C TYR F 192 -16.35 -66.56 6.44
N LEU F 193 -16.44 -65.38 7.05
CA LEU F 193 -16.51 -65.23 8.50
C LEU F 193 -17.96 -64.93 8.85
N ARG F 194 -18.41 -65.45 10.00
CA ARG F 194 -19.73 -65.09 10.50
C ARG F 194 -19.80 -65.18 12.00
N SER F 195 -20.84 -64.56 12.57
CA SER F 195 -21.13 -64.74 14.00
C SER F 195 -22.60 -64.48 14.24
N ASN F 196 -23.00 -64.64 15.50
CA ASN F 196 -24.38 -64.38 15.90
C ASN F 196 -24.68 -62.90 16.14
N LYS F 197 -23.67 -62.04 16.08
CA LYS F 197 -23.91 -60.61 16.13
C LYS F 197 -24.86 -60.20 15.00
N LEU F 198 -25.81 -59.31 15.29
CA LEU F 198 -26.73 -58.83 14.27
C LEU F 198 -26.11 -57.77 13.39
N CYS F 199 -26.47 -57.81 12.10
CA CYS F 199 -26.14 -56.72 11.17
C CYS F 199 -26.59 -55.41 11.78
N ASP F 200 -25.76 -54.38 11.60
CA ASP F 200 -25.92 -53.11 12.32
C ASP F 200 -26.02 -51.87 11.44
N GLY F 201 -26.21 -52.05 10.13
CA GLY F 201 -26.31 -50.90 9.23
C GLY F 201 -27.62 -50.14 9.35
N GLY F 202 -28.66 -50.88 9.72
CA GLY F 202 -30.00 -50.35 9.82
C GLY F 202 -30.83 -51.09 10.83
N PRO F 203 -32.15 -50.78 10.88
CA PRO F 203 -33.07 -51.39 11.84
C PRO F 203 -33.03 -52.93 11.88
N ASN F 204 -32.77 -53.57 10.74
CA ASN F 204 -32.59 -55.02 10.69
C ASN F 204 -33.73 -55.80 11.39
N THR F 205 -34.95 -55.59 10.90
CA THR F 205 -36.13 -56.19 11.52
C THR F 205 -36.18 -57.71 11.40
N TYR F 206 -35.48 -58.28 10.42
CA TYR F 206 -35.38 -59.74 10.30
C TYR F 206 -34.29 -60.37 11.19
N GLY F 207 -33.41 -59.55 11.77
CA GLY F 207 -32.34 -60.08 12.60
C GLY F 207 -31.31 -60.88 11.81
N VAL F 208 -30.97 -60.37 10.64
CA VAL F 208 -29.91 -60.93 9.83
C VAL F 208 -28.59 -60.80 10.61
N LYS F 209 -27.79 -61.86 10.60
CA LYS F 209 -26.53 -61.94 11.35
C LYS F 209 -25.34 -61.56 10.46
N ILE F 210 -24.23 -61.20 11.08
CA ILE F 210 -23.09 -60.69 10.32
C ILE F 210 -22.29 -61.77 9.58
N SER F 211 -21.83 -61.38 8.40
CA SER F 211 -20.83 -62.15 7.66
C SER F 211 -19.99 -61.24 6.79
N GLN F 212 -18.82 -61.75 6.43
CA GLN F 212 -17.95 -61.08 5.45
C GLN F 212 -17.12 -62.13 4.72
N ILE F 213 -16.74 -61.76 3.49
CA ILE F 213 -15.84 -62.54 2.66
C ILE F 213 -14.52 -61.79 2.58
N ARG F 214 -13.43 -62.53 2.76
CA ARG F 214 -12.09 -61.96 2.74
C ARG F 214 -11.16 -62.88 1.96
N LYS F 215 -10.05 -62.30 1.47
CA LYS F 215 -9.01 -63.04 0.77
C LYS F 215 -7.80 -63.25 1.67
N VAL F 216 -7.26 -64.46 1.64
CA VAL F 216 -6.08 -64.79 2.45
C VAL F 216 -4.84 -64.26 1.74
N VAL F 217 -4.06 -63.43 2.43
CA VAL F 217 -2.82 -62.91 1.85
C VAL F 217 -1.54 -63.31 2.60
N GLY F 218 -1.67 -63.86 3.80
CA GLY F 218 -0.50 -64.33 4.55
C GLY F 218 -0.94 -65.32 5.60
N VAL F 219 -0.07 -66.26 5.93
CA VAL F 219 -0.37 -67.28 6.94
C VAL F 219 0.89 -67.62 7.69
N SER F 220 0.75 -67.76 9.00
CA SER F 220 1.86 -68.22 9.83
C SER F 220 1.30 -68.98 11.02
N THR F 221 2.08 -69.91 11.54
CA THR F 221 1.64 -70.73 12.67
C THR F 221 2.71 -70.72 13.76
N SER F 222 2.25 -70.56 15.00
CA SER F 222 3.11 -70.58 16.18
C SER F 222 2.29 -70.78 17.44
N GLY F 223 2.86 -71.48 18.42
CA GLY F 223 2.19 -71.74 19.69
C GLY F 223 0.81 -72.37 19.58
N GLY F 224 0.64 -73.25 18.59
CA GLY F 224 -0.62 -73.93 18.36
C GLY F 224 -1.73 -73.09 17.74
N VAL F 225 -1.38 -71.90 17.25
CA VAL F 225 -2.34 -70.96 16.64
C VAL F 225 -1.88 -70.58 15.22
N THR F 226 -2.80 -70.67 14.26
CA THR F 226 -2.56 -70.20 12.90
C THR F 226 -3.16 -68.80 12.77
N SER F 227 -2.31 -67.86 12.38
CA SER F 227 -2.67 -66.47 12.15
C SER F 227 -2.80 -66.23 10.65
N ILE F 228 -3.99 -65.79 10.23
CA ILE F 228 -4.32 -65.63 8.82
C ILE F 228 -4.48 -64.13 8.56
N ARG F 229 -3.60 -63.60 7.73
CA ARG F 229 -3.64 -62.20 7.32
C ARG F 229 -4.58 -62.04 6.13
N LEU F 230 -5.45 -61.04 6.23
CA LEU F 230 -6.52 -60.81 5.26
C LEU F 230 -6.19 -59.63 4.35
N ASP F 231 -6.83 -59.59 3.18
CA ASP F 231 -6.67 -58.49 2.26
C ASP F 231 -7.22 -57.18 2.85
N LYS F 232 -8.39 -57.29 3.45
CA LYS F 232 -9.12 -56.15 3.98
C LYS F 232 -9.42 -56.45 5.44
N THR F 233 -9.55 -55.41 6.23
CA THR F 233 -9.80 -55.56 7.64
C THR F 233 -11.26 -55.88 7.94
N LEU F 234 -11.52 -56.31 9.17
CA LEU F 234 -12.86 -56.67 9.59
C LEU F 234 -13.69 -55.42 9.94
N HIS F 235 -14.98 -55.46 9.61
CA HIS F 235 -15.87 -54.30 9.82
C HIS F 235 -16.89 -54.46 10.92
N TYR F 236 -16.75 -55.55 11.68
CA TYR F 236 -17.45 -55.75 12.93
C TYR F 236 -16.49 -56.36 13.93
N ASN F 237 -16.89 -56.37 15.19
CA ASN F 237 -16.25 -57.19 16.19
C ASN F 237 -16.74 -58.63 16.02
N TYR F 238 -15.80 -59.56 15.84
CA TYR F 238 -16.09 -60.99 15.73
C TYR F 238 -15.62 -61.64 17.04
N TYR F 239 -16.59 -61.90 17.91
CA TYR F 239 -16.31 -62.33 19.27
C TYR F 239 -16.63 -63.82 19.49
N LEU F 240 -15.83 -64.47 20.32
CA LEU F 240 -16.10 -65.86 20.71
C LEU F 240 -17.46 -65.99 21.38
N SER F 241 -17.86 -64.96 22.14
CA SER F 241 -19.18 -64.98 22.81
C SER F 241 -20.35 -64.92 21.82
N ASP F 242 -20.09 -64.51 20.58
CA ASP F 242 -21.07 -64.57 19.50
C ASP F 242 -20.84 -65.78 18.59
N ALA F 243 -20.05 -66.76 19.05
CA ALA F 243 -19.72 -67.94 18.27
C ALA F 243 -19.10 -67.60 16.90
N ALA F 244 -18.20 -66.61 16.90
CA ALA F 244 -17.52 -66.21 15.67
C ALA F 244 -16.77 -67.40 15.08
N GLU F 245 -16.92 -67.58 13.77
CA GLU F 245 -16.37 -68.73 13.09
C GLU F 245 -16.03 -68.39 11.65
N VAL F 246 -15.26 -69.28 11.02
CA VAL F 246 -14.76 -69.04 9.67
C VAL F 246 -14.71 -70.34 8.88
N GLY F 247 -15.00 -70.25 7.59
CA GLY F 247 -14.92 -71.40 6.71
C GLY F 247 -14.46 -70.98 5.33
N ILE F 248 -14.14 -71.97 4.49
CA ILE F 248 -13.66 -71.75 3.14
C ILE F 248 -14.83 -71.83 2.13
N PRO F 249 -15.26 -70.69 1.56
CA PRO F 249 -16.22 -70.76 0.46
C PRO F 249 -15.49 -71.11 -0.82
N THR F 250 -16.21 -71.64 -1.79
CA THR F 250 -15.66 -71.82 -3.13
C THR F 250 -16.22 -70.71 -3.98
N MET F 251 -15.41 -69.70 -4.22
CA MET F 251 -15.85 -68.54 -4.99
C MET F 251 -15.71 -68.79 -6.47
N VAL F 252 -16.54 -68.13 -7.25
CA VAL F 252 -16.28 -67.96 -8.68
C VAL F 252 -15.65 -66.60 -8.82
N GLU F 253 -14.44 -66.56 -9.34
CA GLU F 253 -13.69 -65.31 -9.39
C GLU F 253 -13.29 -64.93 -10.80
N ASN F 254 -13.23 -63.61 -11.03
CA ASN F 254 -12.70 -63.05 -12.28
C ASN F 254 -13.55 -63.42 -13.47
N VAL F 255 -14.80 -62.92 -13.45
CA VAL F 255 -15.73 -63.13 -14.54
C VAL F 255 -16.06 -61.77 -15.15
N THR F 256 -15.96 -61.67 -16.47
CA THR F 256 -16.27 -60.44 -17.16
C THR F 256 -17.39 -60.70 -18.18
N LEU F 257 -18.48 -59.95 -18.07
CA LEU F 257 -19.57 -60.02 -19.03
C LEU F 257 -19.56 -58.73 -19.82
N VAL F 258 -19.21 -58.83 -21.10
CA VAL F 258 -19.07 -57.66 -21.96
C VAL F 258 -20.27 -57.52 -22.86
N SER F 259 -21.06 -56.47 -22.61
CA SER F 259 -22.27 -56.14 -23.38
C SER F 259 -23.30 -57.28 -23.44
N PRO F 260 -23.66 -57.86 -22.29
CA PRO F 260 -24.68 -58.91 -22.33
C PRO F 260 -26.01 -58.40 -22.88
N TYR F 261 -26.57 -59.08 -23.89
CA TYR F 261 -27.84 -58.75 -24.49
C TYR F 261 -28.77 -59.93 -24.21
N ILE F 262 -29.66 -59.77 -23.23
CA ILE F 262 -30.59 -60.80 -22.78
C ILE F 262 -31.99 -60.40 -23.20
N ASN F 263 -32.62 -61.26 -24.01
CA ASN F 263 -33.92 -61.01 -24.60
C ASN F 263 -33.82 -59.88 -25.65
N GLU F 264 -34.99 -59.47 -26.14
N GLU F 264 -34.96 -59.52 -26.23
CA GLU F 264 -35.12 -58.63 -27.32
CA GLU F 264 -34.99 -58.46 -27.21
C GLU F 264 -36.45 -57.91 -27.23
C GLU F 264 -36.40 -57.91 -27.26
N PHE F 265 -36.53 -56.66 -27.72
CA PHE F 265 -37.82 -56.03 -27.94
C PHE F 265 -38.70 -56.93 -28.81
N GLY F 266 -39.99 -56.99 -28.45
CA GLY F 266 -40.95 -57.87 -29.10
C GLY F 266 -41.15 -59.16 -28.34
N TYR F 267 -40.35 -59.39 -27.29
CA TYR F 267 -40.41 -60.60 -26.46
C TYR F 267 -41.84 -60.87 -25.98
N ASP F 268 -42.57 -59.82 -25.65
CA ASP F 268 -43.90 -59.98 -25.06
C ASP F 268 -44.94 -60.53 -26.05
N ASP F 269 -44.77 -60.21 -27.33
CA ASP F 269 -45.60 -60.81 -28.37
C ASP F 269 -45.37 -62.30 -28.57
N LEU F 270 -44.18 -62.75 -28.16
CA LEU F 270 -43.79 -64.15 -28.20
C LEU F 270 -43.93 -64.85 -26.85
N ASN F 271 -44.45 -64.13 -25.84
CA ASN F 271 -44.64 -64.67 -24.49
C ASN F 271 -43.35 -65.25 -23.94
N ARG F 272 -42.25 -64.54 -24.19
CA ARG F 272 -40.92 -65.03 -23.89
C ARG F 272 -40.29 -64.22 -22.75
N PHE F 273 -40.25 -64.82 -21.57
CA PHE F 273 -39.79 -64.17 -20.36
C PHE F 273 -38.65 -64.97 -19.75
N PHE F 274 -38.22 -64.55 -18.56
CA PHE F 274 -37.23 -65.24 -17.77
C PHE F 274 -37.48 -64.82 -16.34
N THR F 275 -36.71 -65.34 -15.41
CA THR F 275 -36.92 -65.02 -14.00
C THR F 275 -35.86 -64.01 -13.58
N ILE F 276 -34.67 -64.46 -13.25
CA ILE F 276 -33.51 -63.59 -12.99
C ILE F 276 -32.60 -63.63 -14.20
N GLY F 277 -32.16 -62.46 -14.67
CA GLY F 277 -31.28 -62.40 -15.85
C GLY F 277 -29.89 -62.92 -15.60
N ILE F 278 -29.21 -62.32 -14.60
CA ILE F 278 -27.85 -62.68 -14.25
C ILE F 278 -27.84 -62.81 -12.73
N SER F 279 -27.70 -64.04 -12.25
CA SER F 279 -27.71 -64.31 -10.82
C SER F 279 -26.34 -64.75 -10.38
N ALA F 280 -25.73 -63.99 -9.48
CA ALA F 280 -24.41 -64.28 -8.95
C ALA F 280 -24.50 -64.48 -7.46
N ASN F 281 -23.77 -65.49 -6.98
CA ASN F 281 -23.67 -65.78 -5.54
C ASN F 281 -22.24 -66.27 -5.28
N PHE F 282 -21.59 -65.73 -4.25
CA PHE F 282 -20.23 -66.11 -3.92
C PHE F 282 -19.32 -65.91 -5.11
N ALA F 283 -19.36 -64.69 -5.65
CA ALA F 283 -18.52 -64.28 -6.78
C ALA F 283 -17.61 -63.15 -6.33
N ALA F 284 -16.39 -63.15 -6.85
CA ALA F 284 -15.42 -62.10 -6.64
C ALA F 284 -14.98 -61.55 -7.98
N ASP F 285 -14.84 -60.23 -8.07
CA ASP F 285 -14.40 -59.61 -9.32
C ASP F 285 -15.25 -60.03 -10.52
N LEU F 286 -16.56 -59.94 -10.33
CA LEU F 286 -17.53 -60.06 -11.39
C LEU F 286 -17.77 -58.64 -11.91
N HIS F 287 -17.49 -58.43 -13.19
CA HIS F 287 -17.60 -57.12 -13.82
C HIS F 287 -18.48 -57.22 -15.04
N ILE F 288 -19.59 -56.49 -15.01
CA ILE F 288 -20.60 -56.49 -16.06
C ILE F 288 -20.54 -55.11 -16.72
N GLN F 289 -20.32 -55.08 -18.04
CA GLN F 289 -20.13 -53.83 -18.77
C GLN F 289 -21.18 -53.68 -19.85
N ASP F 290 -21.95 -52.60 -19.81
CA ASP F 290 -22.89 -52.25 -20.86
C ASP F 290 -23.92 -53.36 -21.05
N GLY F 291 -24.42 -53.56 -22.28
CA GLY F 291 -25.47 -54.52 -22.51
C GLY F 291 -26.84 -54.01 -22.20
N VAL F 292 -27.83 -54.84 -22.49
CA VAL F 292 -29.23 -54.50 -22.38
C VAL F 292 -29.97 -55.76 -21.91
N ILE F 293 -30.73 -55.63 -20.82
CA ILE F 293 -31.53 -56.73 -20.30
C ILE F 293 -32.97 -56.28 -20.34
N ILE F 294 -33.81 -57.05 -21.03
CA ILE F 294 -35.17 -56.64 -21.32
C ILE F 294 -36.18 -57.76 -21.02
N GLY F 295 -37.27 -57.43 -20.35
CA GLY F 295 -38.49 -58.21 -20.52
C GLY F 295 -38.61 -59.51 -19.75
N ASN F 296 -38.58 -59.42 -18.43
CA ASN F 296 -39.07 -60.54 -17.61
C ASN F 296 -40.45 -60.28 -17.01
N LYS F 297 -41.08 -59.18 -17.43
CA LYS F 297 -42.53 -58.93 -17.31
C LYS F 297 -43.00 -58.27 -18.60
N ARG F 298 -44.30 -58.21 -18.85
CA ARG F 298 -44.80 -57.43 -19.96
C ARG F 298 -44.63 -55.93 -19.70
N PRO F 299 -44.56 -55.13 -20.77
CA PRO F 299 -44.32 -53.71 -20.54
C PRO F 299 -45.43 -53.05 -19.72
N GLY F 300 -45.04 -52.33 -18.66
CA GLY F 300 -46.01 -51.67 -17.79
C GLY F 300 -46.77 -52.58 -16.86
N ALA F 301 -46.46 -53.88 -16.87
CA ALA F 301 -47.27 -54.86 -16.15
C ALA F 301 -46.91 -54.91 -14.66
N SER F 302 -47.67 -55.74 -13.94
CA SER F 302 -47.44 -56.08 -12.52
C SER F 302 -46.00 -56.47 -12.23
N ASP F 303 -45.56 -56.17 -11.02
CA ASP F 303 -44.28 -56.65 -10.55
C ASP F 303 -44.38 -58.15 -10.26
N ILE F 304 -43.22 -58.81 -10.24
CA ILE F 304 -43.10 -60.23 -9.97
C ILE F 304 -41.98 -60.46 -8.96
N GLU F 305 -42.33 -60.93 -7.78
CA GLU F 305 -41.36 -61.06 -6.70
C GLU F 305 -40.15 -61.88 -7.15
N GLY F 306 -38.97 -61.32 -6.90
CA GLY F 306 -37.68 -61.97 -7.14
C GLY F 306 -37.10 -61.85 -8.53
N ARG F 307 -37.87 -61.34 -9.50
CA ARG F 307 -37.41 -61.27 -10.90
C ARG F 307 -36.51 -60.08 -11.19
N SER F 308 -35.36 -60.07 -10.55
CA SER F 308 -34.38 -59.00 -10.76
C SER F 308 -33.60 -59.25 -12.05
N ALA F 309 -33.12 -58.19 -12.69
CA ALA F 309 -32.35 -58.35 -13.92
C ALA F 309 -30.97 -58.88 -13.59
N ILE F 310 -30.33 -58.26 -12.58
CA ILE F 310 -29.01 -58.66 -12.09
C ILE F 310 -29.08 -58.76 -10.59
N LYS F 311 -28.59 -59.86 -10.03
CA LYS F 311 -28.61 -60.11 -8.60
C LYS F 311 -27.22 -60.49 -8.16
N PHE F 312 -26.67 -59.69 -7.24
CA PHE F 312 -25.39 -59.92 -6.59
C PHE F 312 -25.66 -60.33 -5.15
N ASN F 313 -25.45 -61.60 -4.85
CA ASN F 313 -25.57 -62.14 -3.51
C ASN F 313 -24.17 -62.54 -3.05
N ASN F 314 -23.72 -62.03 -1.90
CA ASN F 314 -22.41 -62.41 -1.38
C ASN F 314 -21.30 -62.26 -2.44
N CYS F 315 -21.31 -61.11 -3.11
CA CYS F 315 -20.33 -60.80 -4.13
C CYS F 315 -19.38 -59.72 -3.64
N VAL F 316 -18.10 -59.89 -3.91
CA VAL F 316 -17.11 -58.88 -3.52
C VAL F 316 -16.42 -58.28 -4.74
N ASP F 317 -16.07 -57.00 -4.64
CA ASP F 317 -15.30 -56.32 -5.68
C ASP F 317 -15.95 -56.50 -7.05
N SER F 318 -17.28 -56.34 -7.10
CA SER F 318 -18.05 -56.62 -8.30
C SER F 318 -18.83 -55.39 -8.74
N THR F 319 -19.02 -55.23 -10.04
CA THR F 319 -19.56 -53.99 -10.58
C THR F 319 -20.49 -54.24 -11.77
N VAL F 320 -21.39 -53.28 -11.96
CA VAL F 320 -22.24 -53.17 -13.15
C VAL F 320 -22.00 -51.74 -13.65
N LYS F 321 -21.59 -51.59 -14.90
CA LYS F 321 -21.30 -50.29 -15.46
C LYS F 321 -21.91 -50.17 -16.85
N GLY F 322 -22.89 -49.28 -17.00
CA GLY F 322 -23.41 -48.90 -18.30
C GLY F 322 -24.63 -49.65 -18.80
N THR F 323 -24.97 -50.74 -18.12
CA THR F 323 -26.06 -51.61 -18.54
C THR F 323 -27.41 -50.89 -18.57
N CYS F 324 -28.23 -51.23 -19.56
CA CYS F 324 -29.58 -50.71 -19.67
C CYS F 324 -30.60 -51.80 -19.38
N PHE F 325 -31.70 -51.40 -18.74
CA PHE F 325 -32.73 -52.30 -18.28
C PHE F 325 -34.09 -51.79 -18.73
N TYR F 326 -34.90 -52.69 -19.30
CA TYR F 326 -36.27 -52.37 -19.70
C TYR F 326 -37.21 -53.45 -19.23
N ASN F 327 -38.36 -53.04 -18.68
CA ASN F 327 -39.49 -53.96 -18.46
C ASN F 327 -39.08 -55.15 -17.56
N ILE F 328 -38.70 -54.80 -16.34
CA ILE F 328 -38.18 -55.72 -15.36
C ILE F 328 -39.17 -55.84 -14.20
N GLY F 329 -39.51 -57.08 -13.85
CA GLY F 329 -40.53 -57.34 -12.84
C GLY F 329 -40.13 -57.02 -11.43
N TRP F 330 -38.84 -56.97 -11.15
CA TRP F 330 -38.35 -56.68 -9.80
C TRP F 330 -37.23 -55.64 -9.92
N TYR F 331 -36.04 -55.87 -9.39
CA TYR F 331 -35.02 -54.82 -9.34
C TYR F 331 -34.10 -54.89 -10.53
N GLY F 332 -33.57 -53.74 -10.96
CA GLY F 332 -32.58 -53.72 -12.04
C GLY F 332 -31.31 -54.41 -11.57
N VAL F 333 -30.74 -53.86 -10.49
CA VAL F 333 -29.61 -54.46 -9.81
C VAL F 333 -30.01 -54.65 -8.35
N GLU F 334 -30.01 -55.90 -7.92
CA GLU F 334 -30.31 -56.31 -6.56
C GLU F 334 -28.99 -56.69 -5.89
N VAL F 335 -28.73 -56.16 -4.69
CA VAL F 335 -27.49 -56.40 -3.97
C VAL F 335 -27.83 -56.89 -2.58
N LEU F 336 -27.36 -58.08 -2.21
CA LEU F 336 -27.72 -58.65 -0.90
C LEU F 336 -26.64 -59.56 -0.37
N GLY F 337 -26.87 -60.14 0.80
CA GLY F 337 -25.84 -60.88 1.50
C GLY F 337 -24.69 -59.94 1.86
N CYS F 338 -23.52 -60.49 2.14
CA CYS F 338 -22.38 -59.67 2.50
C CYS F 338 -21.64 -59.14 1.27
N SER F 339 -22.38 -58.68 0.28
CA SER F 339 -21.76 -58.08 -0.89
C SER F 339 -20.99 -56.83 -0.46
N GLU F 340 -19.70 -56.78 -0.81
CA GLU F 340 -18.81 -55.75 -0.30
C GLU F 340 -17.98 -55.14 -1.42
N ASP F 341 -17.88 -53.81 -1.42
CA ASP F 341 -17.21 -53.06 -2.49
C ASP F 341 -17.88 -53.34 -3.83
N THR F 342 -19.19 -53.11 -3.86
CA THR F 342 -20.02 -53.21 -5.05
C THR F 342 -20.24 -51.84 -5.60
N GLU F 343 -20.22 -51.69 -6.93
CA GLU F 343 -20.46 -50.41 -7.57
C GLU F 343 -21.38 -50.57 -8.76
N VAL F 344 -22.29 -49.63 -8.92
CA VAL F 344 -23.16 -49.55 -10.09
C VAL F 344 -22.99 -48.16 -10.69
N HIS F 345 -22.48 -48.10 -11.91
CA HIS F 345 -22.23 -46.85 -12.61
C HIS F 345 -23.05 -46.77 -13.88
N ASP F 346 -23.58 -45.59 -14.18
CA ASP F 346 -24.00 -45.26 -15.54
C ASP F 346 -25.15 -46.11 -16.08
N ILE F 347 -25.95 -46.74 -15.21
CA ILE F 347 -27.05 -47.53 -15.73
C ILE F 347 -28.26 -46.67 -16.05
N HIS F 348 -29.09 -47.17 -16.96
CA HIS F 348 -30.37 -46.57 -17.31
C HIS F 348 -31.40 -47.67 -17.12
N ALA F 349 -32.41 -47.42 -16.29
CA ALA F 349 -33.42 -48.42 -15.98
C ALA F 349 -34.80 -47.83 -16.17
N MET F 350 -35.62 -48.48 -16.99
CA MET F 350 -36.90 -47.95 -17.42
C MET F 350 -37.97 -49.03 -17.24
N ASP F 351 -39.03 -48.72 -16.50
CA ASP F 351 -40.12 -49.67 -16.19
C ASP F 351 -39.61 -50.89 -15.44
N VAL F 352 -39.16 -50.63 -14.21
CA VAL F 352 -38.64 -51.60 -13.29
C VAL F 352 -39.22 -51.29 -11.91
N ARG F 353 -39.10 -52.20 -10.94
CA ARG F 353 -39.61 -51.89 -9.60
C ARG F 353 -38.72 -50.91 -8.84
N HIS F 354 -37.42 -51.23 -8.76
CA HIS F 354 -36.40 -50.31 -8.29
C HIS F 354 -35.27 -50.43 -9.28
N ALA F 355 -34.60 -49.33 -9.63
CA ALA F 355 -33.42 -49.44 -10.49
C ALA F 355 -32.29 -50.17 -9.78
N ILE F 356 -32.04 -49.80 -8.54
CA ILE F 356 -31.08 -50.45 -7.66
C ILE F 356 -31.77 -50.68 -6.34
N SER F 357 -31.62 -51.87 -5.78
CA SER F 357 -32.11 -52.13 -4.43
C SER F 357 -31.14 -52.99 -3.66
N LEU F 358 -30.63 -52.44 -2.57
CA LEU F 358 -29.93 -53.23 -1.58
C LEU F 358 -30.99 -53.94 -0.76
N ASN F 359 -30.80 -55.23 -0.51
CA ASN F 359 -31.85 -56.06 0.06
C ASN F 359 -31.52 -56.64 1.43
N TRP F 360 -32.59 -56.95 2.15
CA TRP F 360 -32.54 -57.76 3.35
C TRP F 360 -32.65 -59.25 2.95
N GLN F 361 -32.76 -60.12 3.94
CA GLN F 361 -33.05 -61.54 3.74
C GLN F 361 -34.06 -61.97 4.79
N SER F 362 -35.16 -62.56 4.35
CA SER F 362 -36.15 -63.08 5.27
C SER F 362 -35.60 -64.21 6.09
N THR F 363 -35.72 -64.09 7.40
CA THR F 363 -35.29 -65.12 8.34
C THR F 363 -36.49 -65.96 8.83
N ALA F 364 -37.62 -65.89 8.12
CA ALA F 364 -38.80 -66.64 8.55
C ALA F 364 -38.52 -68.14 8.70
N ASP F 365 -37.72 -68.68 7.78
CA ASP F 365 -37.43 -70.12 7.78
C ASP F 365 -36.10 -70.51 8.43
N GLY F 366 -35.41 -69.54 9.03
CA GLY F 366 -34.13 -69.78 9.68
C GLY F 366 -33.19 -68.61 9.55
N ASP F 367 -32.10 -68.69 10.29
CA ASP F 367 -31.08 -67.64 10.28
C ASP F 367 -30.57 -67.35 8.87
N LYS F 368 -30.22 -66.08 8.68
CA LYS F 368 -29.56 -65.62 7.47
C LYS F 368 -28.41 -64.69 7.87
N TRP F 369 -27.42 -64.58 6.99
CA TRP F 369 -26.22 -63.81 7.24
C TRP F 369 -25.90 -62.87 6.08
N GLY F 370 -25.49 -61.66 6.45
CA GLY F 370 -24.86 -60.75 5.52
C GLY F 370 -25.70 -59.54 5.14
N GLU F 371 -25.08 -58.37 5.29
CA GLU F 371 -25.61 -57.10 4.75
C GLU F 371 -24.57 -56.50 3.80
N PRO F 372 -25.02 -55.73 2.81
CA PRO F 372 -24.05 -55.06 1.95
C PRO F 372 -23.18 -54.07 2.72
N ILE F 373 -21.90 -54.01 2.37
CA ILE F 373 -20.95 -53.09 2.96
C ILE F 373 -20.19 -52.42 1.84
N GLU F 374 -20.18 -51.09 1.82
CA GLU F 374 -19.46 -50.29 0.83
C GLU F 374 -20.14 -50.45 -0.53
N PHE F 375 -21.15 -49.63 -0.77
CA PHE F 375 -21.90 -49.62 -2.01
C PHE F 375 -21.86 -48.23 -2.61
N LEU F 376 -21.57 -48.16 -3.91
CA LEU F 376 -21.60 -46.90 -4.67
C LEU F 376 -22.55 -47.03 -5.86
N GLY F 377 -23.53 -46.14 -5.98
CA GLY F 377 -24.30 -45.95 -7.20
C GLY F 377 -23.95 -44.58 -7.74
N VAL F 378 -23.48 -44.48 -8.98
CA VAL F 378 -23.00 -43.21 -9.50
C VAL F 378 -23.50 -42.98 -10.92
N ASN F 379 -24.05 -41.80 -11.18
CA ASN F 379 -24.47 -41.43 -12.54
C ASN F 379 -25.51 -42.40 -13.14
N CYS F 380 -26.42 -42.90 -12.31
CA CYS F 380 -27.48 -43.78 -12.73
C CYS F 380 -28.78 -43.02 -12.95
N GLU F 381 -29.61 -43.50 -13.86
CA GLU F 381 -30.88 -42.89 -14.24
C GLU F 381 -31.98 -43.93 -14.17
N ALA F 382 -33.09 -43.56 -13.55
CA ALA F 382 -34.28 -44.37 -13.45
C ALA F 382 -35.49 -43.61 -14.00
N TYR F 383 -36.32 -44.28 -14.80
CA TYR F 383 -37.58 -43.76 -15.30
C TYR F 383 -38.72 -44.69 -14.97
N SER F 384 -39.83 -44.14 -14.49
CA SER F 384 -41.09 -44.87 -14.40
C SER F 384 -40.96 -46.16 -13.62
N THR F 385 -40.31 -46.05 -12.46
CA THR F 385 -40.23 -47.15 -11.53
C THR F 385 -41.57 -47.35 -10.83
N THR F 386 -41.94 -48.59 -10.58
CA THR F 386 -43.21 -48.90 -9.92
C THR F 386 -43.13 -48.68 -8.42
N GLN F 387 -41.92 -48.74 -7.89
CA GLN F 387 -41.63 -48.37 -6.51
C GLN F 387 -40.42 -47.43 -6.53
N ALA F 388 -39.71 -47.26 -5.42
CA ALA F 388 -38.69 -46.23 -5.36
C ALA F 388 -37.68 -46.39 -6.47
N GLY F 389 -37.20 -45.28 -7.04
CA GLY F 389 -36.20 -45.35 -8.08
C GLY F 389 -34.91 -46.03 -7.63
N PHE F 390 -34.41 -45.62 -6.46
CA PHE F 390 -33.19 -46.13 -5.88
C PHE F 390 -33.49 -46.46 -4.41
N ASP F 391 -33.12 -47.66 -3.98
CA ASP F 391 -33.67 -48.22 -2.75
C ASP F 391 -32.64 -48.94 -1.90
N THR F 392 -32.88 -48.93 -0.60
CA THR F 392 -32.33 -49.94 0.29
C THR F 392 -33.44 -50.50 1.16
N HIS F 393 -33.23 -51.71 1.64
CA HIS F 393 -34.01 -52.28 2.71
C HIS F 393 -33.29 -51.92 4.04
N ASP F 394 -33.56 -52.65 5.12
CA ASP F 394 -33.21 -52.16 6.45
C ASP F 394 -31.88 -52.65 7.03
N ILE F 395 -31.01 -53.14 6.15
CA ILE F 395 -29.62 -53.39 6.46
C ILE F 395 -28.72 -52.83 5.36
N GLY F 396 -27.43 -52.86 5.63
CA GLY F 396 -26.46 -52.32 4.71
C GLY F 396 -25.70 -51.15 5.34
N LYS F 397 -24.40 -51.11 5.07
CA LYS F 397 -23.46 -50.14 5.63
C LYS F 397 -22.71 -49.40 4.52
N ARG F 398 -22.45 -48.12 4.72
CA ARG F 398 -21.60 -47.31 3.84
C ARG F 398 -22.17 -47.30 2.41
N VAL F 399 -23.42 -46.87 2.31
CA VAL F 399 -24.18 -46.81 1.08
C VAL F 399 -24.20 -45.37 0.59
N LYS F 400 -23.78 -45.16 -0.66
CA LYS F 400 -23.66 -43.83 -1.23
C LYS F 400 -24.26 -43.83 -2.62
N PHE F 401 -25.07 -42.81 -2.90
CA PHE F 401 -25.58 -42.53 -4.26
C PHE F 401 -25.05 -41.18 -4.69
N VAL F 402 -24.45 -41.12 -5.88
CA VAL F 402 -23.75 -39.93 -6.37
C VAL F 402 -24.30 -39.58 -7.74
N ARG F 403 -24.88 -38.40 -7.89
CA ARG F 403 -25.32 -37.91 -9.19
C ARG F 403 -26.26 -38.87 -9.90
N CYS F 404 -27.14 -39.50 -9.11
CA CYS F 404 -28.17 -40.35 -9.67
C CYS F 404 -29.43 -39.52 -9.86
N VAL F 405 -30.30 -39.93 -10.77
CA VAL F 405 -31.53 -39.21 -11.04
C VAL F 405 -32.70 -40.18 -11.21
N SER F 406 -33.83 -39.85 -10.57
CA SER F 406 -35.06 -40.59 -10.70
C SER F 406 -36.13 -39.71 -11.31
N TYR F 407 -36.77 -40.18 -12.36
CA TYR F 407 -37.91 -39.54 -12.99
C TYR F 407 -39.19 -40.36 -12.83
N ASP F 408 -40.26 -39.68 -12.44
CA ASP F 408 -41.61 -40.21 -12.57
C ASP F 408 -41.82 -41.55 -11.86
N SER F 409 -41.22 -41.67 -10.68
CA SER F 409 -41.46 -42.84 -9.82
C SER F 409 -42.91 -42.87 -9.37
N ALA F 410 -43.48 -44.07 -9.29
CA ALA F 410 -44.80 -44.25 -8.68
C ALA F 410 -44.79 -44.20 -7.15
N ALA F 411 -43.59 -44.15 -6.58
CA ALA F 411 -43.46 -44.00 -5.13
C ALA F 411 -42.45 -42.86 -4.86
N ALA F 412 -41.36 -43.14 -4.17
CA ALA F 412 -40.31 -42.14 -3.97
C ALA F 412 -39.29 -42.19 -5.08
N GLY F 413 -38.56 -41.09 -5.27
CA GLY F 413 -37.38 -41.14 -6.15
C GLY F 413 -36.30 -42.02 -5.56
N PHE F 414 -36.00 -41.75 -4.29
CA PHE F 414 -34.98 -42.43 -3.50
C PHE F 414 -35.59 -42.82 -2.17
N GLN F 415 -35.39 -44.07 -1.77
CA GLN F 415 -35.86 -44.57 -0.47
C GLN F 415 -34.70 -45.15 0.31
N ALA F 416 -34.48 -44.64 1.53
CA ALA F 416 -33.51 -45.18 2.46
C ALA F 416 -34.25 -45.93 3.56
N ARG F 417 -33.92 -47.20 3.74
CA ARG F 417 -34.42 -47.96 4.88
C ARG F 417 -33.31 -48.47 5.80
N THR F 418 -32.06 -48.17 5.47
CA THR F 418 -30.94 -48.42 6.36
C THR F 418 -30.44 -47.06 6.87
N ASN F 419 -29.63 -47.05 7.91
CA ASN F 419 -29.32 -45.79 8.59
C ASN F 419 -28.17 -45.06 7.90
N GLY F 420 -28.25 -43.73 7.86
CA GLY F 420 -27.15 -42.93 7.36
C GLY F 420 -26.77 -43.16 5.91
N VAL F 421 -27.76 -43.38 5.04
CA VAL F 421 -27.49 -43.41 3.61
C VAL F 421 -27.11 -41.99 3.17
N GLU F 422 -26.06 -41.86 2.33
CA GLU F 422 -25.58 -40.57 1.87
C GLU F 422 -25.87 -40.37 0.38
N TYR F 423 -26.41 -39.20 0.05
CA TYR F 423 -26.78 -38.82 -1.31
C TYR F 423 -26.04 -37.55 -1.67
N LEU F 424 -25.27 -37.59 -2.75
CA LEU F 424 -24.46 -36.45 -3.21
C LEU F 424 -24.95 -36.00 -4.57
N ASN F 425 -25.54 -34.81 -4.65
CA ASN F 425 -25.91 -34.23 -5.95
C ASN F 425 -26.89 -35.08 -6.75
N CYS F 426 -27.77 -35.79 -6.02
CA CYS F 426 -28.82 -36.59 -6.66
C CYS F 426 -30.03 -35.71 -6.97
N ARG F 427 -30.86 -36.17 -7.89
CA ARG F 427 -32.01 -35.41 -8.35
C ARG F 427 -33.23 -36.31 -8.45
N ALA F 428 -34.39 -35.80 -8.04
CA ALA F 428 -35.66 -36.52 -8.15
C ALA F 428 -36.70 -35.61 -8.80
N TYR F 429 -37.34 -36.12 -9.87
CA TYR F 429 -38.37 -35.39 -10.60
C TYR F 429 -39.67 -36.17 -10.58
N ARG F 430 -40.74 -35.49 -10.20
CA ARG F 430 -42.11 -36.00 -10.41
C ARG F 430 -42.42 -37.34 -9.77
N ALA F 431 -41.81 -37.61 -8.61
CA ALA F 431 -42.23 -38.79 -7.86
C ALA F 431 -43.67 -38.60 -7.40
N ALA F 432 -44.43 -39.69 -7.37
CA ALA F 432 -45.82 -39.62 -6.92
C ALA F 432 -45.95 -39.30 -5.43
N MET F 433 -44.90 -39.59 -4.68
CA MET F 433 -44.86 -39.30 -3.26
C MET F 433 -43.72 -38.32 -3.00
N ASP F 434 -42.61 -38.79 -2.46
CA ASP F 434 -41.50 -37.93 -2.05
C ASP F 434 -40.31 -38.07 -2.99
N GLY F 435 -39.62 -36.97 -3.29
CA GLY F 435 -38.41 -37.12 -4.10
C GLY F 435 -37.39 -38.02 -3.44
N PHE F 436 -37.14 -37.78 -2.15
CA PHE F 436 -36.22 -38.51 -1.31
C PHE F 436 -36.94 -38.81 -0.01
N ALA F 437 -36.88 -40.04 0.49
CA ALA F 437 -37.51 -40.38 1.76
C ALA F 437 -36.74 -41.41 2.53
N SER F 438 -36.85 -41.36 3.85
CA SER F 438 -36.50 -42.49 4.67
C SER F 438 -37.82 -43.28 4.88
N ASN F 439 -37.96 -44.00 5.99
CA ASN F 439 -39.18 -44.78 6.26
C ASN F 439 -39.16 -45.16 7.71
N THR F 440 -40.19 -45.89 8.15
CA THR F 440 -40.40 -46.18 9.56
C THR F 440 -39.14 -46.67 10.26
N GLY F 441 -38.75 -46.01 11.34
CA GLY F 441 -37.63 -46.44 12.17
C GLY F 441 -36.23 -46.16 11.65
N VAL F 442 -36.11 -45.45 10.52
CA VAL F 442 -34.84 -45.27 9.83
C VAL F 442 -34.22 -43.94 10.26
N ALA F 443 -32.93 -43.98 10.57
CA ALA F 443 -32.22 -42.81 11.09
C ALA F 443 -31.47 -42.02 10.04
N PHE F 444 -31.64 -40.70 10.10
CA PHE F 444 -30.72 -39.71 9.54
C PHE F 444 -30.03 -40.03 8.21
N PRO F 445 -30.84 -40.14 7.14
CA PRO F 445 -30.20 -39.98 5.82
C PRO F 445 -29.52 -38.61 5.72
N ILE F 446 -28.50 -38.53 4.85
CA ILE F 446 -27.73 -37.32 4.60
C ILE F 446 -27.89 -36.94 3.13
N TYR F 447 -28.41 -35.75 2.88
CA TYR F 447 -28.63 -35.25 1.53
C TYR F 447 -27.73 -34.03 1.35
N ARG F 448 -26.82 -34.09 0.37
CA ARG F 448 -25.89 -33.00 0.09
C ARG F 448 -26.11 -32.49 -1.32
N GLU F 449 -26.57 -31.24 -1.44
CA GLU F 449 -26.75 -30.59 -2.73
C GLU F 449 -27.68 -31.42 -3.67
N CYS F 450 -28.67 -32.09 -3.07
CA CYS F 450 -29.68 -32.82 -3.80
C CYS F 450 -30.82 -31.89 -4.20
N LEU F 451 -31.45 -32.19 -5.33
CA LEU F 451 -32.42 -31.33 -5.96
C LEU F 451 -33.69 -32.11 -6.27
N ALA F 452 -34.81 -31.55 -5.87
CA ALA F 452 -36.11 -32.20 -6.00
C ALA F 452 -37.10 -31.30 -6.72
N TYR F 453 -37.67 -31.78 -7.83
CA TYR F 453 -38.57 -30.98 -8.67
C TYR F 453 -39.89 -31.69 -8.92
N ASP F 454 -40.98 -31.03 -8.53
CA ASP F 454 -42.34 -31.44 -8.88
C ASP F 454 -42.74 -32.80 -8.31
N ASN F 455 -42.12 -33.22 -7.21
CA ASN F 455 -42.55 -34.43 -6.51
C ASN F 455 -43.84 -34.07 -5.79
N VAL F 456 -44.84 -34.93 -5.83
CA VAL F 456 -46.17 -34.53 -5.40
C VAL F 456 -46.21 -34.14 -3.92
N ARG F 457 -45.72 -35.02 -3.04
CA ARG F 457 -45.90 -34.78 -1.61
C ARG F 457 -44.82 -33.89 -1.05
N SER F 458 -43.58 -34.31 -1.18
CA SER F 458 -42.46 -33.54 -0.66
C SER F 458 -41.22 -33.73 -1.47
N GLY F 459 -40.28 -32.82 -1.33
CA GLY F 459 -38.96 -33.02 -1.91
C GLY F 459 -38.17 -34.03 -1.12
N PHE F 460 -38.13 -33.83 0.20
CA PHE F 460 -37.38 -34.65 1.15
C PHE F 460 -38.30 -34.98 2.30
N ASN F 461 -38.44 -36.26 2.61
CA ASN F 461 -39.29 -36.72 3.70
C ASN F 461 -38.45 -37.55 4.61
N CYS F 462 -37.87 -36.90 5.61
CA CYS F 462 -37.10 -37.58 6.64
C CYS F 462 -37.73 -37.29 8.00
N SER F 463 -39.05 -37.52 8.05
CA SER F 463 -39.86 -37.25 9.23
C SER F 463 -39.99 -38.50 10.13
N TYR F 464 -39.34 -39.59 9.73
CA TYR F 464 -39.44 -40.88 10.41
C TYR F 464 -38.42 -41.05 11.53
N GLY F 465 -37.30 -40.35 11.42
CA GLY F 465 -36.19 -40.51 12.37
C GLY F 465 -35.04 -39.58 12.09
N GLY F 466 -35.37 -38.35 11.68
CA GLY F 466 -34.41 -37.30 11.48
C GLY F 466 -33.77 -37.28 10.11
N GLY F 467 -33.21 -36.13 9.76
CA GLY F 467 -32.43 -36.03 8.56
C GLY F 467 -31.48 -34.88 8.59
N TYR F 468 -30.49 -34.96 7.72
CA TYR F 468 -29.51 -33.92 7.51
C TYR F 468 -29.67 -33.47 6.05
N VAL F 469 -30.19 -32.26 5.86
CA VAL F 469 -30.59 -31.73 4.56
C VAL F 469 -29.72 -30.52 4.26
N TYR F 470 -28.61 -30.76 3.56
CA TYR F 470 -27.55 -29.78 3.40
C TYR F 470 -27.54 -29.20 2.00
N ASP F 471 -27.80 -27.89 1.86
CA ASP F 471 -27.72 -27.20 0.58
C ASP F 471 -28.60 -27.83 -0.50
N CYS F 472 -29.73 -28.38 -0.06
CA CYS F 472 -30.66 -29.02 -0.97
C CYS F 472 -31.68 -28.04 -1.49
N GLU F 473 -32.40 -28.45 -2.54
CA GLU F 473 -33.46 -27.64 -3.11
C GLU F 473 -34.67 -28.49 -3.36
N ALA F 474 -35.84 -27.95 -3.05
CA ALA F 474 -37.09 -28.62 -3.35
C ALA F 474 -38.08 -27.60 -3.86
N HIS F 475 -38.61 -27.90 -5.04
CA HIS F 475 -39.49 -27.01 -5.76
C HIS F 475 -40.68 -27.84 -6.25
N GLY F 476 -41.90 -27.31 -6.13
CA GLY F 476 -43.06 -27.90 -6.78
C GLY F 476 -43.78 -29.01 -6.04
N SER F 477 -43.68 -29.02 -4.73
CA SER F 477 -44.30 -30.04 -3.88
C SER F 477 -45.36 -29.46 -2.95
N GLN F 478 -46.03 -30.31 -2.19
CA GLN F 478 -46.89 -29.80 -1.11
C GLN F 478 -46.01 -29.16 -0.02
N ASN F 479 -44.93 -29.84 0.35
CA ASN F 479 -43.94 -29.27 1.29
C ASN F 479 -42.56 -29.60 0.81
N GLY F 480 -41.63 -28.65 0.90
CA GLY F 480 -40.28 -28.89 0.41
C GLY F 480 -39.58 -30.02 1.16
N VAL F 481 -39.59 -29.90 2.49
CA VAL F 481 -38.96 -30.84 3.39
C VAL F 481 -39.94 -31.19 4.50
N ARG F 482 -40.14 -32.48 4.75
CA ARG F 482 -40.85 -32.97 5.94
C ARG F 482 -39.79 -33.53 6.86
N ILE F 483 -39.76 -33.06 8.10
CA ILE F 483 -38.65 -33.41 8.99
C ILE F 483 -39.06 -33.29 10.45
N ASN F 484 -38.65 -34.26 11.27
CA ASN F 484 -38.97 -34.26 12.72
C ASN F 484 -37.84 -33.78 13.62
N GLY F 485 -36.65 -33.72 13.07
CA GLY F 485 -35.45 -33.35 13.80
C GLY F 485 -34.26 -33.49 12.86
N GLY F 486 -33.16 -32.84 13.23
CA GLY F 486 -31.93 -32.85 12.46
C GLY F 486 -31.56 -31.44 12.03
N ARG F 487 -31.22 -31.28 10.76
CA ARG F 487 -30.71 -30.00 10.25
C ARG F 487 -31.18 -29.76 8.84
N VAL F 488 -31.65 -28.55 8.56
CA VAL F 488 -31.83 -28.05 7.21
C VAL F 488 -30.93 -26.83 7.13
N LYS F 489 -29.81 -26.97 6.41
CA LYS F 489 -28.76 -25.93 6.39
C LYS F 489 -28.54 -25.55 4.96
N GLY F 490 -28.65 -24.27 4.65
CA GLY F 490 -28.53 -23.81 3.28
C GLY F 490 -29.66 -24.29 2.38
N GLY F 491 -29.45 -24.11 1.10
CA GLY F 491 -30.42 -24.55 0.11
C GLY F 491 -31.49 -23.54 -0.21
N ARG F 492 -32.42 -23.95 -1.04
CA ARG F 492 -33.39 -23.02 -1.63
C ARG F 492 -34.67 -23.75 -1.98
N TYR F 493 -35.81 -23.16 -1.60
CA TYR F 493 -37.10 -23.81 -1.67
C TYR F 493 -38.10 -22.85 -2.28
N THR F 494 -38.86 -23.33 -3.27
CA THR F 494 -39.86 -22.54 -3.96
C THR F 494 -41.07 -23.38 -4.35
N ARG F 495 -42.18 -22.73 -4.66
CA ARG F 495 -43.32 -23.41 -5.28
C ARG F 495 -43.76 -24.61 -4.46
N ASN F 496 -43.90 -24.42 -3.16
CA ASN F 496 -44.38 -25.46 -2.27
C ASN F 496 -45.69 -24.97 -1.69
N SER F 497 -46.77 -25.70 -1.96
CA SER F 497 -48.12 -25.16 -1.78
C SER F 497 -48.53 -24.99 -0.32
N SER F 498 -48.07 -25.89 0.54
CA SER F 498 -48.33 -25.78 1.98
C SER F 498 -47.24 -24.96 2.66
N SER F 499 -46.01 -25.45 2.62
CA SER F 499 -44.89 -24.73 3.21
C SER F 499 -43.57 -25.25 2.67
N HIS F 500 -42.51 -24.45 2.78
CA HIS F 500 -41.18 -24.92 2.40
C HIS F 500 -40.67 -26.00 3.31
N ILE F 501 -40.78 -25.80 4.63
CA ILE F 501 -40.36 -26.79 5.62
C ILE F 501 -41.59 -27.17 6.44
N PHE F 502 -41.78 -28.47 6.67
CA PHE F 502 -42.89 -29.00 7.44
C PHE F 502 -42.30 -29.81 8.58
N VAL F 503 -42.40 -29.24 9.79
CA VAL F 503 -41.90 -29.89 10.99
C VAL F 503 -43.02 -30.81 11.49
N THR F 504 -42.80 -32.11 11.30
CA THR F 504 -43.82 -33.13 11.51
C THR F 504 -43.14 -34.47 11.74
N LYS F 505 -43.97 -35.51 11.88
CA LYS F 505 -43.53 -36.87 12.09
C LYS F 505 -44.35 -37.80 11.23
N ASP F 506 -43.81 -39.00 11.01
CA ASP F 506 -44.60 -40.06 10.39
C ASP F 506 -45.83 -40.44 11.23
N VAL F 507 -45.60 -40.64 12.53
CA VAL F 507 -46.66 -40.92 13.46
C VAL F 507 -46.34 -40.18 14.75
N ALA F 508 -47.36 -39.87 15.54
CA ALA F 508 -47.14 -39.12 16.78
C ALA F 508 -46.17 -39.77 17.78
N GLU F 509 -46.08 -41.10 17.77
CA GLU F 509 -45.19 -41.85 18.67
C GLU F 509 -43.68 -41.65 18.41
N THR F 510 -43.33 -41.23 17.20
CA THR F 510 -41.93 -40.89 16.87
C THR F 510 -41.46 -39.69 17.67
N ALA F 511 -40.21 -39.76 18.16
CA ALA F 511 -39.63 -38.66 18.93
C ALA F 511 -39.29 -37.48 18.04
N GLN F 512 -39.75 -36.30 18.44
CA GLN F 512 -39.20 -35.05 17.93
C GLN F 512 -37.83 -34.85 18.55
N THR F 513 -36.86 -34.44 17.73
CA THR F 513 -35.55 -34.00 18.24
C THR F 513 -35.28 -32.58 17.78
N SER F 514 -34.21 -31.99 18.28
CA SER F 514 -33.79 -30.65 17.86
CA SER F 514 -33.90 -30.63 17.87
C SER F 514 -33.74 -30.53 16.35
N LEU F 515 -34.18 -29.39 15.82
CA LEU F 515 -34.11 -29.09 14.41
C LEU F 515 -33.48 -27.70 14.25
N GLU F 516 -32.37 -27.66 13.53
CA GLU F 516 -31.72 -26.40 13.16
C GLU F 516 -32.10 -26.08 11.72
N ILE F 517 -32.64 -24.89 11.48
CA ILE F 517 -32.93 -24.37 10.15
C ILE F 517 -32.07 -23.12 10.03
N ASP F 518 -30.99 -23.19 9.25
CA ASP F 518 -29.98 -22.08 9.22
C ASP F 518 -29.58 -21.83 7.77
N GLY F 519 -29.65 -20.59 7.34
CA GLY F 519 -29.10 -20.22 6.04
C GLY F 519 -29.92 -20.66 4.84
N VAL F 520 -31.20 -20.94 5.07
CA VAL F 520 -32.09 -21.46 4.04
C VAL F 520 -32.80 -20.33 3.32
N SER F 521 -32.82 -20.39 2.00
CA SER F 521 -33.68 -19.51 1.22
C SER F 521 -35.05 -20.16 1.11
N MET F 522 -36.05 -19.52 1.73
CA MET F 522 -37.41 -20.02 1.74
C MET F 522 -38.36 -18.83 1.67
N ARG F 523 -38.18 -18.10 0.57
CA ARG F 523 -38.89 -16.86 0.34
C ARG F 523 -40.34 -17.11 -0.04
N TYR F 524 -41.14 -16.06 0.04
CA TYR F 524 -42.51 -16.12 -0.44
C TYR F 524 -42.53 -15.87 -1.94
N ASP F 525 -43.18 -16.77 -2.66
CA ASP F 525 -43.28 -16.67 -4.12
C ASP F 525 -44.73 -16.81 -4.58
N GLY F 526 -45.69 -16.52 -3.69
CA GLY F 526 -47.10 -16.68 -4.01
C GLY F 526 -47.70 -18.03 -3.69
N THR F 527 -46.91 -18.89 -3.06
CA THR F 527 -47.33 -20.25 -2.73
C THR F 527 -47.43 -20.39 -1.20
N GLY F 528 -46.75 -21.37 -0.63
CA GLY F 528 -46.90 -21.68 0.78
C GLY F 528 -46.13 -20.78 1.72
N ARG F 529 -46.24 -21.13 2.99
CA ARG F 529 -45.58 -20.41 4.06
C ARG F 529 -44.14 -20.91 4.20
N ALA F 530 -43.35 -20.30 5.06
CA ALA F 530 -41.97 -20.76 5.23
C ALA F 530 -41.88 -22.06 5.99
N VAL F 531 -42.50 -22.11 7.17
CA VAL F 531 -42.38 -23.26 8.05
C VAL F 531 -43.76 -23.59 8.65
N TYR F 532 -44.08 -24.88 8.64
CA TYR F 532 -45.33 -25.43 9.17
C TYR F 532 -45.01 -26.29 10.38
N PHE F 533 -45.58 -25.94 11.54
CA PHE F 533 -45.39 -26.67 12.80
C PHE F 533 -46.63 -27.53 13.03
N HIS F 534 -46.42 -28.85 13.09
CA HIS F 534 -47.54 -29.80 13.15
C HIS F 534 -47.92 -30.18 14.58
N GLY F 535 -48.77 -29.34 15.17
CA GLY F 535 -49.25 -29.57 16.54
C GLY F 535 -50.01 -30.89 16.71
N THR F 536 -50.69 -31.32 15.65
CA THR F 536 -51.46 -32.57 15.66
C THR F 536 -50.65 -33.76 16.14
N VAL F 537 -49.39 -33.80 15.74
CA VAL F 537 -48.51 -34.91 16.11
C VAL F 537 -47.52 -34.59 17.24
N GLY F 538 -47.75 -33.47 17.95
CA GLY F 538 -47.02 -33.16 19.17
C GLY F 538 -45.75 -32.35 18.95
N ILE F 539 -45.66 -31.63 17.84
CA ILE F 539 -44.48 -30.79 17.58
C ILE F 539 -44.44 -29.58 18.53
N ASP F 540 -43.33 -29.48 19.25
CA ASP F 540 -43.02 -28.33 20.09
C ASP F 540 -42.11 -27.41 19.28
N PRO F 541 -42.60 -26.22 18.90
CA PRO F 541 -41.76 -25.34 18.08
C PRO F 541 -40.46 -24.88 18.76
N THR F 542 -40.38 -24.92 20.09
CA THR F 542 -39.16 -24.46 20.76
C THR F 542 -37.95 -25.39 20.56
N LEU F 543 -38.20 -26.61 20.07
CA LEU F 543 -37.13 -27.51 19.67
C LEU F 543 -36.53 -27.15 18.30
N VAL F 544 -37.13 -26.19 17.60
CA VAL F 544 -36.63 -25.69 16.32
C VAL F 544 -35.90 -24.38 16.59
N SER F 545 -34.80 -24.15 15.87
CA SER F 545 -34.08 -22.89 15.91
C SER F 545 -33.93 -22.43 14.47
N MET F 546 -34.15 -21.13 14.21
CA MET F 546 -34.15 -20.56 12.87
C MET F 546 -33.21 -19.37 12.82
N SER F 547 -32.08 -19.53 12.13
CA SER F 547 -31.07 -18.47 12.07
C SER F 547 -30.69 -18.13 10.63
N ASN F 548 -30.58 -16.84 10.34
CA ASN F 548 -30.02 -16.38 9.08
C ASN F 548 -30.68 -16.97 7.83
N ASN F 549 -32.01 -17.16 7.90
CA ASN F 549 -32.78 -17.62 6.75
C ASN F 549 -33.36 -16.47 5.98
N ASP F 550 -33.56 -16.66 4.68
CA ASP F 550 -34.23 -15.68 3.86
C ASP F 550 -35.70 -16.08 3.72
N MET F 551 -36.54 -15.38 4.47
CA MET F 551 -37.97 -15.58 4.51
C MET F 551 -38.69 -14.37 3.90
N THR F 552 -38.03 -13.65 3.00
CA THR F 552 -38.57 -12.43 2.44
C THR F 552 -39.94 -12.63 1.81
N GLY F 553 -40.90 -11.78 2.20
CA GLY F 553 -42.17 -11.72 1.52
C GLY F 553 -43.32 -12.40 2.23
N HIS F 554 -43.03 -13.20 3.26
CA HIS F 554 -44.08 -13.92 3.97
C HIS F 554 -44.92 -13.04 4.90
N GLY F 555 -44.39 -11.87 5.27
CA GLY F 555 -45.11 -10.97 6.16
C GLY F 555 -45.49 -11.66 7.45
N LEU F 556 -46.75 -11.50 7.85
CA LEU F 556 -47.28 -12.12 9.05
C LEU F 556 -47.55 -13.62 8.92
N PHE F 557 -47.32 -14.16 7.72
CA PHE F 557 -47.68 -15.53 7.38
C PHE F 557 -46.45 -16.38 7.07
N TRP F 558 -45.36 -16.15 7.80
CA TRP F 558 -44.18 -17.00 7.66
C TRP F 558 -44.37 -18.38 8.25
N ALA F 559 -45.24 -18.50 9.26
CA ALA F 559 -45.50 -19.79 9.91
C ALA F 559 -46.92 -20.27 9.68
N LEU F 560 -47.06 -21.58 9.47
CA LEU F 560 -48.35 -22.28 9.52
C LEU F 560 -48.32 -23.15 10.76
N LEU F 561 -49.44 -23.16 11.48
CA LEU F 561 -49.62 -24.03 12.63
C LEU F 561 -50.98 -24.69 12.51
N SER F 562 -51.06 -25.97 12.84
CA SER F 562 -52.33 -26.67 12.96
C SER F 562 -52.27 -27.67 14.09
N GLY F 563 -53.43 -27.95 14.68
CA GLY F 563 -53.56 -28.96 15.72
C GLY F 563 -53.12 -28.57 17.12
N TYR F 564 -52.85 -27.28 17.35
CA TYR F 564 -52.56 -26.79 18.71
C TYR F 564 -53.87 -26.43 19.39
N THR F 565 -53.95 -26.78 20.67
CA THR F 565 -55.09 -26.37 21.50
C THR F 565 -54.71 -25.27 22.49
N VAL F 566 -53.42 -25.13 22.75
CA VAL F 566 -52.88 -24.00 23.52
C VAL F 566 -51.77 -23.38 22.66
N GLN F 567 -51.74 -22.04 22.65
CA GLN F 567 -50.73 -21.32 21.88
C GLN F 567 -49.33 -21.76 22.27
N PRO F 568 -48.58 -22.30 21.31
CA PRO F 568 -47.22 -22.73 21.63
C PRO F 568 -46.24 -21.56 21.64
N THR F 569 -45.09 -21.79 22.26
CA THR F 569 -43.97 -20.86 22.25
C THR F 569 -43.21 -21.03 20.92
N PRO F 570 -42.71 -19.93 20.32
CA PRO F 570 -42.07 -20.04 19.00
C PRO F 570 -40.66 -20.64 19.05
N PRO F 571 -40.10 -20.96 17.88
CA PRO F 571 -38.68 -21.28 17.84
C PRO F 571 -37.84 -20.08 18.25
N ARG F 572 -36.62 -20.33 18.71
CA ARG F 572 -35.61 -19.29 18.71
C ARG F 572 -35.36 -18.83 17.29
N MET F 573 -35.26 -17.51 17.11
CA MET F 573 -35.09 -16.91 15.81
C MET F 573 -34.00 -15.88 15.88
N SER F 574 -33.03 -15.99 14.97
CA SER F 574 -31.90 -15.07 14.96
C SER F 574 -31.56 -14.53 13.57
N ARG F 575 -31.80 -13.24 13.38
CA ARG F 575 -31.29 -12.50 12.24
C ARG F 575 -31.75 -13.06 10.90
N ASN F 576 -33.02 -13.48 10.82
CA ASN F 576 -33.64 -13.88 9.56
C ASN F 576 -34.11 -12.62 8.82
N LEU F 577 -34.29 -12.75 7.52
CA LEU F 577 -34.85 -11.67 6.69
C LEU F 577 -36.30 -11.94 6.43
N LEU F 578 -37.17 -10.98 6.76
CA LEU F 578 -38.59 -11.12 6.46
C LEU F 578 -39.10 -10.12 5.44
N ASP F 579 -38.49 -8.95 5.37
CA ASP F 579 -38.87 -7.92 4.42
C ASP F 579 -37.64 -7.37 3.73
N ASP F 580 -37.87 -6.82 2.54
CA ASP F 580 -36.79 -6.24 1.73
C ASP F 580 -36.85 -4.72 1.55
N THR F 581 -37.87 -4.09 2.12
CA THR F 581 -38.14 -2.66 1.93
C THR F 581 -38.53 -2.14 3.31
N GLY F 582 -38.16 -0.89 3.60
CA GLY F 582 -38.42 -0.33 4.93
C GLY F 582 -37.75 -1.10 6.05
N ILE F 583 -36.52 -1.52 5.81
CA ILE F 583 -35.80 -2.39 6.74
C ILE F 583 -34.47 -1.86 7.26
N ARG F 584 -34.04 -0.68 6.81
CA ARG F 584 -32.89 0.00 7.40
C ARG F 584 -33.05 1.50 7.22
N GLY F 585 -32.66 2.25 8.25
CA GLY F 585 -32.67 3.71 8.17
C GLY F 585 -31.96 4.34 9.35
N VAL F 586 -32.18 5.66 9.48
CA VAL F 586 -31.66 6.44 10.58
C VAL F 586 -32.77 7.33 11.12
N ALA F 587 -32.94 7.29 12.43
CA ALA F 587 -33.90 8.12 13.12
C ALA F 587 -33.18 9.10 14.03
N THR F 588 -33.78 10.26 14.24
CA THR F 588 -33.27 11.24 15.18
C THR F 588 -34.25 11.39 16.33
N LEU F 589 -33.75 11.10 17.54
CA LEU F 589 -34.55 11.25 18.75
C LEU F 589 -34.81 12.72 19.05
N VAL F 590 -36.04 12.99 19.51
CA VAL F 590 -36.45 14.29 20.03
C VAL F 590 -37.07 14.00 21.39
N ALA F 591 -36.55 14.64 22.42
CA ALA F 591 -37.00 14.39 23.79
C ALA F 591 -37.05 12.89 24.08
N GLY F 592 -36.00 12.16 23.66
CA GLY F 592 -35.86 10.75 24.01
C GLY F 592 -36.62 9.75 23.17
N GLU F 593 -37.29 10.21 22.11
CA GLU F 593 -38.12 9.31 21.27
C GLU F 593 -38.14 9.66 19.80
N ALA F 594 -38.40 8.65 18.97
CA ALA F 594 -38.69 8.84 17.55
C ALA F 594 -39.65 7.78 17.08
N THR F 595 -40.61 8.19 16.27
CA THR F 595 -41.51 7.26 15.61
C THR F 595 -40.91 7.00 14.22
N VAL F 596 -40.77 5.72 13.89
CA VAL F 596 -40.09 5.29 12.69
C VAL F 596 -41.06 4.47 11.84
N ASN F 597 -41.35 4.91 10.61
CA ASN F 597 -42.09 4.06 9.67
C ASN F 597 -41.11 3.02 9.08
N ALA F 598 -41.53 1.75 9.14
CA ALA F 598 -40.67 0.64 8.75
C ALA F 598 -41.51 -0.61 8.68
N ARG F 599 -41.02 -1.61 7.95
CA ARG F 599 -41.70 -2.90 7.91
C ARG F 599 -41.34 -3.77 9.11
N VAL F 600 -41.59 -3.21 10.28
CA VAL F 600 -41.61 -3.97 11.52
C VAL F 600 -42.90 -4.79 11.53
N ARG F 601 -42.83 -5.96 12.16
CA ARG F 601 -43.89 -6.95 12.13
C ARG F 601 -44.03 -7.64 13.48
N GLY F 602 -45.24 -8.16 13.74
CA GLY F 602 -45.39 -9.08 14.83
C GLY F 602 -46.82 -9.56 14.99
N ASN F 603 -46.99 -10.55 15.85
CA ASN F 603 -48.31 -11.00 16.26
C ASN F 603 -48.37 -11.02 17.76
N PHE F 604 -49.40 -10.38 18.30
CA PHE F 604 -49.56 -10.21 19.74
C PHE F 604 -50.81 -10.86 20.29
N GLY F 605 -51.53 -11.61 19.45
CA GLY F 605 -52.73 -12.31 19.83
C GLY F 605 -52.47 -13.63 20.55
N SER F 606 -53.55 -14.34 20.87
CA SER F 606 -53.48 -15.55 21.70
C SER F 606 -54.13 -16.76 21.02
N VAL F 607 -54.39 -16.66 19.72
CA VAL F 607 -55.02 -17.73 18.95
C VAL F 607 -54.13 -18.97 19.04
N ALA F 608 -54.74 -20.12 19.31
CA ALA F 608 -53.94 -21.33 19.60
C ALA F 608 -52.99 -21.69 18.46
N ASN F 609 -53.47 -21.65 17.22
CA ASN F 609 -52.64 -21.97 16.05
C ASN F 609 -51.95 -20.69 15.54
N SER F 610 -51.15 -20.09 16.41
CA SER F 610 -50.34 -18.92 16.08
C SER F 610 -49.23 -18.81 17.10
N PHE F 611 -48.23 -17.98 16.78
CA PHE F 611 -47.15 -17.58 17.66
C PHE F 611 -47.28 -16.13 18.04
N LYS F 612 -46.87 -15.79 19.26
CA LYS F 612 -46.60 -14.39 19.63
C LYS F 612 -45.15 -14.10 19.33
N TRP F 613 -44.87 -13.04 18.59
CA TRP F 613 -43.51 -12.76 18.12
C TRP F 613 -43.46 -11.32 17.62
N VAL F 614 -42.25 -10.79 17.51
CA VAL F 614 -42.03 -9.47 16.94
C VAL F 614 -40.63 -9.44 16.29
N SER F 615 -40.46 -8.53 15.32
CA SER F 615 -39.15 -8.27 14.73
C SER F 615 -38.05 -8.05 15.76
N GLU F 616 -36.82 -8.49 15.42
CA GLU F 616 -35.62 -8.02 16.12
C GLU F 616 -35.18 -6.76 15.39
N VAL F 617 -35.21 -5.63 16.07
CA VAL F 617 -34.71 -4.37 15.53
C VAL F 617 -33.36 -4.07 16.15
N LYS F 618 -32.32 -4.10 15.34
CA LYS F 618 -30.96 -3.82 15.76
C LYS F 618 -30.78 -2.29 15.73
N LEU F 619 -30.36 -1.72 16.86
CA LEU F 619 -30.20 -0.29 17.00
C LEU F 619 -28.74 0.02 17.26
N THR F 620 -28.20 0.99 16.53
CA THR F 620 -26.83 1.45 16.72
C THR F 620 -26.81 2.99 16.70
N ARG F 621 -26.23 3.58 17.74
CA ARG F 621 -26.15 5.01 17.86
C ARG F 621 -25.08 5.61 16.91
N LEU F 622 -25.44 6.66 16.17
CA LEU F 622 -24.54 7.34 15.20
C LEU F 622 -24.11 8.75 15.58
N THR F 623 -24.76 9.37 16.56
CA THR F 623 -24.27 10.62 17.15
C THR F 623 -24.30 10.44 18.66
N PHE F 624 -23.53 11.25 19.37
CA PHE F 624 -23.15 10.97 20.73
C PHE F 624 -23.34 12.15 21.66
N PRO F 625 -24.59 12.64 21.75
CA PRO F 625 -24.83 13.73 22.70
C PRO F 625 -24.66 13.26 24.15
N SER F 626 -24.48 14.21 25.05
CA SER F 626 -24.31 13.90 26.48
C SER F 626 -25.54 13.23 27.08
N SER F 627 -26.70 13.42 26.44
CA SER F 627 -27.98 12.86 26.87
C SER F 627 -28.23 11.44 26.34
N ALA F 628 -27.22 10.79 25.78
CA ALA F 628 -27.39 9.41 25.31
C ALA F 628 -27.82 8.49 26.45
N GLY F 629 -28.89 7.74 26.20
CA GLY F 629 -29.37 6.73 27.12
C GLY F 629 -29.53 5.37 26.47
N ALA F 630 -29.98 4.42 27.26
CA ALA F 630 -30.21 3.07 26.75
C ALA F 630 -31.46 3.05 25.86
N LEU F 631 -31.38 2.33 24.74
CA LEU F 631 -32.41 2.39 23.70
C LEU F 631 -33.27 1.14 23.67
N THR F 632 -34.56 1.33 23.38
CA THR F 632 -35.50 0.22 23.29
C THR F 632 -36.52 0.48 22.19
N VAL F 633 -37.16 -0.60 21.76
CA VAL F 633 -38.26 -0.55 20.82
C VAL F 633 -39.57 -0.72 21.57
N THR F 634 -40.50 0.19 21.29
CA THR F 634 -41.85 0.05 21.78
C THR F 634 -42.86 0.50 20.71
N SER F 635 -44.13 0.50 21.10
CA SER F 635 -45.23 1.00 20.28
C SER F 635 -45.21 0.49 18.84
N VAL F 636 -45.07 -0.82 18.70
CA VAL F 636 -45.14 -1.41 17.37
C VAL F 636 -46.58 -1.31 16.88
N ALA F 637 -46.77 -0.74 15.69
CA ALA F 637 -48.08 -0.54 15.12
C ALA F 637 -48.05 -1.03 13.69
N GLN F 638 -49.12 -1.69 13.29
CA GLN F 638 -49.17 -2.31 11.97
C GLN F 638 -50.44 -1.92 11.25
N ASN F 639 -50.29 -1.46 10.02
CA ASN F 639 -51.43 -1.15 9.18
C ASN F 639 -52.26 -2.41 8.88
N GLN F 640 -53.58 -2.27 8.95
CA GLN F 640 -54.53 -3.35 8.66
C GLN F 640 -55.59 -2.89 7.64
N ASP F 641 -55.16 -2.14 6.63
CA ASP F 641 -56.03 -1.61 5.59
C ASP F 641 -56.79 -2.69 4.84
N VAL F 642 -58.05 -2.31 4.54
CA VAL F 642 -58.95 -2.72 3.41
C VAL F 642 -58.86 -4.20 3.02
N PRO F 643 -58.83 -4.58 1.72
CA PRO F 643 -58.44 -6.00 1.61
C PRO F 643 -56.94 -6.21 1.82
N THR F 644 -56.12 -5.23 1.42
CA THR F 644 -54.67 -5.37 1.47
C THR F 644 -53.99 -4.34 2.42
N PRO F 645 -53.41 -4.81 3.53
CA PRO F 645 -52.64 -3.88 4.37
C PRO F 645 -51.45 -3.25 3.66
N ASN F 646 -51.07 -2.04 4.08
CA ASN F 646 -49.88 -1.36 3.59
C ASN F 646 -48.77 -1.39 4.65
N PRO F 647 -47.82 -2.32 4.52
CA PRO F 647 -46.80 -2.45 5.55
C PRO F 647 -45.79 -1.29 5.64
N ASP F 648 -45.78 -0.42 4.64
CA ASP F 648 -44.95 0.79 4.70
C ASP F 648 -45.49 1.84 5.66
N LEU F 649 -46.74 1.66 6.09
CA LEU F 649 -47.32 2.47 7.16
C LEU F 649 -47.22 1.82 8.54
N ASN F 650 -46.57 0.66 8.65
CA ASN F 650 -46.22 0.11 9.96
C ASN F 650 -45.21 1.05 10.60
N SER F 651 -45.13 1.01 11.92
CA SER F 651 -44.20 1.86 12.63
C SER F 651 -43.79 1.28 13.97
N PHE F 652 -42.69 1.80 14.48
CA PHE F 652 -42.30 1.54 15.85
C PHE F 652 -41.72 2.82 16.44
N VAL F 653 -41.58 2.80 17.77
CA VAL F 653 -40.93 3.88 18.49
C VAL F 653 -39.61 3.43 19.07
N ILE F 654 -38.58 4.23 18.85
CA ILE F 654 -37.32 4.10 19.56
C ILE F 654 -37.42 5.04 20.75
N ARG F 655 -37.26 4.49 21.95
CA ARG F 655 -37.30 5.28 23.16
C ARG F 655 -36.01 5.09 23.94
N SER F 656 -35.50 6.20 24.48
CA SER F 656 -34.29 6.22 25.31
C SER F 656 -34.65 6.29 26.80
N SER F 657 -33.77 5.74 27.64
CA SER F 657 -33.91 5.86 29.09
C SER F 657 -33.69 7.31 29.55
N ASN F 658 -33.07 8.12 28.69
CA ASN F 658 -32.84 9.55 28.99
C ASN F 658 -33.85 10.36 28.19
N ALA F 659 -34.74 11.05 28.92
CA ALA F 659 -35.81 11.83 28.30
C ALA F 659 -35.33 13.02 27.48
N ALA F 660 -34.05 13.39 27.59
CA ALA F 660 -33.43 14.46 26.80
C ALA F 660 -32.63 13.97 25.60
N ASP F 661 -32.59 12.66 25.36
CA ASP F 661 -31.74 12.09 24.32
C ASP F 661 -32.17 12.61 22.93
N VAL F 662 -31.18 13.09 22.19
CA VAL F 662 -31.35 13.60 20.82
C VAL F 662 -30.41 12.85 19.84
N SER F 663 -30.00 11.65 20.23
CA SER F 663 -29.15 10.81 19.39
C SER F 663 -29.77 10.50 18.04
N GLN F 664 -28.93 10.42 17.02
CA GLN F 664 -29.28 9.74 15.78
C GLN F 664 -29.01 8.26 15.98
N VAL F 665 -29.95 7.44 15.50
CA VAL F 665 -29.94 6.00 15.74
C VAL F 665 -30.19 5.27 14.43
N ALA F 666 -29.23 4.46 14.02
CA ALA F 666 -29.43 3.52 12.91
C ALA F 666 -30.28 2.35 13.37
N TRP F 667 -31.22 1.94 12.52
CA TRP F 667 -32.11 0.82 12.82
C TRP F 667 -32.11 -0.15 11.65
N GLU F 668 -32.19 -1.44 11.99
CA GLU F 668 -32.22 -2.53 11.01
C GLU F 668 -33.25 -3.56 11.47
N VAL F 669 -34.11 -3.99 10.55
CA VAL F 669 -35.22 -4.87 10.89
C VAL F 669 -34.97 -6.30 10.41
N TYR F 670 -34.90 -7.22 11.38
CA TYR F 670 -34.77 -8.65 11.16
C TYR F 670 -35.99 -9.35 11.75
N LEU F 671 -36.07 -10.65 11.50
CA LEU F 671 -36.96 -11.55 12.22
C LEU F 671 -36.03 -12.38 13.10
#